data_8PS9
#
_entry.id   8PS9
#
_cell.length_a   1.00
_cell.length_b   1.00
_cell.length_c   1.00
_cell.angle_alpha   90.00
_cell.angle_beta   90.00
_cell.angle_gamma   90.00
#
_symmetry.space_group_name_H-M   'P 1'
#
loop_
_entity.id
_entity.type
_entity.pdbx_description
1 polymer 'Fatty acid synthase subunit alpha'
2 polymer 'Fatty acid synthase subunit beta'
3 non-polymer 'FLAVIN MONONUCLEOTIDE'
4 non-polymer 'MALONYL-COENZYME A'
#
loop_
_entity_poly.entity_id
_entity_poly.type
_entity_poly.pdbx_seq_one_letter_code
_entity_poly.pdbx_strand_id
1 'polypeptide(L)'
;MKPEVEQELAHILLTELLAYQFASPVRWIETQDVFLKDFNTERVVEIGPSPTLAGMAQRTLKNKYESYDAALSLHREILC
YSKDAKEIYYTPDPSELAAKEEPAKEEAPAPTPAASAPAPAAAAPAPVAAAAPAAAAAEIADEPVKASLLLHVLVAHKLK
KSLDSIPMSKTIKDLVGGKSTVQNEILGDLGKEFGTTPEKPEETPLEELAETFQDTFSGALGKQSSSLLSRLISSKMPGG
FTITVARKYLQTRWGLPSGRQDGVLLVALSNEPAARLGSEADAKAFLDSMAQKYASIVGVDLSSAASASGAAGAGAAAGA
AMIDAGALEEITKDHKVLARQQLQVLARYLKMDLDNGERKFLKEKDTVAELQAQLDYLNAELGEFFVNGVATSFSRKKAR
TFDSSWNWAKQSLLSLYFEIIHGVLKNVDREVVSEAINIMNRSNDALIKFMEYHISNTDETKGENYQLVKTLGEQLIENC
KQVLDVDPVYKDVAKPTGPKTAIDKNGNITYSEEPREKVRKLSQYVQEMALGGPITKESQPTIEEDLTRVYKAISAQADK
QDISSSTRVEFEKLYSDLMKFLESSKEIDPSQTTQLAGMDVEDALDKDSTKEVASLPNKSTISKTVSSTIPRETIPFLHL
RKKTPAGDWKYDRQLSSLFLDGLEKAAFNGVTFKDKYVLITGAGKGSIGAEVLQGLLQGGAKVVVTTSRFSKQVTDYYQS
IYAKYGAKGSTLIVVPFNQGSKQDVEALIEFIYDTEKNGGLGWDLDAIIPFAAIPEQGIELEHIDSKSEFAHRIMLTNIL
RMMGCVKKQKSARGIETRPAQVILPMSPNHGTFGGDGMYSESKLSLETLFNRWHSESWANQLTVCGAIIGWTRGTGLMSA
NNIIAEGIEKMGVRTFSQKEMAFNLLGLLTPEVVELCQKSPVMADLNGGLQFVPELKEFTAKLRKELVETSEVRKAVSIE
TALEHKVVNGNSADAAYAQVEIQPRANIQLDFPELKPYKQVKQIAPAELEGLLDLERVIVVTGFAEVGPWGSARTRWEME
AFGEFSLEGCVEMAWIMGFISYHNGNLKGRPYTGWVDSKTKEPVDDKDVKAKYETSILEHSGIRLIEPELFNGYNPEKKE
MIQEVIVEEDLEPFEASKETAEQFKHQHGDKVDIFEIPETGEYSVKLLKGATLYIPKALRFDRLVAGQIPTGWNAKTYGI
SDDIISQVDPITLFVLVSVVEAFIASGITDPYEMYKYVHVSEVGNCSGSGMGGVSALRGMFKDRFKDEPVQNDILQESFI
NTMSAWVNMLLISSSGPIKTPVGACATSVESVDIGVETILSGKARICIVGGYDDFQEEGSFEFGNMKATSNTLEEFEHGR
TPAEMSRPATTTRNGFMEAQGAGIQIIMQADLALKMGVPIYGIVAMAATATDKIGRSVPAPGKGILTTAREHHSSVKYAS
PNLNMKYRKRQLVTREAQIKDWVENELEALKLEAEEIPSEDQNEFLLERTREIHNEAESQLRAAQQQWGNDFYKRDPRIA
PLRGALATYGLTIDDLGVASFHGTSTKANDKNESATINEMMKHLGRSEGNPVIGVFQKFLTGHPKGAAGAWMMNGALQIL
NSGIIPGNRNADNVDKILEQFEYVLYPSKTLKTDGVRAVSITSFGFGQKGGQAIVVHPDYLYGAITEDRYNEYVAKVSAR
EKSAYKFFHNGMIYNKLFVSKEHAPYTDELEEDVYLDPLARVSKDKKSGSLTFNSKNIQSKDSYINANTIETAKMIENMT
KEKVSNGGVGVDVELITSINVENDTFIERNFTPQEIEYCSAQPSVQSSFAGTWSAKEAVFKSLGVKSLGGGAALKDIEIV
RVNKNAPAVELHGNAKKAAEEAGVTDVKVSISHDDLQAVAVAVSTKK
;
A,B
2 'polypeptide(L)'
;MDAYSTRPLTLSHGSLEHVLLVPTASFFIASQLQEQFNKILPEPTEGFAADDEPTTPAELVGKFLGYVSSLVEPSKVGQF
DQVLNLCLTEFENCYLEGNDIHALAAKLLQENDTTLVKTKELIKNYITARIMAKRPFDKKSNSALFRAVGEGNAQLVAIF
GGQGNTDDYFEELRDLYQTYHVLVGDLIKFSAETLSELIRTTLDAEKVFTQGLNILEWLENPSNTPDKDYLLSIPISCPL
IGVIQLAHYVVTAKLLGFTPGELRSYLKGATGHSQGLVTAVAIAETDSWESFFVSVRKAITVLFFIGVRCYEAYPNTSLP
PSILEDSLENNEGVPSPMLSISNLTQEQVQDYVNKTNSHLPAGKQVEISLVNGAKNLVVSGPPQSLYGLNLTLRKAKAPS
GLDQSRIPFSERKLKFSNRFLPVASPFHSHLLVPASDLINKDLVKNNVSFNAKDIQIPVYDTFDGSDLRVLSGSISERIV
DCIIRLPVKWETTTQFKATHILDFGPGGASGLGVLTHRNKDGTGVRVIVAGTLDINPDDDYGFKQEIFDVTSNGLKKNPN
WLEEYHPKLIKNKSGKIFVETKFSKLIGRPPLLVPGMTPCTVSPDFVAATTNAGYTIELAGGGYFSAAGMTAAIDSVVSQ
IEKGSTFGINLIYVNPFMLQWGIPLIKELRSKGYPIQFLTIGAGVPSLEVASEYIETLGLKYLGLKPGSIDAISQVINIA
KAHPNFPIALQWTGGRGGGHHSFEDAHTPMLQMYSKIRRHPNIMLIFGSGFGSADDTYPYLTGEWSTKFDYPPMPFDGFL
FGSRVMIAKEVKTSPDAKKCIAACTGVPDDKWEQTYKKPTGGIVTVRSEMGEPIHKIATRGVMLWKEFDETIFNLPKNKL
VPTLEAKRDYIISRLNADFQKPWFATVNGQARDLATMTYEEVAKRLVELMFIRSTNSWFDVTWRTFTGDFLRRVEERFTK
SKTLSLIQSYSLLDKPDEAIEKVFNAYPAAREQFLNAQDIDHFLSMCQNPMQKPVPFVPVLDRRFEIFFKKDSLWQSEHL
EAVVDQDVQRTCILHGPVAAQFTKVIDEPIKSIMDGIHDGHIKKLLHQYYGDDESKIPAVEYFGGESPVDVQSQVDSSSV
SEDSAVFKATSSTDEESWFKALAGSEINWRHASFLCSFITQDKMFVSNPIRKVFKPSQGMVVEISNGNTSSKTVVTLSEP
VQGELKPTVILKLLKENIIQMEMIENRTMDGKPVSLPLLYNFNPDNGFAPISEVMEDRNQRIKEMYWKLWIDEPFNLDFD
PRDVIKGKDFEITAKEVYDFTHAVGNNCEDFVSRPDRTMLAPMDFAIVVGWRAIIKAIFPNTVDGDLLKLVHLSNGYKMI
PGAKPLQVGDVVSTTAVIESVVNQPTGKIVDVVGTLSRNGKPVMEVTSSFFYRGNYTDFENTFQKTVEPVYQMHIKTSKD
IAVLRSKEWFQLDDEDFDLLNKTLTFETETEVTFKNANIFSSVKCFGPIKVELPTKETVEIGIVDYEAGASHGNPVVDFL
KRNGSTLEQKVNLENPIPIAVLDSYTPSTNEPYARVSGDLNPIHVSRHFASYANLPGTITHGMFSSASVRALIENWAADS
VSSRVRGYTCQFVDMVLPNTALKTSIQHVGMINGRKLIKFETRNEDDVVVLTGEAEIEQPVTTFVFTGQGSQEQGMGMDL
YKTSKAAQDVWNRADNHFKDTYGFSILDIVINNPVNLTIHFGGEKGKRIRENYSAMIFETIVDGKLKTEKIFKEINEHST
SYTFRSEKGLLSATQFTQPALTLMEKAAFEDLKSKGLIPADATFAGHSLGEYAALASLADVMSIESLVEVVFYRGMTMQV
AVPRDELGRSNYGMIAINPGRVAASFSQEALQYVVERVGKRTGWLVEIVNYNVENQQYVAAGDLRALDTVTNVLNFIKLQ
KIDIIELQKSLSLEEVEGHLFEIIDEASKKSAVKPRPLKLERGFACIPLVGISVPFHSTYLMNGVKPFKSFLKKNIIKEN
VKVARLAGKYIPNLTAKPFQVTKEYFQDVYDLTGSEPIKEIIDNWEKYEQS
;
G
#
# COMPACT_ATOMS: atom_id res chain seq x y z
N MET A 1 44.98 -59.12 -11.49
CA MET A 1 43.90 -59.53 -12.45
C MET A 1 43.17 -58.27 -12.93
N LYS A 2 43.03 -58.11 -14.26
CA LYS A 2 42.40 -56.92 -14.89
C LYS A 2 40.94 -56.82 -14.43
N PRO A 3 40.37 -55.61 -14.27
CA PRO A 3 38.96 -55.44 -13.88
C PRO A 3 37.93 -56.18 -14.77
N GLU A 4 38.14 -56.24 -16.09
CA GLU A 4 37.18 -56.83 -17.07
C GLU A 4 37.37 -58.35 -17.18
N VAL A 5 38.55 -58.87 -16.83
CA VAL A 5 38.80 -60.34 -16.75
C VAL A 5 38.20 -60.88 -15.43
N GLU A 6 38.37 -60.16 -14.31
CA GLU A 6 37.76 -60.47 -13.00
C GLU A 6 36.24 -60.39 -13.11
N GLN A 7 35.70 -59.41 -13.86
CA GLN A 7 34.25 -59.28 -14.16
C GLN A 7 33.80 -60.53 -14.91
N GLU A 8 34.49 -60.88 -16.00
CA GLU A 8 34.22 -62.08 -16.83
C GLU A 8 34.13 -63.31 -15.91
N LEU A 9 35.13 -63.51 -15.04
CA LEU A 9 35.22 -64.72 -14.20
C LEU A 9 34.09 -64.73 -13.17
N ALA A 10 33.80 -63.58 -12.55
CA ALA A 10 32.69 -63.44 -11.57
C ALA A 10 31.37 -63.81 -12.27
N HIS A 11 31.15 -63.32 -13.49
CA HIS A 11 29.93 -63.60 -14.28
C HIS A 11 29.80 -65.10 -14.54
N ILE A 12 30.86 -65.76 -15.01
CA ILE A 12 30.88 -67.23 -15.25
C ILE A 12 30.60 -67.96 -13.93
N LEU A 13 31.20 -67.52 -12.83
CA LEU A 13 31.01 -68.15 -11.51
C LEU A 13 29.55 -67.96 -11.07
N LEU A 14 29.03 -66.74 -11.18
CA LEU A 14 27.71 -66.37 -10.63
C LEU A 14 26.62 -67.19 -11.33
N THR A 15 26.65 -67.24 -12.66
CA THR A 15 25.67 -68.00 -13.48
C THR A 15 25.72 -69.46 -13.04
N GLU A 16 26.93 -70.02 -12.96
CA GLU A 16 27.22 -71.40 -12.49
C GLU A 16 26.66 -71.65 -11.08
N LEU A 17 26.82 -70.70 -10.16
CA LEU A 17 26.37 -70.84 -8.74
C LEU A 17 24.85 -70.88 -8.67
N LEU A 18 24.19 -69.95 -9.39
CA LEU A 18 22.71 -69.85 -9.53
C LEU A 18 22.16 -71.09 -10.24
N ALA A 19 22.80 -71.48 -11.35
CA ALA A 19 22.38 -72.60 -12.22
C ALA A 19 22.26 -73.86 -11.38
N TYR A 20 23.24 -74.12 -10.52
CA TYR A 20 23.36 -75.41 -9.79
C TYR A 20 22.65 -75.33 -8.43
N GLN A 21 22.41 -74.13 -7.92
CA GLN A 21 21.69 -73.85 -6.64
C GLN A 21 20.24 -74.35 -6.75
N PHE A 22 19.67 -74.15 -7.94
CA PHE A 22 18.46 -74.83 -8.50
C PHE A 22 18.27 -76.22 -7.89
N ALA A 23 19.30 -77.08 -8.02
CA ALA A 23 19.26 -78.55 -7.86
C ALA A 23 20.22 -79.07 -6.76
N SER A 24 20.88 -78.18 -6.01
CA SER A 24 21.89 -78.56 -5.00
C SER A 24 21.39 -78.19 -3.61
N PRO A 25 21.73 -78.99 -2.56
CA PRO A 25 21.20 -78.76 -1.22
C PRO A 25 21.59 -77.38 -0.67
N VAL A 26 20.68 -76.76 0.07
CA VAL A 26 20.83 -75.41 0.67
C VAL A 26 21.56 -75.55 2.00
N ARG A 27 22.86 -75.28 2.01
CA ARG A 27 23.73 -75.31 3.22
C ARG A 27 23.52 -74.01 4.00
N TRP A 28 22.36 -73.87 4.64
CA TRP A 28 21.99 -72.70 5.49
C TRP A 28 22.50 -72.86 6.93
N ILE A 29 23.06 -74.02 7.31
CA ILE A 29 23.80 -74.17 8.59
C ILE A 29 25.09 -73.36 8.46
N GLU A 30 25.89 -73.68 7.43
CA GLU A 30 27.21 -73.04 7.21
C GLU A 30 27.02 -71.56 6.91
N THR A 31 25.98 -71.20 6.16
CA THR A 31 25.70 -69.79 5.80
C THR A 31 25.49 -69.00 7.09
N GLN A 32 24.67 -69.53 8.00
CA GLN A 32 24.37 -68.89 9.31
C GLN A 32 25.66 -68.79 10.13
N ASP A 33 26.46 -69.84 10.14
CA ASP A 33 27.73 -69.89 10.90
C ASP A 33 28.70 -68.84 10.38
N VAL A 34 28.68 -68.57 9.08
CA VAL A 34 29.55 -67.53 8.46
C VAL A 34 29.06 -66.15 8.93
N PHE A 35 27.80 -65.82 8.75
CA PHE A 35 27.35 -64.42 9.01
C PHE A 35 27.17 -64.20 10.53
N LEU A 36 27.19 -65.22 11.37
CA LEU A 36 26.96 -65.04 12.83
C LEU A 36 28.31 -65.06 13.55
N LYS A 37 29.20 -65.99 13.20
CA LYS A 37 30.53 -66.12 13.84
C LYS A 37 31.58 -65.30 13.05
N ASP A 38 31.82 -65.63 11.79
CA ASP A 38 32.94 -65.06 10.98
C ASP A 38 32.75 -63.56 10.68
N PHE A 39 31.57 -62.97 10.91
CA PHE A 39 31.33 -61.52 10.71
C PHE A 39 30.79 -60.84 11.98
N ASN A 40 30.44 -61.61 13.02
CA ASN A 40 29.88 -61.08 14.30
C ASN A 40 28.80 -60.03 13.99
N THR A 41 27.89 -60.37 13.08
CA THR A 41 26.71 -59.56 12.74
C THR A 41 25.94 -59.22 14.02
N GLU A 42 25.51 -57.98 14.13
CA GLU A 42 24.74 -57.44 15.28
C GLU A 42 23.32 -57.11 14.84
N ARG A 43 23.08 -56.94 13.53
CA ARG A 43 21.72 -56.81 12.96
C ARG A 43 21.60 -57.83 11.83
N VAL A 44 20.84 -58.89 12.07
CA VAL A 44 20.29 -59.75 10.99
C VAL A 44 18.91 -59.20 10.65
N VAL A 45 18.78 -58.56 9.50
CA VAL A 45 17.49 -58.08 8.93
C VAL A 45 16.98 -59.13 7.96
N GLU A 46 15.79 -59.66 8.21
CA GLU A 46 15.17 -60.74 7.41
C GLU A 46 14.15 -60.06 6.48
N ILE A 47 14.43 -60.04 5.18
CA ILE A 47 13.50 -59.45 4.18
C ILE A 47 12.66 -60.60 3.65
N GLY A 48 11.38 -60.60 4.02
CA GLY A 48 10.41 -61.60 3.58
C GLY A 48 9.02 -61.24 4.08
N PRO A 49 8.01 -62.06 3.74
CA PRO A 49 6.68 -61.90 4.31
C PRO A 49 6.51 -62.49 5.72
N SER A 50 7.14 -63.63 6.01
CA SER A 50 7.02 -64.38 7.30
C SER A 50 8.38 -64.52 7.96
N PRO A 51 8.50 -64.36 9.30
CA PRO A 51 9.80 -64.44 9.98
C PRO A 51 10.30 -65.89 10.13
N THR A 52 10.58 -66.56 9.01
CA THR A 52 11.11 -67.95 9.03
C THR A 52 12.62 -67.90 9.29
N LEU A 53 13.37 -67.09 8.54
CA LEU A 53 14.85 -67.03 8.61
C LEU A 53 15.33 -66.30 9.87
N ALA A 54 14.52 -65.35 10.37
CA ALA A 54 14.68 -64.75 11.71
C ALA A 54 14.61 -65.87 12.74
N GLY A 55 13.49 -66.60 12.76
CA GLY A 55 13.24 -67.72 13.68
C GLY A 55 14.41 -68.67 13.72
N MET A 56 15.02 -68.95 12.57
CA MET A 56 16.06 -70.01 12.43
C MET A 56 17.40 -69.49 12.96
N ALA A 57 17.69 -68.19 12.80
CA ALA A 57 18.88 -67.52 13.34
C ALA A 57 18.76 -67.44 14.88
N GLN A 58 17.62 -67.00 15.42
CA GLN A 58 17.30 -67.05 16.89
C GLN A 58 17.68 -68.44 17.45
N ARG A 59 17.10 -69.50 16.89
CA ARG A 59 17.35 -70.90 17.31
C ARG A 59 18.81 -71.33 17.10
N THR A 60 19.52 -70.76 16.12
CA THR A 60 20.97 -71.07 15.92
C THR A 60 21.78 -70.35 17.00
N LEU A 61 21.34 -69.17 17.45
CA LEU A 61 22.10 -68.36 18.44
C LEU A 61 21.97 -69.04 19.79
N LYS A 62 20.72 -69.33 20.19
CA LYS A 62 20.37 -70.06 21.44
C LYS A 62 21.02 -71.45 21.48
N ASN A 63 21.24 -72.12 20.35
CA ASN A 63 21.78 -73.50 20.32
C ASN A 63 23.28 -73.47 20.58
N LYS A 64 24.04 -72.69 19.81
CA LYS A 64 25.52 -72.87 19.74
C LYS A 64 26.29 -71.54 19.76
N TYR A 65 25.67 -70.44 20.17
CA TYR A 65 26.32 -69.09 20.24
C TYR A 65 25.90 -68.33 21.50
N GLU A 66 25.46 -69.00 22.58
CA GLU A 66 25.11 -68.28 23.84
C GLU A 66 26.42 -67.87 24.51
N SER A 67 27.28 -68.84 24.81
CA SER A 67 28.58 -68.62 25.51
C SER A 67 29.38 -67.57 24.75
N TYR A 68 29.62 -67.80 23.45
CA TYR A 68 30.37 -66.89 22.53
C TYR A 68 29.79 -65.47 22.56
N ASP A 69 28.47 -65.30 22.63
CA ASP A 69 27.82 -63.96 22.62
C ASP A 69 28.07 -63.27 23.97
N ALA A 70 27.91 -64.00 25.08
CA ALA A 70 28.08 -63.52 26.47
C ALA A 70 29.54 -63.10 26.70
N ALA A 71 30.50 -63.96 26.36
CA ALA A 71 31.95 -63.68 26.45
C ALA A 71 32.28 -62.37 25.71
N LEU A 72 32.05 -62.31 24.41
CA LEU A 72 32.36 -61.12 23.56
C LEU A 72 31.38 -59.97 23.83
N SER A 73 30.34 -60.22 24.64
CA SER A 73 29.37 -59.21 25.14
C SER A 73 28.75 -58.45 23.96
N LEU A 74 28.53 -59.12 22.83
CA LEU A 74 27.92 -58.52 21.61
C LEU A 74 26.43 -58.87 21.58
N HIS A 75 25.58 -57.84 21.49
CA HIS A 75 24.11 -57.96 21.33
C HIS A 75 23.81 -58.08 19.84
N ARG A 76 22.94 -59.02 19.52
CA ARG A 76 22.48 -59.34 18.15
C ARG A 76 20.99 -59.10 18.12
N GLU A 77 20.56 -58.14 17.31
CA GLU A 77 19.14 -57.97 16.90
C GLU A 77 18.87 -58.92 15.73
N ILE A 78 17.77 -59.66 15.79
CA ILE A 78 17.26 -60.50 14.67
C ILE A 78 15.92 -59.89 14.25
N LEU A 79 15.94 -59.06 13.23
CA LEU A 79 14.77 -58.29 12.79
C LEU A 79 14.17 -58.95 11.55
N CYS A 80 12.85 -59.00 11.48
CA CYS A 80 12.09 -59.34 10.27
C CYS A 80 11.38 -58.08 9.79
N TYR A 81 11.30 -57.90 8.47
CA TYR A 81 10.73 -56.71 7.81
C TYR A 81 9.23 -56.61 8.09
N SER A 82 8.53 -57.75 8.09
CA SER A 82 7.06 -57.85 8.23
C SER A 82 6.63 -57.55 9.67
N LYS A 83 7.45 -57.95 10.64
CA LYS A 83 7.19 -57.81 12.10
C LYS A 83 7.81 -56.50 12.59
N ASP A 84 9.15 -56.40 12.51
CA ASP A 84 10.01 -55.45 13.28
C ASP A 84 10.31 -54.20 12.45
N ALA A 85 9.32 -53.63 11.78
CA ALA A 85 9.45 -52.43 10.92
C ALA A 85 10.01 -51.24 11.71
N LYS A 86 9.58 -51.04 12.96
CA LYS A 86 9.99 -49.88 13.79
C LYS A 86 11.50 -49.91 14.04
N GLU A 87 12.06 -51.07 14.40
CA GLU A 87 13.50 -51.24 14.70
C GLU A 87 14.35 -51.04 13.42
N ILE A 88 13.80 -51.34 12.25
CA ILE A 88 14.50 -51.36 10.94
C ILE A 88 14.54 -49.94 10.33
N TYR A 89 13.39 -49.24 10.38
CA TYR A 89 13.18 -47.90 9.78
C TYR A 89 13.57 -46.82 10.78
N TYR A 90 13.94 -47.18 12.01
CA TYR A 90 14.25 -46.23 13.11
C TYR A 90 13.08 -45.24 13.24
N THR A 91 11.88 -45.76 13.48
CA THR A 91 10.64 -44.98 13.76
C THR A 91 9.97 -45.59 14.99
N PRO A 92 10.59 -45.47 16.18
CA PRO A 92 10.02 -46.01 17.40
C PRO A 92 8.82 -45.16 17.83
N ASP A 93 7.89 -45.79 18.55
CA ASP A 93 6.65 -45.18 19.09
C ASP A 93 7.01 -44.35 20.33
N PRO A 94 6.31 -43.21 20.59
CA PRO A 94 6.61 -42.36 21.75
C PRO A 94 6.01 -42.91 23.05
N LEU A 328 -51.38 -27.83 36.00
CA LEU A 328 -50.46 -26.87 35.32
C LEU A 328 -51.01 -26.58 33.91
N GLU A 329 -51.04 -27.58 33.01
CA GLU A 329 -51.62 -27.49 31.64
C GLU A 329 -52.49 -28.71 31.30
N GLU A 330 -52.90 -29.54 32.28
CA GLU A 330 -53.80 -30.70 32.06
C GLU A 330 -55.24 -30.20 31.87
N ILE A 331 -55.57 -29.05 32.46
CA ILE A 331 -56.89 -28.36 32.35
C ILE A 331 -57.10 -27.84 30.92
N THR A 332 -56.07 -27.28 30.28
CA THR A 332 -56.15 -26.78 28.88
C THR A 332 -56.28 -27.99 27.95
N LYS A 333 -55.69 -29.16 28.29
CA LYS A 333 -55.77 -30.39 27.45
C LYS A 333 -57.20 -30.91 27.42
N ASP A 334 -57.80 -31.17 28.58
CA ASP A 334 -59.13 -31.84 28.67
C ASP A 334 -60.26 -30.86 28.28
N HIS A 335 -60.04 -29.54 28.42
CA HIS A 335 -60.92 -28.48 27.86
C HIS A 335 -60.89 -28.55 26.33
N LYS A 336 -59.70 -28.66 25.72
CA LYS A 336 -59.50 -28.81 24.25
C LYS A 336 -60.08 -30.16 23.79
N VAL A 337 -59.99 -31.20 24.61
CA VAL A 337 -60.61 -32.53 24.30
C VAL A 337 -62.13 -32.39 24.26
N LEU A 338 -62.71 -31.68 25.22
CA LEU A 338 -64.16 -31.37 25.23
C LEU A 338 -64.51 -30.62 23.93
N ALA A 339 -63.82 -29.51 23.68
CA ALA A 339 -64.04 -28.62 22.51
C ALA A 339 -64.05 -29.45 21.23
N ARG A 340 -63.08 -30.37 21.05
CA ARG A 340 -62.93 -31.17 19.80
C ARG A 340 -64.05 -32.22 19.72
N GLN A 341 -64.47 -32.79 20.84
CA GLN A 341 -65.61 -33.74 20.89
C GLN A 341 -66.90 -33.03 20.51
N GLN A 342 -67.07 -31.75 20.90
CA GLN A 342 -68.27 -30.93 20.55
C GLN A 342 -68.27 -30.66 19.05
N LEU A 343 -67.11 -30.27 18.49
CA LEU A 343 -66.93 -29.99 17.05
C LEU A 343 -67.32 -31.24 16.24
N GLN A 344 -66.85 -32.42 16.66
CA GLN A 344 -67.15 -33.74 16.02
C GLN A 344 -68.67 -33.98 16.02
N VAL A 345 -69.37 -33.59 17.09
CA VAL A 345 -70.85 -33.81 17.23
C VAL A 345 -71.60 -32.87 16.29
N LEU A 346 -71.22 -31.58 16.28
CA LEU A 346 -71.77 -30.57 15.34
C LEU A 346 -71.52 -31.06 13.91
N ALA A 347 -70.28 -31.44 13.58
CA ALA A 347 -69.88 -31.93 12.24
C ALA A 347 -70.81 -33.06 11.78
N ARG A 348 -70.96 -34.09 12.62
CA ARG A 348 -71.83 -35.26 12.38
C ARG A 348 -73.26 -34.79 12.09
N TYR A 349 -73.76 -33.78 12.83
CA TYR A 349 -75.15 -33.26 12.67
C TYR A 349 -75.28 -32.58 11.31
N LEU A 350 -74.27 -31.78 10.95
CA LEU A 350 -74.20 -31.01 9.68
C LEU A 350 -73.87 -31.96 8.51
N LYS A 351 -73.62 -33.24 8.79
CA LYS A 351 -73.26 -34.27 7.77
C LYS A 351 -72.11 -33.69 6.95
N MET A 352 -71.03 -33.31 7.65
CA MET A 352 -69.85 -32.61 7.08
C MET A 352 -68.62 -33.48 7.33
N ASP A 353 -68.11 -34.09 6.28
CA ASP A 353 -66.88 -34.91 6.29
C ASP A 353 -65.68 -33.97 6.47
N LEU A 354 -65.03 -33.99 7.64
CA LEU A 354 -63.88 -33.10 7.95
C LEU A 354 -62.63 -33.55 7.19
N ASP A 355 -62.48 -34.85 6.97
CA ASP A 355 -61.25 -35.46 6.40
C ASP A 355 -61.37 -35.63 4.87
N ASN A 356 -62.44 -35.13 4.25
CA ASN A 356 -62.70 -35.24 2.78
C ASN A 356 -61.60 -34.54 2.00
N GLY A 357 -61.14 -33.38 2.48
CA GLY A 357 -60.01 -32.64 1.90
C GLY A 357 -58.73 -33.44 1.95
N GLU A 358 -58.42 -34.04 3.10
CA GLU A 358 -57.19 -34.83 3.32
C GLU A 358 -57.24 -36.12 2.50
N ARG A 359 -58.41 -36.75 2.39
CA ARG A 359 -58.57 -38.06 1.70
C ARG A 359 -58.28 -37.87 0.20
N LYS A 360 -58.89 -36.84 -0.38
CA LYS A 360 -58.69 -36.43 -1.81
C LYS A 360 -57.23 -36.05 -2.03
N PHE A 361 -56.62 -35.30 -1.12
CA PHE A 361 -55.22 -34.85 -1.22
C PHE A 361 -54.31 -36.07 -1.38
N LEU A 362 -54.52 -37.11 -0.58
CA LEU A 362 -53.62 -38.30 -0.55
C LEU A 362 -53.78 -39.12 -1.82
N LYS A 363 -54.99 -39.19 -2.36
CA LYS A 363 -55.26 -39.88 -3.66
C LYS A 363 -54.65 -39.09 -4.83
N GLU A 364 -54.71 -37.75 -4.81
CA GLU A 364 -54.03 -36.88 -5.82
C GLU A 364 -52.51 -37.06 -5.71
N LYS A 365 -51.95 -37.03 -4.49
CA LYS A 365 -50.51 -37.24 -4.25
C LYS A 365 -50.05 -38.59 -4.81
N ASP A 366 -50.90 -39.61 -4.80
CA ASP A 366 -50.57 -40.95 -5.33
C ASP A 366 -50.57 -40.92 -6.86
N THR A 367 -51.51 -40.19 -7.46
CA THR A 367 -51.59 -39.93 -8.93
C THR A 367 -50.38 -39.12 -9.38
N VAL A 368 -49.98 -38.11 -8.59
CA VAL A 368 -48.76 -37.31 -8.86
C VAL A 368 -47.52 -38.22 -8.85
N ALA A 369 -47.44 -39.17 -7.92
CA ALA A 369 -46.30 -40.10 -7.78
C ALA A 369 -46.26 -41.08 -8.96
N GLU A 370 -47.41 -41.46 -9.52
CA GLU A 370 -47.49 -42.39 -10.69
C GLU A 370 -46.95 -41.68 -11.93
N LEU A 371 -47.49 -40.49 -12.24
CA LEU A 371 -47.06 -39.63 -13.38
C LEU A 371 -45.57 -39.36 -13.26
N GLN A 372 -45.11 -38.99 -12.07
CA GLN A 372 -43.68 -38.64 -11.85
C GLN A 372 -42.80 -39.87 -12.07
N ALA A 373 -43.30 -41.09 -11.86
CA ALA A 373 -42.59 -42.35 -12.16
C ALA A 373 -42.46 -42.54 -13.68
N GLN A 374 -43.50 -42.19 -14.44
CA GLN A 374 -43.58 -42.38 -15.90
C GLN A 374 -42.71 -41.36 -16.61
N LEU A 375 -42.61 -40.14 -16.08
CA LEU A 375 -41.67 -39.11 -16.60
C LEU A 375 -40.25 -39.56 -16.28
N ASP A 376 -39.98 -39.87 -15.00
CA ASP A 376 -38.67 -40.40 -14.52
C ASP A 376 -38.21 -41.54 -15.44
N TYR A 377 -39.12 -42.43 -15.86
CA TYR A 377 -38.78 -43.60 -16.70
C TYR A 377 -38.30 -43.12 -18.05
N LEU A 378 -39.12 -42.30 -18.72
CA LEU A 378 -38.78 -41.72 -20.05
C LEU A 378 -37.45 -40.96 -19.95
N ASN A 379 -37.24 -40.18 -18.90
CA ASN A 379 -36.00 -39.36 -18.76
C ASN A 379 -34.81 -40.30 -18.73
N ALA A 380 -34.97 -41.47 -18.11
CA ALA A 380 -33.93 -42.51 -17.95
C ALA A 380 -33.70 -43.21 -19.28
N GLU A 381 -34.76 -43.41 -20.08
CA GLU A 381 -34.66 -44.13 -21.39
C GLU A 381 -34.06 -43.18 -22.43
N LEU A 382 -34.66 -42.02 -22.65
CA LEU A 382 -34.24 -41.06 -23.71
C LEU A 382 -33.06 -40.21 -23.24
N GLY A 383 -33.01 -39.84 -21.97
CA GLY A 383 -31.99 -38.93 -21.41
C GLY A 383 -32.52 -37.51 -21.29
N GLU A 384 -31.91 -36.72 -20.43
CA GLU A 384 -32.31 -35.32 -20.20
C GLU A 384 -32.11 -34.53 -21.50
N PHE A 385 -30.97 -34.73 -22.18
CA PHE A 385 -30.62 -33.97 -23.41
C PHE A 385 -31.72 -34.09 -24.47
N PHE A 386 -32.18 -35.30 -24.74
CA PHE A 386 -33.21 -35.59 -25.75
C PHE A 386 -34.56 -35.03 -25.31
N VAL A 387 -35.03 -35.39 -24.12
CA VAL A 387 -36.35 -34.99 -23.54
C VAL A 387 -36.45 -33.46 -23.52
N ASN A 388 -35.40 -32.75 -23.11
CA ASN A 388 -35.38 -31.25 -23.09
C ASN A 388 -35.15 -30.70 -24.51
N GLY A 389 -34.45 -31.49 -25.34
CA GLY A 389 -34.08 -31.19 -26.74
C GLY A 389 -35.28 -31.09 -27.65
N VAL A 390 -36.33 -31.87 -27.41
CA VAL A 390 -37.54 -31.95 -28.29
C VAL A 390 -38.62 -30.93 -27.88
N ALA A 391 -38.29 -29.97 -27.03
CA ALA A 391 -39.17 -28.81 -26.73
C ALA A 391 -39.54 -28.08 -28.03
N THR A 392 -40.81 -27.68 -28.22
CA THR A 392 -41.25 -26.89 -29.40
C THR A 392 -40.73 -25.45 -29.32
N SER A 393 -40.12 -24.99 -30.39
CA SER A 393 -39.64 -23.61 -30.59
C SER A 393 -40.59 -22.85 -31.52
N PHE A 394 -41.30 -23.55 -32.40
CA PHE A 394 -42.01 -22.93 -33.54
C PHE A 394 -43.35 -22.37 -33.07
N SER A 395 -43.62 -21.15 -33.51
CA SER A 395 -44.90 -20.45 -33.39
C SER A 395 -45.06 -19.61 -34.65
N ARG A 396 -46.25 -19.54 -35.20
CA ARG A 396 -46.49 -18.74 -36.43
C ARG A 396 -46.37 -17.26 -36.11
N LYS A 397 -46.82 -16.86 -34.92
CA LYS A 397 -46.81 -15.44 -34.52
C LYS A 397 -45.36 -14.92 -34.49
N LYS A 398 -44.41 -15.80 -34.25
CA LYS A 398 -42.98 -15.38 -34.18
C LYS A 398 -42.38 -15.18 -35.58
N ALA A 399 -42.97 -15.68 -36.66
CA ALA A 399 -42.45 -15.53 -38.04
C ALA A 399 -42.24 -14.07 -38.42
N ARG A 400 -41.00 -13.62 -38.60
CA ARG A 400 -40.65 -12.26 -39.07
C ARG A 400 -40.51 -12.29 -40.59
N THR A 401 -41.28 -11.49 -41.32
CA THR A 401 -41.13 -11.28 -42.78
C THR A 401 -40.29 -10.02 -43.09
N PHE A 402 -39.42 -10.15 -44.07
CA PHE A 402 -38.59 -9.09 -44.67
C PHE A 402 -38.90 -9.09 -46.18
N ASP A 403 -39.51 -8.04 -46.71
CA ASP A 403 -39.88 -7.95 -48.15
C ASP A 403 -39.65 -6.53 -48.68
N SER A 404 -39.08 -5.61 -47.90
CA SER A 404 -39.12 -4.16 -48.18
C SER A 404 -37.86 -3.75 -48.94
N SER A 405 -37.54 -4.43 -50.05
CA SER A 405 -36.26 -4.23 -50.77
C SER A 405 -36.27 -2.87 -51.48
N TRP A 406 -37.44 -2.41 -51.91
CA TRP A 406 -37.63 -1.05 -52.51
C TRP A 406 -36.98 0.03 -51.63
N ASN A 407 -37.12 -0.09 -50.32
CA ASN A 407 -36.55 0.88 -49.36
C ASN A 407 -35.04 0.62 -49.22
N TRP A 408 -34.63 -0.63 -49.08
CA TRP A 408 -33.21 -0.90 -48.77
C TRP A 408 -32.33 -0.53 -49.95
N ALA A 409 -32.77 -0.76 -51.18
CA ALA A 409 -32.05 -0.31 -52.40
C ALA A 409 -31.54 1.11 -52.21
N LYS A 410 -32.43 2.04 -51.89
CA LYS A 410 -32.10 3.49 -51.79
C LYS A 410 -31.09 3.68 -50.68
N GLN A 411 -31.32 3.11 -49.52
CA GLN A 411 -30.39 3.13 -48.37
C GLN A 411 -29.00 2.63 -48.78
N SER A 412 -28.94 1.55 -49.56
CA SER A 412 -27.69 0.86 -49.98
C SER A 412 -26.92 1.75 -50.96
N LEU A 413 -27.61 2.34 -51.90
CA LEU A 413 -27.01 3.36 -52.80
C LEU A 413 -26.46 4.51 -51.96
N LEU A 414 -27.27 5.07 -51.07
CA LEU A 414 -26.90 6.31 -50.36
C LEU A 414 -25.76 6.03 -49.37
N SER A 415 -25.70 4.80 -48.83
CA SER A 415 -24.60 4.35 -47.96
C SER A 415 -23.30 4.30 -48.76
N LEU A 416 -23.35 3.73 -49.98
CA LEU A 416 -22.20 3.60 -50.92
C LEU A 416 -21.72 5.00 -51.28
N TYR A 417 -22.63 5.82 -51.74
CA TYR A 417 -22.38 7.22 -52.18
C TYR A 417 -21.53 7.91 -51.13
N PHE A 418 -21.91 7.86 -49.85
CA PHE A 418 -21.15 8.55 -48.77
C PHE A 418 -19.88 7.78 -48.42
N GLU A 419 -19.86 6.47 -48.56
CA GLU A 419 -18.64 5.68 -48.25
C GLU A 419 -17.56 6.04 -49.26
N ILE A 420 -17.93 6.31 -50.50
CA ILE A 420 -16.97 6.70 -51.58
C ILE A 420 -16.51 8.13 -51.36
N ILE A 421 -17.41 9.03 -50.98
CA ILE A 421 -17.08 10.46 -50.71
C ILE A 421 -16.17 10.58 -49.48
N HIS A 422 -16.37 9.76 -48.45
CA HIS A 422 -15.54 9.80 -47.21
C HIS A 422 -14.30 8.92 -47.37
N GLY A 423 -14.05 8.35 -48.54
CA GLY A 423 -12.79 7.63 -48.85
C GLY A 423 -12.71 6.28 -48.15
N VAL A 424 -13.84 5.76 -47.68
CA VAL A 424 -13.94 4.46 -46.98
C VAL A 424 -13.85 3.34 -48.01
N LEU A 425 -14.54 3.49 -49.15
CA LEU A 425 -14.38 2.66 -50.38
C LEU A 425 -13.63 3.48 -51.43
N LYS A 426 -12.60 2.87 -51.99
CA LYS A 426 -11.74 3.44 -53.04
C LYS A 426 -12.20 2.83 -54.37
N ASN A 427 -11.49 3.13 -55.47
CA ASN A 427 -11.81 2.59 -56.81
C ASN A 427 -11.24 1.18 -57.02
N VAL A 428 -10.45 0.63 -56.10
CA VAL A 428 -9.87 -0.75 -56.20
C VAL A 428 -10.68 -1.75 -55.36
N ASP A 429 -11.34 -1.30 -54.28
CA ASP A 429 -12.15 -2.15 -53.37
C ASP A 429 -13.24 -2.87 -54.16
N ARG A 430 -13.36 -4.19 -53.98
CA ARG A 430 -14.36 -5.05 -54.65
C ARG A 430 -15.76 -4.80 -54.08
N GLU A 431 -15.86 -4.43 -52.81
CA GLU A 431 -17.15 -4.07 -52.15
C GLU A 431 -17.91 -3.01 -52.96
N VAL A 432 -17.24 -2.17 -53.75
CA VAL A 432 -17.91 -1.26 -54.72
C VAL A 432 -18.68 -2.07 -55.75
N VAL A 433 -18.11 -3.15 -56.25
CA VAL A 433 -18.69 -3.95 -57.35
C VAL A 433 -19.82 -4.78 -56.78
N SER A 434 -19.57 -5.45 -55.64
CA SER A 434 -20.59 -6.23 -54.88
C SER A 434 -21.82 -5.33 -54.63
N GLU A 435 -21.62 -4.15 -54.03
CA GLU A 435 -22.73 -3.21 -53.75
C GLU A 435 -23.44 -2.80 -55.04
N ALA A 436 -22.71 -2.54 -56.12
CA ALA A 436 -23.34 -2.20 -57.42
C ALA A 436 -24.23 -3.35 -57.89
N ILE A 437 -23.84 -4.60 -57.65
CA ILE A 437 -24.65 -5.78 -58.08
C ILE A 437 -25.96 -5.76 -57.33
N ASN A 438 -25.87 -5.62 -56.01
CA ASN A 438 -27.02 -5.58 -55.07
C ASN A 438 -27.90 -4.37 -55.35
N ILE A 439 -27.38 -3.30 -55.93
CA ILE A 439 -28.25 -2.16 -56.34
C ILE A 439 -28.93 -2.46 -57.68
N MET A 440 -28.23 -3.05 -58.65
CA MET A 440 -28.81 -3.48 -59.95
C MET A 440 -29.89 -4.54 -59.74
N ASN A 441 -29.74 -5.36 -58.71
CA ASN A 441 -30.70 -6.45 -58.39
C ASN A 441 -31.95 -5.86 -57.72
N ARG A 442 -31.96 -4.55 -57.47
CA ARG A 442 -33.11 -3.87 -56.87
C ARG A 442 -33.55 -2.71 -57.73
N SER A 443 -33.08 -2.64 -58.97
CA SER A 443 -33.40 -1.54 -59.89
C SER A 443 -34.92 -1.48 -60.09
N ASN A 444 -35.48 -0.26 -60.02
CA ASN A 444 -36.86 0.14 -60.45
C ASN A 444 -36.81 1.65 -60.81
N ASP A 445 -37.90 2.23 -61.32
CA ASP A 445 -37.91 3.66 -61.75
C ASP A 445 -37.60 4.60 -60.58
N ALA A 446 -38.12 4.31 -59.39
CA ALA A 446 -37.93 5.15 -58.19
C ALA A 446 -36.46 5.18 -57.81
N LEU A 447 -35.78 4.04 -57.89
CA LEU A 447 -34.34 3.92 -57.56
C LEU A 447 -33.49 4.66 -58.60
N ILE A 448 -33.84 4.60 -59.87
CA ILE A 448 -33.07 5.27 -60.96
C ILE A 448 -33.17 6.79 -60.73
N LYS A 449 -34.37 7.30 -60.40
CA LYS A 449 -34.55 8.74 -60.16
C LYS A 449 -33.73 9.12 -58.93
N PHE A 450 -33.73 8.29 -57.90
CA PHE A 450 -32.95 8.50 -56.66
C PHE A 450 -31.46 8.66 -57.02
N MET A 451 -30.91 7.76 -57.86
CA MET A 451 -29.51 7.81 -58.40
C MET A 451 -29.36 9.11 -59.19
N GLU A 452 -30.20 9.33 -60.20
CA GLU A 452 -30.03 10.48 -61.12
C GLU A 452 -29.99 11.75 -60.29
N TYR A 453 -30.83 11.91 -59.25
CA TYR A 453 -30.82 13.17 -58.46
C TYR A 453 -29.48 13.25 -57.75
N HIS A 454 -29.16 12.24 -56.95
CA HIS A 454 -28.04 12.29 -55.97
C HIS A 454 -26.72 12.47 -56.69
N ILE A 455 -26.58 11.86 -57.89
CA ILE A 455 -25.34 11.80 -58.71
C ILE A 455 -25.22 13.09 -59.53
N SER A 456 -26.25 13.42 -60.32
CA SER A 456 -26.26 14.62 -61.20
C SER A 456 -26.18 15.91 -60.37
N ASN A 457 -26.36 15.87 -59.05
CA ASN A 457 -26.21 17.04 -58.14
C ASN A 457 -24.95 16.88 -57.28
N THR A 458 -24.01 16.05 -57.69
CA THR A 458 -22.68 15.92 -57.05
C THR A 458 -21.77 16.96 -57.70
N ASP A 459 -21.23 17.88 -56.90
CA ASP A 459 -20.22 18.87 -57.37
C ASP A 459 -18.86 18.17 -57.37
N GLU A 460 -18.40 17.72 -58.54
CA GLU A 460 -17.13 16.95 -58.72
C GLU A 460 -15.89 17.80 -58.39
N THR A 461 -16.00 19.12 -58.35
CA THR A 461 -14.87 20.06 -58.09
C THR A 461 -14.52 20.13 -56.61
N LYS A 462 -15.40 19.66 -55.72
CA LYS A 462 -15.22 19.69 -54.25
C LYS A 462 -14.05 18.81 -53.81
N GLY A 463 -13.66 17.82 -54.62
CA GLY A 463 -12.55 16.90 -54.31
C GLY A 463 -12.48 15.74 -55.27
N GLU A 464 -11.44 14.91 -55.16
CA GLU A 464 -11.23 13.78 -56.09
C GLU A 464 -12.28 12.71 -55.80
N ASN A 465 -12.62 12.49 -54.53
CA ASN A 465 -13.62 11.47 -54.12
C ASN A 465 -14.97 11.77 -54.75
N TYR A 466 -15.32 13.05 -54.93
CA TYR A 466 -16.60 13.48 -55.54
C TYR A 466 -16.57 13.19 -57.03
N GLN A 467 -15.42 13.36 -57.69
CA GLN A 467 -15.26 12.97 -59.11
C GLN A 467 -15.46 11.44 -59.22
N LEU A 468 -14.84 10.67 -58.33
CA LEU A 468 -14.96 9.20 -58.35
C LEU A 468 -16.43 8.78 -58.19
N VAL A 469 -17.18 9.39 -57.25
CA VAL A 469 -18.59 8.99 -56.97
C VAL A 469 -19.45 9.42 -58.16
N LYS A 470 -19.13 10.53 -58.81
CA LYS A 470 -19.93 11.02 -59.95
C LYS A 470 -19.69 10.12 -61.17
N THR A 471 -18.47 9.67 -61.40
CA THR A 471 -18.11 8.76 -62.52
C THR A 471 -18.78 7.40 -62.33
N LEU A 472 -18.60 6.79 -61.16
CA LEU A 472 -19.22 5.47 -60.80
C LEU A 472 -20.74 5.61 -60.84
N GLY A 473 -21.28 6.64 -60.19
CA GLY A 473 -22.72 6.97 -60.22
C GLY A 473 -23.26 6.87 -61.63
N GLU A 474 -22.76 7.71 -62.54
CA GLU A 474 -23.22 7.77 -63.96
C GLU A 474 -23.28 6.34 -64.52
N GLN A 475 -22.24 5.54 -64.27
CA GLN A 475 -22.10 4.16 -64.79
C GLN A 475 -23.20 3.28 -64.20
N LEU A 476 -23.44 3.39 -62.90
CA LEU A 476 -24.39 2.53 -62.17
C LEU A 476 -25.84 2.87 -62.56
N ILE A 477 -26.11 4.13 -62.95
CA ILE A 477 -27.41 4.58 -63.52
C ILE A 477 -27.60 3.85 -64.84
N GLU A 478 -26.61 3.90 -65.74
CA GLU A 478 -26.67 3.20 -67.06
C GLU A 478 -26.95 1.72 -66.82
N ASN A 479 -26.19 1.09 -65.92
CA ASN A 479 -26.38 -0.33 -65.55
C ASN A 479 -27.82 -0.57 -65.12
N CYS A 480 -28.30 0.19 -64.13
CA CYS A 480 -29.65 0.04 -63.51
C CYS A 480 -30.75 0.22 -64.56
N LYS A 481 -30.55 1.10 -65.55
CA LYS A 481 -31.52 1.30 -66.67
C LYS A 481 -31.61 0.04 -67.55
N GLN A 482 -30.47 -0.59 -67.87
CA GLN A 482 -30.40 -1.77 -68.78
C GLN A 482 -31.11 -2.93 -68.07
N VAL A 483 -30.73 -3.20 -66.82
CA VAL A 483 -31.25 -4.35 -66.02
C VAL A 483 -32.57 -4.00 -65.30
N LEU A 484 -33.20 -2.88 -65.63
CA LEU A 484 -34.63 -2.67 -65.32
C LEU A 484 -35.41 -3.70 -66.12
N ASP A 485 -36.35 -4.40 -65.49
CA ASP A 485 -37.15 -5.47 -66.13
C ASP A 485 -36.22 -6.59 -66.63
N VAL A 486 -35.24 -6.97 -65.82
CA VAL A 486 -34.37 -8.17 -65.97
C VAL A 486 -34.42 -8.89 -64.63
N ASP A 487 -34.30 -10.21 -64.61
CA ASP A 487 -34.34 -11.00 -63.35
C ASP A 487 -33.06 -10.79 -62.55
N PRO A 488 -33.14 -10.52 -61.24
CA PRO A 488 -31.95 -10.31 -60.42
C PRO A 488 -31.09 -11.57 -60.35
N VAL A 489 -29.78 -11.39 -60.17
CA VAL A 489 -28.82 -12.51 -60.25
C VAL A 489 -27.95 -12.60 -58.99
N TYR A 490 -27.77 -13.82 -58.51
CA TYR A 490 -26.65 -14.23 -57.63
C TYR A 490 -25.37 -14.15 -58.46
N LYS A 491 -24.47 -13.25 -58.07
CA LYS A 491 -23.17 -13.00 -58.75
C LYS A 491 -22.17 -12.61 -57.68
N ASP A 492 -21.33 -13.55 -57.29
CA ASP A 492 -20.37 -13.40 -56.17
C ASP A 492 -19.02 -12.95 -56.76
N VAL A 493 -18.59 -11.73 -56.42
CA VAL A 493 -17.33 -11.14 -56.98
C VAL A 493 -16.29 -11.00 -55.88
N ALA A 494 -16.48 -11.68 -54.76
CA ALA A 494 -15.52 -11.69 -53.63
C ALA A 494 -14.24 -12.34 -54.12
N LYS A 495 -13.12 -11.96 -53.53
CA LYS A 495 -11.78 -12.51 -53.83
C LYS A 495 -11.75 -13.94 -53.29
N PRO A 496 -11.55 -14.98 -54.12
CA PRO A 496 -11.35 -16.34 -53.61
C PRO A 496 -10.08 -16.41 -52.76
N THR A 497 -10.16 -17.10 -51.62
CA THR A 497 -9.05 -17.26 -50.64
C THR A 497 -8.77 -18.75 -50.41
N GLY A 498 -7.47 -19.06 -50.26
CA GLY A 498 -6.95 -20.34 -49.74
C GLY A 498 -6.45 -20.18 -48.30
N PRO A 499 -6.20 -21.30 -47.60
CA PRO A 499 -5.66 -21.27 -46.23
C PRO A 499 -4.14 -21.11 -46.24
N LYS A 500 -3.59 -20.36 -45.27
CA LYS A 500 -2.16 -20.33 -44.92
C LYS A 500 -2.03 -20.36 -43.40
N THR A 501 -1.26 -21.33 -42.90
CA THR A 501 -0.89 -21.47 -41.46
C THR A 501 0.60 -21.11 -41.35
N ALA A 502 0.94 -20.27 -40.38
CA ALA A 502 2.33 -19.81 -40.13
C ALA A 502 2.66 -20.00 -38.66
N ILE A 503 3.87 -20.48 -38.38
CA ILE A 503 4.45 -20.60 -37.01
C ILE A 503 5.60 -19.58 -36.93
N ASP A 504 5.51 -18.62 -36.00
CA ASP A 504 6.55 -17.59 -35.75
C ASP A 504 7.75 -18.25 -35.03
N LYS A 505 8.67 -17.44 -34.49
CA LYS A 505 9.90 -17.92 -33.80
C LYS A 505 9.53 -18.51 -32.42
N ASN A 506 8.52 -17.94 -31.76
CA ASN A 506 8.11 -18.28 -30.36
C ASN A 506 6.97 -19.30 -30.36
N GLY A 507 6.71 -19.98 -31.50
CA GLY A 507 5.61 -20.95 -31.64
C GLY A 507 4.26 -20.36 -31.30
N ASN A 508 3.79 -19.42 -32.12
CA ASN A 508 2.38 -18.97 -32.21
C ASN A 508 1.84 -19.46 -33.56
N ILE A 509 0.76 -20.25 -33.54
CA ILE A 509 0.06 -20.78 -34.74
C ILE A 509 -0.89 -19.68 -35.23
N THR A 510 -0.69 -19.21 -36.47
CA THR A 510 -1.55 -18.17 -37.11
C THR A 510 -2.20 -18.77 -38.36
N TYR A 511 -3.53 -18.89 -38.33
CA TYR A 511 -4.36 -19.17 -39.53
C TYR A 511 -4.83 -17.85 -40.14
N SER A 512 -4.68 -17.74 -41.46
CA SER A 512 -5.13 -16.61 -42.29
C SER A 512 -5.72 -17.15 -43.60
N GLU A 513 -6.78 -16.50 -44.09
CA GLU A 513 -7.30 -16.66 -45.47
C GLU A 513 -6.52 -15.72 -46.37
N GLU A 514 -5.59 -16.22 -47.17
CA GLU A 514 -4.74 -15.40 -48.06
C GLU A 514 -5.22 -15.55 -49.50
N PRO A 515 -5.36 -14.44 -50.26
CA PRO A 515 -5.73 -14.52 -51.68
C PRO A 515 -4.89 -15.51 -52.47
N ARG A 516 -5.54 -16.49 -53.11
CA ARG A 516 -4.88 -17.47 -54.02
C ARG A 516 -4.15 -16.71 -55.13
N GLU A 517 -2.92 -17.12 -55.42
CA GLU A 517 -2.05 -16.52 -56.46
C GLU A 517 -2.71 -16.66 -57.84
N LYS A 518 -3.24 -17.85 -58.15
CA LYS A 518 -3.62 -18.26 -59.52
C LYS A 518 -5.10 -17.92 -59.80
N VAL A 519 -5.97 -18.11 -58.81
CA VAL A 519 -7.46 -17.98 -58.88
C VAL A 519 -7.88 -16.65 -58.24
N ARG A 520 -8.26 -15.65 -59.03
CA ARG A 520 -8.62 -14.30 -58.51
C ARG A 520 -10.06 -13.89 -58.87
N LYS A 521 -10.88 -14.79 -59.42
CA LYS A 521 -12.31 -14.61 -59.75
C LYS A 521 -13.02 -15.93 -59.50
N LEU A 522 -14.33 -16.04 -59.75
CA LEU A 522 -15.01 -17.36 -59.66
C LEU A 522 -14.99 -18.06 -61.02
N SER A 523 -14.89 -17.34 -62.14
CA SER A 523 -14.67 -17.98 -63.46
C SER A 523 -13.41 -18.86 -63.39
N GLN A 524 -12.33 -18.32 -62.85
CA GLN A 524 -11.03 -19.01 -62.69
C GLN A 524 -11.20 -20.20 -61.73
N TYR A 525 -11.91 -20.00 -60.62
CA TYR A 525 -12.18 -21.08 -59.64
C TYR A 525 -12.87 -22.25 -60.34
N VAL A 526 -13.81 -21.97 -61.24
CA VAL A 526 -14.54 -23.03 -62.00
C VAL A 526 -13.54 -23.78 -62.90
N GLN A 527 -12.60 -23.07 -63.55
CA GLN A 527 -11.52 -23.66 -64.41
C GLN A 527 -10.67 -24.58 -63.54
N GLU A 528 -10.12 -24.07 -62.44
CA GLU A 528 -9.30 -24.85 -61.45
C GLU A 528 -10.06 -26.13 -61.05
N MET A 529 -11.37 -26.03 -60.78
CA MET A 529 -12.21 -27.17 -60.32
C MET A 529 -12.34 -28.18 -61.46
N ALA A 530 -12.39 -27.70 -62.71
CA ALA A 530 -12.57 -28.53 -63.92
C ALA A 530 -11.30 -29.33 -64.20
N LEU A 531 -10.12 -28.71 -64.08
CA LEU A 531 -8.79 -29.32 -64.42
C LEU A 531 -8.46 -30.45 -63.43
N GLY A 532 -9.01 -30.41 -62.22
CA GLY A 532 -8.70 -31.38 -61.17
C GLY A 532 -7.30 -31.15 -60.66
N GLY A 533 -6.55 -32.23 -60.46
CA GLY A 533 -5.13 -32.21 -60.10
C GLY A 533 -4.43 -33.49 -60.53
N PRO A 534 -3.16 -33.70 -60.13
CA PRO A 534 -2.47 -34.97 -60.39
C PRO A 534 -3.03 -36.14 -59.58
N ILE A 535 -3.52 -35.88 -58.36
CA ILE A 535 -4.12 -36.89 -57.45
C ILE A 535 -5.42 -37.48 -58.03
N THR A 536 -6.17 -36.72 -58.84
CA THR A 536 -7.52 -37.08 -59.37
C THR A 536 -7.41 -37.80 -60.73
N LYS A 537 -6.20 -38.05 -61.21
CA LYS A 537 -5.94 -38.73 -62.51
C LYS A 537 -6.22 -40.22 -62.29
N GLU A 538 -7.17 -40.79 -63.04
CA GLU A 538 -7.43 -42.26 -63.09
C GLU A 538 -6.84 -42.80 -64.40
N SER A 539 -6.49 -44.08 -64.45
CA SER A 539 -5.80 -44.76 -65.60
C SER A 539 -6.79 -45.69 -66.34
N MET A 599 -8.14 -20.64 -71.48
CA MET A 599 -9.00 -19.45 -71.74
C MET A 599 -8.59 -18.31 -70.80
N ASP A 600 -8.30 -17.12 -71.35
CA ASP A 600 -7.97 -15.87 -70.61
C ASP A 600 -9.02 -14.81 -70.96
N VAL A 601 -9.67 -14.21 -69.95
CA VAL A 601 -10.62 -13.07 -70.09
C VAL A 601 -10.08 -11.90 -69.26
N GLU A 602 -9.88 -10.73 -69.88
CA GLU A 602 -9.40 -9.51 -69.20
C GLU A 602 -10.54 -8.93 -68.34
N ASP A 603 -10.19 -8.42 -67.16
CA ASP A 603 -11.12 -7.84 -66.16
C ASP A 603 -10.51 -6.52 -65.66
N ALA A 604 -11.14 -5.88 -64.68
CA ALA A 604 -10.63 -4.68 -63.99
C ALA A 604 -10.55 -4.86 -62.47
N LEU A 605 -11.00 -6.00 -61.92
CA LEU A 605 -11.07 -6.28 -60.45
C LEU A 605 -9.71 -6.01 -59.82
N ASP A 606 -9.69 -5.36 -58.65
CA ASP A 606 -8.49 -5.03 -57.83
C ASP A 606 -7.67 -3.89 -58.45
N LYS A 607 -8.11 -3.30 -59.57
CA LYS A 607 -7.35 -2.27 -60.35
C LYS A 607 -8.24 -1.03 -60.54
N ASP A 608 -9.46 -1.24 -61.06
CA ASP A 608 -10.47 -0.19 -61.38
C ASP A 608 -11.87 -0.82 -61.22
N SER A 609 -12.58 -0.51 -60.14
CA SER A 609 -13.93 -1.07 -59.86
C SER A 609 -14.96 -0.42 -60.80
N THR A 610 -14.84 0.86 -61.10
CA THR A 610 -15.76 1.61 -62.01
C THR A 610 -15.88 0.90 -63.37
N LYS A 611 -14.76 0.48 -63.96
CA LYS A 611 -14.74 -0.22 -65.28
C LYS A 611 -15.31 -1.64 -65.13
N GLU A 612 -15.14 -2.28 -63.96
CA GLU A 612 -15.70 -3.62 -63.65
C GLU A 612 -17.22 -3.53 -63.44
N VAL A 613 -17.69 -2.42 -62.85
CA VAL A 613 -19.13 -2.05 -62.71
C VAL A 613 -19.73 -1.91 -64.11
N ALA A 614 -19.04 -1.22 -65.03
CA ALA A 614 -19.48 -0.98 -66.44
C ALA A 614 -19.78 -2.29 -67.19
N SER A 615 -19.21 -3.41 -66.76
CA SER A 615 -19.29 -4.72 -67.47
C SER A 615 -20.24 -5.70 -66.77
N LEU A 616 -21.04 -5.26 -65.79
CA LEU A 616 -21.95 -6.12 -64.99
C LEU A 616 -23.20 -6.49 -65.77
N PRO A 617 -23.84 -5.57 -66.54
CA PRO A 617 -25.01 -5.94 -67.34
C PRO A 617 -24.70 -6.64 -68.67
N ASN A 618 -23.44 -6.59 -69.11
CA ASN A 618 -22.91 -7.37 -70.26
C ASN A 618 -22.89 -8.86 -69.89
N LYS A 619 -23.81 -9.64 -70.46
CA LYS A 619 -23.78 -11.12 -70.41
C LYS A 619 -22.72 -11.61 -71.39
N SER A 620 -21.59 -12.13 -70.87
CA SER A 620 -20.49 -12.69 -71.69
C SER A 620 -20.99 -13.93 -72.43
N THR A 621 -20.57 -14.09 -73.70
CA THR A 621 -20.90 -15.24 -74.58
C THR A 621 -19.76 -16.27 -74.46
N ILE A 622 -20.01 -17.37 -73.75
CA ILE A 622 -19.01 -18.45 -73.51
C ILE A 622 -18.82 -19.16 -74.86
N SER A 623 -17.70 -18.91 -75.53
CA SER A 623 -17.33 -19.49 -76.86
C SER A 623 -17.15 -21.01 -76.74
N LYS A 624 -16.17 -21.45 -75.94
CA LYS A 624 -15.87 -22.88 -75.64
C LYS A 624 -15.99 -23.12 -74.13
N THR A 625 -16.90 -23.99 -73.75
CA THR A 625 -17.31 -24.25 -72.35
C THR A 625 -16.15 -24.90 -71.60
N VAL A 626 -16.06 -24.63 -70.29
CA VAL A 626 -15.00 -25.14 -69.36
C VAL A 626 -15.08 -26.67 -69.27
N SER A 627 -16.20 -27.31 -69.64
CA SER A 627 -16.32 -28.79 -69.76
C SER A 627 -15.30 -29.37 -70.75
N SER A 628 -15.04 -28.67 -71.87
CA SER A 628 -14.08 -29.11 -72.93
C SER A 628 -12.65 -29.19 -72.36
N THR A 629 -12.28 -28.23 -71.50
CA THR A 629 -10.94 -28.13 -70.88
C THR A 629 -10.69 -29.26 -69.86
N ILE A 630 -11.72 -30.03 -69.46
CA ILE A 630 -11.53 -31.19 -68.53
C ILE A 630 -10.59 -32.14 -69.25
N PRO A 631 -9.42 -32.52 -68.67
CA PRO A 631 -8.50 -33.42 -69.36
C PRO A 631 -9.16 -34.80 -69.46
N ARG A 632 -8.93 -35.52 -70.58
CA ARG A 632 -9.30 -36.96 -70.72
C ARG A 632 -8.67 -37.73 -69.54
N GLU A 633 -9.36 -38.76 -69.03
CA GLU A 633 -8.92 -39.56 -67.84
C GLU A 633 -8.41 -38.59 -66.77
N THR A 634 -9.33 -37.77 -66.25
CA THR A 634 -9.18 -36.87 -65.07
C THR A 634 -10.55 -36.54 -64.49
N ILE A 635 -10.72 -36.75 -63.19
CA ILE A 635 -11.96 -36.41 -62.44
C ILE A 635 -11.80 -34.98 -61.95
N PRO A 636 -12.73 -34.07 -62.27
CA PRO A 636 -12.69 -32.72 -61.70
C PRO A 636 -12.88 -32.71 -60.18
N PHE A 637 -12.57 -31.59 -59.54
CA PHE A 637 -12.72 -31.41 -58.07
C PHE A 637 -14.21 -31.38 -57.67
N LEU A 638 -15.06 -30.77 -58.49
CA LEU A 638 -16.53 -30.86 -58.40
C LEU A 638 -17.00 -31.65 -59.61
N HIS A 639 -17.87 -32.64 -59.40
CA HIS A 639 -18.42 -33.48 -60.48
C HIS A 639 -19.72 -34.13 -60.00
N LEU A 640 -20.68 -34.33 -60.89
CA LEU A 640 -21.83 -35.23 -60.64
C LEU A 640 -21.40 -36.66 -60.91
N ARG A 641 -22.07 -37.60 -60.26
CA ARG A 641 -21.91 -39.05 -60.45
C ARG A 641 -23.20 -39.61 -61.05
N LYS A 642 -23.11 -40.80 -61.65
CA LYS A 642 -24.23 -41.53 -62.26
C LYS A 642 -24.26 -42.95 -61.71
N LYS A 643 -25.47 -43.44 -61.43
CA LYS A 643 -25.72 -44.77 -60.85
C LYS A 643 -25.47 -45.83 -61.92
N THR A 644 -24.52 -46.72 -61.68
CA THR A 644 -24.15 -47.84 -62.59
C THR A 644 -25.25 -48.90 -62.55
N PRO A 645 -25.42 -49.71 -63.63
CA PRO A 645 -26.42 -50.78 -63.62
C PRO A 645 -26.12 -51.79 -62.50
N ALA A 646 -24.84 -52.01 -62.19
CA ALA A 646 -24.32 -52.81 -61.06
C ALA A 646 -24.97 -52.34 -59.74
N GLY A 647 -24.88 -51.04 -59.44
CA GLY A 647 -25.46 -50.43 -58.22
C GLY A 647 -24.57 -49.39 -57.51
N ASP A 648 -23.40 -49.05 -58.06
CA ASP A 648 -22.47 -48.02 -57.51
C ASP A 648 -22.62 -46.69 -58.23
N TRP A 649 -22.14 -45.61 -57.63
CA TRP A 649 -22.17 -44.23 -58.17
C TRP A 649 -20.77 -43.82 -58.64
N LYS A 650 -20.53 -43.78 -59.94
CA LYS A 650 -19.20 -43.44 -60.53
C LYS A 650 -19.32 -42.05 -61.15
N TYR A 651 -18.21 -41.33 -61.21
CA TYR A 651 -18.01 -40.13 -62.07
C TYR A 651 -18.69 -40.30 -63.43
N ASP A 652 -19.45 -39.29 -63.85
CA ASP A 652 -20.04 -39.22 -65.22
C ASP A 652 -19.56 -37.93 -65.89
N ARG A 653 -18.83 -38.06 -67.00
CA ARG A 653 -18.22 -36.92 -67.72
C ARG A 653 -19.35 -35.99 -68.16
N GLN A 654 -20.37 -36.55 -68.83
CA GLN A 654 -21.51 -35.80 -69.42
C GLN A 654 -22.20 -34.94 -68.35
N LEU A 655 -22.72 -35.56 -67.28
CA LEU A 655 -23.41 -34.84 -66.16
C LEU A 655 -22.46 -33.79 -65.56
N SER A 656 -21.22 -34.15 -65.26
CA SER A 656 -20.24 -33.23 -64.63
C SER A 656 -19.95 -32.05 -65.58
N SER A 657 -19.98 -32.31 -66.90
CA SER A 657 -19.79 -31.29 -67.95
C SER A 657 -20.95 -30.29 -67.91
N LEU A 658 -22.16 -30.80 -67.78
CA LEU A 658 -23.40 -30.00 -67.61
C LEU A 658 -23.29 -29.13 -66.34
N PHE A 659 -23.00 -29.75 -65.20
CA PHE A 659 -22.95 -29.10 -63.87
C PHE A 659 -21.89 -28.00 -63.85
N LEU A 660 -20.73 -28.21 -64.49
CA LEU A 660 -19.60 -27.24 -64.49
C LEU A 660 -19.85 -26.13 -65.52
N ASP A 661 -20.55 -26.41 -66.61
CA ASP A 661 -20.98 -25.36 -67.57
C ASP A 661 -21.93 -24.40 -66.84
N GLY A 662 -22.91 -24.95 -66.12
CA GLY A 662 -23.84 -24.19 -65.28
C GLY A 662 -23.11 -23.31 -64.30
N LEU A 663 -22.04 -23.82 -63.68
CA LEU A 663 -21.22 -23.09 -62.68
C LEU A 663 -20.48 -21.98 -63.41
N GLU A 664 -19.94 -22.25 -64.59
CA GLU A 664 -19.11 -21.27 -65.32
C GLU A 664 -20.00 -20.09 -65.71
N LYS A 665 -21.19 -20.37 -66.25
CA LYS A 665 -22.19 -19.36 -66.67
C LYS A 665 -22.60 -18.50 -65.48
N ALA A 666 -22.93 -19.15 -64.36
CA ALA A 666 -23.23 -18.52 -63.05
C ALA A 666 -22.09 -17.58 -62.64
N ALA A 667 -20.85 -17.93 -62.90
CA ALA A 667 -19.67 -17.18 -62.40
C ALA A 667 -19.47 -15.95 -63.28
N PHE A 668 -19.84 -16.04 -64.55
CA PHE A 668 -19.64 -14.96 -65.56
C PHE A 668 -20.84 -14.02 -65.52
N ASN A 669 -22.02 -14.56 -65.82
CA ASN A 669 -23.30 -13.83 -66.04
C ASN A 669 -24.14 -13.77 -64.78
N GLY A 670 -24.00 -14.74 -63.87
CA GLY A 670 -24.83 -14.84 -62.65
C GLY A 670 -26.12 -15.58 -62.93
N VAL A 671 -26.64 -16.25 -61.90
CA VAL A 671 -27.85 -17.12 -62.00
C VAL A 671 -29.00 -16.44 -61.26
N THR A 672 -30.23 -16.59 -61.75
CA THR A 672 -31.47 -16.04 -61.11
C THR A 672 -32.26 -17.15 -60.40
N PHE A 673 -32.78 -16.83 -59.21
CA PHE A 673 -33.74 -17.70 -58.48
C PHE A 673 -35.07 -16.96 -58.32
N LYS A 674 -35.54 -16.29 -59.38
CA LYS A 674 -36.87 -15.66 -59.37
C LYS A 674 -37.90 -16.79 -59.32
N ASP A 675 -38.98 -16.57 -58.57
CA ASP A 675 -40.14 -17.50 -58.43
C ASP A 675 -39.70 -18.86 -57.88
N LYS A 676 -38.57 -18.92 -57.19
CA LYS A 676 -38.15 -20.12 -56.43
C LYS A 676 -38.43 -19.88 -54.95
N TYR A 677 -39.21 -20.78 -54.33
CA TYR A 677 -39.64 -20.75 -52.92
C TYR A 677 -38.84 -21.79 -52.14
N VAL A 678 -37.89 -21.37 -51.35
CA VAL A 678 -36.96 -22.30 -50.66
C VAL A 678 -37.31 -22.35 -49.18
N LEU A 679 -37.11 -23.51 -48.55
CA LEU A 679 -36.95 -23.64 -47.09
C LEU A 679 -35.49 -24.03 -46.80
N ILE A 680 -34.83 -23.34 -45.89
CA ILE A 680 -33.43 -23.66 -45.51
C ILE A 680 -33.35 -23.72 -43.99
N THR A 681 -32.85 -24.82 -43.43
CA THR A 681 -32.57 -24.94 -41.98
C THR A 681 -31.06 -24.88 -41.80
N GLY A 682 -30.58 -24.66 -40.58
CA GLY A 682 -29.14 -24.63 -40.27
C GLY A 682 -28.42 -23.55 -41.06
N ALA A 683 -28.99 -22.36 -41.19
CA ALA A 683 -28.38 -21.25 -41.95
C ALA A 683 -28.06 -20.10 -40.99
N GLY A 684 -27.51 -20.46 -39.83
CA GLY A 684 -27.07 -19.50 -38.81
C GLY A 684 -25.88 -18.69 -39.25
N LYS A 685 -25.45 -17.77 -38.40
CA LYS A 685 -24.30 -16.89 -38.68
C LYS A 685 -23.04 -17.76 -38.75
N GLY A 686 -22.21 -17.51 -39.76
CA GLY A 686 -20.91 -18.17 -39.97
C GLY A 686 -21.07 -19.63 -40.33
N SER A 687 -22.13 -19.98 -41.04
CA SER A 687 -22.41 -21.35 -41.55
C SER A 687 -22.39 -21.35 -43.08
N ILE A 688 -22.36 -22.52 -43.71
CA ILE A 688 -22.54 -22.64 -45.18
C ILE A 688 -23.95 -22.15 -45.52
N GLY A 689 -24.95 -22.59 -44.76
CA GLY A 689 -26.35 -22.21 -44.95
C GLY A 689 -26.52 -20.70 -45.10
N ALA A 690 -25.79 -19.90 -44.34
CA ALA A 690 -25.92 -18.43 -44.39
C ALA A 690 -25.34 -17.90 -45.70
N GLU A 691 -24.26 -18.48 -46.22
CA GLU A 691 -23.72 -18.06 -47.53
C GLU A 691 -24.67 -18.46 -48.65
N VAL A 692 -25.38 -19.56 -48.46
CA VAL A 692 -26.37 -20.05 -49.46
C VAL A 692 -27.50 -19.03 -49.49
N LEU A 693 -28.05 -18.74 -48.31
CA LEU A 693 -29.19 -17.79 -48.09
C LEU A 693 -28.89 -16.50 -48.82
N GLN A 694 -27.72 -15.87 -48.59
CA GLN A 694 -27.28 -14.64 -49.28
C GLN A 694 -27.39 -14.79 -50.80
N GLY A 695 -27.01 -15.94 -51.35
CA GLY A 695 -27.09 -16.17 -52.79
C GLY A 695 -28.52 -16.30 -53.25
N LEU A 696 -29.37 -16.92 -52.45
CA LEU A 696 -30.77 -17.19 -52.84
C LEU A 696 -31.47 -15.85 -52.92
N LEU A 697 -31.31 -15.03 -51.89
CA LEU A 697 -31.93 -13.69 -51.80
C LEU A 697 -31.38 -12.83 -52.95
N GLN A 698 -30.08 -12.85 -53.14
CA GLN A 698 -29.42 -12.07 -54.21
C GLN A 698 -30.08 -12.37 -55.54
N GLY A 699 -30.54 -13.59 -55.74
CA GLY A 699 -31.17 -14.04 -57.00
C GLY A 699 -32.67 -13.90 -57.00
N GLY A 700 -33.27 -13.38 -55.94
CA GLY A 700 -34.71 -13.02 -55.94
C GLY A 700 -35.59 -14.13 -55.40
N ALA A 701 -35.03 -15.01 -54.61
CA ALA A 701 -35.76 -16.16 -54.06
C ALA A 701 -36.59 -15.69 -52.87
N LYS A 702 -37.80 -16.21 -52.76
CA LYS A 702 -38.54 -16.25 -51.49
C LYS A 702 -37.93 -17.38 -50.70
N VAL A 703 -37.63 -17.17 -49.43
CA VAL A 703 -36.83 -18.12 -48.60
C VAL A 703 -37.41 -18.10 -47.20
N VAL A 704 -37.65 -19.26 -46.63
CA VAL A 704 -37.95 -19.41 -45.18
C VAL A 704 -36.71 -19.96 -44.51
N VAL A 705 -36.09 -19.16 -43.70
CA VAL A 705 -34.94 -19.57 -42.87
C VAL A 705 -35.44 -19.85 -41.45
N THR A 706 -34.99 -20.96 -40.88
CA THR A 706 -35.31 -21.36 -39.51
C THR A 706 -34.09 -21.05 -38.66
N THR A 707 -34.33 -20.75 -37.41
CA THR A 707 -33.29 -20.54 -36.37
C THR A 707 -33.70 -21.38 -35.17
N SER A 708 -32.74 -21.89 -34.43
CA SER A 708 -32.96 -22.48 -33.08
C SER A 708 -32.65 -21.40 -32.01
N ARG A 709 -31.87 -20.36 -32.36
CA ARG A 709 -31.35 -19.34 -31.42
C ARG A 709 -32.22 -18.07 -31.52
N PHE A 710 -33.51 -18.16 -31.86
CA PHE A 710 -34.38 -16.99 -32.16
C PHE A 710 -34.31 -16.00 -31.00
N SER A 711 -33.78 -14.82 -31.30
CA SER A 711 -33.49 -13.71 -30.35
C SER A 711 -33.44 -12.43 -31.15
N LYS A 712 -33.25 -11.30 -30.47
CA LYS A 712 -33.17 -9.99 -31.17
C LYS A 712 -31.93 -9.97 -32.03
N GLN A 713 -30.81 -10.51 -31.57
CA GLN A 713 -29.54 -10.28 -32.31
C GLN A 713 -29.52 -11.19 -33.53
N VAL A 714 -30.29 -12.27 -33.52
CA VAL A 714 -30.48 -13.19 -34.69
C VAL A 714 -31.44 -12.56 -35.72
N THR A 715 -32.54 -11.97 -35.31
CA THR A 715 -33.48 -11.33 -36.27
C THR A 715 -32.82 -10.07 -36.84
N ASP A 716 -32.00 -9.38 -36.05
CA ASP A 716 -31.24 -8.20 -36.49
C ASP A 716 -30.19 -8.62 -37.51
N TYR A 717 -29.58 -9.80 -37.34
CA TYR A 717 -28.62 -10.40 -38.31
C TYR A 717 -29.30 -10.55 -39.66
N TYR A 718 -30.38 -11.34 -39.71
CA TYR A 718 -31.16 -11.65 -40.94
C TYR A 718 -31.71 -10.38 -41.58
N GLN A 719 -32.05 -9.37 -40.79
CA GLN A 719 -32.50 -8.06 -41.31
C GLN A 719 -31.37 -7.39 -42.07
N SER A 720 -30.17 -7.43 -41.53
CA SER A 720 -28.97 -6.83 -42.17
C SER A 720 -28.68 -7.58 -43.48
N ILE A 721 -28.79 -8.90 -43.47
CA ILE A 721 -28.61 -9.76 -44.68
C ILE A 721 -29.64 -9.34 -45.73
N TYR A 722 -30.93 -9.33 -45.38
CA TYR A 722 -31.99 -9.04 -46.37
C TYR A 722 -31.81 -7.62 -46.93
N ALA A 723 -31.47 -6.69 -46.04
CA ALA A 723 -31.25 -5.27 -46.40
C ALA A 723 -30.10 -5.11 -47.39
N LYS A 724 -29.07 -5.95 -47.29
CA LYS A 724 -27.86 -5.85 -48.13
C LYS A 724 -28.11 -6.55 -49.48
N TYR A 725 -28.66 -7.76 -49.45
CA TYR A 725 -28.60 -8.73 -50.56
C TYR A 725 -29.96 -8.99 -51.20
N GLY A 726 -31.02 -9.01 -50.39
CA GLY A 726 -32.40 -9.24 -50.83
C GLY A 726 -32.76 -8.39 -52.02
N ALA A 727 -32.83 -9.03 -53.19
CA ALA A 727 -33.13 -8.42 -54.50
C ALA A 727 -34.62 -8.20 -54.66
N LYS A 728 -35.00 -7.51 -55.73
CA LYS A 728 -36.42 -7.28 -56.09
C LYS A 728 -37.10 -8.64 -56.30
N GLY A 729 -38.30 -8.79 -55.73
CA GLY A 729 -39.04 -10.05 -55.73
C GLY A 729 -38.70 -10.93 -54.56
N SER A 730 -37.49 -10.86 -54.02
CA SER A 730 -37.08 -11.68 -52.85
C SER A 730 -37.97 -11.36 -51.65
N THR A 731 -38.06 -12.33 -50.76
CA THR A 731 -38.67 -12.22 -49.42
C THR A 731 -37.82 -13.11 -48.51
N LEU A 732 -37.76 -12.79 -47.23
CA LEU A 732 -37.08 -13.65 -46.24
C LEU A 732 -37.98 -13.77 -45.04
N ILE A 733 -38.48 -14.95 -44.72
CA ILE A 733 -39.28 -15.22 -43.50
C ILE A 733 -38.36 -15.91 -42.48
N VAL A 734 -38.22 -15.40 -41.28
CA VAL A 734 -37.35 -16.00 -40.23
C VAL A 734 -38.25 -16.55 -39.15
N VAL A 735 -38.18 -17.85 -38.89
CA VAL A 735 -39.11 -18.56 -37.96
C VAL A 735 -38.25 -19.29 -36.95
N PRO A 736 -38.63 -19.28 -35.65
CA PRO A 736 -37.96 -20.09 -34.65
C PRO A 736 -38.31 -21.54 -34.94
N PHE A 737 -37.44 -22.48 -34.68
CA PHE A 737 -37.67 -23.86 -35.14
C PHE A 737 -36.69 -24.80 -34.45
N ASN A 738 -37.18 -25.92 -33.98
CA ASN A 738 -36.34 -26.98 -33.40
C ASN A 738 -36.53 -28.20 -34.27
N GLN A 739 -35.65 -28.44 -35.25
CA GLN A 739 -35.74 -29.59 -36.17
C GLN A 739 -35.84 -30.93 -35.41
N GLY A 740 -35.24 -31.00 -34.21
CA GLY A 740 -35.43 -32.07 -33.21
C GLY A 740 -36.89 -32.29 -32.76
N SER A 741 -37.80 -31.34 -32.91
CA SER A 741 -39.23 -31.54 -32.55
C SER A 741 -40.00 -31.98 -33.80
N LYS A 742 -40.80 -33.04 -33.74
CA LYS A 742 -41.58 -33.45 -34.94
C LYS A 742 -42.80 -32.57 -35.01
N GLN A 743 -43.30 -32.14 -33.85
CA GLN A 743 -44.43 -31.19 -33.75
C GLN A 743 -44.07 -29.87 -34.47
N ASP A 744 -42.87 -29.34 -34.24
CA ASP A 744 -42.31 -28.16 -34.95
C ASP A 744 -42.23 -28.41 -36.44
N VAL A 745 -41.78 -29.58 -36.87
CA VAL A 745 -41.63 -29.90 -38.31
C VAL A 745 -43.01 -29.89 -38.97
N GLU A 746 -44.02 -30.43 -38.33
CA GLU A 746 -45.36 -30.51 -38.97
C GLU A 746 -45.92 -29.10 -39.07
N ALA A 747 -45.83 -28.35 -37.96
CA ALA A 747 -46.31 -26.97 -37.82
C ALA A 747 -45.67 -26.13 -38.91
N LEU A 748 -44.34 -26.15 -39.00
CA LEU A 748 -43.57 -25.31 -39.96
C LEU A 748 -44.08 -25.57 -41.37
N ILE A 749 -44.35 -26.81 -41.74
CA ILE A 749 -44.75 -27.11 -43.14
C ILE A 749 -46.23 -26.79 -43.29
N GLU A 750 -47.06 -26.97 -42.25
CA GLU A 750 -48.48 -26.51 -42.24
C GLU A 750 -48.51 -25.00 -42.51
N PHE A 751 -47.71 -24.27 -41.75
CA PHE A 751 -47.57 -22.80 -41.80
C PHE A 751 -47.16 -22.35 -43.19
N ILE A 752 -46.15 -22.97 -43.77
CA ILE A 752 -45.68 -22.60 -45.13
C ILE A 752 -46.85 -22.81 -46.07
N TYR A 753 -47.55 -23.93 -45.99
CA TYR A 753 -48.50 -24.38 -47.04
C TYR A 753 -49.88 -23.80 -46.83
N ASP A 754 -50.25 -23.46 -45.59
CA ASP A 754 -51.62 -22.98 -45.24
C ASP A 754 -51.84 -21.63 -45.91
N THR A 755 -53.09 -21.31 -46.22
CA THR A 755 -53.48 -20.05 -46.90
C THR A 755 -53.28 -18.87 -45.94
N GLU A 756 -53.10 -17.67 -46.49
CA GLU A 756 -52.87 -16.42 -45.71
C GLU A 756 -54.10 -16.09 -44.86
N LYS A 757 -55.30 -16.51 -45.27
CA LYS A 757 -56.55 -16.39 -44.48
C LYS A 757 -56.36 -17.14 -43.14
N ASN A 758 -55.83 -18.35 -43.19
CA ASN A 758 -55.60 -19.22 -42.01
C ASN A 758 -54.32 -18.82 -41.26
N GLY A 759 -53.55 -17.86 -41.76
CA GLY A 759 -52.38 -17.29 -41.07
C GLY A 759 -51.09 -17.96 -41.47
N GLY A 760 -51.05 -18.52 -42.68
CA GLY A 760 -49.85 -19.13 -43.28
C GLY A 760 -49.25 -18.26 -44.38
N LEU A 761 -48.34 -18.82 -45.17
CA LEU A 761 -47.65 -18.12 -46.27
C LEU A 761 -48.36 -18.38 -47.59
N GLY A 762 -49.06 -19.50 -47.70
CA GLY A 762 -49.71 -19.92 -48.95
C GLY A 762 -48.68 -20.08 -50.03
N TRP A 763 -47.50 -20.56 -49.64
CA TRP A 763 -46.39 -20.92 -50.56
C TRP A 763 -46.55 -22.37 -50.96
N ASP A 764 -45.70 -22.79 -51.88
CA ASP A 764 -45.52 -24.20 -52.29
C ASP A 764 -44.01 -24.37 -52.56
N LEU A 765 -43.31 -25.20 -51.78
CA LEU A 765 -41.82 -25.22 -51.78
C LEU A 765 -41.31 -25.70 -53.13
N ASP A 766 -40.26 -25.08 -53.64
CA ASP A 766 -39.49 -25.54 -54.83
C ASP A 766 -38.19 -26.21 -54.41
N ALA A 767 -37.68 -25.89 -53.23
CA ALA A 767 -36.41 -26.45 -52.73
C ALA A 767 -36.49 -26.56 -51.22
N ILE A 768 -35.93 -27.62 -50.68
CA ILE A 768 -35.73 -27.81 -49.21
C ILE A 768 -34.24 -28.02 -49.02
N ILE A 769 -33.63 -27.35 -48.05
CA ILE A 769 -32.17 -27.40 -47.78
C ILE A 769 -31.98 -27.63 -46.28
N PRO A 770 -32.07 -28.89 -45.82
CA PRO A 770 -32.07 -29.18 -44.39
C PRO A 770 -30.65 -29.38 -43.85
N PHE A 771 -29.97 -28.28 -43.59
CA PHE A 771 -28.57 -28.24 -43.15
C PHE A 771 -28.46 -28.20 -41.63
N ALA A 772 -29.58 -28.06 -40.89
CA ALA A 772 -29.54 -28.11 -39.41
C ALA A 772 -28.75 -29.35 -38.98
N ALA A 773 -28.04 -29.22 -37.85
CA ALA A 773 -27.10 -30.22 -37.31
C ALA A 773 -26.47 -29.69 -36.03
N ILE A 774 -26.31 -30.55 -35.03
CA ILE A 774 -25.56 -30.20 -33.80
C ILE A 774 -24.26 -30.98 -33.80
N PRO A 775 -23.15 -30.36 -33.31
CA PRO A 775 -21.86 -31.02 -33.31
C PRO A 775 -21.77 -32.04 -32.17
N GLU A 776 -21.10 -33.16 -32.45
CA GLU A 776 -20.57 -34.15 -31.47
C GLU A 776 -19.06 -34.27 -31.68
N GLN A 777 -18.27 -34.05 -30.63
CA GLN A 777 -16.81 -34.28 -30.65
C GLN A 777 -16.53 -35.23 -29.49
N GLY A 778 -15.57 -36.15 -29.67
CA GLY A 778 -15.17 -37.11 -28.63
C GLY A 778 -16.34 -37.92 -28.13
N ILE A 779 -17.28 -38.25 -29.01
CA ILE A 779 -18.35 -39.23 -28.72
C ILE A 779 -18.11 -40.43 -29.65
N GLU A 780 -17.33 -41.39 -29.15
CA GLU A 780 -17.06 -42.70 -29.77
C GLU A 780 -18.23 -43.63 -29.43
N LEU A 781 -18.18 -44.88 -29.90
CA LEU A 781 -19.27 -45.87 -29.76
C LEU A 781 -19.73 -46.00 -28.31
N GLU A 782 -18.82 -46.27 -27.37
CA GLU A 782 -19.22 -46.46 -25.94
C GLU A 782 -19.91 -45.20 -25.37
N HIS A 783 -19.70 -44.01 -25.93
CA HIS A 783 -20.21 -42.73 -25.40
C HIS A 783 -21.52 -42.30 -26.05
N ILE A 784 -22.11 -43.10 -26.94
CA ILE A 784 -23.36 -42.71 -27.68
C ILE A 784 -24.53 -42.74 -26.70
N ASP A 785 -25.21 -41.63 -26.51
CA ASP A 785 -26.26 -41.52 -25.47
C ASP A 785 -27.35 -40.55 -25.95
N SER A 786 -27.80 -39.63 -25.11
CA SER A 786 -29.06 -38.88 -25.31
C SER A 786 -28.83 -37.87 -26.41
N LYS A 787 -27.71 -37.14 -26.32
CA LYS A 787 -27.27 -36.13 -27.31
C LYS A 787 -27.18 -36.75 -28.70
N SER A 788 -26.48 -37.88 -28.83
CA SER A 788 -26.21 -38.50 -30.15
C SER A 788 -27.52 -38.98 -30.77
N GLU A 789 -28.45 -39.48 -29.94
CA GLU A 789 -29.77 -39.98 -30.39
C GLU A 789 -30.63 -38.79 -30.80
N PHE A 790 -30.53 -37.68 -30.08
CA PHE A 790 -31.25 -36.43 -30.40
C PHE A 790 -30.71 -35.85 -31.69
N ALA A 791 -29.39 -35.76 -31.81
CA ALA A 791 -28.68 -35.28 -33.01
C ALA A 791 -29.11 -36.09 -34.23
N HIS A 792 -29.21 -37.42 -34.11
CA HIS A 792 -29.64 -38.33 -35.20
C HIS A 792 -31.08 -37.97 -35.58
N ARG A 793 -31.91 -37.54 -34.64
CA ARG A 793 -33.32 -37.17 -34.92
C ARG A 793 -33.35 -35.91 -35.77
N ILE A 794 -32.53 -34.92 -35.42
CA ILE A 794 -32.36 -33.66 -36.19
C ILE A 794 -31.87 -33.97 -37.60
N MET A 795 -30.90 -34.86 -37.74
CA MET A 795 -30.03 -34.90 -38.94
C MET A 795 -30.44 -35.98 -39.94
N LEU A 796 -31.31 -36.90 -39.51
CA LEU A 796 -31.88 -37.97 -40.38
C LEU A 796 -33.39 -38.04 -40.17
N THR A 797 -33.84 -38.55 -39.04
CA THR A 797 -35.26 -38.91 -38.82
C THR A 797 -36.15 -37.75 -39.26
N ASN A 798 -35.96 -36.57 -38.68
CA ASN A 798 -36.86 -35.41 -38.90
C ASN A 798 -36.61 -34.76 -40.25
N ILE A 799 -35.51 -35.04 -40.93
CA ILE A 799 -35.34 -34.61 -42.35
C ILE A 799 -36.27 -35.45 -43.20
N LEU A 800 -36.42 -36.73 -42.85
CA LEU A 800 -37.34 -37.66 -43.55
C LEU A 800 -38.76 -37.20 -43.31
N ARG A 801 -39.06 -36.78 -42.08
CA ARG A 801 -40.40 -36.28 -41.67
C ARG A 801 -40.72 -34.93 -42.33
N MET A 802 -39.77 -34.01 -42.54
CA MET A 802 -39.98 -32.77 -43.32
C MET A 802 -40.36 -33.14 -44.76
N MET A 803 -39.55 -33.97 -45.39
CA MET A 803 -39.81 -34.47 -46.76
C MET A 803 -41.20 -35.14 -46.77
N GLY A 804 -41.58 -35.81 -45.70
CA GLY A 804 -42.88 -36.48 -45.65
C GLY A 804 -43.98 -35.47 -45.67
N CYS A 805 -43.93 -34.54 -44.73
CA CYS A 805 -44.88 -33.42 -44.51
C CYS A 805 -45.07 -32.62 -45.79
N VAL A 806 -43.98 -32.33 -46.49
CA VAL A 806 -44.03 -31.56 -47.77
C VAL A 806 -44.76 -32.40 -48.80
N LYS A 807 -44.56 -33.71 -48.78
CA LYS A 807 -45.16 -34.62 -49.76
C LYS A 807 -46.67 -34.68 -49.52
N LYS A 808 -47.08 -34.75 -48.25
CA LYS A 808 -48.51 -34.82 -47.86
C LYS A 808 -49.23 -33.52 -48.21
N GLN A 809 -48.57 -32.38 -48.06
CA GLN A 809 -49.18 -31.06 -48.36
C GLN A 809 -49.33 -30.88 -49.85
N LYS A 810 -48.34 -31.33 -50.63
CA LYS A 810 -48.39 -31.20 -52.10
C LYS A 810 -49.47 -32.14 -52.63
N SER A 811 -49.58 -33.35 -52.10
CA SER A 811 -50.53 -34.38 -52.62
C SER A 811 -51.96 -34.05 -52.20
N ALA A 812 -52.16 -33.41 -51.03
CA ALA A 812 -53.47 -32.93 -50.55
C ALA A 812 -54.08 -31.97 -51.58
N ARG A 813 -53.23 -31.13 -52.19
CA ARG A 813 -53.61 -30.02 -53.10
C ARG A 813 -53.49 -30.46 -54.55
N GLY A 814 -53.29 -31.77 -54.79
CA GLY A 814 -53.12 -32.38 -56.11
C GLY A 814 -51.97 -31.76 -56.90
N ILE A 815 -50.92 -31.28 -56.21
CA ILE A 815 -49.71 -30.70 -56.86
C ILE A 815 -48.80 -31.86 -57.28
N GLU A 816 -48.77 -32.21 -58.57
CA GLU A 816 -48.01 -33.36 -59.13
C GLU A 816 -46.95 -32.89 -60.14
N THR A 817 -46.84 -31.59 -60.41
CA THR A 817 -45.97 -31.03 -61.49
C THR A 817 -45.08 -29.89 -60.98
N ARG A 818 -44.97 -29.71 -59.67
CA ARG A 818 -44.05 -28.72 -59.06
C ARG A 818 -43.26 -29.37 -57.93
N PRO A 819 -42.36 -30.32 -58.21
CA PRO A 819 -41.64 -31.00 -57.15
C PRO A 819 -40.62 -30.11 -56.45
N ALA A 820 -40.45 -30.34 -55.16
CA ALA A 820 -39.47 -29.67 -54.29
C ALA A 820 -38.14 -30.42 -54.42
N GLN A 821 -37.10 -29.72 -54.80
CA GLN A 821 -35.73 -30.27 -54.85
C GLN A 821 -35.18 -30.31 -53.43
N VAL A 822 -34.96 -31.48 -52.88
CA VAL A 822 -34.28 -31.63 -51.57
C VAL A 822 -32.77 -31.70 -51.83
N ILE A 823 -31.99 -30.77 -51.28
CA ILE A 823 -30.52 -30.79 -51.38
C ILE A 823 -30.01 -31.36 -50.08
N LEU A 824 -29.63 -32.63 -50.06
CA LEU A 824 -29.26 -33.29 -48.78
C LEU A 824 -27.81 -33.02 -48.51
N PRO A 825 -27.45 -32.61 -47.28
CA PRO A 825 -26.07 -32.36 -46.93
C PRO A 825 -25.47 -33.73 -46.64
N MET A 826 -24.97 -34.39 -47.67
CA MET A 826 -24.27 -35.68 -47.56
C MET A 826 -22.79 -35.42 -47.31
N SER A 827 -22.08 -36.45 -46.87
CA SER A 827 -20.69 -36.39 -46.34
C SER A 827 -19.89 -37.48 -47.00
N PRO A 828 -18.59 -37.29 -47.25
CA PRO A 828 -17.71 -38.37 -47.72
C PRO A 828 -17.13 -39.25 -46.59
N ASN A 829 -16.93 -38.67 -45.40
CA ASN A 829 -16.66 -39.37 -44.12
C ASN A 829 -17.82 -40.29 -43.79
N HIS A 830 -17.59 -41.60 -43.70
CA HIS A 830 -18.55 -42.59 -43.12
C HIS A 830 -17.85 -43.37 -42.01
N GLY A 831 -17.63 -42.70 -40.88
CA GLY A 831 -16.93 -43.23 -39.71
C GLY A 831 -15.44 -43.28 -39.94
N THR A 832 -14.93 -42.43 -40.84
CA THR A 832 -13.50 -42.38 -41.19
C THR A 832 -12.71 -41.71 -40.05
N PHE A 833 -13.24 -40.62 -39.48
CA PHE A 833 -12.55 -39.84 -38.42
C PHE A 833 -12.87 -40.35 -37.02
N GLY A 834 -14.14 -40.68 -36.78
CA GLY A 834 -14.57 -41.28 -35.50
C GLY A 834 -14.70 -40.23 -34.42
N GLY A 835 -15.25 -40.66 -33.29
CA GLY A 835 -15.66 -39.79 -32.17
C GLY A 835 -16.52 -38.63 -32.65
N ASP A 836 -17.54 -38.92 -33.47
CA ASP A 836 -18.53 -37.92 -33.96
C ASP A 836 -19.95 -38.44 -33.70
N GLY A 837 -20.18 -39.19 -32.63
CA GLY A 837 -21.50 -39.73 -32.26
C GLY A 837 -22.09 -40.60 -33.36
N MET A 838 -23.26 -40.19 -33.86
CA MET A 838 -23.99 -40.86 -34.94
C MET A 838 -24.14 -39.89 -36.11
N TYR A 839 -23.20 -38.96 -36.26
CA TYR A 839 -23.09 -38.07 -37.44
C TYR A 839 -22.99 -38.96 -38.68
N SER A 840 -22.10 -39.94 -38.66
CA SER A 840 -21.78 -40.77 -39.84
C SER A 840 -22.97 -41.67 -40.17
N GLU A 841 -23.62 -42.19 -39.15
CA GLU A 841 -24.85 -42.99 -39.29
C GLU A 841 -25.89 -42.11 -39.98
N SER A 842 -26.11 -40.89 -39.48
CA SER A 842 -27.10 -39.94 -40.01
C SER A 842 -26.83 -39.65 -41.49
N LYS A 843 -25.63 -39.22 -41.83
CA LYS A 843 -25.27 -38.85 -43.22
C LYS A 843 -25.35 -40.01 -44.20
N LEU A 844 -24.95 -41.21 -43.78
CA LEU A 844 -24.94 -42.39 -44.69
C LEU A 844 -26.39 -42.79 -44.94
N SER A 845 -27.22 -42.77 -43.91
CA SER A 845 -28.64 -43.19 -43.97
C SER A 845 -29.42 -42.32 -44.97
N LEU A 846 -29.07 -41.03 -45.11
CA LEU A 846 -29.72 -40.11 -46.10
C LEU A 846 -29.60 -40.72 -47.51
N GLU A 847 -28.52 -41.44 -47.79
CA GLU A 847 -28.23 -42.02 -49.13
C GLU A 847 -29.25 -43.08 -49.55
N THR A 848 -30.15 -43.52 -48.66
CA THR A 848 -31.28 -44.43 -49.01
C THR A 848 -32.20 -43.70 -49.99
N LEU A 849 -32.29 -42.37 -49.89
CA LEU A 849 -33.31 -41.56 -50.62
C LEU A 849 -33.06 -41.61 -52.11
N PHE A 850 -31.85 -41.91 -52.56
CA PHE A 850 -31.58 -42.11 -53.99
C PHE A 850 -32.31 -43.34 -54.54
N ASN A 851 -32.59 -44.33 -53.69
CA ASN A 851 -33.30 -45.55 -54.16
C ASN A 851 -34.78 -45.43 -53.86
N ARG A 852 -35.13 -44.79 -52.74
CA ARG A 852 -36.54 -44.63 -52.32
C ARG A 852 -37.27 -43.74 -53.31
N TRP A 853 -36.57 -42.82 -53.98
CA TRP A 853 -37.18 -41.97 -55.04
C TRP A 853 -37.84 -42.85 -56.10
N HIS A 854 -37.14 -43.88 -56.58
CA HIS A 854 -37.65 -44.87 -57.56
C HIS A 854 -38.71 -45.78 -56.95
N SER A 855 -38.48 -46.31 -55.76
CA SER A 855 -39.30 -47.42 -55.17
C SER A 855 -40.65 -46.92 -54.64
N GLU A 856 -40.71 -45.79 -53.97
CA GLU A 856 -41.95 -45.27 -53.32
C GLU A 856 -42.73 -44.37 -54.30
N SER A 857 -43.74 -43.64 -53.80
CA SER A 857 -44.73 -42.87 -54.60
C SER A 857 -44.60 -41.35 -54.35
N TRP A 858 -43.41 -40.86 -54.01
CA TRP A 858 -43.21 -39.44 -53.70
C TRP A 858 -42.31 -38.77 -54.75
N ALA A 859 -42.05 -39.43 -55.88
CA ALA A 859 -41.16 -38.93 -56.95
C ALA A 859 -41.68 -37.61 -57.54
N ASN A 860 -43.00 -37.43 -57.64
CA ASN A 860 -43.59 -36.27 -58.33
C ASN A 860 -43.63 -35.08 -57.37
N GLN A 861 -43.46 -35.30 -56.08
CA GLN A 861 -43.53 -34.23 -55.05
C GLN A 861 -42.13 -33.79 -54.64
N LEU A 862 -41.15 -34.69 -54.62
CA LEU A 862 -39.79 -34.36 -54.16
C LEU A 862 -38.78 -34.88 -55.16
N THR A 863 -37.68 -34.18 -55.33
CA THR A 863 -36.51 -34.67 -56.08
C THR A 863 -35.31 -34.63 -55.15
N VAL A 864 -34.54 -35.70 -55.16
CA VAL A 864 -33.31 -35.82 -54.33
C VAL A 864 -32.12 -35.25 -55.10
N CYS A 865 -31.36 -34.38 -54.46
CA CYS A 865 -30.13 -33.78 -55.03
C CYS A 865 -28.99 -33.81 -54.01
N GLY A 866 -28.52 -34.99 -53.64
CA GLY A 866 -27.47 -35.13 -52.63
C GLY A 866 -26.16 -34.45 -53.03
N ALA A 867 -25.59 -33.69 -52.11
CA ALA A 867 -24.35 -32.90 -52.28
C ALA A 867 -23.32 -33.42 -51.29
N ILE A 868 -22.35 -34.19 -51.77
CA ILE A 868 -21.22 -34.67 -50.92
C ILE A 868 -20.36 -33.42 -50.67
N ILE A 869 -20.50 -32.82 -49.51
CA ILE A 869 -19.87 -31.52 -49.16
C ILE A 869 -18.48 -31.80 -48.64
N GLY A 870 -17.47 -31.36 -49.38
CA GLY A 870 -16.05 -31.48 -49.01
C GLY A 870 -15.65 -30.56 -47.87
N TRP A 871 -14.34 -30.40 -47.74
CA TRP A 871 -13.68 -29.79 -46.56
C TRP A 871 -13.92 -28.29 -46.63
N THR A 872 -14.65 -27.75 -45.67
CA THR A 872 -15.08 -26.34 -45.70
C THR A 872 -14.48 -25.62 -44.50
N ARG A 873 -13.72 -24.58 -44.73
CA ARG A 873 -13.03 -23.79 -43.68
C ARG A 873 -13.99 -22.69 -43.16
N GLY A 874 -14.31 -22.66 -41.86
CA GLY A 874 -14.92 -21.49 -41.21
C GLY A 874 -16.03 -21.88 -40.26
N ALA A 880 -11.84 -25.37 -36.43
CA ALA A 880 -10.96 -26.28 -35.65
C ALA A 880 -9.80 -26.76 -36.51
N ASN A 881 -10.14 -27.31 -37.68
CA ASN A 881 -9.22 -27.93 -38.66
C ASN A 881 -8.80 -26.93 -39.74
N ASN A 882 -8.86 -25.62 -39.49
CA ASN A 882 -8.40 -24.60 -40.45
C ASN A 882 -6.88 -24.78 -40.63
N ILE A 883 -6.16 -24.94 -39.51
CA ILE A 883 -4.66 -24.91 -39.46
C ILE A 883 -4.06 -25.97 -40.38
N ILE A 884 -4.70 -27.13 -40.53
CA ILE A 884 -4.14 -28.28 -41.32
C ILE A 884 -4.58 -28.22 -42.79
N ALA A 885 -5.53 -27.36 -43.16
CA ALA A 885 -6.06 -27.23 -44.54
C ALA A 885 -4.93 -26.92 -45.53
N GLU A 886 -4.00 -26.02 -45.21
CA GLU A 886 -2.84 -25.72 -46.10
C GLU A 886 -2.03 -26.99 -46.34
N GLY A 887 -1.93 -27.85 -45.32
CA GLY A 887 -1.22 -29.14 -45.37
C GLY A 887 -1.92 -30.13 -46.25
N ILE A 888 -3.25 -30.22 -46.15
CA ILE A 888 -4.08 -31.13 -46.99
C ILE A 888 -3.96 -30.68 -48.43
N GLU A 889 -4.02 -29.37 -48.69
CA GLU A 889 -3.97 -28.80 -50.05
C GLU A 889 -2.63 -29.14 -50.74
N LYS A 890 -1.52 -29.18 -50.00
CA LYS A 890 -0.18 -29.57 -50.55
C LYS A 890 -0.23 -30.95 -51.21
N MET A 891 -1.21 -31.80 -50.85
CA MET A 891 -1.45 -33.12 -51.53
C MET A 891 -2.11 -32.96 -52.91
N GLY A 892 -2.49 -31.75 -53.33
CA GLY A 892 -3.20 -31.49 -54.61
C GLY A 892 -4.71 -31.68 -54.49
N VAL A 893 -5.21 -31.64 -53.26
CA VAL A 893 -6.64 -31.64 -52.86
C VAL A 893 -7.09 -30.18 -52.68
N ARG A 894 -8.39 -29.92 -52.76
CA ARG A 894 -8.96 -28.57 -52.58
C ARG A 894 -9.84 -28.57 -51.33
N THR A 895 -9.55 -27.64 -50.41
CA THR A 895 -10.48 -27.20 -49.35
C THR A 895 -11.18 -25.94 -49.85
N PHE A 896 -12.38 -25.69 -49.33
CA PHE A 896 -13.31 -24.65 -49.81
C PHE A 896 -13.55 -23.65 -48.69
N SER A 897 -13.64 -22.36 -49.03
CA SER A 897 -14.31 -21.36 -48.17
C SER A 897 -15.79 -21.72 -48.13
N GLN A 898 -16.52 -21.21 -47.15
CA GLN A 898 -17.99 -21.38 -47.05
C GLN A 898 -18.61 -20.73 -48.29
N LYS A 899 -17.96 -19.69 -48.81
CA LYS A 899 -18.49 -18.91 -49.94
C LYS A 899 -18.36 -19.67 -51.27
N GLU A 900 -17.22 -20.30 -51.50
CA GLU A 900 -16.97 -21.25 -52.60
C GLU A 900 -17.92 -22.44 -52.50
N MET A 901 -18.10 -23.02 -51.30
CA MET A 901 -19.05 -24.14 -51.11
C MET A 901 -20.49 -23.72 -51.37
N ALA A 902 -20.89 -22.52 -50.95
CA ALA A 902 -22.24 -21.98 -51.21
C ALA A 902 -22.43 -21.85 -52.71
N PHE A 903 -21.46 -21.26 -53.37
CA PHE A 903 -21.48 -21.12 -54.85
C PHE A 903 -21.70 -22.48 -55.48
N ASN A 904 -21.04 -23.52 -54.96
CA ASN A 904 -21.10 -24.91 -55.49
C ASN A 904 -22.51 -25.46 -55.29
N LEU A 905 -23.04 -25.37 -54.08
CA LEU A 905 -24.42 -25.80 -53.73
C LEU A 905 -25.45 -25.03 -54.58
N LEU A 906 -25.28 -23.72 -54.80
CA LEU A 906 -26.27 -22.94 -55.59
C LEU A 906 -26.16 -23.35 -57.06
N GLY A 907 -25.04 -23.94 -57.46
CA GLY A 907 -24.91 -24.61 -58.76
C GLY A 907 -25.93 -25.71 -58.95
N LEU A 908 -26.39 -26.34 -57.88
CA LEU A 908 -27.38 -27.45 -57.94
C LEU A 908 -28.80 -26.91 -58.05
N LEU A 909 -29.03 -25.60 -57.95
CA LEU A 909 -30.40 -25.03 -58.07
C LEU A 909 -30.56 -24.35 -59.43
N THR A 910 -29.48 -24.29 -60.21
CA THR A 910 -29.47 -23.77 -61.59
C THR A 910 -30.50 -24.57 -62.40
N PRO A 911 -31.14 -24.00 -63.43
CA PRO A 911 -32.24 -24.68 -64.12
C PRO A 911 -31.88 -26.01 -64.77
N GLU A 912 -30.64 -26.17 -65.21
CA GLU A 912 -30.14 -27.40 -65.90
C GLU A 912 -30.09 -28.54 -64.88
N VAL A 913 -29.47 -28.34 -63.72
CA VAL A 913 -29.39 -29.38 -62.65
C VAL A 913 -30.76 -29.59 -62.01
N VAL A 914 -31.66 -28.61 -62.01
CA VAL A 914 -33.05 -28.79 -61.48
C VAL A 914 -33.76 -29.76 -62.41
N GLU A 915 -33.76 -29.52 -63.72
CA GLU A 915 -34.45 -30.40 -64.70
C GLU A 915 -33.72 -31.76 -64.79
N LEU A 916 -32.49 -31.85 -64.30
CA LEU A 916 -31.76 -33.12 -64.17
C LEU A 916 -32.33 -33.95 -63.00
N CYS A 917 -32.41 -33.37 -61.80
CA CYS A 917 -32.97 -33.99 -60.56
C CYS A 917 -34.36 -34.61 -60.78
N GLN A 918 -35.11 -34.10 -61.77
CA GLN A 918 -36.50 -34.52 -62.07
C GLN A 918 -36.50 -35.80 -62.92
N LYS A 919 -35.41 -36.07 -63.66
CA LYS A 919 -35.25 -37.31 -64.46
C LYS A 919 -34.89 -38.48 -63.54
N SER A 920 -33.91 -38.24 -62.68
CA SER A 920 -33.34 -39.22 -61.72
C SER A 920 -32.72 -38.45 -60.57
N PRO A 921 -32.51 -39.05 -59.38
CA PRO A 921 -31.75 -38.38 -58.34
C PRO A 921 -30.33 -38.04 -58.79
N VAL A 922 -29.84 -36.89 -58.32
CA VAL A 922 -28.53 -36.29 -58.73
C VAL A 922 -27.59 -36.38 -57.56
N MET A 923 -26.44 -37.03 -57.73
CA MET A 923 -25.37 -37.02 -56.69
C MET A 923 -24.23 -36.14 -57.16
N ALA A 924 -23.93 -35.11 -56.36
CA ALA A 924 -22.91 -34.09 -56.62
C ALA A 924 -21.74 -34.28 -55.67
N ASP A 925 -20.59 -34.75 -56.16
CA ASP A 925 -19.33 -34.80 -55.37
C ASP A 925 -18.69 -33.41 -55.41
N LEU A 926 -18.80 -32.68 -54.32
CA LEU A 926 -18.16 -31.36 -54.12
C LEU A 926 -17.05 -31.54 -53.07
N ASN A 927 -16.36 -32.66 -53.12
CA ASN A 927 -15.40 -33.09 -52.08
C ASN A 927 -13.99 -32.57 -52.40
N GLY A 928 -13.79 -31.99 -53.58
CA GLY A 928 -12.51 -31.39 -53.98
C GLY A 928 -11.39 -32.42 -54.04
N GLY A 929 -11.69 -33.66 -54.43
CA GLY A 929 -10.69 -34.70 -54.67
C GLY A 929 -10.14 -35.29 -53.38
N LEU A 930 -10.71 -34.94 -52.24
CA LEU A 930 -10.22 -35.41 -50.92
C LEU A 930 -10.38 -36.93 -50.81
N GLN A 931 -11.28 -37.54 -51.58
CA GLN A 931 -11.59 -39.00 -51.54
C GLN A 931 -10.37 -39.83 -52.02
N PHE A 932 -9.46 -39.22 -52.77
CA PHE A 932 -8.25 -39.83 -53.37
C PHE A 932 -7.02 -39.72 -52.45
N VAL A 933 -7.15 -39.11 -51.27
CA VAL A 933 -6.13 -39.20 -50.18
C VAL A 933 -6.40 -40.51 -49.45
N PRO A 934 -5.43 -41.45 -49.44
CA PRO A 934 -5.59 -42.69 -48.66
C PRO A 934 -5.24 -42.43 -47.19
N GLU A 935 -5.97 -43.07 -46.27
CA GLU A 935 -5.70 -43.06 -44.80
C GLU A 935 -5.89 -41.65 -44.26
N LEU A 936 -7.05 -41.04 -44.52
CA LEU A 936 -7.27 -39.58 -44.35
C LEU A 936 -7.18 -39.19 -42.87
N LYS A 937 -7.67 -40.02 -41.95
CA LYS A 937 -7.63 -39.67 -40.50
C LYS A 937 -6.19 -39.63 -40.01
N GLU A 938 -5.38 -40.61 -40.40
CA GLU A 938 -3.96 -40.77 -39.96
C GLU A 938 -3.20 -39.60 -40.56
N PHE A 939 -3.40 -39.33 -41.86
CA PHE A 939 -2.74 -38.23 -42.61
C PHE A 939 -3.09 -36.87 -42.00
N THR A 940 -4.34 -36.68 -41.61
CA THR A 940 -4.85 -35.48 -40.90
C THR A 940 -4.19 -35.36 -39.53
N ALA A 941 -4.10 -36.45 -38.76
CA ALA A 941 -3.55 -36.48 -37.38
C ALA A 941 -2.05 -36.21 -37.41
N LYS A 942 -1.34 -36.71 -38.42
CA LYS A 942 0.11 -36.48 -38.58
C LYS A 942 0.36 -35.00 -38.86
N LEU A 943 -0.44 -34.39 -39.74
CA LEU A 943 -0.38 -32.94 -40.07
C LEU A 943 -0.57 -32.08 -38.83
N ARG A 944 -1.40 -32.51 -37.89
CA ARG A 944 -1.74 -31.71 -36.68
C ARG A 944 -0.65 -31.89 -35.61
N LYS A 945 -0.01 -33.05 -35.55
CA LYS A 945 1.20 -33.25 -34.69
C LYS A 945 2.31 -32.33 -35.21
N GLU A 946 2.77 -32.55 -36.45
CA GLU A 946 3.90 -31.81 -37.08
C GLU A 946 3.76 -30.30 -36.85
N LEU A 947 2.55 -29.77 -36.64
CA LEU A 947 2.33 -28.34 -36.34
C LEU A 947 2.32 -28.10 -34.83
N VAL A 948 1.62 -28.93 -34.07
CA VAL A 948 1.46 -28.71 -32.60
C VAL A 948 2.80 -28.97 -31.90
N GLU A 949 3.49 -30.06 -32.24
CA GLU A 949 4.82 -30.39 -31.64
C GLU A 949 5.89 -29.40 -32.15
N THR A 950 5.67 -28.69 -33.26
CA THR A 950 6.58 -27.61 -33.76
C THR A 950 6.34 -26.30 -32.99
N SER A 951 5.08 -25.95 -32.73
CA SER A 951 4.71 -24.83 -31.82
C SER A 951 5.35 -25.07 -30.45
N GLU A 952 4.97 -26.15 -29.74
CA GLU A 952 5.31 -26.30 -28.30
C GLU A 952 6.82 -26.50 -28.11
N VAL A 953 7.52 -27.04 -29.10
CA VAL A 953 9.01 -27.09 -29.08
C VAL A 953 9.51 -25.65 -29.08
N ARG A 954 9.22 -24.91 -30.15
CA ARG A 954 9.69 -23.51 -30.37
C ARG A 954 9.31 -22.64 -29.17
N LYS A 955 8.12 -22.83 -28.60
CA LYS A 955 7.65 -22.00 -27.48
C LYS A 955 8.56 -22.25 -26.27
N ALA A 956 8.84 -23.53 -25.97
CA ALA A 956 9.67 -23.96 -24.82
C ALA A 956 11.11 -23.49 -25.02
N VAL A 957 11.71 -23.75 -26.19
CA VAL A 957 13.10 -23.31 -26.52
C VAL A 957 13.23 -21.79 -26.40
N SER A 958 12.27 -21.03 -26.92
CA SER A 958 12.15 -19.55 -26.78
C SER A 958 12.05 -19.14 -25.30
N ILE A 959 11.30 -19.87 -24.46
CA ILE A 959 11.14 -19.53 -23.01
C ILE A 959 12.46 -19.82 -22.27
N GLU A 960 13.19 -20.84 -22.70
CA GLU A 960 14.46 -21.26 -22.05
C GLU A 960 15.57 -20.29 -22.42
N THR A 961 15.65 -19.82 -23.66
CA THR A 961 16.70 -18.82 -24.06
C THR A 961 16.42 -17.47 -23.39
N ALA A 962 15.16 -17.12 -23.18
CA ALA A 962 14.73 -15.91 -22.44
C ALA A 962 15.17 -16.01 -20.98
N LEU A 963 14.98 -17.18 -20.36
CA LEU A 963 15.29 -17.41 -18.91
C LEU A 963 16.80 -17.51 -18.70
N GLU A 964 17.54 -18.15 -19.62
CA GLU A 964 19.03 -18.22 -19.61
C GLU A 964 19.61 -16.81 -19.73
N HIS A 965 19.19 -16.06 -20.75
CA HIS A 965 19.61 -14.65 -21.01
C HIS A 965 19.39 -13.80 -19.75
N LYS A 966 18.24 -13.95 -19.07
CA LYS A 966 17.89 -13.12 -17.88
C LYS A 966 18.74 -13.50 -16.67
N VAL A 967 19.23 -14.75 -16.62
CA VAL A 967 20.15 -15.25 -15.55
C VAL A 967 21.54 -14.62 -15.74
N VAL A 968 22.12 -14.84 -16.92
CA VAL A 968 23.47 -14.33 -17.30
C VAL A 968 23.49 -12.80 -17.18
N ASN A 969 22.55 -12.08 -17.78
CA ASN A 969 22.62 -10.60 -17.96
C ASN A 969 21.73 -9.86 -16.96
N GLY A 970 21.09 -10.58 -16.02
CA GLY A 970 20.29 -9.98 -14.94
C GLY A 970 19.04 -9.29 -15.46
N ASN A 971 18.34 -8.58 -14.57
CA ASN A 971 17.09 -7.82 -14.85
C ASN A 971 17.39 -6.42 -15.39
N SER A 972 18.67 -5.99 -15.38
CA SER A 972 19.13 -4.62 -15.74
C SER A 972 18.94 -4.36 -17.25
N ALA A 973 19.35 -5.30 -18.11
CA ALA A 973 19.26 -5.21 -19.59
C ALA A 973 17.80 -5.38 -20.06
N ASP A 974 16.93 -5.98 -19.23
CA ASP A 974 15.50 -6.27 -19.54
C ASP A 974 14.56 -5.27 -18.83
N ALA A 975 15.09 -4.26 -18.12
CA ALA A 975 14.33 -3.20 -17.41
C ALA A 975 14.30 -1.90 -18.23
N ALA A 976 15.41 -1.57 -18.93
CA ALA A 976 15.51 -0.45 -19.89
C ALA A 976 14.69 -0.76 -21.16
N TYR A 977 14.52 -2.05 -21.49
CA TYR A 977 13.67 -2.57 -22.59
C TYR A 977 12.18 -2.36 -22.27
N ALA A 978 11.77 -2.56 -21.00
CA ALA A 978 10.35 -2.51 -20.53
C ALA A 978 9.74 -1.11 -20.77
N GLN A 979 8.60 -1.09 -21.48
CA GLN A 979 7.94 0.16 -21.97
C GLN A 979 6.71 0.42 -21.12
N VAL A 980 6.36 1.71 -20.97
CA VAL A 980 5.24 2.24 -20.12
C VAL A 980 4.00 2.44 -21.00
N GLU A 981 2.90 1.78 -20.62
CA GLU A 981 1.58 1.86 -21.29
C GLU A 981 0.81 3.02 -20.68
N ILE A 982 0.19 3.84 -21.52
CA ILE A 982 -0.77 4.93 -21.14
C ILE A 982 -2.17 4.36 -21.33
N GLN A 983 -3.02 4.48 -20.32
CA GLN A 983 -4.43 4.02 -20.38
C GLN A 983 -5.32 5.25 -20.38
N PRO A 984 -6.28 5.33 -21.31
CA PRO A 984 -7.11 6.53 -21.46
C PRO A 984 -8.04 6.79 -20.26
N ARG A 985 -8.21 8.06 -19.92
CA ARG A 985 -9.22 8.54 -18.93
C ARG A 985 -10.29 9.33 -19.69
N ALA A 986 -11.54 9.17 -19.30
CA ALA A 986 -12.70 9.79 -19.97
C ALA A 986 -12.56 11.30 -19.86
N ASN A 987 -12.31 11.97 -20.98
CA ASN A 987 -12.32 13.45 -21.06
C ASN A 987 -13.62 13.87 -21.72
N ILE A 988 -14.68 13.97 -20.91
CA ILE A 988 -16.05 14.27 -21.38
C ILE A 988 -16.06 15.70 -21.94
N GLN A 989 -16.51 15.84 -23.17
CA GLN A 989 -16.63 17.13 -23.87
C GLN A 989 -18.07 17.62 -23.86
N LEU A 990 -18.24 18.94 -24.00
CA LEU A 990 -19.57 19.60 -24.14
C LEU A 990 -20.06 19.64 -25.59
N ASP A 991 -19.23 19.24 -26.57
CA ASP A 991 -19.56 19.14 -28.02
C ASP A 991 -20.25 20.43 -28.49
N PHE A 992 -19.62 21.57 -28.20
CA PHE A 992 -20.00 22.86 -28.80
C PHE A 992 -19.84 22.76 -30.31
N PRO A 993 -20.59 23.56 -31.10
CA PRO A 993 -20.42 23.58 -32.54
C PRO A 993 -19.03 24.06 -32.95
N GLU A 994 -18.52 23.43 -34.00
CA GLU A 994 -17.17 23.62 -34.60
C GLU A 994 -17.32 24.81 -35.53
N LEU A 995 -16.71 25.93 -35.16
CA LEU A 995 -16.75 27.19 -35.91
C LEU A 995 -15.65 27.19 -36.96
N LYS A 996 -16.00 27.42 -38.21
CA LYS A 996 -15.07 27.36 -39.37
C LYS A 996 -14.42 28.73 -39.56
N PRO A 997 -13.28 28.81 -40.28
CA PRO A 997 -12.72 30.09 -40.69
C PRO A 997 -13.70 30.87 -41.58
N TYR A 998 -13.64 32.19 -41.54
CA TYR A 998 -14.68 33.07 -42.12
C TYR A 998 -14.74 32.84 -43.62
N LYS A 999 -13.59 32.65 -44.27
CA LYS A 999 -13.48 32.43 -45.73
C LYS A 999 -14.35 31.24 -46.15
N GLN A 1000 -14.43 30.16 -45.34
CA GLN A 1000 -15.17 28.89 -45.64
C GLN A 1000 -16.67 29.01 -45.37
N VAL A 1001 -17.04 29.70 -44.29
CA VAL A 1001 -18.44 29.86 -43.82
C VAL A 1001 -19.11 30.99 -44.61
N LYS A 1002 -18.33 31.71 -45.41
CA LYS A 1002 -18.81 32.75 -46.34
C LYS A 1002 -19.10 32.09 -47.71
N GLN A 1003 -18.70 30.83 -47.92
CA GLN A 1003 -18.91 30.10 -49.20
C GLN A 1003 -20.30 29.49 -49.25
N ILE A 1004 -20.84 29.02 -48.12
CA ILE A 1004 -22.13 28.28 -48.06
C ILE A 1004 -23.30 29.25 -48.30
N ALA A 1005 -23.31 30.39 -47.63
CA ALA A 1005 -24.39 31.40 -47.74
C ALA A 1005 -24.15 32.24 -49.00
N PRO A 1006 -25.23 32.73 -49.66
CA PRO A 1006 -25.06 33.67 -50.77
C PRO A 1006 -24.34 34.94 -50.29
N ALA A 1007 -23.63 35.64 -51.17
CA ALA A 1007 -22.87 36.85 -50.81
C ALA A 1007 -23.83 38.01 -50.45
N GLU A 1008 -25.07 37.95 -50.95
CA GLU A 1008 -26.11 38.99 -50.75
C GLU A 1008 -26.62 38.97 -49.31
N LEU A 1009 -26.45 37.84 -48.60
CA LEU A 1009 -27.08 37.65 -47.27
C LEU A 1009 -26.46 38.62 -46.26
N GLU A 1010 -25.24 39.10 -46.49
CA GLU A 1010 -24.55 39.97 -45.51
C GLU A 1010 -25.32 41.28 -45.37
N GLY A 1011 -25.75 41.60 -44.15
CA GLY A 1011 -26.48 42.83 -43.80
C GLY A 1011 -27.87 42.87 -44.39
N LEU A 1012 -28.42 41.73 -44.80
CA LEU A 1012 -29.81 41.62 -45.32
C LEU A 1012 -30.77 41.27 -44.18
N LEU A 1013 -30.39 40.36 -43.29
CA LEU A 1013 -31.26 39.86 -42.19
C LEU A 1013 -31.21 40.80 -40.99
N ASP A 1014 -32.38 41.11 -40.42
CA ASP A 1014 -32.52 41.70 -39.07
C ASP A 1014 -32.18 40.63 -38.05
N LEU A 1015 -31.03 40.71 -37.39
CA LEU A 1015 -30.57 39.61 -36.53
C LEU A 1015 -31.34 39.57 -35.21
N GLU A 1016 -32.11 40.58 -34.85
CA GLU A 1016 -32.99 40.50 -33.65
C GLU A 1016 -34.20 39.60 -33.95
N ARG A 1017 -34.57 39.44 -35.23
CA ARG A 1017 -35.73 38.64 -35.68
C ARG A 1017 -35.33 37.20 -36.09
N VAL A 1018 -34.05 36.83 -36.05
CA VAL A 1018 -33.57 35.44 -36.28
C VAL A 1018 -33.46 34.76 -34.92
N ILE A 1019 -34.06 33.59 -34.76
CA ILE A 1019 -34.08 32.87 -33.47
C ILE A 1019 -33.10 31.72 -33.62
N VAL A 1020 -32.16 31.59 -32.71
CA VAL A 1020 -31.16 30.51 -32.76
C VAL A 1020 -31.35 29.66 -31.53
N VAL A 1021 -30.87 28.43 -31.54
CA VAL A 1021 -30.81 27.56 -30.34
C VAL A 1021 -29.40 27.63 -29.78
N THR A 1022 -29.22 28.06 -28.55
CA THR A 1022 -27.88 28.26 -27.97
C THR A 1022 -27.55 27.17 -26.95
N GLY A 1023 -28.52 26.34 -26.59
CA GLY A 1023 -28.26 25.27 -25.64
C GLY A 1023 -29.39 24.30 -25.66
N PHE A 1024 -29.12 23.04 -25.39
CA PHE A 1024 -30.20 22.07 -25.22
C PHE A 1024 -29.76 20.98 -24.29
N ALA A 1025 -30.74 20.33 -23.70
CA ALA A 1025 -30.49 19.22 -22.77
C ALA A 1025 -31.71 18.37 -22.69
N GLU A 1026 -31.52 17.18 -22.18
CA GLU A 1026 -32.64 16.30 -21.83
C GLU A 1026 -32.27 15.39 -20.69
N VAL A 1027 -33.30 14.80 -20.15
CA VAL A 1027 -33.32 13.70 -19.16
C VAL A 1027 -34.28 12.76 -19.78
N GLY A 1028 -33.88 11.53 -20.00
CA GLY A 1028 -34.72 10.52 -20.65
C GLY A 1028 -34.06 9.18 -20.48
N PRO A 1029 -34.64 8.13 -21.06
CA PRO A 1029 -34.21 6.77 -20.82
C PRO A 1029 -32.76 6.45 -21.14
N TRP A 1030 -32.05 7.27 -21.89
CA TRP A 1030 -30.62 7.04 -22.17
C TRP A 1030 -29.75 8.12 -21.53
N GLY A 1031 -30.14 8.63 -20.37
CA GLY A 1031 -29.39 9.68 -19.66
C GLY A 1031 -29.63 11.04 -20.29
N SER A 1032 -28.54 11.76 -20.57
CA SER A 1032 -28.48 13.13 -21.12
C SER A 1032 -28.56 13.12 -22.65
N ALA A 1033 -28.49 14.26 -23.31
CA ALA A 1033 -28.50 14.31 -24.78
C ALA A 1033 -27.19 13.72 -25.32
N ARG A 1034 -26.10 13.87 -24.59
CA ARG A 1034 -24.78 13.35 -24.99
C ARG A 1034 -24.81 11.83 -25.07
N THR A 1035 -25.24 11.17 -24.00
CA THR A 1035 -25.29 9.70 -23.92
C THR A 1035 -26.37 9.16 -24.86
N ARG A 1036 -27.52 9.80 -24.92
CA ARG A 1036 -28.61 9.34 -25.80
C ARG A 1036 -28.14 9.37 -27.26
N TRP A 1037 -27.48 10.44 -27.67
CA TRP A 1037 -27.00 10.63 -29.05
C TRP A 1037 -25.93 9.58 -29.38
N GLU A 1038 -25.08 9.23 -28.43
CA GLU A 1038 -24.11 8.13 -28.65
C GLU A 1038 -24.90 6.88 -28.98
N MET A 1039 -25.92 6.57 -28.21
CA MET A 1039 -26.66 5.29 -28.32
C MET A 1039 -27.56 5.34 -29.54
N GLU A 1040 -27.98 6.52 -29.97
CA GLU A 1040 -28.89 6.69 -31.13
C GLU A 1040 -28.03 6.53 -32.37
N ALA A 1041 -26.96 7.33 -32.50
CA ALA A 1041 -26.11 7.41 -33.70
C ALA A 1041 -25.26 6.15 -33.84
N PHE A 1042 -24.53 5.76 -32.81
CA PHE A 1042 -23.49 4.70 -32.88
C PHE A 1042 -23.96 3.38 -32.29
N GLY A 1043 -25.06 3.37 -31.54
CA GLY A 1043 -25.59 2.15 -30.91
C GLY A 1043 -24.64 1.49 -29.93
N GLU A 1044 -23.67 2.22 -29.39
CA GLU A 1044 -22.73 1.72 -28.35
C GLU A 1044 -22.08 2.93 -27.69
N PHE A 1045 -21.75 2.80 -26.41
CA PHE A 1045 -21.12 3.88 -25.62
C PHE A 1045 -19.62 3.92 -25.88
N SER A 1046 -19.10 5.13 -26.02
CA SER A 1046 -17.65 5.47 -25.99
C SER A 1046 -17.21 5.44 -24.54
N LEU A 1047 -15.92 5.56 -24.28
CA LEU A 1047 -15.39 5.62 -22.88
C LEU A 1047 -16.11 6.74 -22.12
N GLU A 1048 -16.31 7.87 -22.78
CA GLU A 1048 -16.86 9.12 -22.21
C GLU A 1048 -18.34 8.88 -21.90
N GLY A 1049 -19.06 8.28 -22.86
CA GLY A 1049 -20.47 7.91 -22.69
C GLY A 1049 -20.66 6.93 -21.56
N CYS A 1050 -19.80 5.95 -21.48
CA CYS A 1050 -19.88 4.83 -20.51
C CYS A 1050 -19.62 5.31 -19.09
N VAL A 1051 -18.69 6.24 -18.93
CA VAL A 1051 -18.34 6.89 -17.64
C VAL A 1051 -19.50 7.80 -17.25
N GLU A 1052 -19.95 8.66 -18.16
CA GLU A 1052 -21.12 9.53 -17.90
C GLU A 1052 -22.32 8.68 -17.44
N MET A 1053 -22.63 7.61 -18.15
CA MET A 1053 -23.78 6.74 -17.80
C MET A 1053 -23.54 6.15 -16.42
N ALA A 1054 -22.34 5.72 -16.09
CA ALA A 1054 -22.04 5.11 -14.78
C ALA A 1054 -22.18 6.15 -13.68
N TRP A 1055 -21.78 7.39 -13.94
CA TRP A 1055 -21.94 8.50 -12.98
C TRP A 1055 -23.42 8.88 -12.75
N ILE A 1056 -24.20 8.96 -13.81
CA ILE A 1056 -25.67 9.25 -13.81
C ILE A 1056 -26.36 8.19 -12.98
N MET A 1057 -26.10 6.94 -13.28
CA MET A 1057 -26.80 5.77 -12.67
C MET A 1057 -26.31 5.52 -11.24
N GLY A 1058 -25.22 6.17 -10.85
CA GLY A 1058 -24.72 6.15 -9.47
C GLY A 1058 -23.88 4.93 -9.21
N PHE A 1059 -23.43 4.24 -10.25
CA PHE A 1059 -22.45 3.13 -10.17
C PHE A 1059 -21.08 3.60 -9.67
N ILE A 1060 -20.64 4.77 -10.10
CA ILE A 1060 -19.32 5.33 -9.72
C ILE A 1060 -19.59 6.70 -9.13
N SER A 1061 -18.72 7.10 -8.22
CA SER A 1061 -18.70 8.42 -7.58
C SER A 1061 -17.27 8.87 -7.65
N TYR A 1062 -17.02 10.14 -7.40
CA TYR A 1062 -15.64 10.66 -7.40
C TYR A 1062 -15.17 10.74 -5.96
N HIS A 1063 -13.89 10.47 -5.77
CA HIS A 1063 -13.24 10.48 -4.44
C HIS A 1063 -11.95 11.25 -4.56
N ASN A 1064 -11.70 12.19 -3.66
CA ASN A 1064 -10.40 12.89 -3.61
C ASN A 1064 -9.97 12.94 -2.16
N GLY A 1065 -8.87 12.27 -1.86
CA GLY A 1065 -8.29 12.24 -0.52
C GLY A 1065 -7.85 10.84 -0.16
N ASN A 1066 -7.81 10.58 1.15
CA ASN A 1066 -7.25 9.34 1.73
C ASN A 1066 -8.28 8.20 1.51
N LEU A 1067 -7.86 7.13 0.84
CA LEU A 1067 -8.66 5.89 0.65
C LEU A 1067 -7.80 4.66 0.95
N LYS A 1068 -8.07 4.00 2.09
CA LYS A 1068 -7.36 2.79 2.62
C LYS A 1068 -5.90 3.16 2.94
N GLY A 1069 -5.68 4.34 3.55
CA GLY A 1069 -4.34 4.81 3.96
C GLY A 1069 -3.56 5.51 2.86
N ARG A 1070 -3.61 5.00 1.62
CA ARG A 1070 -3.05 5.64 0.41
C ARG A 1070 -3.92 6.84 0.02
N PRO A 1071 -3.35 7.97 -0.49
CA PRO A 1071 -4.14 9.05 -1.08
C PRO A 1071 -4.53 8.71 -2.54
N TYR A 1072 -5.80 8.89 -2.87
CA TYR A 1072 -6.43 8.47 -4.16
C TYR A 1072 -7.38 9.54 -4.66
N THR A 1073 -7.23 9.90 -5.93
CA THR A 1073 -8.03 10.89 -6.66
C THR A 1073 -8.59 10.21 -7.91
N GLY A 1074 -9.89 9.95 -7.96
CA GLY A 1074 -10.56 9.38 -9.14
C GLY A 1074 -11.91 8.77 -8.83
N TRP A 1075 -12.35 7.87 -9.70
CA TRP A 1075 -13.64 7.16 -9.59
C TRP A 1075 -13.51 6.03 -8.56
N VAL A 1076 -14.56 5.80 -7.79
CA VAL A 1076 -14.69 4.63 -6.88
C VAL A 1076 -16.06 4.02 -7.13
N ASP A 1077 -16.22 2.72 -6.93
CA ASP A 1077 -17.55 2.09 -6.93
C ASP A 1077 -18.36 2.75 -5.80
N SER A 1078 -19.60 3.15 -6.03
CA SER A 1078 -20.39 3.93 -5.04
C SER A 1078 -20.77 3.04 -3.85
N LYS A 1079 -20.92 1.73 -4.07
CA LYS A 1079 -21.27 0.76 -2.99
C LYS A 1079 -20.03 0.49 -2.14
N THR A 1080 -19.00 -0.10 -2.77
CA THR A 1080 -17.83 -0.74 -2.10
C THR A 1080 -16.75 0.31 -1.75
N LYS A 1081 -16.69 1.39 -2.52
CA LYS A 1081 -15.66 2.48 -2.46
C LYS A 1081 -14.32 1.97 -3.01
N GLU A 1082 -14.30 0.87 -3.75
CA GLU A 1082 -13.06 0.35 -4.39
C GLU A 1082 -12.71 1.26 -5.55
N PRO A 1083 -11.44 1.67 -5.73
CA PRO A 1083 -11.09 2.53 -6.86
C PRO A 1083 -11.47 1.81 -8.15
N VAL A 1084 -11.99 2.58 -9.11
CA VAL A 1084 -12.29 2.14 -10.51
C VAL A 1084 -11.47 3.03 -11.44
N ASP A 1085 -10.85 2.43 -12.46
CA ASP A 1085 -10.18 3.14 -13.57
C ASP A 1085 -11.17 3.25 -14.73
N ASP A 1086 -11.03 4.30 -15.54
CA ASP A 1086 -11.95 4.63 -16.65
C ASP A 1086 -12.01 3.46 -17.66
N LYS A 1087 -10.88 2.87 -18.03
CA LYS A 1087 -10.83 1.66 -18.89
C LYS A 1087 -11.77 0.58 -18.32
N ASP A 1088 -11.77 0.37 -16.99
CA ASP A 1088 -12.47 -0.76 -16.32
C ASP A 1088 -13.97 -0.48 -16.17
N VAL A 1089 -14.43 0.76 -16.38
CA VAL A 1089 -15.86 1.15 -16.22
C VAL A 1089 -16.72 0.39 -17.24
N LYS A 1090 -16.21 0.16 -18.45
CA LYS A 1090 -16.95 -0.58 -19.51
C LYS A 1090 -17.10 -2.06 -19.12
N ALA A 1091 -16.02 -2.71 -18.68
CA ALA A 1091 -16.04 -4.13 -18.30
C ALA A 1091 -16.90 -4.33 -17.04
N LYS A 1092 -16.81 -3.41 -16.09
CA LYS A 1092 -17.38 -3.57 -14.73
C LYS A 1092 -18.88 -3.19 -14.72
N TYR A 1093 -19.30 -2.25 -15.56
CA TYR A 1093 -20.63 -1.59 -15.45
C TYR A 1093 -21.43 -1.66 -16.75
N GLU A 1094 -20.85 -1.63 -17.95
CA GLU A 1094 -21.62 -1.39 -19.20
C GLU A 1094 -22.81 -2.35 -19.30
N THR A 1095 -22.67 -3.62 -18.95
CA THR A 1095 -23.79 -4.60 -19.03
C THR A 1095 -24.92 -4.19 -18.07
N SER A 1096 -24.58 -3.72 -16.87
CA SER A 1096 -25.51 -3.21 -15.84
C SER A 1096 -26.16 -1.91 -16.31
N ILE A 1097 -25.41 -1.09 -17.03
CA ILE A 1097 -25.87 0.21 -17.60
C ILE A 1097 -26.89 -0.05 -18.69
N LEU A 1098 -26.59 -0.96 -19.63
CA LEU A 1098 -27.46 -1.25 -20.79
C LEU A 1098 -28.72 -1.97 -20.34
N GLU A 1099 -28.64 -2.70 -19.23
CA GLU A 1099 -29.76 -3.52 -18.74
C GLU A 1099 -30.76 -2.61 -18.05
N HIS A 1100 -30.28 -1.52 -17.46
CA HIS A 1100 -31.11 -0.62 -16.62
C HIS A 1100 -31.29 0.74 -17.28
N SER A 1101 -31.25 0.77 -18.60
CA SER A 1101 -31.44 1.99 -19.41
C SER A 1101 -32.41 1.70 -20.54
N GLY A 1102 -33.04 2.77 -21.03
CA GLY A 1102 -33.87 2.71 -22.24
C GLY A 1102 -35.16 1.94 -21.98
N ILE A 1103 -35.75 1.46 -23.06
CA ILE A 1103 -37.06 0.77 -23.02
C ILE A 1103 -36.85 -0.62 -22.44
N ARG A 1104 -37.51 -0.91 -21.34
CA ARG A 1104 -37.26 -2.11 -20.55
C ARG A 1104 -38.47 -2.36 -19.67
N LEU A 1105 -38.54 -3.51 -19.03
CA LEU A 1105 -39.64 -3.86 -18.09
C LEU A 1105 -39.74 -2.81 -16.99
N ILE A 1106 -40.95 -2.46 -16.61
CA ILE A 1106 -41.24 -1.44 -15.56
C ILE A 1106 -40.66 -1.90 -14.23
N GLU A 1107 -39.79 -1.08 -13.67
CA GLU A 1107 -39.09 -1.33 -12.38
C GLU A 1107 -39.96 -0.74 -11.29
N PRO A 1108 -40.59 -1.52 -10.39
CA PRO A 1108 -41.48 -0.95 -9.36
C PRO A 1108 -40.87 0.04 -8.37
N GLU A 1109 -39.57 -0.06 -8.13
CA GLU A 1109 -38.78 0.79 -7.20
C GLU A 1109 -38.78 2.22 -7.75
N LEU A 1110 -38.89 2.38 -9.06
CA LEU A 1110 -38.91 3.70 -9.74
C LEU A 1110 -40.29 4.32 -9.71
N PHE A 1111 -41.37 3.56 -9.50
CA PHE A 1111 -42.77 4.06 -9.62
C PHE A 1111 -43.57 3.78 -8.35
N ASN A 1112 -42.97 4.03 -7.19
CA ASN A 1112 -43.70 4.05 -5.89
C ASN A 1112 -44.33 2.66 -5.70
N GLY A 1113 -43.60 1.61 -6.03
CA GLY A 1113 -44.05 0.21 -5.87
C GLY A 1113 -44.91 -0.34 -7.02
N TYR A 1114 -45.36 0.50 -7.95
CA TYR A 1114 -46.30 0.11 -9.04
C TYR A 1114 -45.80 -1.12 -9.77
N ASN A 1115 -46.55 -2.21 -9.69
CA ASN A 1115 -46.23 -3.46 -10.42
C ASN A 1115 -47.39 -3.80 -11.32
N PRO A 1116 -47.30 -3.61 -12.65
CA PRO A 1116 -48.43 -3.86 -13.54
C PRO A 1116 -48.89 -5.33 -13.63
N GLU A 1117 -48.06 -6.26 -13.16
CA GLU A 1117 -48.47 -7.66 -12.95
C GLU A 1117 -49.58 -7.66 -11.89
N LYS A 1118 -49.34 -7.01 -10.76
CA LYS A 1118 -50.28 -6.95 -9.62
C LYS A 1118 -50.77 -5.53 -9.49
N LYS A 1119 -51.77 -5.15 -10.27
CA LYS A 1119 -52.28 -3.77 -10.24
C LYS A 1119 -53.46 -3.70 -9.25
N GLU A 1120 -53.27 -3.01 -8.13
CA GLU A 1120 -54.24 -2.85 -7.01
C GLU A 1120 -55.53 -2.16 -7.49
N MET A 1121 -56.68 -2.63 -6.99
CA MET A 1121 -58.03 -2.03 -7.13
C MET A 1121 -58.78 -2.28 -5.81
N ILE A 1122 -59.96 -1.71 -5.64
CA ILE A 1122 -60.84 -2.07 -4.49
C ILE A 1122 -62.24 -2.35 -5.04
N GLN A 1123 -62.84 -3.44 -4.59
CA GLN A 1123 -64.24 -3.78 -4.87
C GLN A 1123 -65.07 -3.45 -3.62
N GLU A 1124 -66.17 -2.73 -3.82
CA GLU A 1124 -67.24 -2.48 -2.82
C GLU A 1124 -68.02 -3.77 -2.62
N VAL A 1125 -68.22 -4.16 -1.36
CA VAL A 1125 -69.05 -5.34 -0.99
C VAL A 1125 -69.99 -4.92 0.14
N ILE A 1126 -71.24 -5.41 0.10
CA ILE A 1126 -72.19 -5.26 1.23
C ILE A 1126 -71.95 -6.48 2.11
N VAL A 1127 -71.51 -6.25 3.34
CA VAL A 1127 -71.19 -7.33 4.32
C VAL A 1127 -72.51 -8.00 4.75
N GLU A 1128 -72.49 -9.32 4.90
CA GLU A 1128 -73.69 -10.19 5.11
C GLU A 1128 -73.82 -10.60 6.59
N GLU A 1129 -72.75 -10.50 7.38
CA GLU A 1129 -72.76 -10.76 8.85
C GLU A 1129 -71.91 -9.68 9.52
N ASP A 1130 -72.15 -9.40 10.80
CA ASP A 1130 -71.46 -8.36 11.59
C ASP A 1130 -69.97 -8.72 11.71
N LEU A 1131 -69.10 -7.71 11.65
CA LEU A 1131 -67.64 -7.90 11.86
C LEU A 1131 -67.37 -7.98 13.37
N GLU A 1132 -66.18 -8.46 13.71
CA GLU A 1132 -65.62 -8.31 15.08
C GLU A 1132 -65.41 -6.82 15.31
N PRO A 1133 -65.76 -6.30 16.51
CA PRO A 1133 -65.35 -4.95 16.88
C PRO A 1133 -63.83 -4.79 16.80
N PHE A 1134 -63.38 -3.60 16.39
CA PHE A 1134 -61.96 -3.19 16.49
C PHE A 1134 -61.91 -1.86 17.23
N GLU A 1135 -60.80 -1.64 17.94
CA GLU A 1135 -60.54 -0.37 18.64
C GLU A 1135 -60.25 0.71 17.59
N ALA A 1136 -60.62 1.95 17.90
CA ALA A 1136 -60.31 3.16 17.11
C ALA A 1136 -60.31 4.35 18.07
N SER A 1137 -59.65 5.45 17.68
CA SER A 1137 -59.72 6.72 18.45
C SER A 1137 -61.17 7.16 18.48
N LYS A 1138 -61.51 8.15 19.30
CA LYS A 1138 -62.87 8.73 19.33
C LYS A 1138 -63.14 9.38 17.97
N GLU A 1139 -62.27 10.30 17.52
CA GLU A 1139 -62.47 11.06 16.25
C GLU A 1139 -62.62 10.08 15.09
N THR A 1140 -61.81 9.01 15.02
CA THR A 1140 -61.89 8.01 13.93
C THR A 1140 -63.26 7.32 13.99
N ALA A 1141 -63.67 6.83 15.17
CA ALA A 1141 -64.95 6.13 15.38
C ALA A 1141 -66.11 7.05 14.97
N GLU A 1142 -66.05 8.32 15.36
CA GLU A 1142 -67.10 9.32 14.98
C GLU A 1142 -67.22 9.37 13.45
N GLN A 1143 -66.08 9.37 12.76
CA GLN A 1143 -65.99 9.41 11.27
C GLN A 1143 -66.55 8.13 10.66
N PHE A 1144 -66.40 6.98 11.33
CA PHE A 1144 -67.03 5.71 10.92
C PHE A 1144 -68.55 5.84 11.07
N LYS A 1145 -69.00 6.36 12.21
CA LYS A 1145 -70.44 6.53 12.56
C LYS A 1145 -71.11 7.42 11.51
N HIS A 1146 -70.48 8.55 11.21
CA HIS A 1146 -70.99 9.57 10.25
C HIS A 1146 -71.22 8.86 8.92
N GLN A 1147 -70.21 8.14 8.43
CA GLN A 1147 -70.19 7.51 7.08
C GLN A 1147 -71.29 6.45 7.01
N HIS A 1148 -71.29 5.51 7.96
CA HIS A 1148 -72.12 4.26 7.91
C HIS A 1148 -73.55 4.49 8.41
N GLY A 1149 -73.75 5.43 9.31
CA GLY A 1149 -75.07 5.67 9.94
C GLY A 1149 -75.40 4.52 10.88
N ASP A 1150 -76.63 4.02 10.83
CA ASP A 1150 -77.09 2.93 11.74
C ASP A 1150 -76.37 1.62 11.46
N LYS A 1151 -75.66 1.50 10.34
CA LYS A 1151 -74.97 0.25 9.92
C LYS A 1151 -73.62 0.12 10.63
N VAL A 1152 -73.37 0.91 11.67
CA VAL A 1152 -72.18 0.74 12.55
C VAL A 1152 -72.60 1.15 13.95
N ASP A 1153 -72.05 0.49 14.98
CA ASP A 1153 -72.22 0.88 16.40
C ASP A 1153 -70.83 1.21 16.94
N ILE A 1154 -70.65 2.43 17.44
CA ILE A 1154 -69.41 2.85 18.14
C ILE A 1154 -69.76 3.03 19.61
N PHE A 1155 -68.90 2.52 20.50
CA PHE A 1155 -69.11 2.50 21.97
C PHE A 1155 -67.81 2.85 22.67
N GLU A 1156 -67.85 3.85 23.55
CA GLU A 1156 -66.67 4.22 24.37
C GLU A 1156 -66.29 3.00 25.22
N ILE A 1157 -64.99 2.81 25.43
CA ILE A 1157 -64.39 1.88 26.43
C ILE A 1157 -63.99 2.74 27.62
N PRO A 1158 -64.70 2.66 28.78
CA PRO A 1158 -64.43 3.54 29.92
C PRO A 1158 -62.99 3.48 30.45
N GLU A 1159 -62.41 2.26 30.47
CA GLU A 1159 -61.06 1.94 30.99
C GLU A 1159 -60.03 2.88 30.35
N THR A 1160 -59.91 2.82 29.02
CA THR A 1160 -58.78 3.37 28.21
C THR A 1160 -59.18 4.68 27.50
N GLY A 1161 -60.48 4.98 27.34
CA GLY A 1161 -60.98 6.21 26.69
C GLY A 1161 -61.06 6.11 25.16
N GLU A 1162 -60.69 4.95 24.60
CA GLU A 1162 -60.77 4.58 23.16
C GLU A 1162 -62.17 4.02 22.86
N TYR A 1163 -62.50 3.80 21.59
CA TYR A 1163 -63.84 3.38 21.13
C TYR A 1163 -63.76 2.07 20.35
N SER A 1164 -64.83 1.29 20.40
CA SER A 1164 -64.96 -0.03 19.74
C SER A 1164 -65.95 0.13 18.58
N VAL A 1165 -65.48 -0.08 17.36
CA VAL A 1165 -66.25 0.10 16.10
C VAL A 1165 -66.72 -1.28 15.66
N LYS A 1166 -68.04 -1.49 15.60
CA LYS A 1166 -68.64 -2.76 15.12
C LYS A 1166 -69.39 -2.46 13.82
N LEU A 1167 -68.91 -3.00 12.69
CA LEU A 1167 -69.60 -2.86 11.37
C LEU A 1167 -70.74 -3.87 11.37
N LEU A 1168 -71.98 -3.42 11.16
CA LEU A 1168 -73.18 -4.29 11.19
C LEU A 1168 -73.47 -4.80 9.78
N LYS A 1169 -74.30 -5.84 9.69
CA LYS A 1169 -74.85 -6.39 8.43
C LYS A 1169 -75.45 -5.25 7.60
N GLY A 1170 -75.12 -5.21 6.30
CA GLY A 1170 -75.64 -4.21 5.33
C GLY A 1170 -74.70 -3.03 5.14
N ALA A 1171 -73.59 -2.99 5.89
CA ALA A 1171 -72.57 -1.93 5.79
C ALA A 1171 -71.72 -2.17 4.54
N THR A 1172 -71.39 -1.07 3.84
CA THR A 1172 -70.50 -1.05 2.66
C THR A 1172 -69.04 -1.10 3.12
N LEU A 1173 -68.27 -2.02 2.54
CA LEU A 1173 -66.85 -2.29 2.88
C LEU A 1173 -66.08 -2.34 1.55
N TYR A 1174 -64.76 -2.13 1.53
CA TYR A 1174 -63.94 -2.18 0.29
C TYR A 1174 -62.82 -3.18 0.45
N ILE A 1175 -62.87 -4.24 -0.35
CA ILE A 1175 -61.87 -5.35 -0.32
C ILE A 1175 -60.90 -5.12 -1.46
N PRO A 1176 -59.61 -4.91 -1.17
CA PRO A 1176 -58.56 -4.90 -2.18
C PRO A 1176 -58.47 -6.14 -3.08
N LYS A 1177 -58.38 -5.94 -4.40
CA LYS A 1177 -58.07 -7.02 -5.38
C LYS A 1177 -57.04 -6.52 -6.40
N ALA A 1178 -56.45 -7.44 -7.16
CA ALA A 1178 -55.31 -7.17 -8.05
C ALA A 1178 -55.67 -7.66 -9.45
N LEU A 1179 -55.52 -6.78 -10.42
CA LEU A 1179 -55.70 -7.06 -11.85
C LEU A 1179 -54.31 -7.29 -12.47
N ARG A 1180 -54.14 -8.26 -13.36
CA ARG A 1180 -52.87 -8.47 -14.15
C ARG A 1180 -53.02 -7.60 -15.40
N PHE A 1181 -52.30 -6.49 -15.47
CA PHE A 1181 -52.31 -5.54 -16.61
C PHE A 1181 -51.22 -5.95 -17.61
N ASP A 1182 -51.43 -5.65 -18.88
CA ASP A 1182 -50.70 -6.23 -20.04
C ASP A 1182 -49.60 -5.30 -20.56
N ARG A 1183 -49.49 -4.06 -20.06
CA ARG A 1183 -48.40 -3.11 -20.44
C ARG A 1183 -47.28 -3.16 -19.39
N LEU A 1184 -46.22 -3.89 -19.68
CA LEU A 1184 -45.21 -4.26 -18.68
C LEU A 1184 -43.91 -3.50 -18.89
N VAL A 1185 -43.81 -2.79 -20.01
CA VAL A 1185 -42.55 -2.20 -20.51
C VAL A 1185 -42.76 -0.71 -20.63
N ALA A 1186 -41.70 0.06 -20.40
CA ALA A 1186 -41.68 1.51 -20.63
C ALA A 1186 -40.25 1.99 -20.78
N GLY A 1187 -40.10 3.10 -21.52
CA GLY A 1187 -38.91 3.94 -21.51
C GLY A 1187 -38.80 4.66 -20.19
N GLN A 1188 -37.82 4.31 -19.38
CA GLN A 1188 -37.72 4.83 -18.00
C GLN A 1188 -36.30 5.36 -17.83
N ILE A 1189 -36.21 6.53 -17.23
CA ILE A 1189 -34.93 7.18 -16.91
C ILE A 1189 -34.05 6.17 -16.21
N PRO A 1190 -32.77 6.02 -16.60
CA PRO A 1190 -31.91 4.95 -16.12
C PRO A 1190 -32.04 4.71 -14.62
N THR A 1191 -31.92 3.46 -14.21
CA THR A 1191 -32.03 3.10 -12.78
C THR A 1191 -30.83 3.67 -12.02
N GLY A 1192 -31.11 4.30 -10.89
CA GLY A 1192 -30.12 4.94 -10.03
C GLY A 1192 -29.96 6.41 -10.35
N TRP A 1193 -30.66 6.91 -11.36
CA TRP A 1193 -30.73 8.35 -11.63
C TRP A 1193 -31.26 8.99 -10.36
N ASN A 1194 -30.71 10.13 -9.99
CA ASN A 1194 -31.04 10.76 -8.70
C ASN A 1194 -30.73 12.24 -8.83
N ALA A 1195 -31.69 13.10 -8.57
CA ALA A 1195 -31.51 14.56 -8.66
C ALA A 1195 -30.41 15.00 -7.69
N LYS A 1196 -30.13 14.25 -6.63
CA LYS A 1196 -29.05 14.61 -5.67
C LYS A 1196 -27.68 14.53 -6.32
N THR A 1197 -27.54 13.72 -7.36
CA THR A 1197 -26.29 13.55 -8.13
C THR A 1197 -25.95 14.85 -8.84
N TYR A 1198 -26.94 15.57 -9.34
CA TYR A 1198 -26.73 16.84 -10.06
C TYR A 1198 -26.64 17.97 -9.05
N GLY A 1199 -27.04 17.73 -7.81
CA GLY A 1199 -26.78 18.68 -6.73
C GLY A 1199 -28.03 19.37 -6.24
N ILE A 1200 -29.19 18.86 -6.63
CA ILE A 1200 -30.49 19.34 -6.10
C ILE A 1200 -30.56 18.86 -4.66
N SER A 1201 -30.93 19.75 -3.75
CA SER A 1201 -31.03 19.48 -2.29
C SER A 1201 -32.21 18.56 -2.00
N ASP A 1202 -32.23 17.94 -0.82
CA ASP A 1202 -33.32 17.05 -0.33
C ASP A 1202 -34.62 17.84 -0.13
N ASP A 1203 -34.55 19.05 0.44
CA ASP A 1203 -35.75 19.90 0.71
C ASP A 1203 -36.52 20.20 -0.58
N ILE A 1204 -35.84 20.35 -1.71
CA ILE A 1204 -36.47 20.55 -3.04
C ILE A 1204 -37.05 19.21 -3.49
N ILE A 1205 -36.34 18.12 -3.28
CA ILE A 1205 -36.79 16.77 -3.76
C ILE A 1205 -38.07 16.37 -3.03
N SER A 1206 -38.11 16.65 -1.73
CA SER A 1206 -39.22 16.29 -0.83
C SER A 1206 -40.47 17.13 -1.11
N GLN A 1207 -40.29 18.32 -1.69
CA GLN A 1207 -41.35 19.33 -1.97
C GLN A 1207 -42.03 18.97 -3.30
N VAL A 1208 -41.25 18.81 -4.36
CA VAL A 1208 -41.74 18.90 -5.77
C VAL A 1208 -42.04 17.50 -6.33
N ASP A 1209 -42.92 17.48 -7.34
CA ASP A 1209 -43.22 16.29 -8.19
C ASP A 1209 -41.93 15.81 -8.83
N PRO A 1210 -41.75 14.50 -9.02
CA PRO A 1210 -40.59 13.99 -9.76
C PRO A 1210 -40.33 14.66 -11.12
N ILE A 1211 -41.38 15.04 -11.83
CA ILE A 1211 -41.26 15.65 -13.18
C ILE A 1211 -40.48 16.98 -13.08
N THR A 1212 -40.73 17.77 -12.07
CA THR A 1212 -39.97 19.00 -11.79
C THR A 1212 -38.47 18.71 -11.74
N LEU A 1213 -38.03 17.58 -11.17
CA LEU A 1213 -36.58 17.27 -11.02
C LEU A 1213 -35.94 17.06 -12.39
N PHE A 1214 -36.63 16.40 -13.30
CA PHE A 1214 -36.20 16.23 -14.70
C PHE A 1214 -36.10 17.60 -15.36
N VAL A 1215 -36.96 18.52 -15.01
CA VAL A 1215 -36.94 19.86 -15.65
C VAL A 1215 -35.76 20.63 -15.09
N LEU A 1216 -35.51 20.56 -13.79
CA LEU A 1216 -34.48 21.44 -13.20
C LEU A 1216 -33.15 21.02 -13.79
N VAL A 1217 -32.93 19.72 -13.89
CA VAL A 1217 -31.67 19.16 -14.43
C VAL A 1217 -31.57 19.55 -15.90
N SER A 1218 -32.57 19.24 -16.71
CA SER A 1218 -32.60 19.64 -18.13
C SER A 1218 -32.29 21.14 -18.29
N VAL A 1219 -32.82 22.01 -17.45
CA VAL A 1219 -32.62 23.48 -17.59
C VAL A 1219 -31.17 23.81 -17.22
N VAL A 1220 -30.64 23.36 -16.09
CA VAL A 1220 -29.24 23.73 -15.76
C VAL A 1220 -28.34 23.16 -16.83
N GLU A 1221 -28.62 21.97 -17.32
CA GLU A 1221 -27.75 21.23 -18.26
C GLU A 1221 -27.88 21.86 -19.64
N ALA A 1222 -28.96 22.58 -19.93
CA ALA A 1222 -29.18 23.30 -21.20
C ALA A 1222 -28.41 24.62 -21.15
N PHE A 1223 -28.43 25.28 -20.02
CA PHE A 1223 -27.64 26.51 -19.75
C PHE A 1223 -26.16 26.19 -19.91
N ILE A 1224 -25.69 25.05 -19.41
CA ILE A 1224 -24.27 24.62 -19.49
C ILE A 1224 -23.89 24.42 -20.96
N ALA A 1225 -24.78 23.83 -21.74
CA ALA A 1225 -24.63 23.63 -23.21
C ALA A 1225 -24.58 24.95 -23.97
N SER A 1226 -25.10 26.00 -23.36
CA SER A 1226 -25.10 27.39 -23.88
C SER A 1226 -23.87 28.13 -23.36
N GLY A 1227 -23.06 27.46 -22.56
CA GLY A 1227 -21.89 28.06 -21.91
C GLY A 1227 -22.24 29.09 -20.88
N ILE A 1228 -23.48 29.09 -20.36
CA ILE A 1228 -23.98 30.03 -19.33
C ILE A 1228 -24.06 29.29 -18.00
N THR A 1229 -23.02 29.35 -17.18
CA THR A 1229 -22.91 28.57 -15.92
C THR A 1229 -23.65 29.30 -14.80
N ASP A 1230 -23.66 30.63 -14.84
CA ASP A 1230 -24.44 31.51 -13.95
C ASP A 1230 -25.56 32.15 -14.75
N PRO A 1231 -26.84 31.79 -14.50
CA PRO A 1231 -27.95 32.35 -15.26
C PRO A 1231 -28.05 33.88 -15.14
N TYR A 1232 -27.59 34.47 -14.05
CA TYR A 1232 -27.67 35.93 -13.83
C TYR A 1232 -26.82 36.66 -14.87
N GLU A 1233 -25.81 36.00 -15.44
CA GLU A 1233 -25.01 36.59 -16.52
C GLU A 1233 -25.92 37.13 -17.63
N MET A 1234 -27.03 36.47 -17.92
CA MET A 1234 -27.99 36.95 -18.95
C MET A 1234 -28.42 38.38 -18.63
N TYR A 1235 -28.44 38.78 -17.36
CA TYR A 1235 -28.88 40.14 -16.92
C TYR A 1235 -27.76 41.17 -17.04
N LYS A 1236 -26.58 40.83 -17.53
CA LYS A 1236 -25.61 41.85 -18.02
C LYS A 1236 -26.05 42.35 -19.40
N TYR A 1237 -26.81 41.57 -20.15
CA TYR A 1237 -27.13 41.88 -21.56
C TYR A 1237 -28.59 42.22 -21.78
N VAL A 1238 -29.50 41.68 -21.00
CA VAL A 1238 -30.96 41.87 -21.20
C VAL A 1238 -31.57 42.26 -19.87
N HIS A 1239 -32.77 42.84 -19.92
CA HIS A 1239 -33.53 43.21 -18.71
C HIS A 1239 -34.02 41.93 -18.05
N VAL A 1240 -34.39 41.98 -16.78
CA VAL A 1240 -35.04 40.81 -16.12
C VAL A 1240 -36.38 40.48 -16.79
N SER A 1241 -36.98 41.38 -17.56
CA SER A 1241 -38.30 41.15 -18.20
C SER A 1241 -38.17 40.51 -19.58
N GLU A 1242 -36.96 40.18 -20.02
CA GLU A 1242 -36.70 39.77 -21.41
C GLU A 1242 -36.30 38.30 -21.44
N VAL A 1243 -36.37 37.62 -20.29
CA VAL A 1243 -36.08 36.16 -20.24
C VAL A 1243 -37.38 35.40 -20.01
N GLY A 1244 -37.82 34.68 -21.03
CA GLY A 1244 -39.10 33.96 -21.06
C GLY A 1244 -38.94 32.53 -20.56
N ASN A 1245 -40.06 31.86 -20.35
CA ASN A 1245 -40.16 30.40 -20.16
C ASN A 1245 -41.46 29.95 -20.82
N CYS A 1246 -41.34 29.28 -21.96
CA CYS A 1246 -42.49 28.75 -22.73
C CYS A 1246 -42.52 27.23 -22.69
N SER A 1247 -41.76 26.57 -21.82
CA SER A 1247 -41.77 25.09 -21.73
C SER A 1247 -43.10 24.64 -21.13
N GLY A 1248 -43.61 23.49 -21.54
CA GLY A 1248 -44.91 22.98 -21.08
C GLY A 1248 -44.93 21.49 -20.85
N SER A 1249 -46.07 20.94 -20.48
CA SER A 1249 -46.31 19.50 -20.27
C SER A 1249 -47.65 19.12 -20.89
N GLY A 1250 -47.93 17.84 -20.95
CA GLY A 1250 -49.22 17.33 -21.44
C GLY A 1250 -50.15 17.12 -20.26
N MET A 1251 -49.63 16.46 -19.22
CA MET A 1251 -50.38 16.10 -17.99
C MET A 1251 -49.80 16.77 -16.75
N GLY A 1252 -48.55 17.22 -16.77
CA GLY A 1252 -47.94 17.85 -15.58
C GLY A 1252 -47.65 16.87 -14.46
N GLY A 1253 -47.88 17.30 -13.21
CA GLY A 1253 -47.45 16.60 -12.00
C GLY A 1253 -48.43 15.50 -11.63
N VAL A 1254 -48.39 14.41 -12.37
CA VAL A 1254 -49.35 13.28 -12.25
C VAL A 1254 -49.10 12.49 -10.96
N SER A 1255 -47.91 12.59 -10.35
CA SER A 1255 -47.62 11.99 -9.03
C SER A 1255 -48.35 12.79 -7.95
N ALA A 1256 -48.51 14.09 -8.15
CA ALA A 1256 -49.24 14.98 -7.24
C ALA A 1256 -50.73 14.80 -7.48
N LEU A 1257 -51.14 14.58 -8.72
CA LEU A 1257 -52.57 14.30 -9.03
C LEU A 1257 -52.95 12.99 -8.37
N ARG A 1258 -52.07 12.00 -8.35
CA ARG A 1258 -52.36 10.72 -7.68
C ARG A 1258 -52.54 11.02 -6.18
N GLY A 1259 -51.66 11.84 -5.61
CA GLY A 1259 -51.72 12.24 -4.21
C GLY A 1259 -53.07 12.81 -3.85
N MET A 1260 -53.59 13.75 -4.64
CA MET A 1260 -54.77 14.52 -4.23
C MET A 1260 -56.03 13.72 -4.54
N PHE A 1261 -56.02 12.89 -5.59
CA PHE A 1261 -57.22 12.11 -6.00
C PHE A 1261 -57.31 10.81 -5.22
N LYS A 1262 -56.23 10.08 -5.15
CA LYS A 1262 -56.25 8.69 -4.64
C LYS A 1262 -55.70 8.65 -3.22
N ASP A 1263 -54.54 9.23 -2.94
CA ASP A 1263 -53.83 8.96 -1.66
C ASP A 1263 -54.53 9.72 -0.55
N ARG A 1264 -55.16 10.85 -0.88
CA ARG A 1264 -55.96 11.65 0.08
C ARG A 1264 -57.21 10.85 0.46
N PHE A 1265 -57.93 10.32 -0.52
CA PHE A 1265 -59.12 9.44 -0.37
C PHE A 1265 -58.84 8.24 0.54
N LYS A 1266 -57.62 7.70 0.51
CA LYS A 1266 -57.18 6.56 1.34
C LYS A 1266 -56.59 7.05 2.66
N ASP A 1267 -56.72 8.33 2.96
CA ASP A 1267 -56.22 8.98 4.19
C ASP A 1267 -54.74 8.63 4.43
N GLU A 1268 -53.93 8.60 3.37
CA GLU A 1268 -52.45 8.54 3.47
C GLU A 1268 -51.91 9.94 3.78
N PRO A 1269 -50.72 10.05 4.42
CA PRO A 1269 -50.08 11.34 4.64
C PRO A 1269 -49.54 11.91 3.31
N VAL A 1270 -50.19 12.96 2.83
CA VAL A 1270 -49.83 13.72 1.59
C VAL A 1270 -49.61 15.15 2.04
N GLN A 1271 -48.50 15.78 1.65
CA GLN A 1271 -48.21 17.23 1.91
C GLN A 1271 -49.46 18.06 1.62
N ASN A 1272 -49.65 19.17 2.33
CA ASN A 1272 -50.85 20.03 2.20
C ASN A 1272 -50.86 20.76 0.85
N ASP A 1273 -49.71 21.21 0.37
CA ASP A 1273 -49.59 21.94 -0.92
C ASP A 1273 -49.44 20.98 -2.11
N ILE A 1274 -49.98 19.76 -2.07
CA ILE A 1274 -49.79 18.81 -3.20
C ILE A 1274 -50.45 19.43 -4.44
N LEU A 1275 -51.54 20.18 -4.29
CA LEU A 1275 -52.29 20.74 -5.45
C LEU A 1275 -51.32 21.55 -6.31
N GLN A 1276 -50.52 22.44 -5.70
CA GLN A 1276 -49.62 23.35 -6.47
C GLN A 1276 -48.61 22.50 -7.27
N GLU A 1277 -48.14 21.38 -6.74
CA GLU A 1277 -47.12 20.56 -7.43
C GLU A 1277 -47.71 19.80 -8.62
N SER A 1278 -49.04 19.76 -8.75
CA SER A 1278 -49.72 19.05 -9.85
C SER A 1278 -49.70 19.94 -11.09
N PHE A 1279 -49.91 21.25 -10.91
CA PHE A 1279 -50.16 22.18 -12.03
C PHE A 1279 -49.04 22.08 -13.06
N ILE A 1280 -49.43 22.19 -14.33
CA ILE A 1280 -48.50 22.08 -15.49
C ILE A 1280 -47.55 23.28 -15.50
N ASN A 1281 -47.92 24.37 -14.85
CA ASN A 1281 -47.11 25.61 -14.92
C ASN A 1281 -46.17 25.71 -13.72
N THR A 1282 -46.22 24.74 -12.82
CA THR A 1282 -45.45 24.77 -11.55
C THR A 1282 -44.01 24.42 -11.83
N MET A 1283 -43.74 23.55 -12.80
CA MET A 1283 -42.36 23.18 -13.20
C MET A 1283 -41.64 24.44 -13.67
N SER A 1284 -42.25 25.25 -14.52
CA SER A 1284 -41.64 26.53 -15.00
C SER A 1284 -41.45 27.48 -13.81
N ALA A 1285 -42.39 27.53 -12.88
CA ALA A 1285 -42.31 28.33 -11.64
C ALA A 1285 -41.06 27.95 -10.84
N TRP A 1286 -40.91 26.67 -10.52
CA TRP A 1286 -39.76 26.17 -9.75
C TRP A 1286 -38.48 26.53 -10.48
N VAL A 1287 -38.49 26.51 -11.80
CA VAL A 1287 -37.27 26.85 -12.57
C VAL A 1287 -36.94 28.32 -12.28
N ASN A 1288 -37.93 29.17 -12.28
CA ASN A 1288 -37.71 30.62 -12.08
C ASN A 1288 -37.40 30.96 -10.62
N MET A 1289 -37.98 30.20 -9.71
CA MET A 1289 -37.88 30.41 -8.26
C MET A 1289 -36.54 29.90 -7.76
N LEU A 1290 -35.94 28.88 -8.37
CA LEU A 1290 -34.65 28.27 -7.93
C LEU A 1290 -33.45 28.77 -8.75
N LEU A 1291 -33.58 29.12 -10.03
CA LEU A 1291 -32.42 29.43 -10.92
C LEU A 1291 -32.56 30.81 -11.58
N ILE A 1292 -33.57 31.03 -12.39
CA ILE A 1292 -33.54 32.12 -13.40
C ILE A 1292 -33.83 33.47 -12.73
N SER A 1293 -34.86 33.56 -11.90
CA SER A 1293 -35.26 34.80 -11.19
C SER A 1293 -35.55 35.91 -12.19
N SER A 1294 -36.21 35.57 -13.28
CA SER A 1294 -36.62 36.55 -14.31
C SER A 1294 -38.02 36.99 -13.97
N SER A 1295 -38.45 38.04 -14.64
CA SER A 1295 -39.83 38.60 -14.64
C SER A 1295 -40.23 38.74 -16.11
N GLY A 1296 -39.74 37.84 -16.94
CA GLY A 1296 -40.09 37.82 -18.37
C GLY A 1296 -41.34 37.00 -18.59
N PRO A 1297 -41.79 36.85 -19.84
CA PRO A 1297 -43.03 36.15 -20.12
C PRO A 1297 -43.05 34.77 -19.48
N ILE A 1298 -44.22 34.28 -19.16
CA ILE A 1298 -44.33 32.84 -18.84
C ILE A 1298 -45.58 32.34 -19.53
N LYS A 1299 -45.42 31.49 -20.53
CA LYS A 1299 -46.53 31.07 -21.39
C LYS A 1299 -46.49 29.55 -21.51
N THR A 1300 -47.05 28.87 -20.53
CA THR A 1300 -46.92 27.41 -20.38
C THR A 1300 -47.90 26.78 -21.33
N PRO A 1301 -47.51 26.11 -22.41
CA PRO A 1301 -48.46 25.42 -23.26
C PRO A 1301 -48.78 23.98 -22.83
N VAL A 1302 -49.93 23.49 -23.27
CA VAL A 1302 -50.41 22.10 -23.07
C VAL A 1302 -50.76 21.48 -24.44
N GLY A 1303 -49.89 20.68 -25.02
CA GLY A 1303 -50.11 20.20 -26.39
C GLY A 1303 -50.11 18.70 -26.50
N ALA A 1304 -50.37 18.00 -25.40
CA ALA A 1304 -50.24 16.53 -25.34
C ALA A 1304 -48.87 16.16 -25.91
N CYS A 1305 -48.80 15.31 -26.93
CA CYS A 1305 -47.56 14.82 -27.59
C CYS A 1305 -46.85 15.96 -28.34
N ALA A 1306 -47.59 16.97 -28.79
CA ALA A 1306 -47.03 18.08 -29.58
C ALA A 1306 -46.75 19.31 -28.71
N THR A 1307 -46.66 19.14 -27.41
CA THR A 1307 -46.40 20.23 -26.45
C THR A 1307 -45.11 20.96 -26.84
N SER A 1308 -44.03 20.22 -27.07
CA SER A 1308 -42.66 20.75 -27.23
C SER A 1308 -42.56 21.58 -28.52
N VAL A 1309 -43.29 21.20 -29.56
CA VAL A 1309 -43.24 21.94 -30.84
C VAL A 1309 -44.07 23.20 -30.67
N GLU A 1310 -45.20 23.13 -29.99
CA GLU A 1310 -46.03 24.30 -29.61
C GLU A 1310 -45.20 25.25 -28.74
N SER A 1311 -44.53 24.73 -27.73
CA SER A 1311 -43.59 25.45 -26.85
C SER A 1311 -42.59 26.26 -27.65
N VAL A 1312 -42.02 25.71 -28.71
CA VAL A 1312 -41.04 26.43 -29.57
C VAL A 1312 -41.77 27.54 -30.33
N ASP A 1313 -42.90 27.23 -30.92
CA ASP A 1313 -43.70 28.21 -31.68
C ASP A 1313 -44.02 29.39 -30.77
N ILE A 1314 -44.43 29.15 -29.53
CA ILE A 1314 -44.77 30.27 -28.61
C ILE A 1314 -43.49 31.05 -28.33
N GLY A 1315 -42.44 30.40 -27.87
CA GLY A 1315 -41.12 31.00 -27.61
C GLY A 1315 -40.60 31.81 -28.81
N VAL A 1316 -40.69 31.29 -30.02
CA VAL A 1316 -40.28 32.08 -31.20
C VAL A 1316 -41.12 33.35 -31.24
N GLU A 1317 -42.44 33.25 -31.16
CA GLU A 1317 -43.34 34.42 -31.31
C GLU A 1317 -43.14 35.38 -30.14
N THR A 1318 -42.88 34.89 -28.95
CA THR A 1318 -42.57 35.73 -27.78
C THR A 1318 -41.38 36.62 -28.10
N ILE A 1319 -40.32 36.05 -28.69
CA ILE A 1319 -39.07 36.77 -29.02
C ILE A 1319 -39.30 37.71 -30.19
N LEU A 1320 -39.97 37.24 -31.24
CA LEU A 1320 -40.23 38.11 -32.40
C LEU A 1320 -41.11 39.28 -32.01
N SER A 1321 -42.05 39.11 -31.08
CA SER A 1321 -42.92 40.22 -30.59
C SER A 1321 -42.10 41.27 -29.83
N GLY A 1322 -40.95 40.91 -29.27
CA GLY A 1322 -40.08 41.86 -28.53
C GLY A 1322 -40.27 41.73 -27.03
N LYS A 1323 -41.24 40.91 -26.62
CA LYS A 1323 -41.54 40.64 -25.19
C LYS A 1323 -40.47 39.78 -24.54
N ALA A 1324 -39.54 39.21 -25.31
CA ALA A 1324 -38.35 38.51 -24.75
C ALA A 1324 -37.22 38.47 -25.77
N ARG A 1325 -36.02 38.30 -25.26
CA ARG A 1325 -34.78 38.18 -26.08
C ARG A 1325 -34.19 36.79 -25.86
N ILE A 1326 -34.55 36.14 -24.77
CA ILE A 1326 -34.09 34.77 -24.45
C ILE A 1326 -35.32 34.02 -24.02
N CYS A 1327 -35.38 32.72 -24.23
CA CYS A 1327 -36.58 31.95 -23.88
C CYS A 1327 -36.21 30.49 -23.69
N ILE A 1328 -36.60 29.93 -22.56
CA ILE A 1328 -36.47 28.49 -22.26
C ILE A 1328 -37.69 27.81 -22.88
N VAL A 1329 -37.49 26.93 -23.84
CA VAL A 1329 -38.59 26.19 -24.49
C VAL A 1329 -38.37 24.71 -24.23
N GLY A 1330 -39.39 23.92 -24.49
CA GLY A 1330 -39.28 22.47 -24.32
C GLY A 1330 -40.51 21.88 -23.70
N GLY A 1331 -40.38 20.67 -23.22
CA GLY A 1331 -41.52 19.91 -22.71
C GLY A 1331 -41.05 18.79 -21.82
N TYR A 1332 -41.97 18.26 -21.04
CA TYR A 1332 -41.63 17.29 -20.00
C TYR A 1332 -42.89 16.51 -19.70
N ASP A 1333 -42.73 15.23 -19.36
CA ASP A 1333 -43.86 14.41 -18.90
C ASP A 1333 -43.33 13.23 -18.14
N ASP A 1334 -44.10 12.80 -17.15
CA ASP A 1334 -43.82 11.58 -16.36
C ASP A 1334 -44.67 10.42 -16.88
N PHE A 1335 -44.19 9.23 -16.57
CA PHE A 1335 -44.86 7.93 -16.70
C PHE A 1335 -45.30 7.53 -15.29
N GLN A 1336 -46.57 7.17 -15.14
CA GLN A 1336 -47.13 6.69 -13.85
C GLN A 1336 -48.23 5.66 -14.13
N GLU A 1337 -48.66 4.95 -13.09
CA GLU A 1337 -49.60 3.81 -13.15
C GLU A 1337 -50.85 4.19 -13.93
N GLU A 1338 -51.48 5.30 -13.55
CA GLU A 1338 -52.87 5.66 -13.96
C GLU A 1338 -52.88 6.06 -15.43
N GLY A 1339 -51.90 6.85 -15.87
CA GLY A 1339 -51.69 7.16 -17.30
C GLY A 1339 -51.45 5.90 -18.12
N SER A 1340 -50.53 5.05 -17.69
CA SER A 1340 -50.17 3.77 -18.36
C SER A 1340 -51.44 2.98 -18.60
N PHE A 1341 -52.28 2.90 -17.57
CA PHE A 1341 -53.53 2.12 -17.60
C PHE A 1341 -54.49 2.70 -18.61
N GLU A 1342 -54.55 4.01 -18.72
CA GLU A 1342 -55.60 4.71 -19.50
C GLU A 1342 -55.19 4.74 -20.97
N PHE A 1343 -53.91 4.77 -21.26
CA PHE A 1343 -53.38 4.63 -22.64
C PHE A 1343 -53.58 3.18 -23.12
N GLY A 1344 -53.69 2.23 -22.19
CA GLY A 1344 -54.03 0.83 -22.48
C GLY A 1344 -55.50 0.72 -22.84
N ASN A 1345 -56.39 1.29 -22.03
CA ASN A 1345 -57.85 1.25 -22.26
C ASN A 1345 -58.20 1.93 -23.57
N MET A 1346 -57.45 2.94 -23.98
CA MET A 1346 -57.59 3.61 -25.30
C MET A 1346 -56.88 2.83 -26.41
N LYS A 1347 -56.22 1.70 -26.09
CA LYS A 1347 -55.41 0.88 -27.02
C LYS A 1347 -54.43 1.75 -27.84
N ALA A 1348 -53.81 2.75 -27.22
CA ALA A 1348 -52.82 3.64 -27.87
C ALA A 1348 -51.43 3.01 -27.76
N THR A 1349 -51.14 2.41 -26.61
CA THR A 1349 -49.85 1.77 -26.31
C THR A 1349 -49.89 0.34 -26.85
N SER A 1350 -48.71 -0.25 -27.07
CA SER A 1350 -48.52 -1.67 -27.46
C SER A 1350 -48.82 -2.57 -26.26
N ASN A 1351 -49.65 -3.59 -26.46
CA ASN A 1351 -49.96 -4.67 -25.48
C ASN A 1351 -48.71 -5.55 -25.41
N THR A 1352 -48.06 -5.60 -24.26
CA THR A 1352 -46.76 -6.29 -24.10
C THR A 1352 -46.94 -7.81 -24.16
N LEU A 1353 -48.10 -8.35 -23.79
CA LEU A 1353 -48.35 -9.81 -23.90
C LEU A 1353 -48.40 -10.22 -25.36
N GLU A 1354 -48.98 -9.41 -26.25
CA GLU A 1354 -48.99 -9.67 -27.72
C GLU A 1354 -47.58 -9.56 -28.29
N GLU A 1355 -46.73 -8.69 -27.73
CA GLU A 1355 -45.36 -8.48 -28.26
C GLU A 1355 -44.56 -9.73 -27.89
N PHE A 1356 -44.78 -10.27 -26.70
CA PHE A 1356 -44.10 -11.48 -26.21
C PHE A 1356 -44.59 -12.70 -26.98
N GLU A 1357 -45.87 -12.72 -27.38
CA GLU A 1357 -46.43 -13.77 -28.25
C GLU A 1357 -45.67 -13.80 -29.57
N HIS A 1358 -45.31 -12.61 -30.10
CA HIS A 1358 -44.65 -12.39 -31.40
C HIS A 1358 -43.12 -12.47 -31.25
N GLY A 1359 -42.64 -12.75 -30.05
CA GLY A 1359 -41.21 -13.00 -29.81
C GLY A 1359 -40.41 -11.73 -29.64
N ARG A 1360 -41.04 -10.58 -29.63
CA ARG A 1360 -40.34 -9.28 -29.50
C ARG A 1360 -39.81 -9.14 -28.08
N THR A 1361 -38.56 -8.75 -27.95
CA THR A 1361 -37.93 -8.31 -26.68
C THR A 1361 -38.38 -6.87 -26.43
N PRO A 1362 -38.27 -6.35 -25.19
CA PRO A 1362 -38.60 -4.95 -24.92
C PRO A 1362 -37.92 -3.91 -25.82
N ALA A 1363 -36.65 -4.12 -26.14
CA ALA A 1363 -35.83 -3.19 -26.95
C ALA A 1363 -36.33 -3.10 -28.40
N GLU A 1364 -37.22 -3.99 -28.86
CA GLU A 1364 -37.69 -3.97 -30.27
C GLU A 1364 -39.21 -3.86 -30.33
N MET A 1365 -39.82 -3.28 -29.30
CA MET A 1365 -41.29 -3.08 -29.20
C MET A 1365 -41.70 -1.72 -29.79
N SER A 1366 -40.82 -0.71 -29.77
CA SER A 1366 -41.05 0.59 -30.45
C SER A 1366 -40.43 0.51 -31.84
N ARG A 1367 -41.24 0.34 -32.88
CA ARG A 1367 -40.71 0.07 -34.25
C ARG A 1367 -41.53 0.87 -35.25
N PRO A 1368 -41.26 2.18 -35.32
CA PRO A 1368 -41.96 3.07 -36.22
C PRO A 1368 -41.82 2.65 -37.69
N ALA A 1369 -42.87 2.87 -38.45
CA ALA A 1369 -42.90 2.84 -39.91
C ALA A 1369 -42.76 1.41 -40.42
N THR A 1370 -43.02 0.45 -39.56
CA THR A 1370 -42.79 -0.99 -39.75
C THR A 1370 -44.15 -1.67 -39.97
N THR A 1371 -44.15 -2.80 -40.64
CA THR A 1371 -45.35 -3.56 -41.06
C THR A 1371 -46.17 -4.00 -39.85
N THR A 1372 -45.52 -4.26 -38.73
CA THR A 1372 -46.03 -5.01 -37.57
C THR A 1372 -46.16 -4.08 -36.37
N ARG A 1373 -45.95 -2.77 -36.56
CA ARG A 1373 -46.08 -1.76 -35.48
C ARG A 1373 -47.50 -1.82 -34.89
N ASN A 1374 -47.64 -1.74 -33.59
CA ASN A 1374 -48.91 -2.07 -32.92
C ASN A 1374 -49.11 -1.19 -31.70
N GLY A 1375 -48.71 0.07 -31.77
CA GLY A 1375 -48.92 1.00 -30.65
C GLY A 1375 -47.62 1.52 -30.08
N PHE A 1376 -47.70 2.67 -29.40
CA PHE A 1376 -46.53 3.42 -28.94
C PHE A 1376 -46.06 2.91 -27.59
N MET A 1377 -44.80 3.19 -27.31
CA MET A 1377 -44.08 2.74 -26.09
C MET A 1377 -44.00 3.95 -25.20
N GLU A 1378 -44.57 3.91 -24.03
CA GLU A 1378 -44.66 5.10 -23.17
C GLU A 1378 -43.31 5.27 -22.47
N ALA A 1379 -42.78 6.48 -22.45
CA ALA A 1379 -41.52 6.83 -21.78
C ALA A 1379 -41.74 8.03 -20.85
N GLN A 1380 -40.67 8.53 -20.24
CA GLN A 1380 -40.75 9.71 -19.33
C GLN A 1380 -39.49 10.54 -19.51
N GLY A 1381 -39.59 11.84 -19.35
CA GLY A 1381 -38.41 12.69 -19.22
C GLY A 1381 -38.72 14.11 -19.61
N ALA A 1382 -37.71 14.81 -20.11
CA ALA A 1382 -37.78 16.26 -20.28
C ALA A 1382 -36.78 16.66 -21.33
N GLY A 1383 -37.13 17.62 -22.13
CA GLY A 1383 -36.17 18.19 -23.10
C GLY A 1383 -36.30 19.68 -23.06
N ILE A 1384 -35.17 20.37 -23.03
CA ILE A 1384 -35.17 21.83 -22.93
C ILE A 1384 -34.22 22.34 -24.00
N GLN A 1385 -34.58 23.46 -24.62
CA GLN A 1385 -33.67 24.26 -25.47
C GLN A 1385 -33.65 25.68 -24.94
N ILE A 1386 -32.55 26.39 -25.16
CA ILE A 1386 -32.48 27.86 -24.92
C ILE A 1386 -32.53 28.50 -26.31
N ILE A 1387 -33.51 29.34 -26.58
CA ILE A 1387 -33.56 30.07 -27.86
C ILE A 1387 -33.32 31.54 -27.59
N MET A 1388 -32.67 32.23 -28.50
CA MET A 1388 -32.33 33.67 -28.33
C MET A 1388 -32.46 34.33 -29.68
N GLN A 1389 -32.54 35.64 -29.69
CA GLN A 1389 -32.25 36.42 -30.89
C GLN A 1389 -30.82 36.11 -31.29
N ALA A 1390 -30.54 35.93 -32.57
CA ALA A 1390 -29.18 35.75 -33.10
C ALA A 1390 -28.30 36.91 -32.61
N ASP A 1391 -28.78 38.13 -32.79
CA ASP A 1391 -28.03 39.37 -32.47
C ASP A 1391 -27.46 39.28 -31.06
N LEU A 1392 -28.28 38.83 -30.12
CA LEU A 1392 -27.86 38.71 -28.70
C LEU A 1392 -26.96 37.49 -28.52
N ALA A 1393 -27.14 36.41 -29.27
CA ALA A 1393 -26.29 35.21 -29.14
C ALA A 1393 -24.86 35.59 -29.51
N LEU A 1394 -24.71 36.26 -30.65
CA LEU A 1394 -23.42 36.76 -31.17
C LEU A 1394 -22.78 37.68 -30.14
N LYS A 1395 -23.52 38.69 -29.66
CA LYS A 1395 -23.06 39.64 -28.62
C LYS A 1395 -22.53 38.89 -27.39
N MET A 1396 -23.31 37.95 -26.86
CA MET A 1396 -22.98 37.17 -25.64
C MET A 1396 -21.88 36.13 -25.91
N GLY A 1397 -21.62 35.83 -27.17
CA GLY A 1397 -20.70 34.75 -27.57
C GLY A 1397 -21.10 33.43 -26.95
N VAL A 1398 -22.35 33.07 -27.14
CA VAL A 1398 -22.88 31.72 -26.78
C VAL A 1398 -22.86 30.89 -28.04
N PRO A 1399 -22.64 29.58 -27.91
CA PRO A 1399 -22.64 28.68 -29.05
C PRO A 1399 -24.01 28.70 -29.71
N ILE A 1400 -24.08 28.42 -31.00
CA ILE A 1400 -25.33 28.47 -31.79
C ILE A 1400 -25.46 27.15 -32.53
N TYR A 1401 -26.42 26.35 -32.14
CA TYR A 1401 -26.52 24.95 -32.58
C TYR A 1401 -27.41 24.90 -33.82
N GLY A 1402 -28.26 25.88 -34.02
CA GLY A 1402 -29.12 25.90 -35.21
C GLY A 1402 -30.01 27.12 -35.25
N ILE A 1403 -30.55 27.41 -36.39
CA ILE A 1403 -31.55 28.49 -36.52
C ILE A 1403 -32.93 27.84 -36.46
N VAL A 1404 -33.85 28.40 -35.69
CA VAL A 1404 -35.28 28.01 -35.77
C VAL A 1404 -35.87 28.87 -36.87
N ALA A 1405 -35.95 28.31 -38.06
CA ALA A 1405 -36.35 28.98 -39.30
C ALA A 1405 -37.86 29.13 -39.35
N MET A 1406 -38.58 28.21 -38.74
CA MET A 1406 -40.07 28.19 -38.77
C MET A 1406 -40.55 27.34 -37.61
N ALA A 1407 -41.69 27.70 -37.05
CA ALA A 1407 -42.44 26.82 -36.13
C ALA A 1407 -43.91 27.13 -36.32
N ALA A 1408 -44.75 26.13 -36.29
CA ALA A 1408 -46.18 26.33 -36.54
C ALA A 1408 -46.97 25.19 -35.92
N THR A 1409 -48.18 25.52 -35.50
CA THR A 1409 -49.16 24.55 -34.99
C THR A 1409 -50.33 24.62 -35.94
N ALA A 1410 -51.11 23.55 -35.99
CA ALA A 1410 -52.33 23.49 -36.80
C ALA A 1410 -53.26 22.45 -36.19
N THR A 1411 -54.56 22.75 -36.11
CA THR A 1411 -55.64 21.76 -35.85
C THR A 1411 -55.99 21.08 -37.18
N ASP A 1412 -56.91 20.12 -37.15
CA ASP A 1412 -57.32 19.31 -38.32
C ASP A 1412 -58.66 19.85 -38.83
N LYS A 1413 -59.81 19.35 -38.38
CA LYS A 1413 -61.10 19.60 -39.04
C LYS A 1413 -62.26 19.02 -38.22
N ILE A 1414 -63.50 19.17 -38.68
CA ILE A 1414 -64.68 18.54 -38.01
C ILE A 1414 -64.46 17.02 -37.90
N GLY A 1415 -64.84 16.43 -36.77
CA GLY A 1415 -64.54 15.03 -36.43
C GLY A 1415 -65.07 14.65 -35.06
N ARG A 1416 -64.95 13.39 -34.64
CA ARG A 1416 -65.52 12.88 -33.35
C ARG A 1416 -64.54 11.97 -32.61
N SER A 1417 -63.27 11.90 -33.02
CA SER A 1417 -62.21 11.09 -32.38
C SER A 1417 -61.02 11.99 -32.02
N VAL A 1418 -60.92 12.39 -30.77
CA VAL A 1418 -59.80 13.23 -30.27
C VAL A 1418 -58.44 12.63 -30.67
N PRO A 1419 -58.15 11.32 -30.48
CA PRO A 1419 -56.83 10.77 -30.79
C PRO A 1419 -56.48 10.54 -32.26
N ALA A 1420 -57.35 10.88 -33.22
CA ALA A 1420 -57.10 10.70 -34.66
C ALA A 1420 -56.14 11.77 -35.17
N PRO A 1421 -54.91 11.42 -35.61
CA PRO A 1421 -54.02 12.42 -36.19
C PRO A 1421 -54.57 12.79 -37.57
N GLY A 1422 -54.51 14.09 -37.89
CA GLY A 1422 -55.00 14.66 -39.15
C GLY A 1422 -53.92 15.44 -39.87
N LYS A 1423 -54.30 16.12 -40.94
CA LYS A 1423 -53.36 16.64 -41.94
C LYS A 1423 -53.27 18.17 -41.84
N GLY A 1424 -53.67 18.76 -40.72
CA GLY A 1424 -53.76 20.22 -40.57
C GLY A 1424 -52.44 20.92 -40.85
N ILE A 1425 -51.33 20.30 -40.45
CA ILE A 1425 -49.98 20.92 -40.49
C ILE A 1425 -49.49 21.03 -41.94
N LEU A 1426 -50.14 20.31 -42.85
CA LEU A 1426 -49.94 20.45 -44.31
C LEU A 1426 -50.05 21.90 -44.72
N THR A 1427 -50.86 22.70 -44.02
CA THR A 1427 -51.03 24.14 -44.34
C THR A 1427 -49.70 24.89 -44.35
N THR A 1428 -48.68 24.41 -43.65
CA THR A 1428 -47.33 25.05 -43.57
C THR A 1428 -46.72 25.15 -44.97
N ALA A 1429 -47.17 24.30 -45.90
CA ALA A 1429 -46.74 24.26 -47.31
C ALA A 1429 -47.76 24.93 -48.23
N ARG A 1430 -48.71 25.70 -47.72
CA ARG A 1430 -49.75 26.28 -48.59
C ARG A 1430 -49.08 27.26 -49.54
N GLU A 1431 -49.24 27.11 -50.84
CA GLU A 1431 -49.03 28.27 -51.74
C GLU A 1431 -49.81 28.13 -53.04
N HIS A 1432 -50.16 29.30 -53.57
CA HIS A 1432 -50.97 29.51 -54.78
C HIS A 1432 -50.11 29.22 -56.00
N HIS A 1433 -50.62 28.42 -56.93
CA HIS A 1433 -49.90 27.92 -58.11
C HIS A 1433 -50.71 28.18 -59.38
N SER A 1434 -51.68 29.10 -59.36
CA SER A 1434 -52.53 29.36 -60.55
C SER A 1434 -51.67 30.05 -61.61
N SER A 1435 -50.93 31.07 -61.18
CA SER A 1435 -50.09 31.94 -62.04
C SER A 1435 -48.62 31.81 -61.61
N VAL A 1436 -47.91 30.81 -62.16
CA VAL A 1436 -46.48 30.51 -61.88
C VAL A 1436 -45.71 30.37 -63.19
N LYS A 1437 -46.02 31.21 -64.18
CA LYS A 1437 -45.46 31.13 -65.56
C LYS A 1437 -44.07 31.80 -65.57
N TYR A 1438 -43.85 32.82 -64.72
CA TYR A 1438 -42.59 33.62 -64.62
C TYR A 1438 -42.19 33.80 -63.16
N ALA A 1439 -40.93 33.51 -62.82
CA ALA A 1439 -40.41 33.51 -61.43
C ALA A 1439 -40.67 34.89 -60.79
N SER A 1440 -41.16 34.90 -59.53
CA SER A 1440 -41.41 36.13 -58.73
C SER A 1440 -40.06 36.67 -58.23
N PRO A 1441 -39.74 37.96 -58.45
CA PRO A 1441 -38.48 38.52 -57.96
C PRO A 1441 -38.35 38.54 -56.43
N ASN A 1442 -39.43 38.26 -55.69
CA ASN A 1442 -39.41 38.16 -54.21
C ASN A 1442 -38.58 36.96 -53.75
N LEU A 1443 -38.44 35.90 -54.57
CA LEU A 1443 -37.64 34.69 -54.22
C LEU A 1443 -36.15 34.90 -54.49
N ASN A 1444 -35.80 36.00 -55.15
CA ASN A 1444 -34.44 36.26 -55.68
C ASN A 1444 -33.71 37.18 -54.69
N MET A 1445 -32.81 36.64 -53.90
CA MET A 1445 -32.11 37.42 -52.86
C MET A 1445 -31.38 38.64 -53.46
N LYS A 1446 -30.92 38.56 -54.71
CA LYS A 1446 -30.25 39.72 -55.35
C LYS A 1446 -31.24 40.89 -55.50
N TYR A 1447 -32.50 40.60 -55.80
CA TYR A 1447 -33.55 41.63 -55.96
C TYR A 1447 -33.85 42.24 -54.59
N ARG A 1448 -33.99 41.42 -53.56
CA ARG A 1448 -34.30 41.87 -52.18
C ARG A 1448 -33.12 42.71 -51.67
N LYS A 1449 -31.88 42.29 -51.94
CA LYS A 1449 -30.70 43.04 -51.45
C LYS A 1449 -30.62 44.38 -52.19
N ARG A 1450 -31.04 44.46 -53.44
CA ARG A 1450 -31.06 45.74 -54.18
C ARG A 1450 -32.07 46.69 -53.51
N GLN A 1451 -33.24 46.19 -53.13
CA GLN A 1451 -34.34 47.03 -52.58
C GLN A 1451 -33.97 47.49 -51.17
N LEU A 1452 -33.28 46.64 -50.40
CA LEU A 1452 -32.77 47.04 -49.07
C LEU A 1452 -31.79 48.20 -49.26
N VAL A 1453 -30.80 48.04 -50.13
CA VAL A 1453 -29.71 49.03 -50.35
C VAL A 1453 -30.29 50.39 -50.70
N THR A 1454 -31.32 50.42 -51.55
CA THR A 1454 -32.04 51.65 -51.94
C THR A 1454 -32.62 52.30 -50.67
N ARG A 1455 -33.25 51.50 -49.82
CA ARG A 1455 -33.91 51.94 -48.56
C ARG A 1455 -32.84 52.45 -47.58
N GLU A 1456 -31.64 51.86 -47.55
CA GLU A 1456 -30.51 52.29 -46.69
C GLU A 1456 -29.96 53.65 -47.17
N ALA A 1457 -30.10 53.97 -48.45
CA ALA A 1457 -29.78 55.30 -48.99
C ALA A 1457 -30.83 56.31 -48.51
N GLN A 1458 -32.10 55.90 -48.44
CA GLN A 1458 -33.22 56.77 -48.01
C GLN A 1458 -33.13 57.02 -46.49
N ILE A 1459 -32.58 56.08 -45.72
CA ILE A 1459 -32.49 56.17 -44.24
C ILE A 1459 -31.38 57.17 -43.90
N LYS A 1460 -30.22 57.12 -44.59
CA LYS A 1460 -29.08 58.05 -44.34
C LYS A 1460 -29.52 59.46 -44.75
N ASP A 1461 -30.23 59.61 -45.87
CA ASP A 1461 -30.87 60.90 -46.23
C ASP A 1461 -31.68 61.40 -45.03
N TRP A 1462 -32.49 60.52 -44.44
CA TRP A 1462 -33.46 60.84 -43.36
C TRP A 1462 -32.71 61.24 -42.09
N VAL A 1463 -31.53 60.64 -41.84
CA VAL A 1463 -30.75 60.93 -40.60
C VAL A 1463 -30.02 62.25 -40.80
N GLU A 1464 -29.50 62.54 -42.00
CA GLU A 1464 -28.96 63.88 -42.36
C GLU A 1464 -30.03 64.91 -42.00
N ASN A 1465 -31.20 64.83 -42.65
CA ASN A 1465 -32.31 65.81 -42.57
C ASN A 1465 -32.84 65.95 -41.13
N GLU A 1466 -32.60 64.98 -40.25
CA GLU A 1466 -32.98 65.06 -38.81
C GLU A 1466 -31.89 65.78 -38.01
N LEU A 1467 -30.60 65.55 -38.32
CA LEU A 1467 -29.45 66.26 -37.69
C LEU A 1467 -29.42 67.73 -38.12
N GLU A 1468 -29.82 68.03 -39.36
CA GLU A 1468 -29.92 69.42 -39.89
C GLU A 1468 -31.10 70.13 -39.22
N ALA A 1469 -32.26 69.48 -39.14
CA ALA A 1469 -33.45 69.99 -38.43
C ALA A 1469 -33.12 70.21 -36.95
N LEU A 1470 -32.43 69.26 -36.33
CA LEU A 1470 -32.06 69.30 -34.89
C LEU A 1470 -31.19 70.53 -34.60
N LYS A 1471 -30.16 70.78 -35.41
CA LYS A 1471 -29.28 71.99 -35.28
C LYS A 1471 -30.18 73.23 -35.18
N LEU A 1472 -31.02 73.50 -36.18
CA LEU A 1472 -31.93 74.68 -36.27
C LEU A 1472 -32.78 74.80 -35.01
N GLU A 1473 -33.28 73.68 -34.45
CA GLU A 1473 -34.14 73.65 -33.25
C GLU A 1473 -33.32 74.01 -32.00
N ALA A 1474 -32.04 73.63 -31.96
CA ALA A 1474 -31.12 73.80 -30.81
C ALA A 1474 -30.54 75.22 -30.76
N GLU A 1475 -30.62 75.99 -31.86
CA GLU A 1475 -30.10 77.38 -31.94
C GLU A 1475 -30.96 78.30 -31.03
N GLU A 1476 -32.27 78.03 -30.90
CA GLU A 1476 -33.21 78.80 -30.02
C GLU A 1476 -33.07 78.39 -28.55
N ILE A 1477 -32.59 77.17 -28.27
CA ILE A 1477 -32.29 76.69 -26.88
C ILE A 1477 -31.14 77.54 -26.33
N PRO A 1478 -31.17 77.97 -25.04
CA PRO A 1478 -30.05 78.67 -24.41
C PRO A 1478 -28.82 77.78 -24.15
N SER A 1479 -27.61 78.35 -24.30
CA SER A 1479 -26.31 77.64 -24.51
C SER A 1479 -25.98 76.65 -23.36
N GLU A 1480 -26.47 76.90 -22.14
CA GLU A 1480 -26.21 76.00 -20.96
C GLU A 1480 -27.10 74.74 -21.07
N ASP A 1481 -28.36 74.90 -21.50
CA ASP A 1481 -29.35 73.79 -21.67
C ASP A 1481 -29.06 73.02 -22.97
N GLN A 1482 -28.33 73.64 -23.91
CA GLN A 1482 -28.15 73.18 -25.32
C GLN A 1482 -27.51 71.80 -25.35
N ASN A 1483 -26.56 71.53 -24.45
CA ASN A 1483 -25.89 70.23 -24.34
C ASN A 1483 -26.92 69.13 -24.06
N GLU A 1484 -27.68 69.25 -22.97
CA GLU A 1484 -28.65 68.21 -22.51
C GLU A 1484 -29.65 67.93 -23.64
N PHE A 1485 -30.26 68.97 -24.20
CA PHE A 1485 -31.21 68.89 -25.34
C PHE A 1485 -30.59 68.09 -26.49
N LEU A 1486 -29.36 68.38 -26.89
CA LEU A 1486 -28.72 67.74 -28.07
C LEU A 1486 -28.45 66.26 -27.79
N LEU A 1487 -28.08 65.92 -26.55
CA LEU A 1487 -27.87 64.51 -26.13
C LEU A 1487 -29.19 63.75 -26.29
N GLU A 1488 -30.25 64.19 -25.59
CA GLU A 1488 -31.59 63.55 -25.63
C GLU A 1488 -31.96 63.33 -27.10
N ARG A 1489 -31.90 64.36 -27.95
CA ARG A 1489 -32.44 64.34 -29.32
C ARG A 1489 -31.56 63.50 -30.23
N THR A 1490 -30.24 63.57 -30.08
CA THR A 1490 -29.28 62.72 -30.85
C THR A 1490 -29.67 61.25 -30.63
N ARG A 1491 -29.65 60.79 -29.38
CA ARG A 1491 -30.05 59.43 -28.97
C ARG A 1491 -31.39 59.05 -29.62
N GLU A 1492 -32.45 59.89 -29.49
CA GLU A 1492 -33.81 59.66 -30.06
C GLU A 1492 -33.68 59.46 -31.58
N ILE A 1493 -32.76 60.16 -32.27
CA ILE A 1493 -32.51 60.02 -33.74
C ILE A 1493 -31.80 58.70 -34.05
N HIS A 1494 -30.85 58.29 -33.22
CA HIS A 1494 -30.12 57.02 -33.35
C HIS A 1494 -31.11 55.86 -33.22
N ASN A 1495 -31.95 55.86 -32.19
CA ASN A 1495 -33.01 54.84 -31.95
C ASN A 1495 -33.87 54.71 -33.20
N GLU A 1496 -34.29 55.84 -33.79
CA GLU A 1496 -35.27 55.90 -34.91
C GLU A 1496 -34.60 55.52 -36.23
N ALA A 1497 -33.28 55.62 -36.33
CA ALA A 1497 -32.49 55.17 -37.50
C ALA A 1497 -32.29 53.66 -37.40
N GLU A 1498 -31.88 53.19 -36.23
CA GLU A 1498 -31.77 51.75 -35.87
C GLU A 1498 -33.10 51.11 -36.23
N SER A 1499 -34.22 51.64 -35.74
CA SER A 1499 -35.57 51.05 -35.94
C SER A 1499 -35.85 50.95 -37.44
N GLN A 1500 -35.61 52.02 -38.19
CA GLN A 1500 -35.93 52.08 -39.65
C GLN A 1500 -35.05 51.11 -40.43
N LEU A 1501 -33.77 51.01 -40.07
CA LEU A 1501 -32.84 50.06 -40.73
C LEU A 1501 -33.38 48.65 -40.50
N ARG A 1502 -33.52 48.26 -39.24
CA ARG A 1502 -34.02 46.93 -38.84
C ARG A 1502 -35.34 46.65 -39.58
N ALA A 1503 -36.32 47.57 -39.54
CA ALA A 1503 -37.62 47.42 -40.23
C ALA A 1503 -37.40 47.12 -41.72
N ALA A 1504 -36.43 47.74 -42.37
CA ALA A 1504 -36.14 47.50 -43.80
C ALA A 1504 -35.59 46.09 -43.99
N GLN A 1505 -34.51 45.78 -43.28
CA GLN A 1505 -33.90 44.43 -43.20
C GLN A 1505 -34.99 43.38 -42.97
N GLN A 1506 -35.91 43.63 -42.06
CA GLN A 1506 -37.02 42.69 -41.76
C GLN A 1506 -37.91 42.55 -42.99
N GLN A 1507 -38.27 43.66 -43.63
CA GLN A 1507 -39.21 43.64 -44.76
C GLN A 1507 -38.64 42.85 -45.94
N TRP A 1508 -37.35 42.97 -46.20
CA TRP A 1508 -36.67 42.42 -47.40
C TRP A 1508 -35.91 41.14 -47.08
N GLY A 1509 -35.38 41.02 -45.88
CA GLY A 1509 -34.54 39.89 -45.44
C GLY A 1509 -35.33 38.80 -44.74
N ASN A 1510 -36.14 39.15 -43.75
CA ASN A 1510 -36.80 38.18 -42.84
C ASN A 1510 -38.24 37.86 -43.27
N ASP A 1511 -39.02 38.85 -43.72
CA ASP A 1511 -40.51 38.79 -43.77
C ASP A 1511 -41.00 39.10 -45.20
N PHE A 1512 -40.17 38.89 -46.21
CA PHE A 1512 -40.49 39.21 -47.62
C PHE A 1512 -41.78 38.47 -48.01
N TYR A 1513 -41.89 37.22 -47.61
CA TYR A 1513 -42.93 36.24 -48.04
C TYR A 1513 -44.20 36.23 -47.16
N LYS A 1514 -44.40 37.17 -46.23
CA LYS A 1514 -45.59 37.17 -45.32
C LYS A 1514 -46.88 37.60 -46.04
N ARG A 1515 -46.84 38.69 -46.82
CA ARG A 1515 -48.01 39.16 -47.63
C ARG A 1515 -48.09 38.36 -48.95
N ASP A 1516 -47.13 37.46 -49.28
CA ASP A 1516 -46.98 36.84 -50.63
C ASP A 1516 -47.61 35.45 -50.66
N PRO A 1517 -48.80 35.26 -51.29
CA PRO A 1517 -49.44 33.95 -51.36
C PRO A 1517 -48.80 32.96 -52.35
N ARG A 1518 -47.76 33.35 -53.09
CA ARG A 1518 -47.02 32.43 -53.98
C ARG A 1518 -45.86 31.79 -53.22
N ILE A 1519 -45.58 32.22 -52.00
CA ILE A 1519 -44.48 31.61 -51.20
C ILE A 1519 -45.07 30.97 -49.94
N ALA A 1520 -44.87 29.66 -49.79
CA ALA A 1520 -45.30 28.89 -48.61
C ALA A 1520 -44.42 29.29 -47.46
N PRO A 1521 -44.97 29.38 -46.23
CA PRO A 1521 -44.17 29.60 -45.03
C PRO A 1521 -42.93 28.71 -44.97
N LEU A 1522 -43.10 27.43 -45.27
CA LEU A 1522 -42.03 26.39 -45.32
C LEU A 1522 -40.97 26.77 -46.35
N ARG A 1523 -41.37 27.24 -47.53
CA ARG A 1523 -40.43 27.64 -48.61
C ARG A 1523 -39.75 28.94 -48.24
N GLY A 1524 -40.50 29.92 -47.72
CA GLY A 1524 -39.97 31.24 -47.30
C GLY A 1524 -38.97 31.13 -46.14
N ALA A 1525 -39.25 30.31 -45.14
CA ALA A 1525 -38.35 30.05 -44.01
C ALA A 1525 -36.97 29.57 -44.45
N LEU A 1526 -36.88 28.76 -45.51
CA LEU A 1526 -35.59 28.31 -46.10
C LEU A 1526 -35.02 29.43 -46.98
N ALA A 1527 -35.83 29.96 -47.90
CA ALA A 1527 -35.47 30.97 -48.91
C ALA A 1527 -34.81 32.19 -48.26
N THR A 1528 -35.17 32.47 -47.01
CA THR A 1528 -34.57 33.52 -46.15
C THR A 1528 -33.04 33.42 -46.16
N TYR A 1529 -32.49 32.20 -46.12
CA TYR A 1529 -31.04 31.87 -45.98
C TYR A 1529 -30.48 31.41 -47.32
N GLY A 1530 -31.26 31.54 -48.38
CA GLY A 1530 -30.86 31.14 -49.75
C GLY A 1530 -30.97 29.64 -49.98
N LEU A 1531 -31.65 28.91 -49.11
CA LEU A 1531 -31.88 27.45 -49.28
C LEU A 1531 -33.12 27.24 -50.14
N THR A 1532 -33.21 26.09 -50.79
CA THR A 1532 -34.38 25.66 -51.58
C THR A 1532 -35.07 24.54 -50.82
N ILE A 1533 -36.22 24.10 -51.32
CA ILE A 1533 -37.01 23.03 -50.66
C ILE A 1533 -36.21 21.73 -50.69
N ASP A 1534 -35.37 21.55 -51.72
CA ASP A 1534 -34.46 20.38 -51.88
C ASP A 1534 -33.35 20.38 -50.83
N ASP A 1535 -33.14 21.45 -50.06
CA ASP A 1535 -32.08 21.50 -49.01
C ASP A 1535 -32.62 20.99 -47.67
N LEU A 1536 -33.91 20.74 -47.52
CA LEU A 1536 -34.51 20.12 -46.30
C LEU A 1536 -34.18 18.63 -46.24
N GLY A 1537 -33.00 18.28 -45.75
CA GLY A 1537 -32.44 16.93 -45.92
C GLY A 1537 -33.13 15.87 -45.09
N VAL A 1538 -33.43 16.19 -43.84
CA VAL A 1538 -33.90 15.20 -42.83
C VAL A 1538 -35.25 15.63 -42.30
N ALA A 1539 -36.14 14.69 -42.08
CA ALA A 1539 -37.44 14.90 -41.43
C ALA A 1539 -37.41 13.99 -40.22
N SER A 1540 -37.20 14.53 -39.03
CA SER A 1540 -37.42 13.83 -37.75
C SER A 1540 -38.93 13.69 -37.57
N PHE A 1541 -39.45 12.49 -37.82
CA PHE A 1541 -40.88 12.12 -37.70
C PHE A 1541 -41.23 11.86 -36.24
N HIS A 1542 -42.42 12.30 -35.86
CA HIS A 1542 -43.14 11.87 -34.64
C HIS A 1542 -43.03 10.36 -34.47
N GLY A 1543 -43.43 9.59 -35.48
CA GLY A 1543 -43.15 8.15 -35.57
C GLY A 1543 -43.31 7.45 -34.23
N THR A 1544 -44.54 7.40 -33.76
CA THR A 1544 -44.90 6.88 -32.43
C THR A 1544 -44.82 5.35 -32.43
N SER A 1545 -44.99 4.71 -33.58
CA SER A 1545 -45.03 3.24 -33.75
C SER A 1545 -46.48 2.81 -33.68
N THR A 1546 -47.43 3.66 -34.07
CA THR A 1546 -48.86 3.32 -34.15
C THR A 1546 -49.26 3.27 -35.62
N LYS A 1547 -50.26 2.44 -35.95
CA LYS A 1547 -50.66 2.13 -37.35
C LYS A 1547 -51.02 3.44 -38.03
N ALA A 1548 -51.81 4.28 -37.35
CA ALA A 1548 -52.47 5.47 -37.92
C ALA A 1548 -51.50 6.64 -38.03
N ASN A 1549 -50.60 6.79 -37.06
CA ASN A 1549 -49.78 8.03 -36.95
C ASN A 1549 -48.69 7.98 -38.01
N ASP A 1550 -47.97 6.87 -38.10
CA ASP A 1550 -46.76 6.73 -38.95
C ASP A 1550 -47.16 6.84 -40.42
N LYS A 1551 -48.35 6.36 -40.80
CA LYS A 1551 -48.86 6.50 -42.19
C LYS A 1551 -49.26 7.95 -42.46
N ASN A 1552 -49.96 8.58 -41.53
CA ASN A 1552 -50.49 9.96 -41.70
C ASN A 1552 -49.33 10.93 -41.86
N GLU A 1553 -48.37 10.85 -40.96
CA GLU A 1553 -47.18 11.73 -40.97
C GLU A 1553 -46.43 11.58 -42.28
N SER A 1554 -46.18 10.34 -42.73
CA SER A 1554 -45.50 10.04 -44.02
C SER A 1554 -46.27 10.66 -45.17
N ALA A 1555 -47.59 10.56 -45.15
CA ALA A 1555 -48.50 11.10 -46.19
C ALA A 1555 -48.45 12.62 -46.18
N THR A 1556 -48.36 13.22 -45.00
CA THR A 1556 -48.41 14.68 -44.77
C THR A 1556 -47.10 15.32 -45.22
N ILE A 1557 -45.95 14.72 -44.90
CA ILE A 1557 -44.62 15.22 -45.37
C ILE A 1557 -44.55 15.04 -46.88
N ASN A 1558 -44.90 13.86 -47.37
CA ASN A 1558 -44.92 13.56 -48.82
C ASN A 1558 -45.75 14.61 -49.57
N GLU A 1559 -46.88 15.11 -49.05
CA GLU A 1559 -47.74 16.08 -49.78
C GLU A 1559 -47.12 17.47 -49.74
N MET A 1560 -46.56 17.87 -48.59
CA MET A 1560 -45.81 19.14 -48.46
C MET A 1560 -44.80 19.16 -49.59
N MET A 1561 -43.87 18.19 -49.61
CA MET A 1561 -42.75 18.08 -50.57
C MET A 1561 -43.30 18.12 -51.99
N LYS A 1562 -44.39 17.43 -52.28
CA LYS A 1562 -44.90 17.29 -53.66
C LYS A 1562 -45.43 18.64 -54.16
N HIS A 1563 -46.14 19.37 -53.31
CA HIS A 1563 -46.75 20.68 -53.62
C HIS A 1563 -45.64 21.69 -53.87
N LEU A 1564 -44.66 21.75 -52.99
CA LEU A 1564 -43.52 22.71 -53.08
C LEU A 1564 -42.53 22.31 -54.18
N GLY A 1565 -42.77 21.21 -54.90
CA GLY A 1565 -41.99 20.84 -56.08
C GLY A 1565 -40.58 20.45 -55.73
N ARG A 1566 -40.43 19.63 -54.70
CA ARG A 1566 -39.17 18.95 -54.35
C ARG A 1566 -38.81 18.03 -55.50
N SER A 1567 -37.53 17.96 -55.86
CA SER A 1567 -37.04 17.21 -57.05
C SER A 1567 -37.30 15.72 -56.85
N GLU A 1568 -37.98 15.10 -57.81
CA GLU A 1568 -38.11 13.63 -57.90
C GLU A 1568 -36.76 13.00 -57.67
N GLY A 1569 -36.71 12.03 -56.77
CA GLY A 1569 -35.49 11.28 -56.47
C GLY A 1569 -34.75 11.94 -55.34
N ASN A 1570 -35.38 12.89 -54.66
CA ASN A 1570 -34.74 13.61 -53.53
C ASN A 1570 -35.65 13.50 -52.33
N PRO A 1571 -35.86 12.29 -51.80
CA PRO A 1571 -36.74 12.16 -50.66
C PRO A 1571 -36.09 12.78 -49.42
N VAL A 1572 -36.90 13.17 -48.45
CA VAL A 1572 -36.36 13.49 -47.11
C VAL A 1572 -36.02 12.17 -46.44
N ILE A 1573 -34.99 12.15 -45.62
CA ILE A 1573 -34.55 10.96 -44.87
C ILE A 1573 -35.25 11.00 -43.53
N GLY A 1574 -36.03 9.98 -43.22
CA GLY A 1574 -36.84 9.95 -41.99
C GLY A 1574 -36.00 9.56 -40.81
N VAL A 1575 -36.10 10.32 -39.73
CA VAL A 1575 -35.52 9.91 -38.43
C VAL A 1575 -36.68 9.58 -37.47
N PHE A 1576 -36.57 8.45 -36.78
CA PHE A 1576 -37.62 7.90 -35.91
C PHE A 1576 -36.99 7.59 -34.57
N GLN A 1577 -36.57 8.64 -33.89
CA GLN A 1577 -35.79 8.57 -32.64
C GLN A 1577 -36.55 7.74 -31.61
N LYS A 1578 -37.89 7.76 -31.65
CA LYS A 1578 -38.76 7.09 -30.65
C LYS A 1578 -38.55 5.58 -30.63
N PHE A 1579 -37.93 4.99 -31.66
CA PHE A 1579 -37.57 3.55 -31.63
C PHE A 1579 -36.67 3.25 -30.42
N LEU A 1580 -35.94 4.24 -29.94
CA LEU A 1580 -34.89 4.03 -28.91
C LEU A 1580 -35.39 4.49 -27.56
N THR A 1581 -36.00 5.67 -27.54
CA THR A 1581 -36.40 6.40 -26.30
C THR A 1581 -37.79 5.93 -25.87
N GLY A 1582 -38.68 5.61 -26.81
CA GLY A 1582 -40.12 5.50 -26.55
C GLY A 1582 -40.71 6.88 -26.67
N HIS A 1583 -42.00 7.02 -26.37
CA HIS A 1583 -42.81 8.24 -26.54
C HIS A 1583 -43.05 8.87 -25.18
N PRO A 1584 -42.41 10.01 -24.84
CA PRO A 1584 -42.59 10.63 -23.55
C PRO A 1584 -43.61 11.77 -23.57
N LYS A 1585 -44.67 11.64 -24.37
CA LYS A 1585 -45.77 12.62 -24.49
C LYS A 1585 -45.18 14.02 -24.69
N GLY A 1586 -45.36 14.94 -23.74
CA GLY A 1586 -45.04 16.36 -23.90
C GLY A 1586 -43.59 16.58 -24.27
N ALA A 1587 -42.70 15.70 -23.83
CA ALA A 1587 -41.24 15.85 -24.01
C ALA A 1587 -40.84 15.43 -25.41
N ALA A 1588 -41.75 14.83 -26.19
CA ALA A 1588 -41.43 14.06 -27.42
C ALA A 1588 -40.67 14.92 -28.41
N GLY A 1589 -41.27 16.05 -28.76
CA GLY A 1589 -40.73 16.97 -29.77
C GLY A 1589 -39.46 17.62 -29.30
N ALA A 1590 -39.26 17.75 -27.99
CA ALA A 1590 -38.04 18.40 -27.46
C ALA A 1590 -36.85 17.47 -27.70
N TRP A 1591 -37.02 16.18 -27.46
CA TRP A 1591 -36.02 15.15 -27.79
C TRP A 1591 -35.69 15.18 -29.29
N MET A 1592 -36.71 15.31 -30.13
CA MET A 1592 -36.55 15.31 -31.60
C MET A 1592 -35.70 16.53 -31.99
N MET A 1593 -35.97 17.66 -31.36
CA MET A 1593 -35.29 18.96 -31.60
C MET A 1593 -33.84 18.87 -31.14
N ASN A 1594 -33.60 18.26 -30.00
CA ASN A 1594 -32.22 17.97 -29.52
C ASN A 1594 -31.54 17.10 -30.54
N GLY A 1595 -32.18 16.06 -31.03
CA GLY A 1595 -31.59 15.18 -32.04
C GLY A 1595 -31.46 15.86 -33.38
N ALA A 1596 -32.38 16.72 -33.77
CA ALA A 1596 -32.24 17.48 -35.04
C ALA A 1596 -31.01 18.37 -34.99
N LEU A 1597 -30.77 19.02 -33.86
CA LEU A 1597 -29.59 19.88 -33.71
C LEU A 1597 -28.32 19.02 -33.78
N GLN A 1598 -28.33 17.88 -33.12
CA GLN A 1598 -27.16 16.95 -33.09
C GLN A 1598 -26.88 16.40 -34.48
N ILE A 1599 -27.90 16.20 -35.29
CA ILE A 1599 -27.74 15.83 -36.73
C ILE A 1599 -27.07 16.97 -37.46
N LEU A 1600 -27.61 18.18 -37.42
CA LEU A 1600 -27.07 19.33 -38.20
C LEU A 1600 -25.59 19.53 -37.93
N ASN A 1601 -25.23 19.52 -36.65
CA ASN A 1601 -23.86 19.78 -36.21
C ASN A 1601 -22.96 18.55 -36.33
N SER A 1602 -23.38 17.41 -36.86
CA SER A 1602 -22.49 16.23 -37.03
C SER A 1602 -22.54 15.69 -38.45
N GLY A 1603 -23.58 16.04 -39.20
CA GLY A 1603 -23.89 15.46 -40.52
C GLY A 1603 -24.27 14.00 -40.45
N ILE A 1604 -24.24 13.39 -39.26
CA ILE A 1604 -24.61 11.96 -39.05
C ILE A 1604 -26.12 11.91 -38.93
N ILE A 1605 -26.76 11.09 -39.75
CA ILE A 1605 -28.22 10.78 -39.67
C ILE A 1605 -28.36 9.40 -39.06
N PRO A 1606 -29.02 9.28 -37.89
CA PRO A 1606 -29.20 7.99 -37.26
C PRO A 1606 -30.20 7.09 -38.01
N GLY A 1607 -29.99 5.80 -37.82
CA GLY A 1607 -30.86 4.78 -38.40
C GLY A 1607 -31.85 4.24 -37.39
N ASN A 1608 -33.10 4.11 -37.82
CA ASN A 1608 -34.14 3.33 -37.13
C ASN A 1608 -33.70 1.87 -37.14
N ARG A 1609 -32.91 1.47 -36.15
CA ARG A 1609 -32.44 0.08 -35.99
C ARG A 1609 -33.58 -0.89 -35.68
N ASN A 1610 -34.80 -0.44 -35.34
CA ASN A 1610 -35.95 -1.36 -35.17
C ASN A 1610 -36.79 -1.38 -36.45
N ALA A 1611 -36.33 -0.77 -37.56
CA ALA A 1611 -37.03 -0.80 -38.86
C ALA A 1611 -36.72 -2.13 -39.53
N ASP A 1612 -37.19 -3.22 -38.93
CA ASP A 1612 -36.93 -4.59 -39.42
C ASP A 1612 -37.48 -4.67 -40.85
N ASN A 1613 -38.71 -4.26 -41.04
CA ASN A 1613 -39.32 -4.31 -42.38
C ASN A 1613 -40.26 -3.11 -42.60
N VAL A 1614 -39.87 -2.20 -43.49
CA VAL A 1614 -40.63 -0.96 -43.71
C VAL A 1614 -41.97 -1.33 -44.32
N ASP A 1615 -43.04 -0.70 -43.87
CA ASP A 1615 -44.44 -1.03 -44.26
C ASP A 1615 -44.59 -0.76 -45.76
N LYS A 1616 -45.11 -1.74 -46.48
CA LYS A 1616 -45.35 -1.72 -47.94
C LYS A 1616 -46.24 -0.54 -48.31
N ILE A 1617 -47.19 -0.17 -47.45
CA ILE A 1617 -48.14 0.96 -47.69
C ILE A 1617 -47.34 2.24 -47.92
N LEU A 1618 -46.26 2.43 -47.16
CA LEU A 1618 -45.42 3.64 -47.18
C LEU A 1618 -44.56 3.77 -48.46
N GLU A 1619 -44.59 2.81 -49.39
CA GLU A 1619 -43.80 2.88 -50.65
C GLU A 1619 -44.39 3.93 -51.60
N GLN A 1620 -45.69 4.18 -51.51
CA GLN A 1620 -46.43 5.16 -52.35
C GLN A 1620 -45.89 6.58 -52.11
N PHE A 1621 -45.27 6.83 -50.96
CA PHE A 1621 -44.69 8.14 -50.58
C PHE A 1621 -43.23 8.24 -51.04
N GLU A 1622 -43.05 8.66 -52.29
CA GLU A 1622 -41.72 8.62 -52.96
C GLU A 1622 -40.78 9.67 -52.33
N TYR A 1623 -41.29 10.68 -51.63
CA TYR A 1623 -40.46 11.79 -51.10
C TYR A 1623 -40.01 11.48 -49.67
N VAL A 1624 -40.10 10.24 -49.23
CA VAL A 1624 -39.65 9.81 -47.89
C VAL A 1624 -38.84 8.54 -48.04
N LEU A 1625 -37.63 8.55 -47.52
CA LEU A 1625 -36.75 7.38 -47.37
C LEU A 1625 -36.70 7.00 -45.89
N TYR A 1626 -36.71 5.71 -45.57
CA TYR A 1626 -36.80 5.15 -44.18
C TYR A 1626 -35.57 4.32 -43.84
N PRO A 1627 -34.40 4.92 -43.57
CA PRO A 1627 -33.18 4.16 -43.33
C PRO A 1627 -33.21 3.41 -41.99
N SER A 1628 -32.55 2.27 -41.97
CA SER A 1628 -32.41 1.36 -40.81
C SER A 1628 -30.99 1.44 -40.23
N LYS A 1629 -30.06 2.14 -40.86
CA LYS A 1629 -28.71 2.29 -40.26
C LYS A 1629 -28.19 3.69 -40.46
N THR A 1630 -27.33 4.10 -39.54
CA THR A 1630 -26.76 5.45 -39.45
C THR A 1630 -25.98 5.75 -40.72
N LEU A 1631 -26.24 6.93 -41.32
CA LEU A 1631 -25.51 7.49 -42.48
C LEU A 1631 -24.68 8.69 -42.06
N LYS A 1632 -23.37 8.54 -42.03
CA LYS A 1632 -22.42 9.67 -42.02
C LYS A 1632 -22.50 10.34 -43.39
N THR A 1633 -23.21 11.46 -43.50
CA THR A 1633 -23.34 12.29 -44.72
C THR A 1633 -22.20 13.30 -44.79
N ASP A 1634 -22.17 14.13 -45.84
CA ASP A 1634 -21.23 15.26 -46.04
C ASP A 1634 -21.85 16.57 -45.57
N GLY A 1635 -23.03 16.52 -44.94
CA GLY A 1635 -23.69 17.71 -44.37
C GLY A 1635 -25.19 17.67 -44.54
N VAL A 1636 -25.89 18.08 -43.49
CA VAL A 1636 -27.35 18.34 -43.47
C VAL A 1636 -27.51 19.85 -43.36
N ARG A 1637 -28.35 20.44 -44.20
CA ARG A 1637 -28.53 21.91 -44.25
C ARG A 1637 -29.71 22.29 -43.36
N ALA A 1638 -30.74 21.45 -43.28
CA ALA A 1638 -32.02 21.73 -42.58
C ALA A 1638 -32.67 20.43 -42.16
N VAL A 1639 -33.37 20.45 -41.04
CA VAL A 1639 -34.17 19.31 -40.53
C VAL A 1639 -35.57 19.81 -40.27
N SER A 1640 -36.56 18.99 -40.48
CA SER A 1640 -37.98 19.27 -40.20
C SER A 1640 -38.37 18.43 -39.00
N ILE A 1641 -39.03 19.01 -38.01
CA ILE A 1641 -39.54 18.30 -36.81
C ILE A 1641 -41.04 18.39 -36.82
N THR A 1642 -41.76 17.28 -36.93
CA THR A 1642 -43.24 17.25 -36.94
C THR A 1642 -43.71 16.46 -35.72
N SER A 1643 -44.58 17.05 -34.92
CA SER A 1643 -45.32 16.31 -33.88
C SER A 1643 -46.80 16.30 -34.22
N PHE A 1644 -47.52 15.31 -33.69
CA PHE A 1644 -49.00 15.20 -33.74
C PHE A 1644 -49.47 14.75 -32.36
N GLY A 1645 -50.05 15.68 -31.62
CA GLY A 1645 -50.68 15.40 -30.33
C GLY A 1645 -52.09 14.86 -30.46
N PHE A 1646 -52.62 14.39 -29.33
CA PHE A 1646 -54.06 14.10 -29.11
C PHE A 1646 -54.74 15.46 -29.16
N GLY A 1647 -55.93 15.52 -29.72
CA GLY A 1647 -56.75 16.75 -29.74
C GLY A 1647 -56.36 17.62 -30.90
N GLN A 1648 -56.04 17.01 -32.04
CA GLN A 1648 -55.76 17.71 -33.31
C GLN A 1648 -54.54 18.64 -33.22
N LYS A 1649 -53.66 18.48 -32.25
CA LYS A 1649 -52.45 19.32 -32.09
C LYS A 1649 -51.39 18.90 -33.10
N GLY A 1650 -51.38 19.48 -34.29
CA GLY A 1650 -50.29 19.29 -35.26
C GLY A 1650 -49.24 20.36 -35.09
N GLY A 1651 -47.96 20.00 -35.15
CA GLY A 1651 -46.85 20.96 -35.06
C GLY A 1651 -45.77 20.66 -36.07
N GLN A 1652 -45.12 21.68 -36.59
CA GLN A 1652 -43.91 21.53 -37.41
C GLN A 1652 -42.92 22.63 -37.08
N ALA A 1653 -41.64 22.30 -36.94
CA ALA A 1653 -40.54 23.27 -36.79
C ALA A 1653 -39.44 22.94 -37.79
N ILE A 1654 -38.91 23.93 -38.48
CA ILE A 1654 -37.71 23.76 -39.34
C ILE A 1654 -36.48 24.26 -38.58
N VAL A 1655 -35.41 23.51 -38.58
CA VAL A 1655 -34.15 23.96 -37.96
C VAL A 1655 -33.08 23.91 -39.03
N VAL A 1656 -32.40 25.04 -39.23
CA VAL A 1656 -31.38 25.21 -40.28
C VAL A 1656 -30.02 25.16 -39.63
N HIS A 1657 -29.06 24.56 -40.34
CA HIS A 1657 -27.61 24.53 -39.99
C HIS A 1657 -27.20 25.92 -39.55
N PRO A 1658 -26.47 26.07 -38.43
CA PRO A 1658 -26.18 27.39 -37.90
C PRO A 1658 -25.21 28.19 -38.76
N ASP A 1659 -24.48 27.52 -39.67
CA ASP A 1659 -23.44 28.18 -40.50
C ASP A 1659 -24.10 29.12 -41.53
N TYR A 1660 -25.41 29.06 -41.72
CA TYR A 1660 -26.12 30.01 -42.62
C TYR A 1660 -26.27 31.37 -41.96
N LEU A 1661 -26.16 31.47 -40.63
CA LEU A 1661 -26.26 32.76 -39.91
C LEU A 1661 -25.01 33.61 -40.17
N TYR A 1662 -23.82 33.02 -40.09
CA TYR A 1662 -22.53 33.75 -40.10
C TYR A 1662 -22.27 34.39 -41.46
N GLY A 1663 -22.94 33.91 -42.51
CA GLY A 1663 -22.92 34.59 -43.81
C GLY A 1663 -23.59 35.96 -43.79
N ALA A 1664 -24.34 36.28 -42.74
CA ALA A 1664 -25.09 37.54 -42.58
C ALA A 1664 -24.25 38.59 -41.82
N ILE A 1665 -23.06 38.24 -41.37
CA ILE A 1665 -22.24 39.19 -40.54
C ILE A 1665 -20.88 39.37 -41.22
N THR A 1666 -20.21 40.47 -40.88
CA THR A 1666 -18.85 40.83 -41.33
C THR A 1666 -17.83 39.86 -40.70
N GLU A 1667 -16.63 39.78 -41.28
CA GLU A 1667 -15.52 38.95 -40.75
C GLU A 1667 -15.10 39.45 -39.37
N ASP A 1668 -15.12 40.76 -39.14
CA ASP A 1668 -14.70 41.33 -37.83
C ASP A 1668 -15.64 40.87 -36.74
N ARG A 1669 -16.94 40.92 -37.03
CA ARG A 1669 -18.00 40.50 -36.08
C ARG A 1669 -17.99 38.98 -35.89
N TYR A 1670 -17.74 38.24 -36.95
CA TYR A 1670 -17.59 36.78 -36.87
C TYR A 1670 -16.42 36.44 -35.96
N ASN A 1671 -15.28 37.12 -36.12
CA ASN A 1671 -14.02 36.76 -35.43
C ASN A 1671 -14.09 37.13 -33.97
N GLU A 1672 -14.86 38.17 -33.65
CA GLU A 1672 -15.10 38.59 -32.25
C GLU A 1672 -15.97 37.56 -31.53
N TYR A 1673 -17.01 37.07 -32.22
CA TYR A 1673 -17.92 36.00 -31.76
C TYR A 1673 -17.04 34.79 -31.45
N VAL A 1674 -16.21 34.35 -32.40
CA VAL A 1674 -15.42 33.09 -32.27
C VAL A 1674 -14.49 33.17 -31.06
N ALA A 1675 -13.97 34.34 -30.75
CA ALA A 1675 -13.12 34.56 -29.56
C ALA A 1675 -13.96 34.38 -28.29
N LYS A 1676 -15.16 34.96 -28.23
CA LYS A 1676 -16.00 34.91 -27.02
C LYS A 1676 -16.48 33.48 -26.77
N VAL A 1677 -16.84 32.75 -27.82
CA VAL A 1677 -17.39 31.37 -27.70
C VAL A 1677 -16.28 30.48 -27.15
N SER A 1678 -15.10 30.52 -27.77
CA SER A 1678 -13.89 29.77 -27.35
C SER A 1678 -13.65 29.97 -25.86
N ALA A 1679 -13.76 31.21 -25.38
CA ALA A 1679 -13.51 31.56 -23.97
C ALA A 1679 -14.60 30.96 -23.10
N ARG A 1680 -15.84 31.12 -23.55
CA ARG A 1680 -17.05 30.69 -22.82
C ARG A 1680 -17.10 29.17 -22.79
N GLU A 1681 -16.81 28.52 -23.92
CA GLU A 1681 -16.65 27.05 -24.01
C GLU A 1681 -15.66 26.60 -22.93
N LYS A 1682 -14.50 27.22 -22.82
CA LYS A 1682 -13.45 26.76 -21.87
C LYS A 1682 -14.01 26.79 -20.45
N SER A 1683 -14.56 27.92 -20.06
CA SER A 1683 -15.19 28.15 -18.74
C SER A 1683 -16.33 27.19 -18.46
N ALA A 1684 -17.07 26.78 -19.49
CA ALA A 1684 -18.21 25.85 -19.38
C ALA A 1684 -17.67 24.48 -19.03
N TYR A 1685 -16.63 24.05 -19.77
CA TYR A 1685 -15.97 22.75 -19.54
C TYR A 1685 -15.44 22.73 -18.09
N LYS A 1686 -14.80 23.82 -17.68
CA LYS A 1686 -14.31 24.00 -16.29
C LYS A 1686 -15.46 23.76 -15.31
N PHE A 1687 -16.60 24.36 -15.55
CA PHE A 1687 -17.77 24.34 -14.64
C PHE A 1687 -18.37 22.95 -14.67
N PHE A 1688 -18.40 22.37 -15.85
CA PHE A 1688 -19.13 21.11 -16.06
C PHE A 1688 -18.45 20.04 -15.22
N HIS A 1689 -17.15 19.86 -15.40
CA HIS A 1689 -16.35 18.80 -14.73
C HIS A 1689 -16.35 19.01 -13.22
N ASN A 1690 -16.19 20.25 -12.77
CA ASN A 1690 -16.21 20.58 -11.33
C ASN A 1690 -17.54 20.13 -10.74
N GLY A 1691 -18.65 20.62 -11.29
CA GLY A 1691 -20.01 20.28 -10.86
C GLY A 1691 -20.29 18.81 -10.90
N MET A 1692 -19.72 18.08 -11.86
CA MET A 1692 -20.03 16.65 -12.04
C MET A 1692 -19.37 15.87 -10.91
N ILE A 1693 -18.06 16.03 -10.71
CA ILE A 1693 -17.34 15.20 -9.72
C ILE A 1693 -17.81 15.56 -8.33
N TYR A 1694 -18.17 16.82 -8.10
CA TYR A 1694 -18.60 17.32 -6.76
C TYR A 1694 -20.12 17.40 -6.61
N ASN A 1695 -20.88 16.75 -7.48
CA ASN A 1695 -22.36 16.78 -7.50
C ASN A 1695 -22.90 18.18 -7.23
N LYS A 1696 -22.57 19.15 -8.07
CA LYS A 1696 -23.06 20.53 -7.90
C LYS A 1696 -23.09 21.26 -9.24
N LEU A 1697 -23.64 20.61 -10.25
CA LEU A 1697 -24.02 21.24 -11.53
C LEU A 1697 -25.19 22.16 -11.26
N PHE A 1698 -26.20 21.65 -10.58
CA PHE A 1698 -27.35 22.46 -10.11
C PHE A 1698 -26.93 23.17 -8.83
N VAL A 1699 -27.06 24.49 -8.84
CA VAL A 1699 -26.83 25.33 -7.63
C VAL A 1699 -28.02 26.28 -7.50
N SER A 1700 -28.88 26.05 -6.50
CA SER A 1700 -30.08 26.88 -6.34
C SER A 1700 -29.58 28.27 -5.93
N LYS A 1701 -30.22 29.30 -6.46
CA LYS A 1701 -29.96 30.70 -6.05
C LYS A 1701 -30.68 30.90 -4.73
N GLU A 1702 -29.99 31.59 -3.81
CA GLU A 1702 -30.54 31.96 -2.49
C GLU A 1702 -31.35 33.21 -2.67
N HIS A 1703 -30.80 34.18 -3.41
CA HIS A 1703 -31.39 35.53 -3.56
C HIS A 1703 -31.48 35.88 -5.04
N ALA A 1704 -32.50 36.67 -5.36
CA ALA A 1704 -32.60 37.41 -6.62
C ALA A 1704 -31.32 38.22 -6.83
N PRO A 1705 -31.04 38.66 -8.07
CA PRO A 1705 -29.92 39.55 -8.32
C PRO A 1705 -30.11 40.95 -7.75
N TYR A 1706 -31.30 41.27 -7.24
CA TYR A 1706 -31.59 42.57 -6.58
C TYR A 1706 -32.06 42.30 -5.15
N THR A 1707 -31.87 43.26 -4.26
CA THR A 1707 -32.46 43.27 -2.90
C THR A 1707 -33.93 43.67 -3.02
N ASP A 1708 -34.73 43.44 -1.98
CA ASP A 1708 -36.18 43.78 -1.93
C ASP A 1708 -36.39 45.31 -2.00
N GLU A 1709 -35.35 46.10 -1.72
CA GLU A 1709 -35.43 47.59 -1.74
C GLU A 1709 -35.26 48.06 -3.19
N LEU A 1710 -34.36 47.43 -3.94
CA LEU A 1710 -34.09 47.78 -5.36
C LEU A 1710 -35.05 47.06 -6.31
N GLU A 1711 -35.90 46.17 -5.83
CA GLU A 1711 -36.70 45.22 -6.67
C GLU A 1711 -37.60 46.00 -7.62
N GLU A 1712 -38.30 47.02 -7.13
CA GLU A 1712 -39.28 47.81 -7.92
C GLU A 1712 -38.53 48.83 -8.75
N ASP A 1713 -37.31 49.20 -8.35
CA ASP A 1713 -36.48 50.16 -9.11
C ASP A 1713 -35.90 49.45 -10.34
N VAL A 1714 -35.47 48.21 -10.17
CA VAL A 1714 -34.91 47.37 -11.27
C VAL A 1714 -36.03 47.10 -12.27
N TYR A 1715 -37.17 46.60 -11.80
CA TYR A 1715 -38.34 46.25 -12.64
C TYR A 1715 -38.69 47.43 -13.53
N LEU A 1716 -38.67 48.64 -12.98
CA LEU A 1716 -39.16 49.84 -13.69
C LEU A 1716 -38.11 50.49 -14.60
N ASP A 1717 -36.82 50.16 -14.50
CA ASP A 1717 -35.76 50.69 -15.41
C ASP A 1717 -35.42 49.69 -16.51
N PRO A 1718 -35.84 49.88 -17.78
CA PRO A 1718 -35.57 48.88 -18.82
C PRO A 1718 -34.08 48.65 -19.12
N LEU A 1719 -33.20 49.58 -18.71
CA LEU A 1719 -31.74 49.50 -18.99
C LEU A 1719 -30.94 49.00 -17.79
N ALA A 1720 -31.58 48.68 -16.67
CA ALA A 1720 -30.89 48.13 -15.47
C ALA A 1720 -30.20 46.83 -15.86
N ARG A 1721 -28.95 46.66 -15.45
CA ARG A 1721 -28.13 45.45 -15.74
C ARG A 1721 -27.32 45.08 -14.52
N VAL A 1722 -27.10 43.79 -14.32
CA VAL A 1722 -26.19 43.33 -13.24
C VAL A 1722 -24.74 43.64 -13.60
N SER A 1723 -23.92 43.66 -12.56
CA SER A 1723 -22.46 43.84 -12.59
C SER A 1723 -21.90 43.00 -11.46
N LYS A 1724 -20.60 42.67 -11.53
CA LYS A 1724 -19.89 41.91 -10.48
C LYS A 1724 -19.74 42.82 -9.25
N ASP A 1725 -20.38 42.44 -8.14
CA ASP A 1725 -20.15 42.97 -6.78
C ASP A 1725 -18.74 42.54 -6.35
N LYS A 1726 -17.92 43.45 -5.81
CA LYS A 1726 -16.52 43.15 -5.40
C LYS A 1726 -16.51 42.20 -4.19
N LYS A 1727 -17.28 42.50 -3.15
CA LYS A 1727 -17.34 41.68 -1.90
C LYS A 1727 -17.71 40.24 -2.27
N SER A 1728 -18.98 39.99 -2.60
CA SER A 1728 -19.56 38.64 -2.78
C SER A 1728 -18.93 37.95 -4.01
N GLY A 1729 -18.59 38.73 -5.04
CA GLY A 1729 -18.14 38.21 -6.35
C GLY A 1729 -19.30 37.89 -7.28
N SER A 1730 -20.53 37.85 -6.75
CA SER A 1730 -21.76 37.44 -7.46
C SER A 1730 -22.31 38.61 -8.26
N LEU A 1731 -23.03 38.34 -9.35
CA LEU A 1731 -23.70 39.36 -10.19
C LEU A 1731 -24.92 39.87 -9.44
N THR A 1732 -24.99 41.17 -9.25
CA THR A 1732 -26.15 41.83 -8.59
C THR A 1732 -26.50 43.12 -9.33
N PHE A 1733 -27.63 43.69 -8.96
CA PHE A 1733 -27.99 45.06 -9.36
C PHE A 1733 -27.49 45.98 -8.25
N ASN A 1734 -26.80 47.01 -8.72
CA ASN A 1734 -26.21 48.12 -7.96
C ASN A 1734 -27.21 49.27 -8.07
N SER A 1735 -27.35 50.09 -7.06
CA SER A 1735 -28.19 51.32 -7.14
C SER A 1735 -27.60 52.32 -8.15
N LYS A 1736 -26.27 52.32 -8.38
CA LYS A 1736 -25.58 53.28 -9.29
C LYS A 1736 -26.06 53.09 -10.74
N ASN A 1737 -26.22 51.84 -11.17
CA ASN A 1737 -26.55 51.46 -12.57
C ASN A 1737 -28.08 51.31 -12.74
N ILE A 1738 -28.87 51.92 -11.86
CA ILE A 1738 -30.35 52.01 -12.01
C ILE A 1738 -30.71 53.47 -12.23
N GLN A 1739 -31.45 53.75 -13.31
CA GLN A 1739 -31.83 55.09 -13.82
C GLN A 1739 -30.58 55.99 -13.91
N SER A 1740 -29.46 55.44 -14.38
CA SER A 1740 -28.20 56.18 -14.64
C SER A 1740 -28.20 56.68 -16.09
N LYS A 1741 -27.65 57.87 -16.32
CA LYS A 1741 -27.52 58.47 -17.67
C LYS A 1741 -26.52 57.67 -18.52
N ASP A 1742 -25.53 57.03 -17.91
CA ASP A 1742 -24.47 56.27 -18.62
C ASP A 1742 -25.10 55.13 -19.44
N SER A 1743 -26.20 54.55 -18.93
CA SER A 1743 -26.97 53.47 -19.58
C SER A 1743 -27.62 53.99 -20.87
N TYR A 1744 -28.20 55.18 -20.81
CA TYR A 1744 -28.96 55.78 -21.93
C TYR A 1744 -27.99 56.50 -22.87
N ILE A 1745 -27.28 57.51 -22.33
CA ILE A 1745 -26.40 58.42 -23.11
C ILE A 1745 -25.02 57.79 -23.19
N ASN A 1746 -24.82 56.94 -24.19
CA ASN A 1746 -23.56 56.17 -24.37
C ASN A 1746 -22.51 57.11 -24.97
N ALA A 1747 -21.28 56.61 -25.18
CA ALA A 1747 -20.14 57.34 -25.78
C ALA A 1747 -20.56 57.97 -27.11
N ASN A 1748 -21.19 57.20 -28.00
CA ASN A 1748 -21.53 57.63 -29.38
C ASN A 1748 -22.53 58.78 -29.39
N THR A 1749 -23.40 58.84 -28.39
CA THR A 1749 -24.40 59.93 -28.22
C THR A 1749 -23.69 61.22 -27.79
N ILE A 1750 -22.67 61.12 -26.92
CA ILE A 1750 -21.87 62.27 -26.41
C ILE A 1750 -21.07 62.87 -27.57
N GLU A 1751 -20.34 62.03 -28.30
CA GLU A 1751 -19.51 62.42 -29.48
C GLU A 1751 -20.35 63.16 -30.53
N THR A 1752 -21.51 62.60 -30.91
CA THR A 1752 -22.40 63.10 -31.99
C THR A 1752 -23.13 64.37 -31.55
N ALA A 1753 -23.49 64.51 -30.26
CA ALA A 1753 -24.11 65.74 -29.71
C ALA A 1753 -23.05 66.85 -29.69
N LYS A 1754 -21.81 66.53 -29.31
CA LYS A 1754 -20.67 67.49 -29.30
C LYS A 1754 -20.40 67.97 -30.73
N MET A 1755 -20.53 67.11 -31.74
CA MET A 1755 -20.34 67.45 -33.17
C MET A 1755 -21.41 68.42 -33.64
N ILE A 1756 -22.66 68.24 -33.19
CA ILE A 1756 -23.81 69.14 -33.51
C ILE A 1756 -23.59 70.48 -32.78
N GLU A 1757 -23.12 70.43 -31.52
CA GLU A 1757 -22.96 71.64 -30.65
C GLU A 1757 -21.91 72.57 -31.27
N ASN A 1758 -20.80 72.00 -31.76
CA ASN A 1758 -19.66 72.73 -32.41
C ASN A 1758 -20.03 73.22 -33.81
N MET A 1759 -21.27 73.01 -34.28
CA MET A 1759 -21.75 73.32 -35.66
C MET A 1759 -22.76 74.47 -35.66
N THR A 1760 -23.37 74.82 -34.52
CA THR A 1760 -24.29 75.99 -34.37
C THR A 1760 -23.52 77.30 -34.64
N LYS A 1761 -24.25 78.40 -34.91
CA LYS A 1761 -23.71 79.72 -35.36
C LYS A 1761 -22.81 80.35 -34.28
N GLU A 1762 -23.15 80.17 -33.00
CA GLU A 1762 -22.43 80.73 -31.82
C GLU A 1762 -21.03 80.12 -31.70
N LYS A 1763 -20.86 78.84 -32.07
CA LYS A 1763 -19.57 78.09 -31.99
C LYS A 1763 -18.72 78.38 -33.24
N VAL A 1764 -19.28 78.14 -34.44
CA VAL A 1764 -18.59 78.42 -35.73
C VAL A 1764 -19.61 78.94 -36.76
N SER A 1765 -19.30 80.10 -37.36
CA SER A 1765 -20.11 80.78 -38.41
C SER A 1765 -19.18 81.33 -39.50
N ASN A 1766 -19.76 81.67 -40.66
CA ASN A 1766 -19.08 82.29 -41.84
C ASN A 1766 -18.04 81.30 -42.38
N GLY A 1767 -18.49 80.10 -42.74
CA GLY A 1767 -17.66 79.01 -43.31
C GLY A 1767 -18.54 77.86 -43.78
N GLY A 1768 -18.12 77.17 -44.84
CA GLY A 1768 -18.86 76.04 -45.46
C GLY A 1768 -19.04 74.89 -44.47
N VAL A 1769 -20.30 74.52 -44.19
CA VAL A 1769 -20.70 73.42 -43.27
C VAL A 1769 -21.21 72.25 -44.11
N GLY A 1770 -20.66 71.06 -43.88
CA GLY A 1770 -21.08 69.80 -44.52
C GLY A 1770 -21.37 68.73 -43.47
N VAL A 1771 -22.58 68.18 -43.48
CA VAL A 1771 -23.00 67.05 -42.60
C VAL A 1771 -23.24 65.84 -43.49
N ASP A 1772 -22.52 64.74 -43.22
CA ASP A 1772 -22.79 63.41 -43.82
C ASP A 1772 -23.01 62.38 -42.72
N VAL A 1773 -23.87 61.41 -43.02
CA VAL A 1773 -24.09 60.18 -42.20
C VAL A 1773 -24.07 58.99 -43.17
N GLU A 1774 -23.52 57.85 -42.74
CA GLU A 1774 -23.41 56.59 -43.52
C GLU A 1774 -23.74 55.43 -42.60
N LEU A 1775 -24.75 54.66 -42.97
CA LEU A 1775 -25.07 53.35 -42.34
C LEU A 1775 -23.87 52.46 -42.60
N ILE A 1776 -23.25 51.92 -41.55
CA ILE A 1776 -21.94 51.20 -41.67
C ILE A 1776 -22.15 49.95 -42.55
N THR A 1777 -23.37 49.38 -42.56
CA THR A 1777 -23.75 48.19 -43.38
C THR A 1777 -23.63 48.46 -44.88
N SER A 1778 -23.69 49.72 -45.33
CA SER A 1778 -23.49 50.11 -46.75
C SER A 1778 -22.06 49.77 -47.20
N ILE A 1779 -21.06 50.09 -46.36
CA ILE A 1779 -19.60 49.87 -46.63
C ILE A 1779 -19.32 48.37 -46.61
N ASN A 1780 -18.90 47.83 -47.76
CA ASN A 1780 -18.42 46.43 -47.90
C ASN A 1780 -16.88 46.44 -47.90
N VAL A 1781 -16.28 45.87 -46.86
CA VAL A 1781 -14.79 45.80 -46.67
C VAL A 1781 -14.21 44.75 -47.64
N GLU A 1782 -15.00 43.76 -48.06
CA GLU A 1782 -14.62 42.69 -49.03
C GLU A 1782 -14.42 43.29 -50.43
N ASN A 1783 -15.19 44.35 -50.79
CA ASN A 1783 -15.17 44.99 -52.14
C ASN A 1783 -13.87 45.79 -52.29
N ASP A 1784 -12.84 45.18 -52.90
CA ASP A 1784 -11.48 45.75 -53.09
C ASP A 1784 -11.53 46.98 -54.01
N THR A 1785 -12.42 47.00 -55.01
CA THR A 1785 -12.49 48.04 -56.07
C THR A 1785 -12.94 49.37 -55.47
N PHE A 1786 -14.04 49.34 -54.71
CA PHE A 1786 -14.62 50.47 -53.95
C PHE A 1786 -13.61 51.03 -52.93
N ILE A 1787 -12.92 50.16 -52.19
CA ILE A 1787 -11.94 50.55 -51.13
C ILE A 1787 -10.70 51.15 -51.80
N GLU A 1788 -10.21 50.55 -52.89
CA GLU A 1788 -8.97 50.99 -53.58
C GLU A 1788 -9.22 52.33 -54.32
N ARG A 1789 -10.41 52.50 -54.90
CA ARG A 1789 -10.76 53.71 -55.70
C ARG A 1789 -10.97 54.94 -54.80
N ASN A 1790 -11.53 54.76 -53.60
CA ASN A 1790 -12.07 55.87 -52.76
C ASN A 1790 -11.30 56.08 -51.46
N PHE A 1791 -10.22 55.33 -51.21
CA PHE A 1791 -9.40 55.42 -49.96
C PHE A 1791 -7.90 55.33 -50.27
N THR A 1792 -7.11 56.18 -49.61
CA THR A 1792 -5.62 56.26 -49.75
C THR A 1792 -5.01 55.10 -48.96
N PRO A 1793 -3.84 54.57 -49.36
CA PRO A 1793 -3.21 53.45 -48.63
C PRO A 1793 -2.91 53.71 -47.14
N GLN A 1794 -2.86 54.97 -46.72
CA GLN A 1794 -2.71 55.36 -45.29
C GLN A 1794 -4.04 55.16 -44.56
N GLU A 1795 -5.17 55.58 -45.17
CA GLU A 1795 -6.56 55.42 -44.65
C GLU A 1795 -6.90 53.94 -44.50
N ILE A 1796 -6.64 53.14 -45.54
CA ILE A 1796 -6.89 51.67 -45.58
C ILE A 1796 -6.12 51.02 -44.43
N GLU A 1797 -4.83 51.35 -44.31
CA GLU A 1797 -3.90 50.75 -43.30
C GLU A 1797 -4.39 51.09 -41.88
N TYR A 1798 -4.86 52.32 -41.66
CA TYR A 1798 -5.41 52.77 -40.35
C TYR A 1798 -6.66 51.95 -40.03
N CYS A 1799 -7.67 52.05 -40.93
CA CYS A 1799 -9.03 51.45 -40.81
C CYS A 1799 -8.94 49.92 -40.66
N SER A 1800 -8.03 49.26 -41.39
CA SER A 1800 -7.82 47.79 -41.35
C SER A 1800 -7.33 47.31 -39.97
N ALA A 1801 -6.69 48.18 -39.17
CA ALA A 1801 -6.11 47.84 -37.84
C ALA A 1801 -7.12 48.10 -36.71
N GLN A 1802 -8.23 48.81 -36.98
CA GLN A 1802 -9.22 49.20 -35.96
C GLN A 1802 -10.01 47.96 -35.53
N PRO A 1803 -10.59 47.95 -34.30
CA PRO A 1803 -11.41 46.83 -33.83
C PRO A 1803 -12.56 46.45 -34.78
N SER A 1804 -13.39 47.44 -35.16
CA SER A 1804 -14.47 47.34 -36.19
C SER A 1804 -14.01 48.01 -37.48
N VAL A 1805 -13.45 47.23 -38.41
CA VAL A 1805 -12.89 47.73 -39.71
C VAL A 1805 -14.01 48.46 -40.46
N GLN A 1806 -15.21 47.89 -40.48
CA GLN A 1806 -16.34 48.37 -41.30
C GLN A 1806 -16.82 49.72 -40.76
N SER A 1807 -16.92 49.87 -39.44
CA SER A 1807 -17.35 51.14 -38.76
C SER A 1807 -16.33 52.24 -39.06
N SER A 1808 -15.02 51.96 -38.91
CA SER A 1808 -13.92 52.93 -39.15
C SER A 1808 -13.92 53.37 -40.62
N PHE A 1809 -14.08 52.44 -41.56
CA PHE A 1809 -14.18 52.72 -43.03
C PHE A 1809 -15.41 53.58 -43.34
N ALA A 1810 -16.51 53.43 -42.60
CA ALA A 1810 -17.73 54.27 -42.70
C ALA A 1810 -17.41 55.66 -42.13
N GLY A 1811 -16.65 55.70 -41.03
CA GLY A 1811 -16.19 56.94 -40.38
C GLY A 1811 -15.41 57.81 -41.34
N THR A 1812 -14.51 57.20 -42.11
CA THR A 1812 -13.66 57.88 -43.12
C THR A 1812 -14.52 58.27 -44.33
N TRP A 1813 -15.39 57.39 -44.82
CA TRP A 1813 -16.30 57.66 -45.97
C TRP A 1813 -17.23 58.83 -45.64
N SER A 1814 -17.69 58.94 -44.40
CA SER A 1814 -18.57 60.04 -43.93
C SER A 1814 -17.77 61.33 -43.97
N ALA A 1815 -16.56 61.30 -43.39
CA ALA A 1815 -15.59 62.43 -43.34
C ALA A 1815 -15.39 62.98 -44.75
N LYS A 1816 -14.94 62.14 -45.69
CA LYS A 1816 -14.72 62.50 -47.12
C LYS A 1816 -15.96 63.21 -47.71
N GLU A 1817 -17.14 62.62 -47.56
CA GLU A 1817 -18.41 63.12 -48.16
C GLU A 1817 -18.86 64.39 -47.44
N ALA A 1818 -18.56 64.54 -46.15
CA ALA A 1818 -18.88 65.74 -45.35
C ALA A 1818 -17.97 66.88 -45.81
N VAL A 1819 -16.65 66.63 -45.88
CA VAL A 1819 -15.64 67.58 -46.41
C VAL A 1819 -16.11 68.05 -47.80
N PHE A 1820 -16.41 67.14 -48.71
CA PHE A 1820 -16.84 67.43 -50.11
C PHE A 1820 -18.07 68.37 -50.12
N LYS A 1821 -19.01 68.16 -49.19
CA LYS A 1821 -20.23 69.01 -49.03
C LYS A 1821 -19.86 70.36 -48.39
N SER A 1822 -18.83 70.39 -47.55
CA SER A 1822 -18.39 71.59 -46.77
C SER A 1822 -17.78 72.62 -47.74
N LEU A 1823 -16.94 72.15 -48.68
CA LEU A 1823 -16.32 72.98 -49.76
C LEU A 1823 -17.42 73.65 -50.57
N GLY A 1824 -18.57 72.97 -50.76
CA GLY A 1824 -19.75 73.47 -51.49
C GLY A 1824 -19.52 73.59 -53.00
N VAL A 1825 -18.29 73.30 -53.45
CA VAL A 1825 -17.86 73.36 -54.88
C VAL A 1825 -18.62 72.27 -55.65
N LYS A 1826 -19.00 72.57 -56.89
CA LYS A 1826 -19.71 71.65 -57.80
C LYS A 1826 -18.76 70.50 -58.18
N SER A 1827 -19.26 69.27 -58.18
CA SER A 1827 -18.51 68.03 -58.48
C SER A 1827 -17.87 68.11 -59.87
N LEU A 1828 -16.65 67.56 -60.04
CA LEU A 1828 -15.94 67.47 -61.35
C LEU A 1828 -16.78 66.63 -62.32
N GLY A 1829 -17.41 65.55 -61.82
CA GLY A 1829 -18.46 64.79 -62.51
C GLY A 1829 -19.41 64.14 -61.50
N GLY A 1830 -20.45 63.45 -62.00
CA GLY A 1830 -21.41 62.67 -61.18
C GLY A 1830 -20.72 61.61 -60.33
N GLY A 1831 -19.70 60.94 -60.89
CA GLY A 1831 -18.85 59.93 -60.22
C GLY A 1831 -17.37 60.32 -60.22
N ALA A 1832 -16.94 61.06 -59.18
CA ALA A 1832 -15.56 61.53 -58.96
C ALA A 1832 -14.99 60.86 -57.69
N ALA A 1833 -13.77 60.32 -57.77
CA ALA A 1833 -13.08 59.61 -56.67
C ALA A 1833 -12.85 60.58 -55.50
N LEU A 1834 -13.23 60.13 -54.29
CA LEU A 1834 -12.95 60.84 -53.01
C LEU A 1834 -11.49 60.60 -52.60
N LYS A 1835 -10.79 59.64 -53.23
CA LYS A 1835 -9.33 59.34 -53.07
C LYS A 1835 -8.55 60.62 -52.77
N ASP A 1836 -8.84 61.69 -53.52
CA ASP A 1836 -8.23 63.04 -53.40
C ASP A 1836 -8.25 63.50 -51.93
N ILE A 1837 -9.40 63.41 -51.26
CA ILE A 1837 -9.62 63.89 -49.86
C ILE A 1837 -9.06 62.86 -48.87
N GLU A 1838 -7.75 62.87 -48.63
CA GLU A 1838 -7.09 62.01 -47.61
C GLU A 1838 -7.53 62.52 -46.23
N ILE A 1839 -7.86 61.59 -45.33
CA ILE A 1839 -8.17 61.84 -43.89
C ILE A 1839 -7.02 61.18 -43.11
N VAL A 1840 -6.29 61.95 -42.29
CA VAL A 1840 -5.19 61.44 -41.42
C VAL A 1840 -5.73 61.32 -39.99
N ARG A 1841 -6.10 60.09 -39.61
CA ARG A 1841 -6.60 59.74 -38.25
C ARG A 1841 -5.43 59.10 -37.48
N VAL A 1842 -5.14 59.65 -36.30
CA VAL A 1842 -4.24 59.07 -35.27
C VAL A 1842 -5.12 58.85 -34.03
N ASN A 1843 -4.85 57.80 -33.23
CA ASN A 1843 -5.65 57.45 -32.02
C ASN A 1843 -5.50 58.58 -30.99
N LYS A 1844 -6.56 58.82 -30.21
CA LYS A 1844 -6.74 59.92 -29.22
C LYS A 1844 -6.28 61.27 -29.80
N ASN A 1845 -6.43 61.46 -31.12
CA ASN A 1845 -6.04 62.68 -31.88
C ASN A 1845 -7.20 63.02 -32.83
N ALA A 1846 -7.55 64.31 -32.93
CA ALA A 1846 -8.62 64.81 -33.83
C ALA A 1846 -8.18 64.59 -35.28
N PRO A 1847 -9.06 64.05 -36.16
CA PRO A 1847 -8.69 63.77 -37.56
C PRO A 1847 -8.35 65.01 -38.41
N ALA A 1848 -7.32 64.90 -39.25
CA ALA A 1848 -6.81 65.99 -40.14
C ALA A 1848 -7.18 65.70 -41.59
N VAL A 1849 -7.72 66.70 -42.29
CA VAL A 1849 -8.04 66.65 -43.74
C VAL A 1849 -6.81 67.12 -44.53
N GLU A 1850 -6.61 66.54 -45.72
CA GLU A 1850 -5.45 66.79 -46.61
C GLU A 1850 -5.90 66.60 -48.06
N LEU A 1851 -5.86 67.66 -48.86
CA LEU A 1851 -6.34 67.66 -50.26
C LEU A 1851 -5.13 67.51 -51.21
N HIS A 1852 -5.28 66.74 -52.29
CA HIS A 1852 -4.16 66.29 -53.18
C HIS A 1852 -4.40 66.77 -54.61
N GLY A 1853 -5.34 66.16 -55.34
CA GLY A 1853 -5.61 66.44 -56.76
C GLY A 1853 -6.51 67.65 -56.96
N ASN A 1854 -7.66 67.47 -57.61
CA ASN A 1854 -8.61 68.54 -58.02
C ASN A 1854 -9.34 69.14 -56.80
N ALA A 1855 -9.39 68.38 -55.69
CA ALA A 1855 -9.89 68.85 -54.37
C ALA A 1855 -9.05 70.03 -53.89
N LYS A 1856 -7.73 70.01 -54.13
CA LYS A 1856 -6.79 71.08 -53.70
C LYS A 1856 -7.03 72.36 -54.52
N LYS A 1857 -7.33 72.24 -55.81
CA LYS A 1857 -7.63 73.40 -56.70
C LYS A 1857 -9.00 74.00 -56.35
N ALA A 1858 -10.02 73.16 -56.18
CA ALA A 1858 -11.40 73.57 -55.83
C ALA A 1858 -11.43 74.30 -54.48
N ALA A 1859 -10.53 73.95 -53.55
CA ALA A 1859 -10.30 74.64 -52.26
C ALA A 1859 -9.68 76.04 -52.50
N GLU A 1860 -8.80 76.19 -53.49
CA GLU A 1860 -8.10 77.46 -53.82
C GLU A 1860 -9.08 78.48 -54.43
N GLU A 1861 -9.91 78.07 -55.41
CA GLU A 1861 -10.89 78.95 -56.11
C GLU A 1861 -11.98 79.42 -55.12
N ALA A 1862 -12.32 78.61 -54.11
CA ALA A 1862 -13.26 78.95 -53.01
C ALA A 1862 -12.55 79.72 -51.89
N GLY A 1863 -11.21 79.76 -51.91
CA GLY A 1863 -10.35 80.52 -50.99
C GLY A 1863 -10.48 80.03 -49.55
N VAL A 1864 -10.47 78.71 -49.34
CA VAL A 1864 -10.59 78.07 -47.99
C VAL A 1864 -9.17 77.81 -47.45
N THR A 1865 -8.81 78.52 -46.37
CA THR A 1865 -7.47 78.53 -45.72
C THR A 1865 -7.26 77.22 -44.95
N ASP A 1866 -8.30 76.73 -44.26
CA ASP A 1866 -8.29 75.49 -43.45
C ASP A 1866 -9.65 74.77 -43.62
N VAL A 1867 -9.66 73.46 -43.44
CA VAL A 1867 -10.89 72.59 -43.35
C VAL A 1867 -10.73 71.69 -42.12
N LYS A 1868 -11.80 71.55 -41.31
CA LYS A 1868 -11.80 70.69 -40.09
C LYS A 1868 -12.95 69.68 -40.19
N VAL A 1869 -12.71 68.44 -39.78
CA VAL A 1869 -13.72 67.33 -39.76
C VAL A 1869 -13.79 66.75 -38.34
N SER A 1870 -15.01 66.47 -37.86
CA SER A 1870 -15.32 65.66 -36.66
C SER A 1870 -15.98 64.36 -37.12
N ILE A 1871 -15.61 63.22 -36.52
CA ILE A 1871 -16.13 61.87 -36.90
C ILE A 1871 -16.52 61.11 -35.62
N SER A 1872 -17.81 60.76 -35.49
CA SER A 1872 -18.33 59.69 -34.59
C SER A 1872 -18.78 58.51 -35.45
N HIS A 1873 -18.56 57.28 -34.98
CA HIS A 1873 -18.93 56.03 -35.69
C HIS A 1873 -19.09 54.90 -34.66
N ASP A 1874 -20.23 54.21 -34.69
CA ASP A 1874 -20.56 53.07 -33.80
C ASP A 1874 -20.84 51.83 -34.66
N ASP A 1875 -21.72 50.95 -34.20
CA ASP A 1875 -22.18 49.71 -34.88
C ASP A 1875 -23.28 50.02 -35.89
N LEU A 1876 -23.93 51.19 -35.83
CA LEU A 1876 -25.10 51.52 -36.69
C LEU A 1876 -24.70 52.51 -37.80
N GLN A 1877 -24.32 53.73 -37.42
CA GLN A 1877 -24.04 54.84 -38.37
C GLN A 1877 -22.72 55.53 -38.01
N ALA A 1878 -22.17 56.24 -38.99
CA ALA A 1878 -20.99 57.13 -38.86
C ALA A 1878 -21.41 58.53 -39.29
N VAL A 1879 -21.47 59.47 -38.34
CA VAL A 1879 -21.73 60.91 -38.61
C VAL A 1879 -20.38 61.59 -38.82
N ALA A 1880 -20.31 62.58 -39.71
CA ALA A 1880 -19.14 63.45 -39.93
C ALA A 1880 -19.60 64.87 -40.23
N VAL A 1881 -19.07 65.84 -39.47
CA VAL A 1881 -19.35 67.30 -39.60
C VAL A 1881 -18.05 67.98 -40.01
N ALA A 1882 -18.01 68.52 -41.24
CA ALA A 1882 -16.86 69.24 -41.81
C ALA A 1882 -17.15 70.75 -41.82
N VAL A 1883 -16.19 71.57 -41.37
CA VAL A 1883 -16.28 73.06 -41.35
C VAL A 1883 -15.05 73.64 -42.07
N SER A 1884 -15.27 74.28 -43.23
CA SER A 1884 -14.24 74.90 -44.09
C SER A 1884 -14.20 76.43 -43.87
N THR A 1885 -13.16 76.92 -43.18
CA THR A 1885 -12.95 78.36 -42.87
C THR A 1885 -12.08 79.00 -43.97
N LYS A 1886 -12.30 80.29 -44.23
CA LYS A 1886 -11.60 81.11 -45.27
C LYS A 1886 -10.78 82.22 -44.58
N ILE B 140 -40.62 2.27 38.59
CA ILE B 140 -40.19 3.52 37.87
C ILE B 140 -41.20 4.63 38.17
N ALA B 141 -40.68 5.84 38.43
CA ALA B 141 -41.45 7.06 38.77
C ALA B 141 -42.14 7.59 37.52
N ASP B 142 -43.33 8.19 37.69
CA ASP B 142 -44.12 8.84 36.62
C ASP B 142 -43.78 10.33 36.59
N GLU B 143 -43.65 10.91 35.40
CA GLU B 143 -43.60 12.38 35.17
C GLU B 143 -44.58 12.73 34.05
N PRO B 144 -45.14 13.96 34.03
CA PRO B 144 -45.89 14.43 32.86
C PRO B 144 -44.89 14.70 31.73
N VAL B 145 -45.36 14.68 30.47
CA VAL B 145 -44.51 15.01 29.27
C VAL B 145 -44.19 16.52 29.29
N LYS B 146 -42.90 16.86 29.21
CA LYS B 146 -42.42 18.27 29.17
C LYS B 146 -42.72 18.85 27.78
N ALA B 147 -43.23 20.07 27.72
CA ALA B 147 -43.50 20.83 26.46
C ALA B 147 -42.23 20.92 25.60
N SER B 148 -41.04 20.87 26.21
CA SER B 148 -39.72 20.90 25.51
C SER B 148 -39.55 19.67 24.61
N LEU B 149 -40.11 18.51 25.01
CA LEU B 149 -40.13 17.26 24.19
C LEU B 149 -41.29 17.32 23.20
N LEU B 150 -42.53 17.50 23.70
CA LEU B 150 -43.78 17.47 22.90
C LEU B 150 -43.66 18.41 21.70
N LEU B 151 -43.19 19.65 21.90
CA LEU B 151 -43.05 20.68 20.83
C LEU B 151 -41.99 20.22 19.82
N HIS B 152 -40.85 19.70 20.29
CA HIS B 152 -39.75 19.15 19.46
C HIS B 152 -40.31 18.10 18.49
N VAL B 153 -41.02 17.11 19.06
CA VAL B 153 -41.60 15.93 18.34
C VAL B 153 -42.63 16.39 17.29
N LEU B 154 -43.46 17.38 17.60
CA LEU B 154 -44.50 17.91 16.68
C LEU B 154 -43.83 18.59 15.48
N VAL B 155 -42.82 19.42 15.75
CA VAL B 155 -41.99 20.09 14.69
C VAL B 155 -41.29 19.01 13.87
N ALA B 156 -40.52 18.12 14.53
CA ALA B 156 -39.72 17.05 13.88
C ALA B 156 -40.59 16.25 12.91
N HIS B 157 -41.74 15.77 13.42
CA HIS B 157 -42.76 15.02 12.65
C HIS B 157 -43.26 15.84 11.47
N LYS B 158 -43.53 17.13 11.66
CA LYS B 158 -44.14 17.99 10.62
C LYS B 158 -43.16 18.25 9.47
N LEU B 159 -41.86 18.41 9.75
CA LEU B 159 -40.82 18.68 8.72
C LEU B 159 -40.37 17.38 8.04
N LYS B 160 -40.84 16.21 8.51
CA LYS B 160 -40.50 14.86 7.98
C LYS B 160 -39.00 14.62 8.21
N LYS B 161 -38.51 14.94 9.41
CA LYS B 161 -37.06 14.89 9.75
C LYS B 161 -36.87 14.11 11.05
N SER B 162 -35.66 13.59 11.27
CA SER B 162 -35.23 12.94 12.53
C SER B 162 -35.32 13.97 13.67
N LEU B 163 -35.39 13.48 14.90
CA LEU B 163 -35.60 14.30 16.12
C LEU B 163 -34.34 15.15 16.38
N ASP B 164 -33.15 14.61 16.10
CA ASP B 164 -31.84 15.23 16.43
C ASP B 164 -31.32 16.12 15.28
N SER B 165 -31.80 15.95 14.03
CA SER B 165 -31.43 16.80 12.87
C SER B 165 -31.93 18.25 13.06
N ILE B 166 -32.94 18.47 13.92
CA ILE B 166 -33.45 19.82 14.28
C ILE B 166 -32.80 20.23 15.61
N PRO B 167 -32.07 21.36 15.67
CA PRO B 167 -31.59 21.92 16.93
C PRO B 167 -32.61 22.89 17.56
N MET B 168 -32.82 22.78 18.87
CA MET B 168 -33.82 23.56 19.64
C MET B 168 -33.46 25.06 19.58
N SER B 169 -32.17 25.42 19.67
CA SER B 169 -31.65 26.81 19.70
C SER B 169 -31.56 27.37 18.28
N LYS B 170 -32.68 27.35 17.54
CA LYS B 170 -32.76 27.67 16.09
C LYS B 170 -34.24 27.72 15.70
N THR B 171 -34.72 28.90 15.31
CA THR B 171 -36.17 29.26 15.29
C THR B 171 -36.91 28.64 14.10
N ILE B 172 -38.26 28.68 14.17
CA ILE B 172 -39.22 28.08 13.20
C ILE B 172 -39.06 28.79 11.85
N LYS B 173 -38.96 30.12 11.82
CA LYS B 173 -38.80 30.91 10.56
C LYS B 173 -37.50 30.52 9.84
N ASP B 174 -36.48 30.08 10.58
CA ASP B 174 -35.19 29.60 10.01
C ASP B 174 -35.38 28.17 9.47
N LEU B 175 -36.14 27.32 10.17
CA LEU B 175 -36.36 25.88 9.82
C LEU B 175 -36.98 25.75 8.42
N VAL B 176 -37.99 26.58 8.14
CA VAL B 176 -38.84 26.52 6.91
C VAL B 176 -38.68 27.82 6.11
N GLY B 177 -37.52 28.49 6.28
CA GLY B 177 -37.23 29.87 5.81
C GLY B 177 -37.86 30.17 4.47
N GLY B 178 -37.80 29.21 3.55
CA GLY B 178 -38.56 29.24 2.30
C GLY B 178 -40.05 29.33 2.56
N LYS B 179 -40.68 28.19 2.83
CA LYS B 179 -42.13 27.98 2.54
C LYS B 179 -42.97 28.52 3.70
N SER B 180 -43.58 29.70 3.45
CA SER B 180 -44.56 30.45 4.29
C SER B 180 -45.75 29.56 4.63
N THR B 181 -46.23 28.74 3.68
CA THR B 181 -47.32 27.75 3.87
C THR B 181 -46.98 26.84 5.05
N VAL B 182 -45.79 26.23 5.05
CA VAL B 182 -45.34 25.22 6.07
C VAL B 182 -45.20 25.93 7.42
N GLN B 183 -44.62 27.14 7.46
CA GLN B 183 -44.52 27.97 8.70
C GLN B 183 -45.88 28.09 9.37
N ASN B 184 -46.87 28.72 8.70
CA ASN B 184 -48.25 28.96 9.21
C ASN B 184 -48.93 27.65 9.63
N GLU B 185 -48.52 26.52 9.03
CA GLU B 185 -49.07 25.15 9.28
C GLU B 185 -48.49 24.58 10.59
N ILE B 186 -47.22 24.83 10.94
CA ILE B 186 -46.63 24.49 12.27
C ILE B 186 -47.28 25.39 13.33
N LEU B 187 -47.41 26.70 13.05
CA LEU B 187 -48.03 27.70 13.97
C LEU B 187 -49.47 27.28 14.30
N GLY B 188 -50.23 26.80 13.30
CA GLY B 188 -51.59 26.25 13.44
C GLY B 188 -51.62 25.03 14.36
N ASP B 189 -50.67 24.11 14.21
CA ASP B 189 -50.53 22.86 15.01
C ASP B 189 -50.22 23.19 16.48
N LEU B 190 -49.32 24.16 16.71
CA LEU B 190 -48.94 24.65 18.06
C LEU B 190 -50.16 25.31 18.73
N GLY B 191 -50.99 26.02 17.94
CA GLY B 191 -52.27 26.61 18.40
C GLY B 191 -53.26 25.55 18.85
N LYS B 192 -53.55 24.57 17.98
CA LYS B 192 -54.47 23.43 18.23
C LYS B 192 -53.99 22.59 19.42
N GLU B 193 -52.68 22.50 19.62
CA GLU B 193 -52.05 21.67 20.68
C GLU B 193 -52.18 22.38 22.04
N PHE B 194 -51.49 23.51 22.21
CA PHE B 194 -51.25 24.19 23.52
C PHE B 194 -52.34 25.22 23.82
N GLY B 195 -53.29 25.44 22.89
CA GLY B 195 -54.29 26.52 22.96
C GLY B 195 -53.66 27.87 22.68
N THR B 196 -53.38 28.65 23.73
CA THR B 196 -52.86 30.04 23.65
C THR B 196 -51.40 30.03 23.19
N THR B 197 -51.12 30.72 22.08
CA THR B 197 -49.78 30.90 21.47
C THR B 197 -49.27 32.31 21.83
N PRO B 198 -47.95 32.52 22.04
CA PRO B 198 -47.39 33.87 22.20
C PRO B 198 -47.62 34.76 20.97
N GLU B 199 -47.29 36.06 21.07
CA GLU B 199 -47.38 37.02 19.94
C GLU B 199 -46.13 36.86 19.07
N LYS B 200 -46.32 36.69 17.75
CA LYS B 200 -45.28 36.48 16.70
C LYS B 200 -44.20 35.52 17.21
N PRO B 201 -44.50 34.22 17.41
CA PRO B 201 -43.54 33.26 17.98
C PRO B 201 -42.65 32.51 16.99
N GLU B 202 -42.80 32.77 15.68
CA GLU B 202 -42.14 32.01 14.60
C GLU B 202 -40.65 32.38 14.51
N GLU B 203 -40.29 33.62 14.84
CA GLU B 203 -38.88 34.14 14.79
C GLU B 203 -38.11 33.80 16.08
N THR B 204 -38.80 33.35 17.14
CA THR B 204 -38.21 33.03 18.47
C THR B 204 -37.85 31.55 18.52
N PRO B 205 -36.66 31.16 19.06
CA PRO B 205 -36.22 29.76 19.02
C PRO B 205 -37.18 28.77 19.70
N LEU B 206 -37.12 27.49 19.30
CA LEU B 206 -37.90 26.36 19.89
C LEU B 206 -37.56 26.21 21.38
N GLU B 207 -36.26 26.27 21.72
CA GLU B 207 -35.71 26.02 23.08
C GLU B 207 -36.39 26.96 24.11
N GLU B 208 -36.53 28.24 23.80
CA GLU B 208 -37.11 29.27 24.72
C GLU B 208 -38.65 29.12 24.73
N LEU B 209 -39.24 28.81 23.56
CA LEU B 209 -40.70 28.65 23.36
C LEU B 209 -41.22 27.40 24.09
N ALA B 210 -40.35 26.41 24.35
CA ALA B 210 -40.61 25.26 25.23
C ALA B 210 -41.11 25.75 26.60
N GLU B 211 -40.33 26.63 27.26
CA GLU B 211 -40.60 27.13 28.64
C GLU B 211 -41.76 28.12 28.63
N THR B 212 -41.93 28.90 27.56
CA THR B 212 -43.06 29.85 27.38
C THR B 212 -44.39 29.07 27.40
N PHE B 213 -44.48 27.98 26.64
CA PHE B 213 -45.65 27.06 26.57
C PHE B 213 -45.75 26.23 27.85
N GLN B 214 -44.61 25.84 28.43
CA GLN B 214 -44.48 24.90 29.59
C GLN B 214 -45.32 25.37 30.79
N ASP B 215 -45.32 26.68 31.07
CA ASP B 215 -45.98 27.29 32.27
C ASP B 215 -47.45 26.83 32.34
N THR B 216 -48.21 27.10 31.27
CA THR B 216 -49.66 26.80 31.15
C THR B 216 -49.88 25.31 30.85
N PHE B 217 -48.89 24.61 30.29
CA PHE B 217 -48.97 23.19 29.87
C PHE B 217 -48.85 22.28 31.11
N SER B 218 -49.63 21.19 31.11
CA SER B 218 -49.79 20.25 32.25
C SER B 218 -49.99 18.82 31.73
N GLY B 219 -48.91 18.20 31.24
CA GLY B 219 -48.82 16.78 30.81
C GLY B 219 -50.06 16.27 30.07
N ALA B 220 -50.66 17.12 29.22
CA ALA B 220 -51.91 16.84 28.46
C ALA B 220 -51.55 16.57 26.99
N LEU B 221 -51.84 15.39 26.45
CA LEU B 221 -51.47 15.04 25.06
C LEU B 221 -52.12 16.04 24.08
N GLY B 222 -53.40 16.37 24.25
CA GLY B 222 -54.09 17.40 23.44
C GLY B 222 -54.47 16.89 22.07
N LYS B 223 -55.29 17.66 21.35
CA LYS B 223 -55.99 17.25 20.10
C LYS B 223 -54.98 16.75 19.06
N GLN B 224 -53.93 17.54 18.81
CA GLN B 224 -52.99 17.33 17.68
C GLN B 224 -52.16 16.07 17.95
N SER B 225 -51.50 15.96 19.10
CA SER B 225 -50.62 14.82 19.47
C SER B 225 -51.44 13.53 19.58
N SER B 226 -52.61 13.58 20.22
CA SER B 226 -53.56 12.43 20.38
C SER B 226 -53.97 11.87 19.01
N SER B 227 -54.36 12.75 18.08
CA SER B 227 -54.69 12.44 16.67
C SER B 227 -53.51 11.73 16.00
N LEU B 228 -52.33 12.37 16.02
CA LEU B 228 -51.09 11.87 15.36
C LEU B 228 -50.73 10.49 15.91
N LEU B 229 -50.80 10.28 17.23
CA LEU B 229 -50.46 8.98 17.88
C LEU B 229 -51.45 7.91 17.42
N SER B 230 -52.74 8.23 17.34
CA SER B 230 -53.81 7.32 16.86
C SER B 230 -53.55 6.92 15.39
N ARG B 231 -53.15 7.87 14.53
CA ARG B 231 -52.79 7.59 13.11
C ARG B 231 -51.57 6.67 13.05
N LEU B 232 -50.54 6.94 13.85
CA LEU B 232 -49.32 6.08 13.92
C LEU B 232 -49.74 4.62 14.17
N ILE B 233 -50.52 4.39 15.22
CA ILE B 233 -50.95 3.05 15.69
C ILE B 233 -51.84 2.44 14.61
N SER B 234 -52.94 3.10 14.27
CA SER B 234 -53.93 2.60 13.28
C SER B 234 -53.26 2.25 11.96
N SER B 235 -52.34 3.11 11.49
CA SER B 235 -51.78 3.08 10.11
C SER B 235 -50.57 2.16 10.00
N LYS B 236 -49.72 2.07 11.03
CA LYS B 236 -48.40 1.42 10.90
C LYS B 236 -48.09 0.56 12.12
N MET B 237 -48.94 -0.42 12.39
CA MET B 237 -48.79 -1.44 13.46
C MET B 237 -49.40 -2.76 13.00
N PRO B 238 -48.82 -3.92 13.40
CA PRO B 238 -49.05 -5.20 12.73
C PRO B 238 -50.51 -5.64 12.57
N GLY B 239 -51.43 -5.08 13.35
CA GLY B 239 -52.88 -5.34 13.23
C GLY B 239 -53.37 -6.14 14.42
N GLY B 240 -54.37 -5.59 15.13
CA GLY B 240 -54.79 -6.04 16.47
C GLY B 240 -53.90 -5.46 17.56
N PHE B 241 -52.81 -4.77 17.19
CA PHE B 241 -51.85 -4.09 18.09
C PHE B 241 -52.23 -2.61 18.18
N THR B 242 -53.04 -2.26 19.17
CA THR B 242 -53.71 -0.96 19.37
C THR B 242 -53.07 -0.19 20.55
N ILE B 243 -53.57 1.02 20.84
CA ILE B 243 -53.16 1.88 21.99
C ILE B 243 -53.09 1.03 23.27
N THR B 244 -54.19 0.33 23.58
CA THR B 244 -54.39 -0.43 24.85
C THR B 244 -53.21 -1.39 25.01
N VAL B 245 -52.96 -2.25 24.02
CA VAL B 245 -51.96 -3.36 24.09
C VAL B 245 -50.53 -2.80 23.90
N ALA B 246 -50.39 -1.61 23.31
CA ALA B 246 -49.12 -0.87 23.25
C ALA B 246 -48.78 -0.34 24.64
N ARG B 247 -49.70 0.38 25.27
CA ARG B 247 -49.53 0.94 26.63
C ARG B 247 -49.36 -0.21 27.65
N LYS B 248 -50.16 -1.27 27.57
CA LYS B 248 -50.05 -2.44 28.48
C LYS B 248 -48.67 -3.10 28.32
N TYR B 249 -48.12 -3.17 27.11
CA TYR B 249 -46.78 -3.74 26.84
C TYR B 249 -45.67 -2.85 27.41
N LEU B 250 -45.86 -1.53 27.41
CA LEU B 250 -44.93 -0.56 28.04
C LEU B 250 -44.99 -0.72 29.58
N GLN B 251 -46.20 -0.77 30.15
CA GLN B 251 -46.45 -0.94 31.62
C GLN B 251 -45.93 -2.30 32.10
N THR B 252 -46.04 -3.34 31.28
CA THR B 252 -45.69 -4.74 31.65
C THR B 252 -44.17 -4.88 31.63
N ARG B 253 -43.56 -4.78 30.45
CA ARG B 253 -42.11 -5.04 30.24
C ARG B 253 -41.29 -3.90 30.86
N TRP B 254 -41.45 -2.67 30.36
CA TRP B 254 -40.61 -1.50 30.75
C TRP B 254 -41.10 -0.85 32.06
N GLY B 255 -42.30 -1.20 32.54
CA GLY B 255 -42.86 -0.66 33.79
C GLY B 255 -43.14 0.84 33.75
N LEU B 256 -43.27 1.42 32.55
CA LEU B 256 -43.44 2.88 32.35
C LEU B 256 -44.92 3.23 32.57
N PRO B 257 -45.27 4.19 33.47
CA PRO B 257 -46.66 4.64 33.65
C PRO B 257 -47.14 5.62 32.56
N SER B 258 -48.38 6.12 32.69
CA SER B 258 -49.12 6.96 31.70
C SER B 258 -48.24 8.08 31.13
N GLY B 259 -47.62 8.88 32.00
CA GLY B 259 -46.80 10.05 31.61
C GLY B 259 -45.57 9.67 30.80
N ARG B 260 -44.89 8.58 31.18
CA ARG B 260 -43.71 8.03 30.46
C ARG B 260 -44.18 7.43 29.13
N GLN B 261 -45.26 6.62 29.15
CA GLN B 261 -45.86 5.97 27.97
C GLN B 261 -46.06 7.00 26.86
N ASP B 262 -46.72 8.12 27.19
CA ASP B 262 -46.99 9.28 26.30
C ASP B 262 -45.68 9.74 25.64
N GLY B 263 -44.62 9.90 26.44
CA GLY B 263 -43.26 10.24 25.97
C GLY B 263 -42.70 9.24 24.97
N VAL B 264 -42.86 7.93 25.25
CA VAL B 264 -42.33 6.82 24.40
C VAL B 264 -43.09 6.81 23.06
N LEU B 265 -44.41 7.03 23.11
CA LEU B 265 -45.27 7.11 21.91
C LEU B 265 -44.88 8.36 21.11
N LEU B 266 -44.57 9.48 21.77
CA LEU B 266 -44.19 10.74 21.08
C LEU B 266 -42.84 10.56 20.37
N VAL B 267 -41.85 9.94 21.00
CA VAL B 267 -40.53 9.69 20.34
C VAL B 267 -40.74 8.68 19.20
N ALA B 268 -41.71 7.76 19.32
CA ALA B 268 -42.13 6.82 18.24
C ALA B 268 -42.74 7.61 17.06
N LEU B 269 -43.53 8.63 17.34
CA LEU B 269 -44.15 9.56 16.33
C LEU B 269 -43.05 10.31 15.57
N SER B 270 -41.90 10.56 16.19
CA SER B 270 -40.70 11.14 15.53
C SER B 270 -40.15 10.14 14.51
N ASN B 271 -40.18 8.84 14.85
CA ASN B 271 -39.53 7.74 14.09
C ASN B 271 -40.60 6.85 13.44
N GLU B 272 -41.59 7.48 12.78
CA GLU B 272 -42.57 6.87 11.84
C GLU B 272 -41.86 5.82 10.97
N PRO B 273 -42.14 4.49 11.13
CA PRO B 273 -41.47 3.45 10.34
C PRO B 273 -41.65 3.48 8.81
N ALA B 274 -42.58 4.29 8.29
CA ALA B 274 -42.82 4.57 6.85
C ALA B 274 -43.56 3.42 6.16
N ALA B 275 -43.62 2.22 6.77
CA ALA B 275 -44.39 1.05 6.30
C ALA B 275 -45.02 0.33 7.50
N ARG B 276 -46.26 -0.15 7.34
CA ARG B 276 -46.93 -1.04 8.32
C ARG B 276 -46.01 -2.24 8.56
N LEU B 277 -45.35 -2.25 9.71
CA LEU B 277 -44.39 -3.33 10.11
C LEU B 277 -45.18 -4.61 10.42
N GLY B 278 -44.60 -5.74 10.01
CA GLY B 278 -45.31 -6.98 9.59
C GLY B 278 -45.95 -7.74 10.74
N SER B 279 -45.14 -8.13 11.73
CA SER B 279 -45.55 -9.06 12.82
C SER B 279 -45.59 -8.32 14.16
N GLU B 280 -46.21 -8.96 15.15
CA GLU B 280 -46.29 -8.53 16.57
C GLU B 280 -44.87 -8.34 17.14
N ALA B 281 -43.95 -9.27 16.85
CA ALA B 281 -42.54 -9.30 17.31
C ALA B 281 -41.78 -8.06 16.82
N ASP B 282 -42.13 -7.53 15.64
CA ASP B 282 -41.51 -6.33 15.02
C ASP B 282 -42.00 -5.07 15.72
N ALA B 283 -43.26 -5.06 16.18
CA ALA B 283 -43.88 -3.96 16.96
C ALA B 283 -43.25 -3.89 18.36
N LYS B 284 -43.12 -5.03 19.03
CA LYS B 284 -42.46 -5.15 20.36
C LYS B 284 -41.02 -4.62 20.23
N ALA B 285 -40.28 -5.10 19.22
CA ALA B 285 -38.88 -4.69 18.89
C ALA B 285 -38.81 -3.18 18.63
N PHE B 286 -39.85 -2.61 18.01
CA PHE B 286 -39.95 -1.17 17.68
C PHE B 286 -40.11 -0.35 18.96
N LEU B 287 -41.05 -0.72 19.83
CA LEU B 287 -41.30 -0.03 21.13
C LEU B 287 -40.11 -0.20 22.06
N ASP B 288 -39.47 -1.38 22.07
CA ASP B 288 -38.21 -1.65 22.80
C ASP B 288 -37.21 -0.56 22.43
N SER B 289 -36.92 -0.43 21.12
CA SER B 289 -35.91 0.49 20.56
C SER B 289 -36.31 1.96 20.78
N MET B 290 -37.61 2.28 20.79
CA MET B 290 -38.11 3.68 21.00
C MET B 290 -38.14 4.00 22.51
N ALA B 291 -38.30 3.00 23.37
CA ALA B 291 -38.19 3.14 24.85
C ALA B 291 -36.73 3.44 25.24
N GLN B 292 -35.76 2.84 24.54
CA GLN B 292 -34.30 3.12 24.69
C GLN B 292 -34.03 4.60 24.40
N LYS B 293 -34.48 5.11 23.24
CA LYS B 293 -34.29 6.52 22.80
C LYS B 293 -35.05 7.50 23.71
N TYR B 294 -36.12 7.04 24.36
CA TYR B 294 -36.88 7.84 25.35
C TYR B 294 -36.06 7.97 26.63
N ALA B 295 -35.56 6.83 27.15
CA ALA B 295 -34.69 6.76 28.34
C ALA B 295 -33.43 7.60 28.12
N SER B 296 -32.85 7.52 26.92
CA SER B 296 -31.68 8.31 26.45
C SER B 296 -31.97 9.82 26.50
N ILE B 297 -33.13 10.26 26.03
CA ILE B 297 -33.46 11.72 25.83
C ILE B 297 -33.85 12.36 27.18
N VAL B 298 -34.64 11.67 28.02
CA VAL B 298 -35.11 12.20 29.33
C VAL B 298 -34.00 12.04 30.40
N GLY B 299 -33.24 10.94 30.36
CA GLY B 299 -32.15 10.62 31.30
C GLY B 299 -32.59 9.73 32.44
N VAL B 300 -33.31 8.64 32.13
CA VAL B 300 -33.68 7.54 33.09
C VAL B 300 -32.98 6.24 32.66
N ASP B 301 -33.01 5.23 33.52
CA ASP B 301 -32.31 3.92 33.33
C ASP B 301 -33.34 2.79 33.31
N LEU B 302 -33.10 1.76 32.48
CA LEU B 302 -33.99 0.57 32.30
C LEU B 302 -33.16 -0.70 32.53
N SER C 5 46.14 -7.50 83.52
CA SER C 5 44.86 -8.29 83.56
C SER C 5 43.66 -7.39 83.20
N THR C 6 42.65 -7.96 82.52
CA THR C 6 41.46 -7.26 81.94
C THR C 6 40.33 -8.26 81.65
N ARG C 7 39.12 -8.04 82.19
CA ARG C 7 37.88 -8.83 81.91
C ARG C 7 36.95 -7.99 81.02
N PRO C 8 36.66 -8.41 79.77
CA PRO C 8 35.75 -7.65 78.90
C PRO C 8 34.32 -7.57 79.44
N LEU C 9 33.66 -6.42 79.22
CA LEU C 9 32.27 -6.11 79.65
C LEU C 9 31.48 -5.53 78.46
N THR C 10 30.46 -6.25 77.99
CA THR C 10 29.56 -5.81 76.89
C THR C 10 28.48 -4.90 77.48
N LEU C 11 28.29 -3.71 76.89
CA LEU C 11 27.09 -2.85 77.07
C LEU C 11 26.32 -2.82 75.75
N SER C 12 25.01 -3.12 75.83
CA SER C 12 24.19 -3.57 74.69
C SER C 12 22.83 -2.87 74.68
N HIS C 13 22.25 -2.82 73.47
CA HIS C 13 20.86 -2.39 73.20
C HIS C 13 20.41 -3.08 71.90
N GLY C 14 19.72 -4.22 72.02
CA GLY C 14 19.22 -4.98 70.86
C GLY C 14 20.37 -5.51 70.02
N SER C 15 20.38 -5.23 68.72
CA SER C 15 21.37 -5.77 67.76
C SER C 15 22.75 -5.12 67.97
N LEU C 16 22.81 -3.86 68.43
CA LEU C 16 24.10 -3.13 68.60
C LEU C 16 24.63 -3.30 70.03
N GLU C 17 25.96 -3.45 70.14
CA GLU C 17 26.73 -3.64 71.40
C GLU C 17 28.03 -2.84 71.30
N HIS C 18 28.74 -2.71 72.43
CA HIS C 18 30.13 -2.22 72.50
C HIS C 18 30.85 -2.93 73.67
N VAL C 19 32.04 -3.45 73.41
CA VAL C 19 32.86 -4.25 74.36
C VAL C 19 33.91 -3.32 74.98
N LEU C 20 33.80 -3.06 76.28
CA LEU C 20 34.74 -2.21 77.05
C LEU C 20 35.72 -3.13 77.79
N LEU C 21 37.02 -3.00 77.53
CA LEU C 21 38.11 -3.79 78.21
C LEU C 21 38.33 -3.20 79.60
N VAL C 22 37.47 -3.55 80.56
CA VAL C 22 37.52 -3.07 81.98
C VAL C 22 38.66 -3.80 82.68
N PRO C 23 39.59 -3.09 83.37
CA PRO C 23 40.58 -3.74 84.23
C PRO C 23 39.91 -4.51 85.37
N THR C 24 40.33 -5.77 85.60
CA THR C 24 39.71 -6.72 86.57
C THR C 24 39.78 -6.13 88.00
N ALA C 25 40.67 -5.16 88.26
CA ALA C 25 40.84 -4.44 89.54
C ALA C 25 39.52 -3.82 90.04
N SER C 26 38.68 -3.31 89.14
CA SER C 26 37.37 -2.67 89.47
C SER C 26 36.30 -3.07 88.44
N PHE C 27 36.22 -4.37 88.12
CA PHE C 27 35.17 -4.95 87.23
C PHE C 27 33.82 -4.96 87.96
N PHE C 28 33.82 -5.04 89.29
CA PHE C 28 32.59 -5.15 90.12
C PHE C 28 31.75 -3.86 89.99
N ILE C 29 32.41 -2.70 89.95
CA ILE C 29 31.75 -1.37 89.84
C ILE C 29 31.22 -1.22 88.41
N ALA C 30 32.05 -1.50 87.40
CA ALA C 30 31.70 -1.46 85.95
C ALA C 30 30.46 -2.32 85.65
N SER C 31 30.36 -3.51 86.27
CA SER C 31 29.23 -4.47 86.09
C SER C 31 27.97 -3.94 86.79
N GLN C 32 28.14 -3.21 87.90
CA GLN C 32 27.03 -2.55 88.65
C GLN C 32 26.46 -1.39 87.82
N LEU C 33 27.33 -0.59 87.20
CA LEU C 33 26.94 0.48 86.23
C LEU C 33 26.19 -0.16 85.05
N GLN C 34 26.74 -1.22 84.46
CA GLN C 34 26.18 -1.95 83.29
C GLN C 34 24.72 -2.33 83.58
N GLU C 35 24.49 -3.04 84.68
CA GLU C 35 23.14 -3.58 85.04
C GLU C 35 22.20 -2.42 85.38
N GLN C 36 22.70 -1.34 86.00
CA GLN C 36 21.91 -0.11 86.32
C GLN C 36 21.50 0.59 85.02
N PHE C 37 22.45 0.80 84.11
CA PHE C 37 22.21 1.41 82.78
C PHE C 37 21.21 0.53 82.01
N ASN C 38 21.34 -0.80 82.05
CA ASN C 38 20.52 -1.74 81.25
C ASN C 38 19.05 -1.69 81.70
N LYS C 39 18.79 -1.65 83.01
CA LYS C 39 17.40 -1.58 83.57
C LYS C 39 16.76 -0.21 83.23
N ILE C 40 17.57 0.86 83.09
CA ILE C 40 17.13 2.27 82.84
C ILE C 40 16.97 2.52 81.33
N LEU C 41 17.91 2.02 80.52
CA LEU C 41 17.83 2.03 79.04
C LEU C 41 16.51 1.40 78.64
N PRO C 42 15.68 2.03 77.77
CA PRO C 42 14.41 1.43 77.32
C PRO C 42 14.60 0.17 76.47
N GLU C 43 13.52 -0.59 76.27
CA GLU C 43 13.53 -1.90 75.54
C GLU C 43 13.91 -1.65 74.08
N PRO C 44 14.92 -2.39 73.54
CA PRO C 44 15.24 -2.34 72.11
C PRO C 44 14.03 -2.47 71.18
N THR C 45 13.93 -1.59 70.19
CA THR C 45 12.90 -1.58 69.11
C THR C 45 13.60 -1.62 67.75
N GLU C 46 12.89 -2.07 66.72
CA GLU C 46 13.39 -2.22 65.32
C GLU C 46 13.80 -0.86 64.75
N GLY C 47 14.95 -0.78 64.07
CA GLY C 47 15.53 0.44 63.49
C GLY C 47 16.12 1.38 64.53
N PHE C 48 15.73 1.22 65.81
CA PHE C 48 16.02 2.12 66.96
C PHE C 48 15.35 3.49 66.77
N ALA C 49 14.36 3.58 65.87
CA ALA C 49 13.72 4.83 65.41
C ALA C 49 12.88 5.46 66.53
N ALA C 50 12.57 4.71 67.59
CA ALA C 50 11.90 5.21 68.81
C ALA C 50 12.79 6.22 69.53
N ASP C 51 12.20 7.03 70.41
CA ASP C 51 12.87 8.12 71.17
C ASP C 51 13.53 7.55 72.43
N ASP C 52 14.56 8.24 72.94
CA ASP C 52 15.33 7.97 74.18
C ASP C 52 16.19 6.71 74.07
N GLU C 53 16.35 6.11 72.88
CA GLU C 53 17.21 4.91 72.65
C GLU C 53 18.24 5.21 71.55
N PRO C 54 19.50 4.76 71.73
CA PRO C 54 20.57 5.04 70.77
C PRO C 54 20.41 4.32 69.43
N THR C 55 20.90 4.94 68.35
CA THR C 55 20.77 4.48 66.94
C THR C 55 22.08 3.89 66.43
N THR C 56 23.20 4.18 67.10
CA THR C 56 24.54 3.58 66.79
C THR C 56 25.23 3.22 68.10
N PRO C 57 26.27 2.37 68.08
CA PRO C 57 27.07 2.07 69.27
C PRO C 57 27.63 3.31 69.98
N ALA C 58 28.11 4.29 69.20
CA ALA C 58 28.71 5.56 69.67
C ALA C 58 27.73 6.33 70.58
N GLU C 59 26.46 6.44 70.15
CA GLU C 59 25.37 7.09 70.93
C GLU C 59 25.21 6.35 72.27
N LEU C 60 25.09 5.01 72.23
CA LEU C 60 24.95 4.12 73.43
C LEU C 60 26.07 4.42 74.42
N VAL C 61 27.32 4.43 73.96
CA VAL C 61 28.50 4.68 74.83
C VAL C 61 28.39 6.12 75.36
N GLY C 62 27.84 7.04 74.55
CA GLY C 62 27.54 8.41 74.97
C GLY C 62 26.57 8.42 76.14
N LYS C 63 25.37 7.82 75.96
CA LYS C 63 24.29 7.76 76.99
C LYS C 63 24.87 7.22 78.30
N PHE C 64 25.70 6.17 78.20
CA PHE C 64 26.43 5.55 79.33
C PHE C 64 27.33 6.62 79.99
N LEU C 65 28.10 7.36 79.19
CA LEU C 65 29.00 8.45 79.69
C LEU C 65 28.15 9.51 80.41
N GLY C 66 27.00 9.85 79.84
CA GLY C 66 26.02 10.82 80.38
C GLY C 66 25.43 10.31 81.68
N TYR C 67 25.13 9.01 81.73
CA TYR C 67 24.60 8.31 82.93
C TYR C 67 25.64 8.41 84.07
N VAL C 68 26.86 7.94 83.82
CA VAL C 68 27.95 7.86 84.83
C VAL C 68 28.24 9.26 85.37
N SER C 69 28.32 10.25 84.47
CA SER C 69 28.59 11.68 84.76
C SER C 69 27.51 12.26 85.69
N SER C 70 26.26 11.82 85.52
CA SER C 70 25.10 12.23 86.35
C SER C 70 25.30 11.70 87.78
N LEU C 71 25.64 10.40 87.91
CA LEU C 71 25.86 9.71 89.21
C LEU C 71 27.06 10.34 89.93
N VAL C 72 28.19 10.48 89.23
CA VAL C 72 29.48 10.95 89.83
C VAL C 72 29.25 12.36 90.41
N GLU C 73 29.87 12.63 91.56
CA GLU C 73 29.88 13.94 92.25
C GLU C 73 31.25 14.58 91.98
N PRO C 74 31.33 15.83 91.46
CA PRO C 74 32.61 16.44 91.08
C PRO C 74 33.59 16.75 92.24
N SER C 75 33.08 17.15 93.40
CA SER C 75 33.90 17.53 94.59
C SER C 75 34.41 16.28 95.34
N LYS C 76 33.52 15.50 95.98
CA LYS C 76 33.84 14.22 96.68
C LYS C 76 34.37 13.21 95.65
N VAL C 77 35.52 12.59 95.90
CA VAL C 77 36.13 11.51 95.06
C VAL C 77 35.39 10.19 95.37
N GLY C 78 34.68 9.63 94.39
CA GLY C 78 33.90 8.38 94.53
C GLY C 78 34.53 7.23 93.77
N GLN C 79 33.86 6.07 93.78
CA GLN C 79 34.30 4.82 93.10
C GLN C 79 34.09 4.97 91.58
N PHE C 80 33.31 5.98 91.16
CA PHE C 80 32.84 6.18 89.77
C PHE C 80 33.90 6.91 88.91
N ASP C 81 34.85 7.59 89.55
CA ASP C 81 35.89 8.40 88.84
C ASP C 81 36.67 7.52 87.86
N GLN C 82 37.11 6.34 88.29
CA GLN C 82 38.03 5.46 87.52
C GLN C 82 37.27 4.87 86.33
N VAL C 83 36.07 4.35 86.56
CA VAL C 83 35.20 3.72 85.50
C VAL C 83 34.79 4.79 84.48
N LEU C 84 34.57 6.04 84.93
CA LEU C 84 34.23 7.20 84.05
C LEU C 84 35.40 7.44 83.08
N ASN C 85 36.61 7.68 83.61
CA ASN C 85 37.84 7.93 82.82
C ASN C 85 38.05 6.81 81.79
N LEU C 86 37.90 5.53 82.19
CA LEU C 86 38.18 4.35 81.34
C LEU C 86 37.19 4.27 80.18
N CYS C 87 35.88 4.44 80.45
CA CYS C 87 34.80 4.38 79.43
C CYS C 87 34.83 5.65 78.56
N LEU C 88 35.31 6.77 79.11
CA LEU C 88 35.55 8.05 78.37
C LEU C 88 36.71 7.85 77.39
N THR C 89 37.85 7.33 77.87
CA THR C 89 39.06 7.03 77.05
C THR C 89 38.69 6.00 75.96
N GLU C 90 37.87 4.98 76.27
CA GLU C 90 37.43 3.97 75.26
C GLU C 90 36.61 4.68 74.17
N PHE C 91 35.68 5.56 74.58
CA PHE C 91 34.80 6.35 73.67
C PHE C 91 35.65 7.21 72.73
N GLU C 92 36.67 7.88 73.29
CA GLU C 92 37.64 8.71 72.53
C GLU C 92 38.32 7.83 71.46
N ASN C 93 38.91 6.71 71.87
CA ASN C 93 39.86 5.93 71.05
C ASN C 93 39.12 5.02 70.05
N CYS C 94 37.79 4.88 70.15
CA CYS C 94 36.95 4.02 69.26
C CYS C 94 36.18 4.85 68.23
N TYR C 95 35.84 6.10 68.53
CA TYR C 95 34.87 6.92 67.74
C TYR C 95 35.47 8.30 67.41
N LEU C 96 36.05 9.02 68.38
CA LEU C 96 36.79 10.30 68.17
C LEU C 96 38.21 10.00 67.65
N GLU C 97 38.34 9.67 66.37
CA GLU C 97 39.66 9.36 65.75
C GLU C 97 40.42 10.69 65.60
N GLY C 98 40.81 11.31 66.74
CA GLY C 98 41.41 12.66 66.82
C GLY C 98 40.36 13.77 66.77
N ASN C 99 39.52 13.77 65.73
CA ASN C 99 38.44 14.76 65.44
C ASN C 99 37.68 15.11 66.72
N ASP C 100 37.19 16.35 66.79
CA ASP C 100 36.33 16.83 67.92
C ASP C 100 34.91 16.23 67.78
N ILE C 101 34.20 16.17 68.91
CA ILE C 101 32.84 15.54 69.07
C ILE C 101 31.84 16.07 68.02
N HIS C 102 31.99 17.32 67.58
CA HIS C 102 31.08 17.94 66.59
C HIS C 102 31.28 17.31 65.21
N ALA C 103 32.52 16.96 64.85
CA ALA C 103 32.88 16.30 63.57
C ALA C 103 32.32 14.88 63.54
N LEU C 104 32.40 14.18 64.66
CA LEU C 104 31.76 12.85 64.86
C LEU C 104 30.25 12.97 64.58
N ALA C 105 29.55 13.83 65.34
CA ALA C 105 28.09 14.06 65.25
C ALA C 105 27.66 14.33 63.80
N ALA C 106 28.44 15.12 63.06
CA ALA C 106 28.20 15.46 61.63
C ALA C 106 28.34 14.19 60.79
N LYS C 107 29.33 13.35 61.12
CA LYS C 107 29.61 12.04 60.46
C LYS C 107 28.45 11.07 60.70
N LEU C 108 27.91 11.04 61.93
CA LEU C 108 26.74 10.20 62.32
C LEU C 108 25.48 10.65 61.57
N LEU C 109 25.25 11.96 61.43
CA LEU C 109 24.05 12.50 60.72
C LEU C 109 24.11 12.15 59.23
N GLN C 110 25.30 12.23 58.65
CA GLN C 110 25.52 12.12 57.18
C GLN C 110 25.45 10.65 56.75
N GLU C 111 25.95 9.72 57.58
CA GLU C 111 26.09 8.28 57.24
C GLU C 111 24.97 7.46 57.90
N ASN C 112 24.94 7.42 59.23
CA ASN C 112 23.96 6.63 60.02
C ASN C 112 22.60 7.31 59.94
N ASP C 113 21.52 6.57 60.22
CA ASP C 113 20.12 7.06 60.22
C ASP C 113 19.82 7.64 61.61
N THR C 114 20.50 8.74 61.98
CA THR C 114 20.34 9.43 63.29
C THR C 114 19.58 10.74 63.06
N THR C 115 18.95 11.25 64.12
CA THR C 115 18.21 12.54 64.14
C THR C 115 19.04 13.58 64.89
N LEU C 116 18.79 14.88 64.66
CA LEU C 116 19.54 16.01 65.26
C LEU C 116 19.52 15.95 66.78
N VAL C 117 18.40 15.52 67.38
CA VAL C 117 18.20 15.47 68.86
C VAL C 117 19.17 14.44 69.46
N LYS C 118 19.36 13.30 68.80
CA LYS C 118 20.23 12.17 69.25
C LYS C 118 21.70 12.62 69.33
N THR C 119 22.17 13.35 68.32
CA THR C 119 23.57 13.84 68.16
C THR C 119 23.84 14.97 69.17
N LYS C 120 22.87 15.87 69.37
CA LYS C 120 22.89 16.91 70.42
C LYS C 120 22.94 16.26 71.80
N GLU C 121 22.25 15.12 71.99
CA GLU C 121 22.26 14.34 73.27
C GLU C 121 23.67 13.78 73.46
N LEU C 122 24.20 13.13 72.43
CA LEU C 122 25.58 12.59 72.38
C LEU C 122 26.55 13.70 72.76
N ILE C 123 26.52 14.83 72.04
CA ILE C 123 27.46 15.97 72.29
C ILE C 123 27.36 16.39 73.76
N LYS C 124 26.15 16.59 74.27
CA LYS C 124 25.90 16.99 75.68
C LYS C 124 26.61 16.03 76.61
N ASN C 125 26.38 14.73 76.38
CA ASN C 125 26.86 13.59 77.20
C ASN C 125 28.38 13.63 77.22
N TYR C 126 29.01 13.69 76.05
CA TYR C 126 30.48 13.68 75.89
C TYR C 126 31.08 14.87 76.65
N ILE C 127 30.48 16.07 76.55
CA ILE C 127 31.06 17.34 77.12
C ILE C 127 30.91 17.29 78.64
N THR C 128 29.75 16.86 79.15
CA THR C 128 29.45 16.74 80.60
C THR C 128 30.44 15.76 81.21
N ALA C 129 30.56 14.56 80.62
CA ALA C 129 31.50 13.49 81.02
C ALA C 129 32.90 14.12 81.16
N ARG C 130 33.37 14.76 80.07
CA ARG C 130 34.70 15.41 79.95
C ARG C 130 34.97 16.33 81.14
N ILE C 131 33.95 17.07 81.61
CA ILE C 131 34.10 18.13 82.65
C ILE C 131 33.96 17.52 84.05
N MET C 132 33.08 16.53 84.22
CA MET C 132 32.90 15.79 85.49
C MET C 132 34.17 14.97 85.79
N ALA C 133 34.76 14.34 84.78
CA ALA C 133 35.99 13.52 84.84
C ALA C 133 37.24 14.35 85.20
N LYS C 134 37.11 15.66 85.40
CA LYS C 134 38.22 16.61 85.74
C LYS C 134 39.24 16.66 84.59
N ARG C 135 38.76 16.56 83.34
CA ARG C 135 39.58 16.69 82.09
C ARG C 135 39.03 17.88 81.30
N PRO C 136 39.28 19.14 81.75
CA PRO C 136 38.79 20.32 81.07
C PRO C 136 39.53 20.52 79.74
N PHE C 137 39.02 21.41 78.88
CA PHE C 137 39.59 21.74 77.56
C PHE C 137 40.68 22.80 77.78
N ASP C 138 41.82 22.36 78.30
CA ASP C 138 43.01 23.19 78.61
C ASP C 138 43.92 23.23 77.38
N LYS C 139 44.10 22.07 76.74
CA LYS C 139 44.99 21.91 75.54
C LYS C 139 44.36 22.68 74.38
N LYS C 140 45.17 23.49 73.69
CA LYS C 140 44.80 24.19 72.43
C LYS C 140 44.43 23.10 71.41
N SER C 141 43.29 23.24 70.73
CA SER C 141 42.81 22.22 69.75
C SER C 141 43.71 22.29 68.51
N ASN C 142 43.65 21.23 67.70
CA ASN C 142 44.42 21.08 66.43
C ASN C 142 43.43 21.25 65.28
N SER C 143 42.52 22.23 65.38
CA SER C 143 41.51 22.52 64.34
C SER C 143 42.26 23.04 63.11
N ALA C 144 41.94 22.49 61.94
CA ALA C 144 42.60 22.79 60.65
C ALA C 144 42.38 24.26 60.29
N LEU C 145 41.26 24.84 60.70
CA LEU C 145 40.91 26.24 60.37
C LEU C 145 41.85 27.20 61.09
N PHE C 146 42.07 27.00 62.39
CA PHE C 146 42.92 27.90 63.20
C PHE C 146 44.40 27.61 62.95
N ARG C 147 44.75 26.38 62.58
CA ARG C 147 46.15 26.03 62.16
C ARG C 147 46.46 26.90 60.93
N ALA C 148 45.53 26.91 59.97
CA ALA C 148 45.63 27.61 58.66
C ALA C 148 45.71 29.13 58.85
N VAL C 149 45.16 29.67 59.94
CA VAL C 149 45.25 31.12 60.31
C VAL C 149 46.65 31.40 60.87
N GLY C 150 47.15 30.50 61.73
CA GLY C 150 48.52 30.54 62.27
C GLY C 150 49.56 30.63 61.16
N GLU C 151 49.46 29.72 60.18
CA GLU C 151 50.31 29.65 58.96
C GLU C 151 50.15 30.95 58.13
N GLY C 152 48.92 31.50 58.06
CA GLY C 152 48.58 32.74 57.35
C GLY C 152 47.81 32.50 56.05
N ASN C 153 47.27 31.29 55.83
CA ASN C 153 46.51 30.86 54.63
C ASN C 153 45.01 31.19 54.77
N ALA C 154 44.56 31.67 55.92
CA ALA C 154 43.15 32.04 56.17
C ALA C 154 43.09 33.31 57.03
N GLN C 155 42.05 34.12 56.83
CA GLN C 155 41.70 35.28 57.69
C GLN C 155 40.22 35.17 58.03
N LEU C 156 39.92 35.22 59.33
CA LEU C 156 38.56 35.05 59.89
C LEU C 156 38.02 36.43 60.27
N VAL C 157 36.75 36.66 59.98
CA VAL C 157 35.99 37.82 60.50
C VAL C 157 34.72 37.29 61.13
N ALA C 158 34.39 37.73 62.35
CA ALA C 158 33.18 37.30 63.07
C ALA C 158 32.06 38.33 62.87
N ILE C 159 30.96 37.87 62.29
CA ILE C 159 29.72 38.66 62.13
C ILE C 159 28.75 38.17 63.20
N PHE C 160 28.00 39.11 63.77
CA PHE C 160 26.90 38.84 64.74
C PHE C 160 25.60 39.36 64.14
N GLY C 161 24.61 38.49 64.00
CA GLY C 161 23.25 38.81 63.54
C GLY C 161 22.50 39.69 64.51
N GLY C 162 21.22 39.92 64.22
CA GLY C 162 20.32 40.71 65.07
C GLY C 162 18.88 40.23 64.99
N GLN C 163 17.96 41.18 65.04
CA GLN C 163 16.51 40.94 65.03
C GLN C 163 16.08 40.57 63.61
N GLY C 164 15.11 39.68 63.50
CA GLY C 164 14.35 39.46 62.25
C GLY C 164 14.80 38.22 61.53
N ASN C 165 15.78 37.50 62.08
CA ASN C 165 16.25 36.22 61.48
C ASN C 165 15.15 35.18 61.72
N THR C 166 14.85 34.86 62.98
CA THR C 166 13.84 33.85 63.40
C THR C 166 12.94 34.42 64.51
N ASP C 167 11.69 33.97 64.54
CA ASP C 167 10.67 34.33 65.57
C ASP C 167 10.89 33.51 66.84
N ASP C 168 11.41 32.29 66.68
CA ASP C 168 11.57 31.26 67.74
C ASP C 168 13.03 31.30 68.22
N TYR C 169 13.56 32.49 68.44
CA TYR C 169 15.00 32.68 68.76
C TYR C 169 15.32 32.02 70.09
N PHE C 170 14.38 32.03 71.04
CA PHE C 170 14.60 31.55 72.43
C PHE C 170 14.98 30.07 72.43
N GLU C 171 14.44 29.25 71.52
CA GLU C 171 14.75 27.80 71.47
C GLU C 171 16.23 27.56 71.17
N GLU C 172 16.90 28.51 70.52
CA GLU C 172 18.37 28.49 70.33
C GLU C 172 19.07 28.69 71.69
N LEU C 173 18.55 29.56 72.57
CA LEU C 173 19.13 29.77 73.94
C LEU C 173 18.88 28.54 74.80
N ARG C 174 17.75 27.86 74.60
CA ARG C 174 17.39 26.59 75.29
C ARG C 174 18.41 25.52 74.91
N ASP C 175 18.67 25.34 73.61
CA ASP C 175 19.63 24.34 73.06
C ASP C 175 21.05 24.58 73.61
N LEU C 176 21.47 25.83 73.77
CA LEU C 176 22.79 26.15 74.37
C LEU C 176 22.79 25.76 75.85
N TYR C 177 21.68 26.00 76.55
CA TYR C 177 21.58 25.74 78.01
C TYR C 177 21.55 24.24 78.28
N GLN C 178 20.91 23.44 77.40
CA GLN C 178 20.84 21.97 77.55
C GLN C 178 22.18 21.37 77.18
N THR C 179 22.58 21.52 75.91
CA THR C 179 23.73 20.82 75.29
C THR C 179 25.05 21.25 75.97
N TYR C 180 25.28 22.54 76.18
CA TYR C 180 26.61 23.03 76.65
C TYR C 180 26.53 23.57 78.08
N HIS C 181 25.62 23.03 78.90
CA HIS C 181 25.31 23.54 80.26
C HIS C 181 26.62 23.81 81.02
N VAL C 182 27.55 22.86 81.00
CA VAL C 182 28.82 22.89 81.79
C VAL C 182 29.72 24.05 81.32
N LEU C 183 29.62 24.45 80.04
CA LEU C 183 30.43 25.54 79.43
C LEU C 183 29.78 26.90 79.72
N VAL C 184 28.50 27.08 79.38
CA VAL C 184 27.82 28.41 79.32
C VAL C 184 26.83 28.62 80.47
N GLY C 185 26.59 27.60 81.32
CA GLY C 185 25.64 27.69 82.45
C GLY C 185 25.96 28.84 83.40
N ASP C 186 27.25 29.14 83.61
CA ASP C 186 27.73 30.25 84.47
C ASP C 186 27.50 31.59 83.76
N LEU C 187 27.72 31.66 82.45
CA LEU C 187 27.55 32.89 81.62
C LEU C 187 26.07 33.27 81.63
N ILE C 188 25.19 32.33 81.27
CA ILE C 188 23.72 32.51 81.19
C ILE C 188 23.19 32.91 82.57
N LYS C 189 23.67 32.27 83.63
CA LYS C 189 23.25 32.56 85.02
C LYS C 189 23.80 33.93 85.45
N PHE C 190 24.97 34.34 84.96
CA PHE C 190 25.54 35.67 85.27
C PHE C 190 24.75 36.77 84.53
N SER C 191 24.45 36.52 83.25
CA SER C 191 23.65 37.44 82.40
C SER C 191 22.28 37.62 83.05
N ALA C 192 21.63 36.53 83.47
CA ALA C 192 20.26 36.54 84.04
C ALA C 192 20.23 37.43 85.29
N GLU C 193 21.22 37.27 86.17
CA GLU C 193 21.38 38.07 87.41
C GLU C 193 21.60 39.53 87.02
N THR C 194 22.48 39.81 86.05
CA THR C 194 22.83 41.19 85.57
C THR C 194 21.57 41.88 85.01
N LEU C 195 20.76 41.15 84.25
CA LEU C 195 19.46 41.64 83.73
C LEU C 195 18.54 41.93 84.93
N SER C 196 18.25 40.92 85.77
CA SER C 196 17.36 41.05 86.95
C SER C 196 17.81 42.19 87.88
N GLU C 197 19.11 42.49 87.94
CA GLU C 197 19.69 43.66 88.68
C GLU C 197 19.31 44.96 87.96
N LEU C 198 19.54 45.02 86.65
CA LEU C 198 19.26 46.23 85.81
C LEU C 198 17.78 46.59 85.92
N ILE C 199 16.87 45.60 85.89
CA ILE C 199 15.40 45.80 86.03
C ILE C 199 15.15 46.55 87.34
N ARG C 200 15.58 45.98 88.48
CA ARG C 200 15.36 46.55 89.83
C ARG C 200 15.96 47.95 89.94
N THR C 201 17.14 48.19 89.37
CA THR C 201 17.87 49.49 89.46
C THR C 201 17.13 50.58 88.68
N THR C 202 16.91 50.36 87.38
CA THR C 202 16.21 51.29 86.45
C THR C 202 14.80 51.54 87.00
N LEU C 203 14.34 52.80 86.97
CA LEU C 203 13.13 53.29 87.70
C LEU C 203 11.86 52.51 87.32
N ASP C 204 11.60 52.25 86.03
CA ASP C 204 10.29 51.75 85.52
C ASP C 204 10.47 50.60 84.51
N ALA C 205 11.50 49.76 84.68
CA ALA C 205 11.75 48.57 83.81
C ALA C 205 10.64 47.54 84.05
N GLU C 206 10.21 47.36 85.31
CA GLU C 206 9.17 46.39 85.75
C GLU C 206 7.88 46.60 84.93
N LYS C 207 7.52 47.86 84.60
CA LYS C 207 6.33 48.21 83.77
C LYS C 207 6.42 47.48 82.43
N VAL C 208 7.59 47.54 81.78
CA VAL C 208 7.85 47.02 80.40
C VAL C 208 7.84 45.49 80.41
N PHE C 209 8.54 44.87 81.36
CA PHE C 209 8.60 43.41 81.58
C PHE C 209 7.39 42.99 82.44
N THR C 210 6.23 42.80 81.80
CA THR C 210 4.93 42.45 82.45
C THR C 210 4.97 41.00 82.96
N GLN C 211 5.82 40.14 82.38
CA GLN C 211 6.03 38.74 82.82
C GLN C 211 7.49 38.53 83.27
N GLY C 212 8.26 39.61 83.49
CA GLY C 212 9.61 39.59 84.07
C GLY C 212 10.65 38.89 83.20
N LEU C 213 11.90 38.88 83.64
CA LEU C 213 13.03 38.12 83.06
C LEU C 213 13.55 37.15 84.12
N ASN C 214 12.75 36.15 84.50
CA ASN C 214 13.27 34.96 85.20
C ASN C 214 13.58 33.92 84.12
N ILE C 215 14.62 34.19 83.33
CA ILE C 215 14.99 33.39 82.12
C ILE C 215 15.49 32.01 82.55
N LEU C 216 16.06 31.91 83.76
CA LEU C 216 16.50 30.61 84.34
C LEU C 216 15.27 29.70 84.54
N GLU C 217 14.16 30.24 85.06
CA GLU C 217 12.90 29.48 85.23
C GLU C 217 12.40 28.98 83.87
N TRP C 218 12.59 29.75 82.79
CA TRP C 218 12.06 29.45 81.43
C TRP C 218 12.90 28.38 80.75
N LEU C 219 14.20 28.32 81.04
CA LEU C 219 15.11 27.28 80.52
C LEU C 219 14.87 25.96 81.28
N GLU C 220 14.75 26.04 82.62
CA GLU C 220 14.50 24.89 83.52
C GLU C 220 13.21 24.17 83.10
N ASN C 221 12.12 24.92 82.91
CA ASN C 221 10.75 24.39 82.69
C ASN C 221 10.14 25.04 81.46
N PRO C 222 10.11 24.37 80.27
CA PRO C 222 9.53 24.95 79.05
C PRO C 222 8.08 25.46 79.17
N SER C 223 7.26 24.86 80.05
CA SER C 223 5.83 25.21 80.27
C SER C 223 5.71 26.61 80.91
N ASN C 224 6.65 26.96 81.79
CA ASN C 224 6.65 28.25 82.54
C ASN C 224 7.21 29.37 81.65
N THR C 225 7.82 29.04 80.51
CA THR C 225 8.26 30.04 79.48
C THR C 225 7.04 30.82 79.02
N PRO C 226 7.07 32.17 78.99
CA PRO C 226 6.00 32.94 78.37
C PRO C 226 5.80 32.61 76.88
N ASP C 227 4.73 33.13 76.29
CA ASP C 227 4.32 32.91 74.88
C ASP C 227 5.32 33.61 73.95
N LYS C 228 5.46 33.09 72.72
CA LYS C 228 6.44 33.57 71.71
C LYS C 228 6.35 35.09 71.52
N ASP C 229 5.14 35.66 71.53
CA ASP C 229 4.88 37.10 71.24
C ASP C 229 5.53 37.99 72.31
N TYR C 230 5.59 37.57 73.57
CA TYR C 230 6.23 38.34 74.66
C TYR C 230 7.76 38.27 74.55
N LEU C 231 8.26 37.07 74.25
CA LEU C 231 9.72 36.82 74.05
C LEU C 231 10.22 37.65 72.88
N LEU C 232 9.39 37.87 71.86
CA LEU C 232 9.80 38.61 70.64
C LEU C 232 9.93 40.11 70.94
N SER C 233 9.25 40.63 71.97
CA SER C 233 9.27 42.08 72.30
C SER C 233 10.69 42.49 72.65
N ILE C 234 11.12 43.66 72.19
CA ILE C 234 12.57 44.03 72.08
C ILE C 234 13.24 44.15 73.44
N PRO C 235 12.56 44.52 74.54
CA PRO C 235 13.24 44.63 75.83
C PRO C 235 13.72 43.27 76.37
N ILE C 236 13.13 42.17 75.89
CA ILE C 236 13.57 40.78 76.17
C ILE C 236 14.49 40.33 75.02
N SER C 237 14.02 40.36 73.78
CA SER C 237 14.72 39.79 72.61
C SER C 237 16.10 40.44 72.42
N CYS C 238 16.26 41.74 72.68
CA CYS C 238 17.54 42.44 72.45
C CYS C 238 18.62 41.81 73.33
N PRO C 239 18.57 41.94 74.68
CA PRO C 239 19.62 41.40 75.52
C PRO C 239 19.79 39.89 75.35
N LEU C 240 18.71 39.12 75.19
CA LEU C 240 18.77 37.64 75.07
C LEU C 240 19.43 37.22 73.76
N ILE C 241 19.29 38.00 72.69
CA ILE C 241 20.03 37.70 71.42
C ILE C 241 21.52 37.98 71.66
N GLY C 242 21.85 38.99 72.46
CA GLY C 242 23.22 39.24 72.93
C GLY C 242 23.78 38.00 73.60
N VAL C 243 23.05 37.50 74.61
CA VAL C 243 23.42 36.32 75.43
C VAL C 243 23.64 35.14 74.47
N ILE C 244 22.67 34.83 73.61
CA ILE C 244 22.79 33.70 72.63
C ILE C 244 24.14 33.80 71.89
N GLN C 245 24.46 34.99 71.38
CA GLN C 245 25.66 35.24 70.54
C GLN C 245 26.91 35.02 71.40
N LEU C 246 27.00 35.68 72.56
CA LEU C 246 28.13 35.53 73.51
C LEU C 246 28.32 34.06 73.90
N ALA C 247 27.23 33.36 74.25
CA ALA C 247 27.23 31.91 74.55
C ALA C 247 27.89 31.16 73.39
N HIS C 248 27.37 31.29 72.16
CA HIS C 248 27.98 30.61 70.98
C HIS C 248 29.48 30.90 70.94
N TYR C 249 29.87 32.14 71.24
CA TYR C 249 31.29 32.60 71.24
C TYR C 249 32.08 31.82 72.29
N VAL C 250 31.60 31.84 73.55
CA VAL C 250 32.16 31.05 74.69
C VAL C 250 32.28 29.58 74.27
N VAL C 251 31.18 28.89 73.96
CA VAL C 251 31.24 27.47 73.49
C VAL C 251 32.42 27.31 72.53
N THR C 252 32.48 28.13 71.48
CA THR C 252 33.52 28.04 70.43
C THR C 252 34.91 28.30 71.02
N ALA C 253 35.07 29.22 71.98
CA ALA C 253 36.36 29.48 72.64
C ALA C 253 36.77 28.27 73.49
N LYS C 254 35.85 27.74 74.29
CA LYS C 254 36.16 26.69 75.30
C LYS C 254 36.50 25.37 74.59
N LEU C 255 35.73 24.98 73.56
CA LEU C 255 35.98 23.70 72.85
C LEU C 255 37.28 23.75 72.03
N LEU C 256 37.81 24.93 71.73
CA LEU C 256 39.12 25.13 71.05
C LEU C 256 40.22 25.39 72.09
N GLY C 257 39.88 25.32 73.38
CA GLY C 257 40.84 25.49 74.49
C GLY C 257 41.37 26.91 74.62
N PHE C 258 40.80 27.85 73.88
CA PHE C 258 41.24 29.26 73.89
C PHE C 258 40.51 30.00 75.01
N THR C 259 41.16 31.02 75.58
CA THR C 259 40.50 32.10 76.35
C THR C 259 39.99 33.11 75.32
N PRO C 260 38.96 33.93 75.64
CA PRO C 260 38.38 34.85 74.66
C PRO C 260 39.42 35.68 73.88
N GLY C 261 40.44 36.20 74.57
CA GLY C 261 41.56 36.96 73.97
C GLY C 261 42.28 36.17 72.90
N GLU C 262 42.65 34.91 73.21
CA GLU C 262 43.33 33.97 72.29
C GLU C 262 42.47 33.77 71.05
N LEU C 263 41.16 33.52 71.22
CA LEU C 263 40.19 33.33 70.10
C LEU C 263 40.09 34.64 69.31
N ARG C 264 39.90 35.76 69.99
CA ARG C 264 39.76 37.09 69.34
C ARG C 264 41.03 37.43 68.55
N SER C 265 42.22 37.07 69.05
CA SER C 265 43.53 37.35 68.41
C SER C 265 43.56 36.81 66.97
N TYR C 266 42.88 35.69 66.71
CA TYR C 266 42.85 34.99 65.38
C TYR C 266 41.90 35.70 64.39
N LEU C 267 41.07 36.64 64.85
CA LEU C 267 40.07 37.35 64.00
C LEU C 267 40.70 38.63 63.43
N LYS C 268 40.79 38.74 62.11
CA LYS C 268 41.26 39.95 61.39
C LYS C 268 40.34 41.14 61.75
N GLY C 269 39.05 40.88 61.92
CA GLY C 269 38.05 41.90 62.32
C GLY C 269 36.74 41.28 62.79
N ALA C 270 35.83 42.10 63.30
CA ALA C 270 34.46 41.70 63.72
C ALA C 270 33.47 42.79 63.30
N THR C 271 32.21 42.42 63.12
CA THR C 271 31.13 43.37 62.79
C THR C 271 29.80 42.71 63.12
N GLY C 272 28.71 43.43 62.93
CA GLY C 272 27.40 42.91 63.30
C GLY C 272 26.28 43.67 62.64
N HIS C 273 25.32 42.93 62.14
CA HIS C 273 24.04 43.43 61.58
C HIS C 273 23.20 43.95 62.75
N SER C 274 22.85 45.24 62.74
CA SER C 274 21.95 45.85 63.74
C SER C 274 22.56 45.66 65.13
N GLN C 275 21.85 44.99 66.05
CA GLN C 275 22.21 44.91 67.50
C GLN C 275 23.47 44.07 67.67
N GLY C 276 23.69 43.09 66.78
CA GLY C 276 24.92 42.28 66.72
C GLY C 276 26.20 43.10 66.88
N LEU C 277 26.21 44.36 66.43
CA LEU C 277 27.38 45.26 66.52
C LEU C 277 27.77 45.52 67.97
N VAL C 278 26.84 45.41 68.92
CA VAL C 278 27.14 45.56 70.38
C VAL C 278 27.93 44.34 70.87
N THR C 279 27.49 43.15 70.49
CA THR C 279 28.26 41.91 70.77
C THR C 279 29.65 42.10 70.15
N ALA C 280 29.72 42.39 68.85
CA ALA C 280 30.97 42.47 68.06
C ALA C 280 32.03 43.37 68.71
N VAL C 281 31.67 44.41 69.45
CA VAL C 281 32.66 45.29 70.15
C VAL C 281 33.04 44.70 71.51
N ALA C 282 32.13 44.00 72.19
CA ALA C 282 32.39 43.36 73.50
C ALA C 282 33.37 42.19 73.34
N ILE C 283 33.32 41.52 72.18
CA ILE C 283 34.23 40.41 71.78
C ILE C 283 35.63 40.98 71.55
N ALA C 284 35.73 42.19 70.98
CA ALA C 284 37.01 42.85 70.67
C ALA C 284 37.74 43.25 71.95
N GLU C 285 37.02 43.60 73.01
CA GLU C 285 37.63 44.10 74.27
C GLU C 285 38.23 42.94 75.09
N THR C 286 37.52 41.81 75.17
CA THR C 286 37.80 40.72 76.15
C THR C 286 39.24 40.19 75.98
N ASP C 287 39.85 39.80 77.11
CA ASP C 287 41.24 39.27 77.24
C ASP C 287 41.17 37.83 77.75
N SER C 288 40.89 37.63 79.05
CA SER C 288 40.92 36.30 79.74
C SER C 288 39.50 35.91 80.19
N TRP C 289 39.33 34.73 80.81
CA TRP C 289 38.03 34.24 81.35
C TRP C 289 37.59 35.09 82.56
N GLU C 290 38.55 35.62 83.33
CA GLU C 290 38.31 36.36 84.60
C GLU C 290 37.79 37.78 84.32
N SER C 291 38.18 38.36 83.18
CA SER C 291 37.78 39.72 82.72
C SER C 291 36.84 39.62 81.51
N PHE C 292 36.23 38.46 81.25
CA PHE C 292 35.23 38.25 80.16
C PHE C 292 33.90 38.84 80.60
N PHE C 293 33.53 38.52 81.84
CA PHE C 293 32.22 38.82 82.47
C PHE C 293 32.04 40.33 82.71
N VAL C 294 33.10 41.14 82.64
CA VAL C 294 32.95 42.63 82.62
C VAL C 294 32.56 43.09 81.20
N SER C 295 33.11 42.47 80.15
CA SER C 295 32.73 42.74 78.73
C SER C 295 31.31 42.26 78.44
N VAL C 296 30.90 41.12 79.04
CA VAL C 296 29.50 40.61 78.95
C VAL C 296 28.56 41.63 79.60
N ARG C 297 28.81 42.01 80.86
CA ARG C 297 27.99 43.01 81.61
C ARG C 297 27.77 44.25 80.75
N LYS C 298 28.84 44.79 80.16
CA LYS C 298 28.76 45.94 79.22
C LYS C 298 27.73 45.59 78.14
N ALA C 299 28.03 44.60 77.30
CA ALA C 299 27.20 44.20 76.13
C ALA C 299 25.72 44.12 76.54
N ILE C 300 25.39 43.25 77.48
CA ILE C 300 24.02 43.01 78.00
C ILE C 300 23.40 44.36 78.41
N THR C 301 24.10 45.15 79.25
CA THR C 301 23.61 46.46 79.72
C THR C 301 23.21 47.36 78.55
N VAL C 302 24.08 47.49 77.54
CA VAL C 302 23.81 48.29 76.30
C VAL C 302 22.52 47.77 75.64
N LEU C 303 22.45 46.46 75.37
CA LEU C 303 21.31 45.85 74.64
C LEU C 303 20.01 45.98 75.44
N PHE C 304 20.09 45.83 76.76
CA PHE C 304 18.94 46.02 77.68
C PHE C 304 18.39 47.43 77.55
N PHE C 305 19.25 48.45 77.67
CA PHE C 305 18.84 49.87 77.62
C PHE C 305 18.35 50.25 76.22
N ILE C 306 18.98 49.73 75.16
CA ILE C 306 18.43 49.89 73.78
C ILE C 306 17.01 49.30 73.78
N GLY C 307 16.91 48.01 74.06
CA GLY C 307 15.64 47.27 74.12
C GLY C 307 14.55 48.01 74.89
N VAL C 308 14.86 48.51 76.09
CA VAL C 308 13.87 49.15 77.03
C VAL C 308 13.44 50.50 76.48
N ARG C 309 14.39 51.41 76.24
CA ARG C 309 14.13 52.83 75.84
C ARG C 309 13.45 52.89 74.46
N CYS C 310 13.85 52.02 73.52
CA CYS C 310 13.26 51.91 72.16
C CYS C 310 11.81 51.42 72.24
N TYR C 311 11.50 50.53 73.17
CA TYR C 311 10.12 50.02 73.37
C TYR C 311 9.26 51.15 73.94
N GLU C 312 9.76 51.91 74.92
CA GLU C 312 9.04 53.06 75.49
C GLU C 312 8.79 54.12 74.40
N ALA C 313 9.74 54.31 73.48
CA ALA C 313 9.68 55.34 72.41
C ALA C 313 8.58 55.01 71.39
N TYR C 314 8.47 53.74 70.98
CA TYR C 314 7.45 53.28 70.01
C TYR C 314 6.95 51.89 70.37
N PRO C 315 6.08 51.75 71.39
CA PRO C 315 5.49 50.46 71.74
C PRO C 315 4.57 49.97 70.61
N ASN C 316 4.53 48.66 70.42
CA ASN C 316 3.60 47.99 69.46
C ASN C 316 2.20 48.08 70.06
N THR C 317 1.23 48.57 69.28
CA THR C 317 -0.21 48.72 69.65
C THR C 317 -1.03 47.67 68.88
N SER C 318 -2.26 47.42 69.29
CA SER C 318 -3.21 46.49 68.64
C SER C 318 -3.44 46.94 67.19
N LEU C 319 -3.36 46.00 66.24
CA LEU C 319 -3.58 46.27 64.78
C LEU C 319 -5.02 45.90 64.39
N PRO C 320 -5.77 46.77 63.67
CA PRO C 320 -7.14 46.45 63.24
C PRO C 320 -7.28 45.07 62.59
N PRO C 321 -8.20 44.19 63.07
CA PRO C 321 -8.31 42.83 62.55
C PRO C 321 -8.53 42.72 61.03
N SER C 322 -9.15 43.73 60.42
CA SER C 322 -9.38 43.84 58.95
C SER C 322 -8.06 43.73 58.22
N ILE C 323 -7.08 44.55 58.61
CA ILE C 323 -5.69 44.62 58.05
C ILE C 323 -5.00 43.27 58.23
N LEU C 324 -5.06 42.72 59.43
CA LEU C 324 -4.43 41.40 59.73
C LEU C 324 -5.04 40.35 58.80
N GLU C 325 -6.37 40.26 58.74
CA GLU C 325 -7.13 39.27 57.93
C GLU C 325 -6.75 39.37 56.45
N ASP C 326 -6.66 40.61 55.93
CA ASP C 326 -6.26 40.92 54.52
C ASP C 326 -4.85 40.36 54.29
N SER C 327 -3.86 40.78 55.07
CA SER C 327 -2.44 40.35 54.90
C SER C 327 -2.32 38.81 54.91
N LEU C 328 -3.04 38.12 55.81
CA LEU C 328 -2.86 36.64 56.01
C LEU C 328 -3.58 35.85 54.91
N GLU C 329 -4.60 36.43 54.25
CA GLU C 329 -5.37 35.74 53.17
C GLU C 329 -4.70 36.00 51.81
N ASN C 330 -3.77 36.96 51.74
CA ASN C 330 -2.93 37.26 50.55
C ASN C 330 -1.55 36.59 50.67
N ASN C 331 -1.39 35.62 51.59
CA ASN C 331 -0.14 34.87 51.81
C ASN C 331 1.03 35.87 51.96
N GLU C 332 0.80 36.94 52.73
CA GLU C 332 1.84 37.77 53.38
C GLU C 332 1.82 37.42 54.87
N GLY C 333 2.71 38.02 55.66
CA GLY C 333 2.85 37.68 57.09
C GLY C 333 1.91 38.46 57.97
N VAL C 334 2.09 38.34 59.28
CA VAL C 334 1.49 39.22 60.30
C VAL C 334 2.20 40.56 60.25
N PRO C 335 1.53 41.68 59.92
CA PRO C 335 2.20 42.98 59.83
C PRO C 335 3.07 43.27 61.06
N SER C 336 4.34 43.59 60.80
CA SER C 336 5.37 43.96 61.80
C SER C 336 5.89 45.35 61.45
N PRO C 337 6.74 45.97 62.30
CA PRO C 337 7.37 47.24 61.97
C PRO C 337 8.56 47.17 61.00
N MET C 338 8.86 46.01 60.40
CA MET C 338 9.95 45.87 59.38
C MET C 338 9.55 44.87 58.29
N LEU C 339 9.58 45.31 57.03
CA LEU C 339 9.07 44.56 55.85
C LEU C 339 10.25 44.30 54.91
N SER C 340 10.60 43.04 54.65
CA SER C 340 11.73 42.65 53.79
C SER C 340 11.23 42.47 52.37
N ILE C 341 11.92 43.07 51.42
CA ILE C 341 11.60 43.02 49.96
C ILE C 341 12.79 42.42 49.22
N SER C 342 12.61 41.25 48.61
CA SER C 342 13.63 40.52 47.82
C SER C 342 13.38 40.78 46.33
N ASN C 343 14.44 40.89 45.54
CA ASN C 343 14.43 40.88 44.05
C ASN C 343 13.95 42.23 43.48
N LEU C 344 13.99 43.32 44.23
CA LEU C 344 13.83 44.70 43.71
C LEU C 344 15.05 45.54 44.08
N THR C 345 15.58 46.30 43.13
CA THR C 345 16.77 47.18 43.28
C THR C 345 16.45 48.26 44.32
N GLN C 346 17.47 48.79 44.98
CA GLN C 346 17.36 49.79 46.08
C GLN C 346 16.69 51.07 45.59
N GLU C 347 16.80 51.41 44.31
CA GLU C 347 16.19 52.62 43.68
C GLU C 347 14.70 52.41 43.45
N GLN C 348 14.28 51.21 43.03
CA GLN C 348 12.86 50.85 42.80
C GLN C 348 12.10 50.96 44.13
N VAL C 349 12.61 50.30 45.17
CA VAL C 349 12.04 50.33 46.55
C VAL C 349 12.05 51.78 47.06
N GLN C 350 13.00 52.61 46.62
CA GLN C 350 13.09 54.01 47.11
C GLN C 350 12.05 54.87 46.39
N ASP C 351 11.63 54.49 45.18
CA ASP C 351 10.50 55.18 44.46
C ASP C 351 9.21 54.86 45.22
N TYR C 352 8.88 53.58 45.37
CA TYR C 352 7.68 53.08 46.07
C TYR C 352 7.56 53.73 47.47
N VAL C 353 8.62 53.74 48.27
CA VAL C 353 8.60 54.33 49.64
C VAL C 353 8.38 55.84 49.55
N ASN C 354 8.89 56.53 48.52
CA ASN C 354 8.71 58.00 48.30
C ASN C 354 7.25 58.31 47.97
N LYS C 355 6.63 57.46 47.13
CA LYS C 355 5.20 57.55 46.73
C LYS C 355 4.30 57.35 47.95
N THR C 356 4.59 56.36 48.79
CA THR C 356 3.81 56.02 50.01
C THR C 356 3.98 57.12 51.05
N ASN C 357 5.19 57.63 51.25
CA ASN C 357 5.49 58.69 52.25
C ASN C 357 4.94 60.04 51.80
N SER C 358 4.64 60.23 50.51
CA SER C 358 4.05 61.48 49.95
C SER C 358 2.71 61.75 50.64
N HIS C 359 1.85 60.73 50.66
CA HIS C 359 0.47 60.73 51.24
C HIS C 359 0.51 60.81 52.78
N LEU C 360 1.41 60.07 53.44
CA LEU C 360 1.48 59.94 54.92
C LEU C 360 2.06 61.22 55.54
N PRO C 361 1.74 61.54 56.81
CA PRO C 361 2.45 62.59 57.56
C PRO C 361 3.82 62.12 58.05
N ALA C 362 4.57 62.98 58.76
CA ALA C 362 5.98 62.75 59.15
C ALA C 362 6.09 61.60 60.17
N GLY C 363 5.23 61.58 61.19
CA GLY C 363 5.21 60.55 62.24
C GLY C 363 4.79 59.17 61.76
N LYS C 364 4.38 58.99 60.49
CA LYS C 364 3.95 57.69 59.93
C LYS C 364 4.81 57.27 58.74
N GLN C 365 5.84 58.06 58.38
CA GLN C 365 6.65 57.78 57.17
C GLN C 365 7.49 56.53 57.40
N VAL C 366 7.57 55.66 56.38
CA VAL C 366 8.45 54.47 56.37
C VAL C 366 9.72 54.83 55.59
N GLU C 367 10.87 54.23 55.93
CA GLU C 367 12.16 54.47 55.23
C GLU C 367 12.93 53.17 55.07
N ILE C 368 13.85 53.12 54.11
CA ILE C 368 14.76 51.96 53.90
C ILE C 368 15.76 51.94 55.06
N SER C 369 15.80 50.81 55.77
CA SER C 369 16.50 50.62 57.06
C SER C 369 17.71 49.72 56.85
N LEU C 370 17.50 48.55 56.24
CA LEU C 370 18.58 47.59 55.93
C LEU C 370 18.71 47.49 54.41
N VAL C 371 19.91 47.79 53.91
CA VAL C 371 20.36 47.40 52.55
C VAL C 371 21.22 46.15 52.72
N ASN C 372 20.61 44.97 52.63
CA ASN C 372 21.29 43.69 52.91
C ASN C 372 22.10 43.26 51.68
N GLY C 373 21.48 43.20 50.50
CA GLY C 373 22.15 42.84 49.24
C GLY C 373 22.03 43.97 48.22
N ALA C 374 22.20 43.64 46.94
CA ALA C 374 21.87 44.53 45.81
C ALA C 374 20.35 44.66 45.71
N LYS C 375 19.67 43.51 45.75
CA LYS C 375 18.21 43.35 45.55
C LYS C 375 17.66 42.58 46.76
N ASN C 376 17.98 43.05 47.97
CA ASN C 376 17.45 42.50 49.22
C ASN C 376 17.41 43.62 50.26
N LEU C 377 16.24 44.25 50.40
CA LEU C 377 16.05 45.41 51.28
C LEU C 377 15.04 45.10 52.36
N VAL C 378 15.04 45.93 53.39
CA VAL C 378 14.07 45.93 54.52
C VAL C 378 13.69 47.37 54.79
N VAL C 379 12.37 47.61 54.87
CA VAL C 379 11.77 48.96 55.11
C VAL C 379 11.24 48.93 56.54
N SER C 380 11.66 49.88 57.38
CA SER C 380 11.16 50.09 58.76
C SER C 380 10.10 51.18 58.72
N GLY C 381 9.17 51.09 59.66
CA GLY C 381 8.15 52.12 59.95
C GLY C 381 6.93 51.46 60.55
N PRO C 382 5.87 52.23 60.91
CA PRO C 382 4.69 51.68 61.57
C PRO C 382 4.09 50.52 60.80
N PRO C 383 3.60 49.46 61.47
CA PRO C 383 3.05 48.30 60.76
C PRO C 383 1.86 48.61 59.85
N GLN C 384 1.08 49.66 60.11
CA GLN C 384 -0.03 50.08 59.22
C GLN C 384 0.57 50.71 57.94
N SER C 385 1.48 51.68 58.11
CA SER C 385 2.13 52.38 56.96
C SER C 385 2.75 51.32 56.03
N LEU C 386 3.44 50.34 56.61
CA LEU C 386 4.11 49.24 55.86
C LEU C 386 3.06 48.36 55.18
N TYR C 387 1.90 48.14 55.78
CA TYR C 387 0.75 47.47 55.11
C TYR C 387 0.26 48.35 53.96
N GLY C 388 0.28 49.68 54.10
CA GLY C 388 -0.04 50.63 53.01
C GLY C 388 0.93 50.50 51.84
N LEU C 389 2.23 50.45 52.13
CA LEU C 389 3.29 50.14 51.14
C LEU C 389 3.09 48.74 50.57
N ASN C 390 2.70 47.76 51.40
CA ASN C 390 2.57 46.35 50.96
C ASN C 390 1.42 46.24 49.94
N LEU C 391 0.43 47.12 50.02
CA LEU C 391 -0.73 47.16 49.08
C LEU C 391 -0.24 47.68 47.74
N THR C 392 0.41 48.84 47.76
CA THR C 392 1.04 49.48 46.58
C THR C 392 1.92 48.48 45.84
N LEU C 393 2.68 47.66 46.59
CA LEU C 393 3.58 46.61 46.05
C LEU C 393 2.75 45.51 45.40
N ARG C 394 1.72 44.97 46.08
CA ARG C 394 0.97 43.76 45.61
C ARG C 394 0.24 44.07 44.31
N LYS C 395 -0.15 45.32 44.09
CA LYS C 395 -0.70 45.86 42.82
C LYS C 395 0.33 45.72 41.68
N ALA C 396 1.58 46.12 41.95
CA ALA C 396 2.69 46.29 40.96
C ALA C 396 3.34 44.95 40.60
N LYS C 397 3.34 43.99 41.53
CA LYS C 397 4.05 42.69 41.34
C LYS C 397 3.17 41.78 40.48
N ALA C 398 3.83 40.97 39.66
CA ALA C 398 3.21 39.89 38.85
C ALA C 398 2.81 38.76 39.79
N PRO C 399 1.78 37.95 39.45
CA PRO C 399 1.53 36.70 40.16
C PRO C 399 2.77 35.80 40.17
N SER C 400 2.97 35.05 41.26
CA SER C 400 4.08 34.08 41.45
C SER C 400 3.98 32.97 40.37
N GLY C 401 2.75 32.49 40.13
CA GLY C 401 2.44 31.49 39.09
C GLY C 401 2.02 32.15 37.79
N LEU C 402 2.97 32.79 37.10
CA LEU C 402 2.80 33.39 35.74
C LEU C 402 3.93 32.90 34.84
N ASP C 403 3.58 32.26 33.71
CA ASP C 403 4.52 31.91 32.61
C ASP C 403 4.72 33.17 31.75
N GLN C 404 5.92 33.76 31.81
CA GLN C 404 6.33 34.92 30.98
C GLN C 404 7.46 34.50 30.03
N SER C 405 7.60 33.19 29.75
CA SER C 405 8.68 32.65 28.92
C SER C 405 8.42 32.97 27.43
N ARG C 406 7.17 33.26 27.03
CA ARG C 406 6.79 33.59 25.63
C ARG C 406 6.58 35.11 25.50
N ILE C 407 7.07 35.89 26.45
CA ILE C 407 7.02 37.38 26.45
C ILE C 407 8.46 37.89 26.38
N PRO C 408 8.77 38.89 25.54
CA PRO C 408 10.11 39.49 25.53
C PRO C 408 10.56 39.97 26.90
N PHE C 409 11.84 39.76 27.24
CA PHE C 409 12.45 40.06 28.57
C PHE C 409 12.00 41.44 29.09
N SER C 410 12.07 42.50 28.26
CA SER C 410 11.90 43.92 28.66
C SER C 410 10.42 44.26 28.91
N GLU C 411 9.50 43.42 28.43
CA GLU C 411 8.04 43.60 28.60
C GLU C 411 7.55 42.84 29.85
N ARG C 412 8.30 41.83 30.31
CA ARG C 412 7.88 40.97 31.45
C ARG C 412 7.56 41.84 32.67
N LYS C 413 6.56 41.43 33.44
CA LYS C 413 6.12 42.13 34.67
C LYS C 413 7.05 41.69 35.80
N LEU C 414 7.81 42.64 36.36
CA LEU C 414 8.85 42.40 37.41
C LEU C 414 8.21 41.68 38.60
N LYS C 415 8.77 40.53 38.99
CA LYS C 415 8.23 39.68 40.07
C LYS C 415 9.23 39.65 41.23
N PHE C 416 8.71 39.70 42.46
CA PHE C 416 9.48 39.90 43.71
C PHE C 416 8.67 39.45 44.92
N SER C 417 9.35 39.09 46.01
CA SER C 417 8.72 38.69 47.29
C SER C 417 8.83 39.85 48.29
N ASN C 418 7.83 39.97 49.14
CA ASN C 418 7.74 40.98 50.22
C ASN C 418 7.03 40.31 51.39
N ARG C 419 7.76 39.97 52.44
CA ARG C 419 7.23 39.35 53.69
C ARG C 419 7.64 40.24 54.86
N PHE C 420 6.80 40.31 55.90
CA PHE C 420 7.09 41.01 57.18
C PHE C 420 8.07 40.17 57.98
N LEU C 421 9.03 40.83 58.64
CA LEU C 421 10.03 40.13 59.48
C LEU C 421 9.40 39.85 60.82
N PRO C 422 9.82 38.77 61.50
CA PRO C 422 9.44 38.51 62.89
C PRO C 422 10.28 39.40 63.81
N VAL C 423 9.84 40.64 63.96
CA VAL C 423 10.46 41.63 64.88
C VAL C 423 9.32 42.37 65.56
N ALA C 424 9.60 43.17 66.59
CA ALA C 424 8.57 43.87 67.39
C ALA C 424 8.79 45.38 67.41
N SER C 425 9.91 45.88 66.89
CA SER C 425 10.20 47.33 66.86
C SER C 425 10.78 47.75 65.51
N PRO C 426 10.54 49.00 65.06
CA PRO C 426 11.06 49.50 63.80
C PRO C 426 12.50 50.04 63.95
N PHE C 427 13.47 49.14 63.96
CA PHE C 427 14.90 49.51 64.13
C PHE C 427 15.37 50.23 62.88
N HIS C 428 16.30 51.18 63.06
CA HIS C 428 16.92 52.00 61.97
C HIS C 428 15.84 52.86 61.32
N SER C 429 15.09 53.59 62.15
CA SER C 429 14.01 54.51 61.72
C SER C 429 13.95 55.74 62.62
N HIS C 430 13.32 56.80 62.11
CA HIS C 430 13.08 58.10 62.81
C HIS C 430 12.19 57.90 64.05
N LEU C 431 11.52 56.76 64.16
CA LEU C 431 10.54 56.50 65.24
C LEU C 431 11.25 56.34 66.58
N LEU C 432 12.46 55.76 66.59
CA LEU C 432 13.20 55.43 67.85
C LEU C 432 14.16 56.57 68.25
N VAL C 433 14.21 57.69 67.51
CA VAL C 433 15.21 58.78 67.70
C VAL C 433 15.06 59.45 69.08
N PRO C 434 13.84 59.54 69.67
CA PRO C 434 13.70 59.99 71.05
C PRO C 434 14.50 59.20 72.11
N ALA C 435 14.73 57.91 71.86
CA ALA C 435 15.48 57.00 72.77
C ALA C 435 16.97 57.38 72.77
N SER C 436 17.52 57.78 71.61
CA SER C 436 18.96 58.06 71.38
C SER C 436 19.55 58.93 72.51
N ASP C 437 18.83 59.95 72.96
CA ASP C 437 19.28 60.86 74.04
C ASP C 437 19.28 60.10 75.38
N LEU C 438 18.22 59.35 75.67
CA LEU C 438 17.99 58.65 76.96
C LEU C 438 19.02 57.53 77.13
N ILE C 439 19.19 56.69 76.10
CA ILE C 439 20.09 55.50 76.12
C ILE C 439 21.48 55.93 76.59
N ASN C 440 22.01 57.03 76.05
CA ASN C 440 23.39 57.53 76.31
C ASN C 440 23.56 57.96 77.77
N LYS C 441 22.49 58.48 78.39
CA LYS C 441 22.48 58.89 79.82
C LYS C 441 22.48 57.68 80.76
N ASP C 442 21.92 56.54 80.30
CA ASP C 442 21.89 55.26 81.05
C ASP C 442 23.24 54.53 80.91
N LEU C 443 23.93 54.70 79.78
CA LEU C 443 25.27 54.10 79.56
C LEU C 443 26.33 54.87 80.36
N VAL C 444 26.06 56.11 80.78
CA VAL C 444 26.98 56.86 81.70
C VAL C 444 26.51 56.68 83.15
N LYS C 445 25.24 56.37 83.39
CA LYS C 445 24.72 56.01 84.74
C LYS C 445 25.39 54.71 85.20
N ASN C 446 25.46 53.70 84.33
CA ASN C 446 25.97 52.33 84.62
C ASN C 446 27.45 52.19 84.20
N ASN C 447 28.13 53.29 83.84
CA ASN C 447 29.58 53.35 83.54
C ASN C 447 29.91 52.31 82.46
N VAL C 448 29.15 52.32 81.36
CA VAL C 448 29.33 51.40 80.19
C VAL C 448 29.83 52.22 79.00
N SER C 449 31.15 52.26 78.83
CA SER C 449 31.85 52.90 77.69
C SER C 449 32.61 51.82 76.92
N PHE C 450 33.14 52.21 75.77
CA PHE C 450 34.09 51.42 74.96
C PHE C 450 35.19 52.38 74.50
N ASN C 451 36.33 52.39 75.19
CA ASN C 451 37.52 53.20 74.81
C ASN C 451 38.27 52.46 73.70
N ALA C 452 38.79 53.19 72.70
CA ALA C 452 39.42 52.68 71.46
C ALA C 452 40.56 51.70 71.78
N LYS C 453 41.37 51.99 72.80
CA LYS C 453 42.60 51.23 73.16
C LYS C 453 42.22 49.80 73.60
N ASP C 454 41.08 49.63 74.27
CA ASP C 454 40.59 48.32 74.78
C ASP C 454 40.18 47.41 73.61
N ILE C 455 39.79 48.00 72.48
CA ILE C 455 39.33 47.27 71.25
C ILE C 455 40.55 46.85 70.44
N GLN C 456 40.82 45.55 70.37
CA GLN C 456 42.12 44.98 69.89
C GLN C 456 42.09 44.74 68.38
N ILE C 457 40.93 44.41 67.82
CA ILE C 457 40.72 44.17 66.36
C ILE C 457 39.81 45.26 65.83
N PRO C 458 39.83 45.55 64.50
CA PRO C 458 38.84 46.45 63.91
C PRO C 458 37.41 45.94 64.08
N VAL C 459 36.44 46.85 64.25
CA VAL C 459 34.97 46.57 64.28
C VAL C 459 34.26 47.51 63.31
N TYR C 460 33.72 46.96 62.24
CA TYR C 460 33.24 47.74 61.07
C TYR C 460 31.84 48.31 61.39
N ASP C 461 31.76 49.64 61.48
CA ASP C 461 30.54 50.49 61.50
C ASP C 461 29.54 49.97 60.46
N THR C 462 28.25 49.87 60.81
CA THR C 462 27.20 49.30 59.94
C THR C 462 26.74 50.29 58.86
N PHE C 463 27.07 51.59 58.98
CA PHE C 463 26.58 52.67 58.09
C PHE C 463 27.57 52.94 56.96
N ASP C 464 28.84 53.23 57.28
CA ASP C 464 29.88 53.64 56.30
C ASP C 464 30.99 52.58 56.16
N GLY C 465 31.03 51.56 57.01
CA GLY C 465 31.96 50.41 56.90
C GLY C 465 33.38 50.74 57.34
N SER C 466 33.58 51.87 58.04
CA SER C 466 34.86 52.26 58.67
C SER C 466 35.03 51.54 60.01
N ASP C 467 36.28 51.39 60.45
CA ASP C 467 36.66 50.91 61.80
C ASP C 467 36.16 51.93 62.82
N LEU C 468 35.64 51.47 63.96
CA LEU C 468 35.14 52.33 65.08
C LEU C 468 36.31 52.78 65.97
N ARG C 469 37.49 52.17 65.83
CA ARG C 469 38.69 52.51 66.64
C ARG C 469 39.28 53.86 66.23
N VAL C 470 38.88 54.40 65.08
CA VAL C 470 39.37 55.72 64.54
C VAL C 470 38.31 56.81 64.71
N LEU C 471 37.30 56.61 65.57
CA LEU C 471 36.26 57.66 65.85
C LEU C 471 36.85 58.74 66.76
N SER C 472 36.35 59.96 66.60
CA SER C 472 36.73 61.15 67.41
C SER C 472 36.01 61.09 68.77
N GLY C 473 34.68 60.91 68.74
CA GLY C 473 33.81 60.93 69.94
C GLY C 473 33.64 59.56 70.57
N SER C 474 32.56 59.39 71.34
CA SER C 474 32.14 58.11 71.99
C SER C 474 31.83 57.05 70.92
N ILE C 475 32.16 55.79 71.23
CA ILE C 475 31.88 54.60 70.38
C ILE C 475 30.51 54.02 70.78
N SER C 476 30.14 54.12 72.05
CA SER C 476 28.82 53.68 72.57
C SER C 476 27.72 54.50 71.91
N GLU C 477 27.90 55.82 71.81
CA GLU C 477 26.93 56.75 71.17
C GLU C 477 26.82 56.44 69.68
N ARG C 478 27.93 56.10 69.01
CA ARG C 478 27.96 55.78 67.56
C ARG C 478 27.34 54.42 67.28
N ILE C 479 27.42 53.47 68.23
CA ILE C 479 26.85 52.09 68.07
C ILE C 479 25.33 52.17 68.26
N VAL C 480 24.87 52.94 69.25
CA VAL C 480 23.43 53.17 69.50
C VAL C 480 22.83 53.84 68.26
N ASP C 481 23.43 54.96 67.85
CA ASP C 481 23.04 55.74 66.64
C ASP C 481 23.00 54.81 65.40
N CYS C 482 23.90 53.83 65.31
CA CYS C 482 23.99 52.87 64.17
C CYS C 482 22.87 51.82 64.20
N ILE C 483 22.29 51.57 65.38
CA ILE C 483 21.29 50.49 65.63
C ILE C 483 19.88 51.08 65.49
N ILE C 484 19.60 52.17 66.19
CA ILE C 484 18.22 52.69 66.36
C ILE C 484 17.86 53.64 65.22
N ARG C 485 18.81 54.47 64.77
CA ARG C 485 18.54 55.56 63.79
C ARG C 485 19.07 55.18 62.40
N LEU C 486 20.40 55.10 62.24
CA LEU C 486 21.08 55.03 60.91
C LEU C 486 20.75 53.71 60.22
N PRO C 487 20.62 53.71 58.87
CA PRO C 487 20.42 52.48 58.12
C PRO C 487 21.68 51.59 58.13
N VAL C 488 21.48 50.31 57.86
CA VAL C 488 22.56 49.29 57.72
C VAL C 488 22.82 49.10 56.22
N LYS C 489 24.00 49.49 55.77
CA LYS C 489 24.52 49.17 54.42
C LYS C 489 25.45 47.96 54.56
N TRP C 490 24.91 46.76 54.37
CA TRP C 490 25.59 45.50 54.76
C TRP C 490 26.76 45.25 53.81
N GLU C 491 26.58 45.49 52.51
CA GLU C 491 27.67 45.26 51.52
C GLU C 491 28.79 46.28 51.75
N THR C 492 28.46 47.51 52.17
CA THR C 492 29.44 48.57 52.51
C THR C 492 30.30 48.16 53.69
N THR C 493 29.71 47.49 54.70
CA THR C 493 30.38 47.13 55.99
C THR C 493 30.97 45.72 55.90
N THR C 494 30.70 44.96 54.84
CA THR C 494 31.37 43.67 54.57
C THR C 494 32.23 43.78 53.30
N GLN C 495 32.99 44.87 53.18
CA GLN C 495 33.97 45.07 52.09
C GLN C 495 35.39 44.78 52.62
N PHE C 496 35.52 44.05 53.73
CA PHE C 496 36.79 43.47 54.23
C PHE C 496 37.17 42.23 53.41
N LYS C 497 38.47 41.97 53.27
CA LYS C 497 39.04 40.76 52.62
C LYS C 497 39.24 39.69 53.70
N ALA C 498 38.66 38.50 53.49
CA ALA C 498 38.68 37.41 54.49
C ALA C 498 38.21 36.12 53.82
N THR C 499 38.87 35.00 54.12
CA THR C 499 38.63 33.69 53.47
C THR C 499 37.55 32.93 54.21
N HIS C 500 37.25 33.35 55.45
CA HIS C 500 36.28 32.71 56.35
C HIS C 500 35.55 33.79 57.15
N ILE C 501 34.22 33.69 57.19
CA ILE C 501 33.33 34.53 58.03
C ILE C 501 32.63 33.56 59.00
N LEU C 502 32.77 33.82 60.30
CA LEU C 502 32.07 33.08 61.40
C LEU C 502 30.78 33.82 61.77
N ASP C 503 29.62 33.26 61.44
CA ASP C 503 28.30 33.75 61.92
C ASP C 503 27.98 33.06 63.25
N PHE C 504 28.20 33.80 64.34
CA PHE C 504 27.78 33.43 65.71
C PHE C 504 26.29 33.71 65.92
N GLY C 505 25.71 34.55 65.05
CA GLY C 505 24.38 35.17 65.24
C GLY C 505 23.27 34.15 65.35
N PRO C 506 22.08 34.57 65.82
CA PRO C 506 20.94 33.68 65.94
C PRO C 506 20.33 33.41 64.56
N GLY C 507 19.67 32.26 64.40
CA GLY C 507 18.94 31.89 63.18
C GLY C 507 19.53 30.66 62.50
N GLY C 508 20.82 30.42 62.68
CA GLY C 508 21.51 29.30 62.01
C GLY C 508 21.47 29.45 60.50
N ALA C 509 20.82 28.51 59.81
CA ALA C 509 20.74 28.44 58.33
C ALA C 509 19.89 29.59 57.75
N SER C 510 19.05 30.26 58.56
CA SER C 510 18.19 31.40 58.17
C SER C 510 18.83 32.72 58.60
N GLY C 511 20.06 32.66 59.14
CA GLY C 511 20.67 33.79 59.84
C GLY C 511 21.29 34.80 58.90
N LEU C 512 22.36 35.44 59.38
CA LEU C 512 23.09 36.53 58.69
C LEU C 512 24.19 35.94 57.82
N GLY C 513 24.91 34.94 58.34
CA GLY C 513 25.88 34.15 57.59
C GLY C 513 25.38 33.85 56.20
N VAL C 514 24.29 33.09 56.08
CA VAL C 514 23.76 32.61 54.77
C VAL C 514 23.47 33.82 53.88
N LEU C 515 22.93 34.92 54.41
CA LEU C 515 22.69 36.16 53.62
C LEU C 515 24.01 36.73 53.11
N THR C 516 25.08 36.68 53.92
CA THR C 516 26.44 37.15 53.52
C THR C 516 26.93 36.22 52.39
N HIS C 517 26.89 34.91 52.60
CA HIS C 517 27.30 33.90 51.58
C HIS C 517 26.66 34.23 50.22
N ARG C 518 25.37 34.52 50.17
CA ARG C 518 24.66 34.90 48.92
C ARG C 518 25.31 36.17 48.34
N ASN C 519 25.53 37.20 49.17
CA ASN C 519 26.09 38.50 48.71
C ASN C 519 27.46 38.29 48.07
N LYS C 520 28.31 37.42 48.62
CA LYS C 520 29.72 37.32 48.17
C LYS C 520 30.05 35.89 47.73
N ASP C 521 29.08 35.27 47.06
CA ASP C 521 29.27 34.01 46.30
C ASP C 521 30.24 34.30 45.17
N GLY C 522 31.20 33.40 44.94
CA GLY C 522 32.16 33.47 43.82
C GLY C 522 33.40 34.31 44.09
N THR C 523 33.55 34.91 45.28
CA THR C 523 34.77 35.69 45.66
C THR C 523 35.77 34.85 46.48
N GLY C 524 35.47 33.59 46.78
CA GLY C 524 36.37 32.70 47.54
C GLY C 524 36.27 32.88 49.03
N VAL C 525 35.17 33.48 49.51
CA VAL C 525 34.85 33.59 50.96
C VAL C 525 33.95 32.43 51.34
N ARG C 526 34.23 31.82 52.50
CA ARG C 526 33.53 30.66 53.07
C ARG C 526 32.86 31.10 54.38
N VAL C 527 31.53 31.04 54.41
CA VAL C 527 30.75 31.43 55.61
C VAL C 527 30.52 30.16 56.43
N ILE C 528 30.92 30.18 57.70
CA ILE C 528 30.76 29.03 58.64
C ILE C 528 29.75 29.47 59.67
N VAL C 529 28.61 28.78 59.75
CA VAL C 529 27.50 29.09 60.69
C VAL C 529 27.85 28.48 62.04
N ALA C 530 28.45 29.26 62.93
CA ALA C 530 29.13 28.79 64.15
C ALA C 530 28.15 28.42 65.25
N GLY C 531 26.85 28.71 65.06
CA GLY C 531 25.83 28.60 66.11
C GLY C 531 25.12 27.26 66.08
N THR C 532 24.99 26.64 64.91
CA THR C 532 24.13 25.45 64.74
C THR C 532 24.95 24.31 64.12
N LEU C 533 24.69 23.10 64.60
CA LEU C 533 25.24 21.85 64.01
C LEU C 533 24.19 21.24 63.07
N ASP C 534 24.52 21.14 61.78
CA ASP C 534 23.61 20.60 60.75
C ASP C 534 24.45 20.07 59.59
N ILE C 535 23.83 19.82 58.44
CA ILE C 535 24.50 19.39 57.18
C ILE C 535 23.97 20.23 56.03
N ASN C 536 24.86 20.89 55.29
CA ASN C 536 24.51 21.54 54.02
C ASN C 536 24.73 20.51 52.91
N PRO C 537 23.66 20.02 52.23
CA PRO C 537 23.84 19.07 51.13
C PRO C 537 24.66 19.65 49.95
N ASP C 538 24.40 20.92 49.58
CA ASP C 538 25.17 21.66 48.55
C ASP C 538 26.61 21.92 49.04
N ASP C 539 26.82 22.05 50.35
CA ASP C 539 28.15 22.22 51.01
C ASP C 539 28.77 23.56 50.57
N ASP C 540 27.97 24.60 50.37
CA ASP C 540 28.43 25.92 49.86
C ASP C 540 28.80 26.80 51.06
N TYR C 541 28.08 26.68 52.18
CA TYR C 541 28.42 27.29 53.49
C TYR C 541 28.64 26.16 54.50
N GLY C 542 29.41 26.47 55.54
CA GLY C 542 29.82 25.50 56.57
C GLY C 542 28.85 25.49 57.72
N PHE C 543 29.09 24.62 58.70
CA PHE C 543 28.37 24.61 60.00
C PHE C 543 29.37 24.42 61.14
N LYS C 544 28.89 24.56 62.37
CA LYS C 544 29.66 24.51 63.65
C LYS C 544 30.83 23.52 63.52
N GLN C 545 30.55 22.27 63.12
CA GLN C 545 31.55 21.16 63.04
C GLN C 545 32.82 21.64 62.34
N GLU C 546 32.70 22.29 61.18
CA GLU C 546 33.82 22.75 60.32
C GLU C 546 34.82 23.60 61.13
N ILE C 547 34.39 24.27 62.20
CA ILE C 547 35.30 25.10 63.05
C ILE C 547 36.29 24.18 63.73
N PHE C 548 35.82 23.05 64.25
CA PHE C 548 36.58 22.19 65.19
C PHE C 548 37.37 21.11 64.43
N ASP C 549 36.77 20.52 63.41
CA ASP C 549 37.34 19.42 62.57
C ASP C 549 38.86 19.67 62.37
N VAL C 550 39.67 18.64 62.62
CA VAL C 550 41.18 18.67 62.64
C VAL C 550 41.75 18.14 61.31
N THR C 551 40.94 17.44 60.51
CA THR C 551 41.32 16.89 59.17
C THR C 551 41.35 18.05 58.16
N SER C 552 41.42 17.75 56.86
CA SER C 552 41.28 18.78 55.77
C SER C 552 39.82 19.27 55.65
N ASN C 553 38.83 18.53 56.16
CA ASN C 553 37.39 18.93 56.14
C ASN C 553 37.15 20.17 57.01
N GLY C 554 38.09 20.51 57.91
CA GLY C 554 38.06 21.74 58.73
C GLY C 554 38.37 22.99 57.92
N LEU C 555 39.28 22.90 56.95
CA LEU C 555 39.61 24.00 56.01
C LEU C 555 39.08 23.68 54.61
N LYS C 556 37.79 23.93 54.39
CA LYS C 556 37.17 23.94 53.04
C LYS C 556 37.15 25.40 52.59
N LYS C 557 37.44 25.66 51.31
CA LYS C 557 37.45 27.03 50.72
C LYS C 557 36.41 27.10 49.59
N ASN C 558 35.57 28.13 49.61
CA ASN C 558 34.57 28.38 48.55
C ASN C 558 35.31 28.81 47.29
N PRO C 559 34.85 28.36 46.09
CA PRO C 559 35.53 28.66 44.83
C PRO C 559 35.51 30.15 44.47
N ASN C 560 36.66 30.69 44.06
CA ASN C 560 36.81 32.08 43.55
C ASN C 560 36.87 32.03 42.02
N TRP C 561 35.76 32.37 41.39
CA TRP C 561 35.52 32.18 39.95
C TRP C 561 36.64 32.81 39.12
N LEU C 562 37.12 33.99 39.51
CA LEU C 562 38.16 34.71 38.73
C LEU C 562 39.43 33.87 38.67
N GLU C 563 39.82 33.27 39.80
CA GLU C 563 41.09 32.51 39.90
C GLU C 563 40.88 31.08 39.42
N GLU C 564 39.76 30.45 39.76
CA GLU C 564 39.53 29.03 39.40
C GLU C 564 39.46 28.90 37.88
N TYR C 565 38.67 29.75 37.21
CA TYR C 565 38.41 29.70 35.75
C TYR C 565 39.12 30.86 35.04
N HIS C 566 40.31 31.21 35.52
CA HIS C 566 41.19 32.23 34.87
C HIS C 566 41.54 31.73 33.48
N PRO C 567 41.35 32.52 32.41
CA PRO C 567 41.82 32.13 31.08
C PRO C 567 43.34 32.33 31.05
N LYS C 568 44.07 31.25 30.80
CA LYS C 568 45.56 31.21 30.73
C LYS C 568 45.94 31.05 29.26
N LEU C 569 47.23 31.23 28.96
CA LEU C 569 47.85 30.84 27.66
C LEU C 569 48.76 29.64 27.88
N ILE C 570 48.83 28.77 26.88
CA ILE C 570 49.79 27.64 26.85
C ILE C 570 50.30 27.51 25.41
N LYS C 571 51.38 26.78 25.18
CA LYS C 571 51.83 26.44 23.80
C LYS C 571 52.26 24.98 23.71
N ASN C 572 52.15 24.41 22.50
CA ASN C 572 52.69 23.10 22.06
C ASN C 572 54.22 23.11 22.06
N LYS C 573 54.80 21.93 21.83
CA LYS C 573 56.21 21.73 21.41
C LYS C 573 56.46 22.51 20.11
N SER C 574 55.53 22.44 19.15
CA SER C 574 55.58 23.20 17.87
C SER C 574 55.67 24.71 18.11
N GLY C 575 55.10 25.20 19.21
CA GLY C 575 55.10 26.62 19.61
C GLY C 575 53.88 27.38 19.13
N LYS C 576 52.76 26.68 18.86
CA LYS C 576 51.44 27.28 18.58
C LYS C 576 50.76 27.61 19.92
N ILE C 577 50.39 28.87 20.14
CA ILE C 577 49.78 29.36 21.40
C ILE C 577 48.28 29.11 21.36
N PHE C 578 47.74 28.53 22.43
CA PHE C 578 46.28 28.36 22.64
C PHE C 578 45.84 29.26 23.78
N VAL C 579 44.55 29.59 23.79
CA VAL C 579 43.85 30.06 25.00
C VAL C 579 43.44 28.80 25.77
N GLU C 580 43.93 28.66 27.00
CA GLU C 580 43.69 27.46 27.85
C GLU C 580 42.46 27.77 28.67
N THR C 581 41.35 27.12 28.36
CA THR C 581 40.13 27.09 29.22
C THR C 581 39.75 25.64 29.54
N LYS C 582 38.76 25.47 30.38
CA LYS C 582 38.16 24.15 30.69
C LYS C 582 37.72 23.46 29.38
N PHE C 583 37.24 24.23 28.41
CA PHE C 583 36.77 23.70 27.09
C PHE C 583 37.99 23.35 26.21
N SER C 584 38.92 24.28 25.98
CA SER C 584 40.05 24.03 25.04
C SER C 584 40.90 22.89 25.60
N LYS C 585 41.13 22.85 26.90
CA LYS C 585 41.87 21.75 27.58
C LYS C 585 41.37 20.41 27.05
N LEU C 586 40.07 20.25 26.86
CA LEU C 586 39.45 18.97 26.45
C LEU C 586 39.77 18.69 24.99
N ILE C 587 39.33 19.59 24.12
CA ILE C 587 39.24 19.36 22.65
C ILE C 587 40.59 19.68 21.97
N GLY C 588 41.52 20.29 22.68
CA GLY C 588 42.87 20.56 22.16
C GLY C 588 42.86 21.47 20.97
N ARG C 589 41.89 22.39 20.94
CA ARG C 589 41.71 23.41 19.88
C ARG C 589 41.30 24.72 20.56
N PRO C 590 41.43 25.88 19.89
CA PRO C 590 41.01 27.12 20.51
C PRO C 590 39.54 26.99 20.90
N PRO C 591 39.10 27.67 21.98
CA PRO C 591 37.77 27.45 22.56
C PRO C 591 36.69 28.27 21.86
N LEU C 592 36.68 28.22 20.52
CA LEU C 592 35.74 28.95 19.62
C LEU C 592 35.11 27.89 18.75
N LEU C 593 33.81 27.67 18.88
CA LEU C 593 33.10 26.73 17.97
C LEU C 593 32.13 27.50 17.07
N VAL C 594 32.05 27.06 15.81
CA VAL C 594 30.94 27.36 14.87
C VAL C 594 29.85 26.37 15.17
N PRO C 595 28.65 26.84 15.54
CA PRO C 595 27.56 25.94 15.91
C PRO C 595 26.88 25.37 14.67
N GLY C 596 25.98 24.41 14.88
CA GLY C 596 25.13 23.81 13.85
C GLY C 596 24.20 24.88 13.34
N MET C 597 24.22 25.12 12.04
CA MET C 597 23.40 26.17 11.39
C MET C 597 22.76 25.55 10.13
N THR C 598 21.43 25.45 10.11
CA THR C 598 20.69 25.09 8.88
C THR C 598 20.42 26.40 8.15
N PRO C 599 20.96 26.63 6.94
CA PRO C 599 21.73 25.64 6.19
C PRO C 599 23.22 25.94 5.99
N CYS C 600 23.80 26.82 6.80
CA CYS C 600 25.20 27.28 6.67
C CYS C 600 26.18 26.13 6.91
N THR C 601 25.91 25.26 7.89
CA THR C 601 26.77 24.10 8.26
C THR C 601 26.08 22.78 7.91
N VAL C 602 25.23 22.72 6.89
CA VAL C 602 24.76 21.41 6.34
C VAL C 602 25.82 20.99 5.32
N SER C 603 26.38 21.96 4.60
CA SER C 603 27.44 21.76 3.57
C SER C 603 28.61 21.01 4.20
N PRO C 604 28.91 19.77 3.76
CA PRO C 604 30.16 19.12 4.14
C PRO C 604 31.44 19.92 3.83
N ASP C 605 31.43 20.74 2.78
CA ASP C 605 32.63 21.50 2.32
C ASP C 605 33.00 22.53 3.39
N PHE C 606 32.00 23.20 3.97
CA PHE C 606 32.21 24.22 5.02
C PHE C 606 32.67 23.55 6.31
N VAL C 607 31.96 22.49 6.73
CA VAL C 607 32.30 21.68 7.93
C VAL C 607 33.75 21.21 7.84
N ALA C 608 34.18 20.75 6.68
CA ALA C 608 35.56 20.28 6.44
C ALA C 608 36.52 21.47 6.44
N ALA C 609 36.17 22.58 5.82
CA ALA C 609 37.06 23.76 5.70
C ALA C 609 37.37 24.30 7.09
N THR C 610 36.34 24.38 7.95
CA THR C 610 36.42 24.91 9.33
C THR C 610 37.26 23.93 10.16
N THR C 611 36.94 22.65 10.13
CA THR C 611 37.68 21.57 10.84
C THR C 611 39.16 21.66 10.47
N ASN C 612 39.46 21.89 9.20
CA ASN C 612 40.85 21.88 8.65
C ASN C 612 41.56 23.16 9.05
N ALA C 613 40.81 24.23 9.32
CA ALA C 613 41.34 25.52 9.79
C ALA C 613 41.88 25.35 11.22
N GLY C 614 41.28 24.42 11.98
CA GLY C 614 41.67 24.07 13.36
C GLY C 614 40.68 24.60 14.38
N TYR C 615 39.39 24.65 14.01
CA TYR C 615 38.26 25.13 14.84
C TYR C 615 37.10 24.14 14.75
N THR C 616 36.42 23.90 15.86
CA THR C 616 35.33 22.88 15.98
C THR C 616 34.05 23.41 15.34
N ILE C 617 33.40 22.61 14.50
CA ILE C 617 32.11 22.95 13.82
C ILE C 617 31.14 21.79 13.96
N GLU C 618 29.84 22.07 14.04
CA GLU C 618 28.76 21.04 14.07
C GLU C 618 28.20 20.94 12.65
N LEU C 619 28.15 19.74 12.08
CA LEU C 619 27.29 19.41 10.90
C LEU C 619 25.82 19.53 11.31
N ALA C 620 25.05 20.38 10.64
CA ALA C 620 23.61 20.60 10.93
C ALA C 620 22.77 19.45 10.36
N GLY C 621 22.09 18.70 11.24
CA GLY C 621 21.17 17.62 10.83
C GLY C 621 19.91 18.16 10.22
N GLY C 622 19.54 19.41 10.50
CA GLY C 622 18.35 20.06 9.93
C GLY C 622 18.28 19.99 8.41
N GLY C 623 19.41 19.92 7.72
CA GLY C 623 19.46 19.90 6.24
C GLY C 623 19.38 18.50 5.65
N TYR C 624 19.13 17.47 6.47
CA TYR C 624 19.07 16.04 6.04
C TYR C 624 17.79 15.42 6.57
N PHE C 625 17.21 14.48 5.81
CA PHE C 625 15.86 13.90 6.06
C PHE C 625 15.92 12.39 6.24
N SER C 626 17.11 11.78 6.20
CA SER C 626 17.31 10.31 6.17
C SER C 626 18.75 9.96 6.53
N ALA C 627 18.95 8.81 7.15
CA ALA C 627 20.29 8.30 7.53
C ALA C 627 21.19 8.15 6.30
N ALA C 628 20.63 7.87 5.12
CA ALA C 628 21.40 7.77 3.86
C ALA C 628 21.99 9.13 3.47
N GLY C 629 21.20 10.21 3.54
CA GLY C 629 21.63 11.56 3.15
C GLY C 629 22.70 12.11 4.08
N MET C 630 22.48 11.95 5.40
CA MET C 630 23.44 12.34 6.45
C MET C 630 24.67 11.45 6.37
N THR C 631 24.53 10.15 6.14
CA THR C 631 25.70 9.24 6.01
C THR C 631 26.61 9.75 4.88
N ALA C 632 26.07 10.04 3.71
CA ALA C 632 26.77 10.57 2.51
C ALA C 632 27.47 11.88 2.85
N ALA C 633 26.80 12.75 3.62
CA ALA C 633 27.31 14.09 4.04
C ALA C 633 28.54 13.93 4.94
N ILE C 634 28.39 13.16 6.03
CA ILE C 634 29.50 12.74 6.92
C ILE C 634 30.62 12.14 6.06
N ASP C 635 30.35 11.13 5.23
CA ASP C 635 31.39 10.42 4.44
C ASP C 635 32.15 11.41 3.57
N SER C 636 31.48 12.48 3.11
CA SER C 636 32.11 13.57 2.32
C SER C 636 32.98 14.44 3.23
N VAL C 637 32.52 14.74 4.44
CA VAL C 637 33.29 15.53 5.46
C VAL C 637 34.59 14.76 5.76
N VAL C 638 34.48 13.48 6.08
CA VAL C 638 35.61 12.58 6.49
C VAL C 638 36.63 12.48 5.35
N SER C 639 36.17 12.43 4.11
CA SER C 639 37.05 12.37 2.91
C SER C 639 37.85 13.67 2.77
N GLN C 640 37.37 14.78 3.31
CA GLN C 640 37.92 16.15 3.06
C GLN C 640 38.83 16.60 4.23
N ILE C 641 38.52 16.18 5.46
CA ILE C 641 39.32 16.53 6.67
C ILE C 641 40.65 15.77 6.63
N GLU C 642 41.59 16.17 7.49
CA GLU C 642 42.90 15.50 7.69
C GLU C 642 42.74 14.31 8.64
N LYS C 643 43.72 13.42 8.69
CA LYS C 643 43.70 12.21 9.56
C LYS C 643 43.74 12.65 11.03
N GLY C 644 42.82 12.14 11.84
CA GLY C 644 42.74 12.44 13.29
C GLY C 644 41.99 13.74 13.60
N SER C 645 41.52 14.49 12.59
CA SER C 645 40.57 15.61 12.78
C SER C 645 39.21 15.02 13.13
N THR C 646 38.45 15.76 13.93
CA THR C 646 37.06 15.42 14.37
C THR C 646 36.13 16.55 13.97
N PHE C 647 34.83 16.28 14.03
CA PHE C 647 33.75 17.29 13.92
C PHE C 647 32.58 16.75 14.75
N GLY C 648 31.54 17.55 14.95
CA GLY C 648 30.34 17.12 15.67
C GLY C 648 29.10 17.27 14.83
N ILE C 649 27.95 16.86 15.39
CA ILE C 649 26.63 16.86 14.70
C ILE C 649 25.58 17.57 15.57
N ASN C 650 24.78 18.42 14.95
CA ASN C 650 23.69 19.18 15.59
C ASN C 650 22.34 18.54 15.19
N LEU C 651 21.63 17.97 16.16
CA LEU C 651 20.24 17.45 15.99
C LEU C 651 19.28 18.38 16.75
N ILE C 652 18.20 18.76 16.07
CA ILE C 652 17.02 19.50 16.61
C ILE C 652 16.15 18.53 17.42
N TYR C 653 15.85 18.86 18.67
CA TYR C 653 15.09 17.97 19.59
C TYR C 653 13.61 17.92 19.21
N VAL C 654 13.04 19.05 18.76
CA VAL C 654 11.59 19.20 18.44
C VAL C 654 11.24 18.47 17.13
N ASN C 655 12.21 17.85 16.45
CA ASN C 655 12.01 17.07 15.21
C ASN C 655 12.14 15.60 15.55
N PRO C 656 11.12 14.95 16.14
CA PRO C 656 11.26 13.57 16.63
C PRO C 656 11.61 12.59 15.49
N PHE C 657 11.19 12.92 14.26
CA PHE C 657 11.47 12.11 13.05
C PHE C 657 12.99 12.07 12.83
N MET C 658 13.67 13.21 12.92
CA MET C 658 15.13 13.31 12.72
C MET C 658 15.87 12.57 13.84
N LEU C 659 15.46 12.77 15.10
CA LEU C 659 16.05 12.06 16.26
C LEU C 659 15.89 10.55 16.09
N GLN C 660 14.75 10.06 15.61
CA GLN C 660 14.48 8.59 15.61
C GLN C 660 15.21 7.90 14.46
N TRP C 661 15.71 8.64 13.44
CA TRP C 661 16.68 8.11 12.43
C TRP C 661 18.10 8.54 12.77
N GLY C 662 18.29 9.73 13.36
CA GLY C 662 19.60 10.40 13.58
C GLY C 662 20.40 9.78 14.72
N ILE C 663 19.76 9.40 15.82
CA ILE C 663 20.45 8.85 17.03
C ILE C 663 20.95 7.45 16.73
N PRO C 664 20.11 6.50 16.23
CA PRO C 664 20.65 5.21 15.79
C PRO C 664 21.86 5.37 14.86
N LEU C 665 21.80 6.34 13.94
CA LEU C 665 22.83 6.53 12.88
C LEU C 665 24.15 6.94 13.51
N ILE C 666 24.12 7.85 14.48
CA ILE C 666 25.33 8.31 15.24
C ILE C 666 25.91 7.13 16.02
N LYS C 667 25.07 6.35 16.69
CA LYS C 667 25.47 5.15 17.46
C LYS C 667 26.13 4.10 16.54
N GLU C 668 25.62 3.93 15.32
CA GLU C 668 26.18 2.97 14.34
C GLU C 668 27.56 3.48 13.88
N LEU C 669 27.60 4.72 13.38
CA LEU C 669 28.83 5.39 12.90
C LEU C 669 29.90 5.43 14.00
N ARG C 670 29.51 5.64 15.27
CA ARG C 670 30.47 5.67 16.40
C ARG C 670 30.97 4.26 16.72
N SER C 671 30.17 3.22 16.52
CA SER C 671 30.59 1.81 16.67
C SER C 671 31.68 1.49 15.62
N LYS C 672 31.51 1.95 14.38
CA LYS C 672 32.48 1.77 13.27
C LYS C 672 33.64 2.76 13.40
N GLY C 673 33.56 3.63 14.41
CA GLY C 673 34.63 4.56 14.83
C GLY C 673 34.80 5.71 13.87
N TYR C 674 33.72 6.26 13.31
CA TYR C 674 33.75 7.53 12.54
C TYR C 674 34.18 8.65 13.50
N PRO C 675 34.95 9.66 13.02
CA PRO C 675 35.44 10.74 13.88
C PRO C 675 34.39 11.79 14.24
N ILE C 676 33.33 11.39 14.94
CA ILE C 676 32.27 12.30 15.47
C ILE C 676 32.59 12.52 16.94
N GLN C 677 33.13 13.70 17.25
CA GLN C 677 33.66 14.00 18.60
C GLN C 677 32.48 14.24 19.56
N PHE C 678 31.40 14.84 19.08
CA PHE C 678 30.31 15.24 19.97
C PHE C 678 29.02 15.46 19.20
N LEU C 679 27.95 15.52 19.97
CA LEU C 679 26.57 15.73 19.51
C LEU C 679 26.05 16.92 20.31
N THR C 680 25.55 17.93 19.60
CA THR C 680 24.82 19.06 20.18
C THR C 680 23.33 18.81 19.95
N ILE C 681 22.51 18.94 20.98
CA ILE C 681 21.03 18.90 20.85
C ILE C 681 20.47 20.32 21.04
N GLY C 682 20.05 20.93 19.92
CA GLY C 682 19.46 22.28 19.84
C GLY C 682 17.94 22.26 19.88
N ALA C 683 17.35 23.43 20.15
CA ALA C 683 15.90 23.73 20.22
C ALA C 683 15.25 22.92 21.34
N GLY C 684 15.91 22.83 22.49
CA GLY C 684 15.36 22.18 23.68
C GLY C 684 16.32 21.19 24.28
N VAL C 685 16.05 20.82 25.53
CA VAL C 685 16.92 19.89 26.30
C VAL C 685 16.20 18.57 26.42
N PRO C 686 16.91 17.42 26.25
CA PRO C 686 16.34 16.12 26.60
C PRO C 686 15.89 15.99 28.06
N SER C 687 15.19 14.90 28.35
CA SER C 687 14.85 14.40 29.71
C SER C 687 16.07 13.69 30.29
N LEU C 688 16.04 13.34 31.58
CA LEU C 688 17.15 12.64 32.28
C LEU C 688 17.50 11.34 31.55
N GLU C 689 16.50 10.50 31.22
CA GLU C 689 16.69 9.11 30.69
C GLU C 689 17.07 9.16 29.21
N VAL C 690 16.61 10.19 28.47
CA VAL C 690 16.96 10.36 27.03
C VAL C 690 18.42 10.81 26.98
N ALA C 691 18.78 11.83 27.77
CA ALA C 691 20.18 12.33 27.88
C ALA C 691 21.07 11.16 28.31
N SER C 692 20.63 10.37 29.30
CA SER C 692 21.44 9.30 29.92
C SER C 692 21.75 8.20 28.89
N GLU C 693 20.85 7.98 27.91
CA GLU C 693 21.09 6.97 26.85
C GLU C 693 22.01 7.57 25.76
N TYR C 694 21.91 8.88 25.45
CA TYR C 694 22.83 9.61 24.54
C TYR C 694 24.26 9.55 25.09
N ILE C 695 24.40 9.72 26.40
CA ILE C 695 25.72 9.77 27.11
C ILE C 695 26.35 8.36 27.17
N GLU C 696 25.54 7.32 27.41
CA GLU C 696 26.03 5.96 27.78
C GLU C 696 26.14 5.04 26.56
N THR C 697 25.48 5.33 25.43
CA THR C 697 25.40 4.43 24.26
C THR C 697 26.15 4.98 23.04
N LEU C 698 26.12 6.29 22.79
CA LEU C 698 26.60 6.87 21.51
C LEU C 698 28.13 6.89 21.42
N GLY C 699 28.85 6.65 22.51
CA GLY C 699 30.33 6.68 22.54
C GLY C 699 30.87 8.01 22.03
N LEU C 700 30.39 9.10 22.63
CA LEU C 700 30.80 10.50 22.31
C LEU C 700 31.81 10.98 23.36
N LYS C 701 32.65 11.94 22.99
CA LYS C 701 33.61 12.58 23.92
C LYS C 701 32.82 13.48 24.88
N TYR C 702 32.00 14.38 24.33
CA TYR C 702 31.08 15.22 25.13
C TYR C 702 29.72 15.34 24.46
N LEU C 703 28.80 16.00 25.17
CA LEU C 703 27.41 16.26 24.73
C LEU C 703 27.12 17.75 24.88
N GLY C 704 26.75 18.41 23.78
CA GLY C 704 26.39 19.84 23.75
C GLY C 704 24.90 20.02 23.97
N LEU C 705 24.51 20.81 24.96
CA LEU C 705 23.09 21.13 25.21
C LEU C 705 22.92 22.64 25.05
N LYS C 706 21.79 23.06 24.48
CA LYS C 706 21.48 24.49 24.21
C LYS C 706 20.26 24.90 25.02
N PRO C 707 20.39 25.05 26.35
CA PRO C 707 19.30 25.54 27.18
C PRO C 707 18.80 26.93 26.76
N GLY C 708 17.49 27.11 26.70
CA GLY C 708 16.82 28.33 26.22
C GLY C 708 16.58 29.34 27.32
N SER C 709 16.26 28.85 28.53
CA SER C 709 15.80 29.62 29.72
C SER C 709 16.35 28.98 30.99
N ILE C 710 16.05 29.59 32.14
CA ILE C 710 16.44 29.11 33.51
C ILE C 710 16.06 27.64 33.70
N ASP C 711 14.87 27.22 33.27
CA ASP C 711 14.35 25.85 33.55
C ASP C 711 15.15 24.83 32.74
N ALA C 712 15.58 25.24 31.55
CA ALA C 712 16.41 24.43 30.65
C ALA C 712 17.82 24.34 31.23
N ILE C 713 18.36 25.43 31.77
CA ILE C 713 19.70 25.42 32.44
C ILE C 713 19.63 24.49 33.65
N SER C 714 18.53 24.53 34.40
CA SER C 714 18.29 23.66 35.57
C SER C 714 18.25 22.20 35.10
N GLN C 715 17.67 21.94 33.92
CA GLN C 715 17.56 20.57 33.34
C GLN C 715 18.96 20.06 32.96
N VAL C 716 19.81 20.93 32.40
CA VAL C 716 21.21 20.62 31.96
C VAL C 716 22.05 20.30 33.18
N ILE C 717 21.88 21.06 34.26
CA ILE C 717 22.60 20.87 35.56
C ILE C 717 22.26 19.48 36.12
N ASN C 718 21.00 19.05 36.03
CA ASN C 718 20.54 17.73 36.51
C ASN C 718 21.16 16.63 35.65
N ILE C 719 21.28 16.86 34.34
CA ILE C 719 21.87 15.88 33.39
C ILE C 719 23.33 15.68 33.75
N ALA C 720 24.01 16.77 34.12
CA ALA C 720 25.45 16.83 34.43
C ALA C 720 25.70 16.20 35.80
N LYS C 721 24.75 16.34 36.72
CA LYS C 721 24.81 15.75 38.09
C LYS C 721 24.65 14.23 38.01
N ALA C 722 23.80 13.75 37.10
CA ALA C 722 23.50 12.32 36.91
C ALA C 722 24.72 11.59 36.34
N HIS C 723 25.61 12.29 35.63
CA HIS C 723 26.83 11.73 34.97
C HIS C 723 28.01 12.62 35.31
N PRO C 724 28.48 12.63 36.58
CA PRO C 724 29.42 13.65 37.03
C PRO C 724 30.73 13.67 36.22
N ASN C 725 31.11 12.55 35.59
CA ASN C 725 32.41 12.39 34.88
C ASN C 725 32.32 12.83 33.42
N PHE C 726 31.13 12.75 32.83
CA PHE C 726 30.95 13.00 31.38
C PHE C 726 30.90 14.51 31.12
N PRO C 727 31.76 15.03 30.22
CA PRO C 727 31.76 16.45 29.89
C PRO C 727 30.48 16.90 29.17
N ILE C 728 29.90 18.00 29.61
CA ILE C 728 28.65 18.57 29.04
C ILE C 728 28.98 19.99 28.61
N ALA C 729 28.80 20.33 27.34
CA ALA C 729 29.11 21.66 26.79
C ALA C 729 27.83 22.49 26.80
N LEU C 730 27.55 23.16 27.92
CA LEU C 730 26.34 24.02 28.09
C LEU C 730 26.49 25.26 27.22
N GLN C 731 25.91 25.26 26.03
CA GLN C 731 26.04 26.34 25.03
C GLN C 731 24.92 27.32 25.31
N TRP C 732 25.23 28.42 25.99
CA TRP C 732 24.21 29.41 26.40
C TRP C 732 24.13 30.48 25.31
N THR C 733 22.98 30.63 24.67
CA THR C 733 22.69 31.70 23.70
C THR C 733 21.50 32.50 24.23
N GLY C 734 21.56 33.81 24.10
CA GLY C 734 20.42 34.69 24.40
C GLY C 734 19.38 34.62 23.29
N GLY C 735 18.40 35.51 23.39
CA GLY C 735 17.38 35.70 22.33
C GLY C 735 17.97 36.46 21.14
N ARG C 736 18.94 37.33 21.38
CA ARG C 736 19.55 38.17 20.34
C ARG C 736 20.27 37.35 19.24
N GLY C 737 20.20 36.03 19.28
CA GLY C 737 20.93 35.15 18.34
C GLY C 737 20.21 35.04 17.01
N GLY C 738 20.93 34.64 15.96
CA GLY C 738 20.35 34.34 14.65
C GLY C 738 19.55 33.05 14.70
N GLY C 739 18.64 32.89 13.72
CA GLY C 739 17.80 31.70 13.57
C GLY C 739 16.75 31.62 14.65
N HIS C 740 16.29 30.40 14.98
CA HIS C 740 15.27 30.13 16.02
C HIS C 740 15.84 30.67 17.31
N HIS C 741 15.11 31.55 18.00
CA HIS C 741 15.66 32.27 19.15
C HIS C 741 14.63 32.29 20.28
N SER C 742 15.10 32.51 21.50
CA SER C 742 14.28 32.57 22.73
C SER C 742 13.73 33.98 22.89
N PHE C 743 13.23 34.28 24.08
CA PHE C 743 12.77 35.62 24.50
C PHE C 743 13.73 36.23 25.53
N GLU C 744 14.83 35.52 25.84
CA GLU C 744 15.67 35.75 27.05
C GLU C 744 16.75 36.81 26.79
N ASP C 745 17.11 37.57 27.83
CA ASP C 745 18.32 38.43 27.86
C ASP C 745 19.54 37.50 27.92
N ALA C 746 20.65 37.88 27.29
CA ALA C 746 21.89 37.08 27.22
C ALA C 746 22.57 37.01 28.60
N HIS C 747 22.46 38.05 29.41
CA HIS C 747 23.21 38.20 30.68
C HIS C 747 22.40 37.59 31.83
N THR C 748 21.22 38.15 32.11
CA THR C 748 20.48 37.97 33.38
C THR C 748 20.39 36.50 33.78
N PRO C 749 20.03 35.55 32.89
CA PRO C 749 20.01 34.12 33.26
C PRO C 749 21.36 33.52 33.66
N MET C 750 22.47 34.00 33.09
CA MET C 750 23.83 33.53 33.48
C MET C 750 24.20 34.13 34.82
N LEU C 751 23.98 35.42 35.02
CA LEU C 751 24.17 36.06 36.34
C LEU C 751 23.50 35.21 37.41
N GLN C 752 22.26 34.77 37.20
CA GLN C 752 21.53 33.92 38.18
C GLN C 752 22.20 32.55 38.26
N MET C 753 22.38 31.87 37.14
CA MET C 753 22.66 30.40 37.10
C MET C 753 24.15 30.05 37.06
N TYR C 754 25.05 31.03 36.96
CA TYR C 754 26.52 30.79 36.94
C TYR C 754 26.94 29.96 38.15
N SER C 755 26.76 30.47 39.36
CA SER C 755 27.13 29.80 40.64
C SER C 755 26.74 28.31 40.60
N LYS C 756 25.50 27.98 40.26
CA LYS C 756 25.02 26.59 40.20
C LYS C 756 25.74 25.85 39.06
N ILE C 757 25.93 26.47 37.90
CA ILE C 757 26.59 25.82 36.73
C ILE C 757 28.03 25.48 37.13
N ARG C 758 28.69 26.34 37.89
CA ARG C 758 30.12 26.18 38.25
C ARG C 758 30.33 25.14 39.38
N ARG C 759 29.29 24.85 40.16
CA ARG C 759 29.27 23.76 41.16
C ARG C 759 29.44 22.38 40.49
N HIS C 760 29.26 22.24 39.17
CA HIS C 760 29.38 20.93 38.47
C HIS C 760 30.57 20.94 37.51
N PRO C 761 31.77 20.53 37.97
CA PRO C 761 33.00 20.79 37.22
C PRO C 761 32.98 20.20 35.80
N ASN C 762 32.12 19.23 35.52
CA ASN C 762 32.02 18.57 34.19
C ASN C 762 31.27 19.43 33.18
N ILE C 763 30.71 20.57 33.56
CA ILE C 763 30.07 21.53 32.61
C ILE C 763 31.10 22.55 32.13
N MET C 764 31.35 22.52 30.82
CA MET C 764 32.09 23.52 30.04
C MET C 764 31.08 24.56 29.55
N LEU C 765 31.18 25.76 30.08
CA LEU C 765 30.19 26.84 29.92
C LEU C 765 30.57 27.70 28.73
N ILE C 766 29.78 27.68 27.66
CA ILE C 766 30.11 28.34 26.36
C ILE C 766 29.10 29.45 26.07
N PHE C 767 29.56 30.66 25.85
CA PHE C 767 28.67 31.83 25.66
C PHE C 767 28.59 32.09 24.15
N GLY C 768 27.37 32.11 23.64
CA GLY C 768 27.05 32.46 22.25
C GLY C 768 26.06 33.59 22.17
N SER C 769 25.93 34.13 20.96
CA SER C 769 24.85 35.03 20.49
C SER C 769 25.42 36.44 20.49
N GLY C 770 25.55 37.01 19.30
CA GLY C 770 25.90 38.43 19.08
C GLY C 770 27.37 38.67 19.32
N PHE C 771 28.22 37.82 18.74
CA PHE C 771 29.69 37.91 18.82
C PHE C 771 30.28 37.80 17.42
N GLY C 772 31.28 38.62 17.14
CA GLY C 772 31.95 38.66 15.84
C GLY C 772 33.39 39.14 15.90
N SER C 773 33.96 39.28 17.10
CA SER C 773 35.37 39.69 17.26
C SER C 773 35.94 39.21 18.59
N ALA C 774 37.25 39.39 18.76
CA ALA C 774 37.96 39.18 20.04
C ALA C 774 37.65 40.30 21.03
N ASP C 775 37.25 41.47 20.54
CA ASP C 775 37.16 42.71 21.36
C ASP C 775 35.88 42.67 22.20
N ASP C 776 34.81 42.06 21.70
CA ASP C 776 33.48 41.99 22.37
C ASP C 776 33.32 40.68 23.15
N THR C 777 34.19 39.68 22.94
CA THR C 777 34.21 38.38 23.68
C THR C 777 35.20 38.44 24.84
N TYR C 778 36.23 39.27 24.76
CA TYR C 778 37.31 39.32 25.76
C TYR C 778 36.73 39.54 27.15
N PRO C 779 35.75 40.44 27.36
CA PRO C 779 35.18 40.64 28.69
C PRO C 779 34.52 39.40 29.29
N TYR C 780 34.10 38.45 28.46
CA TYR C 780 33.42 37.20 28.90
C TYR C 780 34.49 36.16 29.20
N LEU C 781 35.60 36.22 28.49
CA LEU C 781 36.73 35.29 28.70
C LEU C 781 37.34 35.61 30.05
N THR C 782 37.67 36.88 30.24
CA THR C 782 38.31 37.41 31.47
C THR C 782 37.36 37.25 32.66
N GLY C 783 36.08 37.55 32.45
CA GLY C 783 35.04 37.54 33.48
C GLY C 783 34.58 38.94 33.83
N GLU C 784 35.27 40.00 33.37
CA GLU C 784 34.93 41.40 33.76
C GLU C 784 33.56 41.84 33.21
N TRP C 785 32.97 41.10 32.27
CA TRP C 785 31.58 41.29 31.76
C TRP C 785 30.55 41.41 32.89
N SER C 786 30.74 40.67 33.99
CA SER C 786 29.75 40.59 35.10
C SER C 786 30.00 41.68 36.15
N THR C 787 31.09 42.45 36.06
CA THR C 787 31.37 43.55 37.01
C THR C 787 30.60 44.82 36.61
N LYS C 788 30.02 44.87 35.40
CA LYS C 788 29.12 45.97 34.95
C LYS C 788 27.73 45.85 35.61
N PHE C 789 27.44 44.71 36.25
CA PHE C 789 26.19 44.40 36.97
C PHE C 789 26.45 44.30 38.48
N ASP C 790 27.64 44.71 38.94
CA ASP C 790 28.08 44.69 40.37
C ASP C 790 28.00 43.25 40.90
N TYR C 791 28.42 42.29 40.08
CA TYR C 791 28.72 40.88 40.48
C TYR C 791 30.22 40.67 40.47
N PRO C 792 30.71 39.58 41.09
CA PRO C 792 32.11 39.20 40.92
C PRO C 792 32.35 38.70 39.50
N PRO C 793 33.62 38.70 39.02
CA PRO C 793 33.94 38.17 37.68
C PRO C 793 33.46 36.73 37.45
N MET C 794 32.98 36.42 36.24
CA MET C 794 32.34 35.13 35.90
C MET C 794 32.88 34.61 34.58
N PRO C 795 34.16 34.22 34.52
CA PRO C 795 34.76 33.83 33.25
C PRO C 795 34.04 32.66 32.57
N PHE C 796 34.05 32.64 31.25
CA PHE C 796 33.43 31.61 30.39
C PHE C 796 34.53 30.76 29.78
N ASP C 797 34.17 29.59 29.30
CA ASP C 797 35.15 28.57 28.84
C ASP C 797 35.40 28.72 27.35
N GLY C 798 34.36 28.93 26.56
CA GLY C 798 34.48 29.13 25.10
C GLY C 798 33.37 30.00 24.56
N PHE C 799 33.36 30.19 23.24
CA PHE C 799 32.41 31.08 22.54
C PHE C 799 31.87 30.41 21.30
N LEU C 800 30.62 30.66 20.93
CA LEU C 800 30.11 30.22 19.61
C LEU C 800 29.74 31.42 18.76
N PHE C 801 30.15 31.36 17.49
CA PHE C 801 30.00 32.39 16.44
C PHE C 801 29.08 31.80 15.37
N GLY C 802 27.81 32.23 15.38
CA GLY C 802 26.78 31.77 14.43
C GLY C 802 26.78 32.64 13.19
N SER C 803 26.02 33.72 13.25
CA SER C 803 25.81 34.73 12.18
C SER C 803 27.14 35.29 11.68
N ARG C 804 28.15 35.43 12.52
CA ARG C 804 29.44 36.06 12.11
C ARG C 804 30.07 35.31 10.94
N VAL C 805 30.00 33.97 10.90
CA VAL C 805 30.73 33.18 9.86
C VAL C 805 29.88 33.03 8.59
N MET C 806 28.66 33.56 8.52
CA MET C 806 27.72 33.35 7.38
C MET C 806 28.23 33.97 6.07
N ILE C 807 29.11 34.97 6.13
CA ILE C 807 29.70 35.63 4.93
C ILE C 807 31.08 35.08 4.64
N ALA C 808 31.52 34.01 5.33
CA ALA C 808 32.85 33.39 5.09
C ALA C 808 32.88 32.81 3.68
N LYS C 809 34.07 32.71 3.08
CA LYS C 809 34.27 32.31 1.65
C LYS C 809 33.72 30.90 1.39
N GLU C 810 33.88 29.98 2.34
CA GLU C 810 33.65 28.52 2.16
C GLU C 810 32.19 28.15 2.44
N VAL C 811 31.37 29.13 2.84
CA VAL C 811 29.90 28.97 3.10
C VAL C 811 29.18 29.08 1.76
N LYS C 812 28.18 28.23 1.56
CA LYS C 812 27.49 28.06 0.25
C LYS C 812 26.49 29.20 0.01
N THR C 813 26.21 30.03 1.03
CA THR C 813 25.42 31.29 0.96
C THR C 813 25.77 32.06 -0.32
N SER C 814 24.76 32.41 -1.12
CA SER C 814 24.93 32.95 -2.50
C SER C 814 25.54 34.34 -2.44
N PRO C 815 26.36 34.75 -3.43
CA PRO C 815 26.99 36.08 -3.40
C PRO C 815 26.04 37.22 -3.03
N ASP C 816 24.84 37.25 -3.62
CA ASP C 816 23.83 38.31 -3.41
C ASP C 816 23.26 38.24 -1.99
N ALA C 817 23.22 37.05 -1.39
CA ALA C 817 22.78 36.80 0.01
C ALA C 817 23.83 37.38 0.96
N LYS C 818 25.10 37.16 0.66
CA LYS C 818 26.26 37.69 1.45
C LYS C 818 26.25 39.22 1.42
N LYS C 819 25.96 39.85 0.28
CA LYS C 819 25.91 41.34 0.14
C LYS C 819 24.75 41.92 0.95
N CYS C 820 23.68 41.13 1.07
CA CYS C 820 22.43 41.44 1.82
C CYS C 820 22.66 41.25 3.34
N ILE C 821 23.51 40.29 3.72
CA ILE C 821 23.97 40.07 5.14
C ILE C 821 24.85 41.27 5.55
N ALA C 822 25.88 41.58 4.76
CA ALA C 822 26.84 42.67 5.05
C ALA C 822 26.09 43.99 5.19
N ALA C 823 25.10 44.23 4.34
CA ALA C 823 24.26 45.46 4.30
C ALA C 823 23.62 45.70 5.67
N CYS C 824 23.14 44.64 6.34
CA CYS C 824 22.53 44.69 7.71
C CYS C 824 23.50 45.38 8.67
N THR C 825 23.12 46.56 9.16
CA THR C 825 23.92 47.39 10.11
C THR C 825 23.96 46.70 11.48
N GLY C 826 22.87 46.00 11.82
CA GLY C 826 22.67 45.43 13.16
C GLY C 826 22.40 46.53 14.19
N VAL C 827 22.28 46.13 15.45
CA VAL C 827 22.07 47.04 16.60
C VAL C 827 22.85 46.50 17.80
N PRO C 828 23.17 47.33 18.82
CA PRO C 828 23.70 46.83 20.09
C PRO C 828 22.67 46.02 20.91
N ASP C 829 23.11 45.30 21.94
CA ASP C 829 22.24 44.40 22.74
C ASP C 829 20.97 45.14 23.18
N ASP C 830 21.08 46.34 23.77
CA ASP C 830 19.93 47.08 24.40
C ASP C 830 18.71 47.14 23.46
N LYS C 831 18.89 47.22 22.13
CA LYS C 831 17.81 47.44 21.14
C LYS C 831 17.26 46.13 20.55
N TRP C 832 18.01 45.02 20.56
CA TRP C 832 17.67 43.75 19.87
C TRP C 832 16.17 43.39 19.98
N GLU C 833 15.47 43.70 21.07
CA GLU C 833 14.06 43.28 21.28
C GLU C 833 13.09 44.03 20.36
N GLN C 834 13.53 45.10 19.69
CA GLN C 834 12.71 45.80 18.68
C GLN C 834 12.45 44.89 17.47
N THR C 835 13.32 43.90 17.17
CA THR C 835 13.11 42.91 16.06
C THR C 835 11.71 42.27 16.16
N TYR C 836 11.14 42.14 17.34
CA TYR C 836 9.79 41.55 17.55
C TYR C 836 8.71 42.42 16.88
N LYS C 837 8.91 43.73 16.78
CA LYS C 837 7.87 44.68 16.28
C LYS C 837 8.18 45.17 14.86
N LYS C 838 9.39 45.67 14.60
CA LYS C 838 9.75 46.32 13.32
C LYS C 838 11.16 45.89 12.90
N PRO C 839 11.54 46.05 11.60
CA PRO C 839 12.91 45.85 11.15
C PRO C 839 13.91 46.66 11.97
N THR C 840 14.89 45.98 12.58
CA THR C 840 15.85 46.57 13.56
C THR C 840 17.27 46.21 13.13
N GLY C 841 17.98 47.18 12.54
CA GLY C 841 19.33 46.97 11.96
C GLY C 841 19.31 45.92 10.86
N GLY C 842 18.27 45.90 10.03
CA GLY C 842 18.13 45.03 8.86
C GLY C 842 17.40 43.72 9.17
N ILE C 843 17.19 43.38 10.44
CA ILE C 843 16.72 42.03 10.91
C ILE C 843 15.33 42.22 11.48
N VAL C 844 14.53 41.15 11.50
CA VAL C 844 13.19 41.15 12.13
C VAL C 844 12.85 39.73 12.61
N THR C 845 11.92 39.60 13.52
CA THR C 845 11.46 38.31 14.07
C THR C 845 10.12 37.93 13.44
N VAL C 846 10.09 36.76 12.80
CA VAL C 846 8.85 36.16 12.22
C VAL C 846 8.60 34.83 12.92
N ARG C 847 7.34 34.43 13.03
CA ARG C 847 6.89 33.16 13.64
C ARG C 847 7.08 32.06 12.61
N SER C 848 7.72 30.96 12.97
CA SER C 848 7.81 29.74 12.13
C SER C 848 6.42 29.10 11.98
N GLU C 849 6.34 27.99 11.23
CA GLU C 849 5.10 27.18 10.99
C GLU C 849 4.45 26.75 12.32
N MET C 850 5.25 26.36 13.33
CA MET C 850 4.78 25.86 14.67
C MET C 850 4.82 26.99 15.73
N GLY C 851 4.94 28.24 15.30
CA GLY C 851 4.76 29.44 16.14
C GLY C 851 6.03 29.85 16.90
N GLU C 852 7.22 29.34 16.53
CA GLU C 852 8.51 29.69 17.20
C GLU C 852 9.12 30.92 16.55
N PRO C 853 9.74 31.84 17.31
CA PRO C 853 10.36 33.04 16.75
C PRO C 853 11.65 32.69 16.00
N ILE C 854 11.91 33.37 14.89
CA ILE C 854 13.14 33.22 14.06
C ILE C 854 13.59 34.63 13.72
N HIS C 855 14.89 34.89 13.82
CA HIS C 855 15.52 36.18 13.43
C HIS C 855 15.94 36.02 11.98
N LYS C 856 15.39 36.86 11.10
CA LYS C 856 15.70 36.86 9.64
C LYS C 856 16.00 38.27 9.18
N ILE C 857 16.74 38.37 8.09
CA ILE C 857 17.02 39.65 7.39
C ILE C 857 15.71 40.12 6.79
N ALA C 858 15.28 41.34 7.12
CA ALA C 858 14.00 41.95 6.68
C ALA C 858 14.10 42.26 5.20
N THR C 859 14.00 41.20 4.39
CA THR C 859 13.83 41.25 2.93
C THR C 859 12.34 41.41 2.68
N ARG C 860 11.97 41.65 1.41
CA ARG C 860 10.56 41.71 0.95
C ARG C 860 9.85 40.40 1.29
N GLY C 861 10.48 39.27 1.03
CA GLY C 861 9.93 37.95 1.36
C GLY C 861 9.58 37.83 2.83
N VAL C 862 10.50 38.24 3.69
CA VAL C 862 10.33 38.14 5.17
C VAL C 862 9.28 39.16 5.64
N MET C 863 9.25 40.36 5.06
CA MET C 863 8.24 41.40 5.41
C MET C 863 6.83 40.90 5.06
N LEU C 864 6.70 40.24 3.92
CA LEU C 864 5.44 39.57 3.53
C LEU C 864 5.09 38.52 4.59
N TRP C 865 6.07 37.68 4.95
CA TRP C 865 5.95 36.61 5.96
C TRP C 865 5.42 37.24 7.24
N LYS C 866 6.11 38.26 7.73
CA LYS C 866 5.74 38.94 8.99
C LYS C 866 4.29 39.42 8.90
N GLU C 867 3.95 40.11 7.80
CA GLU C 867 2.60 40.69 7.55
C GLU C 867 1.56 39.57 7.64
N PHE C 868 1.78 38.46 6.93
CA PHE C 868 0.84 37.31 6.91
C PHE C 868 0.71 36.68 8.30
N ASP C 869 1.78 36.69 9.12
CA ASP C 869 1.74 36.23 10.53
C ASP C 869 0.78 37.09 11.36
N GLU C 870 0.77 38.40 11.12
CA GLU C 870 -0.07 39.39 11.85
C GLU C 870 -1.53 39.34 11.39
N THR C 871 -1.81 39.14 10.09
CA THR C 871 -3.14 39.36 9.45
C THR C 871 -3.85 38.06 9.03
N ILE C 872 -3.15 36.94 8.78
CA ILE C 872 -3.76 35.71 8.20
C ILE C 872 -3.52 34.49 9.10
N PHE C 873 -2.26 34.18 9.44
CA PHE C 873 -1.89 32.91 10.12
C PHE C 873 -2.31 32.94 11.60
N ASN C 874 -2.47 34.14 12.18
CA ASN C 874 -2.91 34.34 13.59
C ASN C 874 -4.42 34.10 13.73
N LEU C 875 -5.19 34.17 12.65
CA LEU C 875 -6.67 34.03 12.66
C LEU C 875 -7.04 32.63 13.12
N PRO C 876 -8.24 32.44 13.73
CA PRO C 876 -8.76 31.10 14.00
C PRO C 876 -9.15 30.34 12.73
N LYS C 877 -9.20 29.00 12.82
CA LYS C 877 -9.38 28.05 11.69
C LYS C 877 -10.68 28.33 10.91
N ASN C 878 -11.76 28.70 11.61
CA ASN C 878 -13.08 29.06 11.02
C ASN C 878 -12.97 30.31 10.13
N LYS C 879 -12.09 31.26 10.49
CA LYS C 879 -11.98 32.61 9.88
C LYS C 879 -10.92 32.63 8.76
N LEU C 880 -10.05 31.61 8.67
CA LEU C 880 -8.88 31.58 7.74
C LEU C 880 -9.39 31.53 6.29
N VAL C 881 -10.26 30.56 5.99
CA VAL C 881 -10.78 30.30 4.60
C VAL C 881 -11.56 31.52 4.12
N PRO C 882 -12.59 32.06 4.82
CA PRO C 882 -13.35 33.22 4.34
C PRO C 882 -12.51 34.49 4.11
N THR C 883 -11.45 34.67 4.91
CA THR C 883 -10.47 35.79 4.80
C THR C 883 -9.62 35.69 3.53
N LEU C 884 -9.28 34.46 3.10
CA LEU C 884 -8.36 34.25 1.96
C LEU C 884 -9.01 34.71 0.65
N GLU C 885 -10.30 34.41 0.41
CA GLU C 885 -11.00 34.83 -0.84
C GLU C 885 -11.18 36.35 -0.86
N ALA C 886 -11.47 36.92 0.31
CA ALA C 886 -11.62 38.37 0.51
C ALA C 886 -10.35 39.10 0.06
N LYS C 887 -9.18 38.53 0.34
CA LYS C 887 -7.86 39.15 0.07
C LYS C 887 -7.16 38.52 -1.15
N ARG C 888 -7.74 37.49 -1.76
CA ARG C 888 -7.07 36.60 -2.76
C ARG C 888 -6.23 37.42 -3.74
N ASP C 889 -6.83 38.39 -4.42
CA ASP C 889 -6.19 39.15 -5.54
C ASP C 889 -4.94 39.86 -5.03
N TYR C 890 -4.98 40.34 -3.78
CA TYR C 890 -3.86 41.02 -3.07
C TYR C 890 -2.71 40.02 -2.82
N ILE C 891 -3.02 38.92 -2.11
CA ILE C 891 -2.06 37.84 -1.74
C ILE C 891 -1.32 37.36 -2.98
N ILE C 892 -2.06 36.93 -4.00
CA ILE C 892 -1.50 36.42 -5.27
C ILE C 892 -0.56 37.47 -5.86
N SER C 893 -0.86 38.77 -5.75
CA SER C 893 0.01 39.84 -6.33
C SER C 893 1.32 39.90 -5.55
N ARG C 894 1.20 39.77 -4.23
CA ARG C 894 2.30 40.04 -3.26
C ARG C 894 3.18 38.79 -3.18
N LEU C 895 2.65 37.57 -3.31
CA LEU C 895 3.46 36.34 -3.50
C LEU C 895 4.31 36.49 -4.75
N ASN C 896 3.71 36.92 -5.86
CA ASN C 896 4.40 36.97 -7.17
C ASN C 896 5.51 38.03 -7.17
N ALA C 897 5.36 39.08 -6.36
CA ALA C 897 6.28 40.25 -6.33
C ALA C 897 7.45 39.98 -5.37
N ASP C 898 7.12 39.58 -4.15
CA ASP C 898 7.96 39.74 -2.94
C ASP C 898 8.49 38.41 -2.43
N PHE C 899 7.82 37.28 -2.64
CA PHE C 899 8.16 36.01 -1.97
C PHE C 899 8.93 35.08 -2.91
N GLN C 900 9.53 34.05 -2.31
CA GLN C 900 10.42 33.05 -2.95
C GLN C 900 9.61 31.92 -3.55
N LYS C 901 8.41 31.69 -3.00
CA LYS C 901 7.37 30.78 -3.53
C LYS C 901 6.32 31.63 -4.22
N PRO C 902 6.32 31.76 -5.55
CA PRO C 902 5.33 32.58 -6.22
C PRO C 902 3.99 31.83 -6.34
N TRP C 903 2.98 32.54 -6.80
CA TRP C 903 1.67 31.95 -7.16
C TRP C 903 1.92 31.09 -8.41
N PHE C 904 1.60 29.80 -8.33
CA PHE C 904 1.90 28.85 -9.43
C PHE C 904 1.20 29.31 -10.70
N ALA C 905 -0.13 29.42 -10.62
CA ALA C 905 -1.04 29.80 -11.72
C ALA C 905 -0.87 31.26 -12.08
N THR C 906 0.20 31.58 -12.80
CA THR C 906 0.54 32.92 -13.30
C THR C 906 1.14 32.75 -14.69
N VAL C 907 0.46 33.26 -15.71
CA VAL C 907 0.89 33.12 -17.14
C VAL C 907 1.20 34.51 -17.71
N ASN C 908 2.49 34.84 -17.85
CA ASN C 908 2.99 36.14 -18.38
C ASN C 908 2.53 37.29 -17.48
N GLY C 909 2.58 37.08 -16.16
CA GLY C 909 2.21 38.10 -15.17
C GLY C 909 0.75 38.07 -14.80
N GLN C 910 -0.12 37.54 -15.67
CA GLN C 910 -1.59 37.49 -15.43
C GLN C 910 -1.91 36.39 -14.41
N ALA C 911 -2.42 36.79 -13.26
CA ALA C 911 -2.79 35.90 -12.13
C ALA C 911 -4.04 35.10 -12.50
N ARG C 912 -3.86 33.87 -12.97
CA ARG C 912 -4.96 32.89 -13.25
C ARG C 912 -5.24 32.12 -11.96
N ASP C 913 -5.87 30.94 -12.09
CA ASP C 913 -6.00 29.87 -11.08
C ASP C 913 -5.79 28.52 -11.79
N LEU C 914 -5.40 27.48 -11.07
CA LEU C 914 -5.16 26.14 -11.65
C LEU C 914 -6.30 25.70 -12.57
N ALA C 915 -7.57 26.02 -12.24
CA ALA C 915 -8.77 25.63 -13.01
C ALA C 915 -8.88 26.36 -14.34
N THR C 916 -8.24 27.53 -14.44
CA THR C 916 -8.26 28.43 -15.63
C THR C 916 -6.89 28.46 -16.30
N MET C 917 -6.12 27.38 -16.20
CA MET C 917 -4.83 27.20 -16.93
C MET C 917 -4.95 25.99 -17.85
N THR C 918 -4.40 26.07 -19.06
CA THR C 918 -4.36 24.89 -19.96
C THR C 918 -3.31 23.91 -19.44
N TYR C 919 -3.36 22.67 -19.92
CA TYR C 919 -2.40 21.62 -19.54
C TYR C 919 -1.00 22.07 -19.95
N GLU C 920 -0.90 22.82 -21.06
CA GLU C 920 0.40 23.26 -21.62
C GLU C 920 0.95 24.34 -20.69
N GLU C 921 0.12 25.30 -20.34
CA GLU C 921 0.51 26.39 -19.42
C GLU C 921 1.04 25.77 -18.12
N VAL C 922 0.42 24.69 -17.67
CA VAL C 922 0.79 24.03 -16.37
C VAL C 922 2.16 23.36 -16.54
N ALA C 923 2.41 22.70 -17.66
CA ALA C 923 3.67 21.96 -17.93
C ALA C 923 4.81 22.94 -18.14
N LYS C 924 4.57 24.03 -18.85
CA LYS C 924 5.57 25.10 -19.05
C LYS C 924 5.87 25.76 -17.72
N ARG C 925 4.87 26.17 -16.96
CA ARG C 925 5.09 26.85 -15.66
C ARG C 925 5.91 25.94 -14.74
N LEU C 926 5.64 24.64 -14.75
CA LEU C 926 6.41 23.67 -13.94
C LEU C 926 7.89 23.77 -14.27
N VAL C 927 8.21 23.75 -15.56
CA VAL C 927 9.61 23.89 -16.07
C VAL C 927 10.20 25.23 -15.60
N GLU C 928 9.46 26.33 -15.67
CA GLU C 928 10.02 27.69 -15.43
C GLU C 928 10.36 27.89 -13.93
N LEU C 929 9.79 27.09 -13.05
CA LEU C 929 9.96 27.22 -11.58
C LEU C 929 10.88 26.12 -11.03
N MET C 930 11.00 24.97 -11.70
CA MET C 930 11.66 23.77 -11.15
C MET C 930 12.92 23.38 -11.94
N PHE C 931 13.06 23.81 -13.19
CA PHE C 931 14.24 23.56 -14.06
C PHE C 931 15.04 24.85 -14.16
N ILE C 932 16.36 24.73 -14.02
CA ILE C 932 17.31 25.88 -13.93
C ILE C 932 17.97 26.04 -15.30
N ARG C 933 17.74 27.17 -15.97
CA ARG C 933 18.20 27.43 -17.35
C ARG C 933 19.73 27.59 -17.32
N SER C 934 20.25 28.32 -16.34
CA SER C 934 21.69 28.66 -16.17
C SER C 934 22.57 27.39 -16.12
N THR C 935 22.09 26.32 -15.47
CA THR C 935 22.82 25.05 -15.23
C THR C 935 22.16 23.85 -15.93
N ASN C 936 21.39 24.08 -17.01
CA ASN C 936 20.57 23.09 -17.75
C ASN C 936 20.40 21.80 -16.97
N SER C 937 19.62 21.85 -15.88
CA SER C 937 19.23 20.68 -15.06
C SER C 937 18.11 21.05 -14.09
N TRP C 938 17.35 20.04 -13.69
CA TRP C 938 16.29 20.13 -12.64
C TRP C 938 16.98 20.30 -11.30
N PHE C 939 16.56 21.29 -10.54
CA PHE C 939 17.12 21.61 -9.21
C PHE C 939 17.03 20.39 -8.28
N ASP C 940 16.01 19.56 -8.45
CA ASP C 940 15.81 18.33 -7.64
C ASP C 940 15.24 17.25 -8.58
N VAL C 941 15.70 16.01 -8.45
CA VAL C 941 15.20 14.86 -9.24
C VAL C 941 13.68 14.70 -9.00
N THR C 942 13.20 14.92 -7.78
CA THR C 942 11.79 14.67 -7.37
C THR C 942 10.84 15.66 -8.04
N TRP C 943 11.38 16.81 -8.45
CA TRP C 943 10.67 17.86 -9.20
C TRP C 943 10.55 17.40 -10.64
N ARG C 944 11.61 16.82 -11.19
CA ARG C 944 11.56 16.21 -12.55
C ARG C 944 10.51 15.10 -12.56
N THR C 945 10.39 14.34 -11.48
CA THR C 945 9.41 13.23 -11.36
C THR C 945 8.01 13.86 -11.41
N PHE C 946 7.77 14.82 -10.54
CA PHE C 946 6.51 15.60 -10.47
C PHE C 946 6.10 16.03 -11.89
N THR C 947 7.02 16.58 -12.68
CA THR C 947 6.70 17.12 -14.02
C THR C 947 6.47 16.00 -15.02
N GLY C 948 7.20 14.90 -14.91
CA GLY C 948 6.97 13.73 -15.78
C GLY C 948 5.64 13.11 -15.47
N ASP C 949 5.30 12.98 -14.19
CA ASP C 949 4.04 12.37 -13.72
C ASP C 949 2.87 13.20 -14.24
N PHE C 950 3.01 14.51 -14.22
CA PHE C 950 2.03 15.45 -14.80
C PHE C 950 1.85 15.14 -16.28
N LEU C 951 2.93 15.09 -17.06
CA LEU C 951 2.87 14.92 -18.54
C LEU C 951 2.26 13.57 -18.89
N ARG C 952 2.48 12.54 -18.08
CA ARG C 952 1.85 11.20 -18.28
C ARG C 952 0.34 11.37 -18.08
N ARG C 953 -0.08 12.06 -17.02
CA ARG C 953 -1.51 12.41 -16.78
C ARG C 953 -2.08 13.16 -17.99
N VAL C 954 -1.30 14.02 -18.67
CA VAL C 954 -1.79 14.74 -19.88
C VAL C 954 -2.08 13.71 -20.96
N GLU C 955 -1.21 12.72 -21.12
CA GLU C 955 -1.34 11.68 -22.16
C GLU C 955 -2.56 10.83 -21.83
N GLU C 956 -2.78 10.52 -20.56
CA GLU C 956 -3.92 9.67 -20.13
C GLU C 956 -5.22 10.41 -20.50
N ARG C 957 -5.32 11.70 -20.21
CA ARG C 957 -6.58 12.48 -20.34
C ARG C 957 -6.91 12.70 -21.82
N PHE C 958 -5.92 12.72 -22.73
CA PHE C 958 -6.16 13.07 -24.15
C PHE C 958 -5.96 11.89 -25.10
N THR C 959 -5.42 10.76 -24.67
CA THR C 959 -5.32 9.59 -25.56
C THR C 959 -6.72 8.98 -25.66
N LYS C 960 -7.05 8.44 -26.83
CA LYS C 960 -8.37 7.82 -27.14
C LYS C 960 -8.32 6.33 -26.83
N SER C 961 -7.17 5.70 -27.02
CA SER C 961 -6.96 4.26 -26.70
C SER C 961 -5.61 4.07 -26.01
N LYS C 962 -5.41 2.88 -25.44
CA LYS C 962 -4.11 2.42 -24.90
C LYS C 962 -3.01 2.76 -25.91
N THR C 963 -1.96 3.45 -25.45
CA THR C 963 -0.74 3.78 -26.24
C THR C 963 0.49 3.56 -25.34
N LEU C 964 1.68 3.70 -25.91
CA LEU C 964 2.96 3.78 -25.18
C LEU C 964 3.22 5.25 -24.87
N SER C 965 3.67 5.55 -23.65
CA SER C 965 4.07 6.92 -23.25
C SER C 965 5.11 7.46 -24.24
N LEU C 966 5.04 8.75 -24.55
CA LEU C 966 6.12 9.46 -25.27
C LEU C 966 7.27 9.79 -24.30
N ILE C 967 7.05 9.61 -23.00
CA ILE C 967 8.07 9.76 -21.92
C ILE C 967 8.29 8.38 -21.33
N GLN C 968 9.23 7.60 -21.88
CA GLN C 968 9.48 6.20 -21.43
C GLN C 968 10.29 6.20 -20.13
N SER C 969 11.23 7.13 -20.00
CA SER C 969 11.95 7.46 -18.74
C SER C 969 11.99 8.98 -18.60
N TYR C 970 11.96 9.46 -17.35
CA TYR C 970 11.97 10.91 -17.03
C TYR C 970 13.36 11.51 -17.33
N SER C 971 14.39 10.69 -17.62
CA SER C 971 15.71 11.15 -18.13
C SER C 971 15.52 12.05 -19.35
N LEU C 972 14.54 11.74 -20.19
CA LEU C 972 14.19 12.50 -21.42
C LEU C 972 13.79 13.94 -21.07
N LEU C 973 13.37 14.21 -19.84
CA LEU C 973 12.89 15.55 -19.41
C LEU C 973 14.07 16.51 -19.20
N ASP C 974 15.31 15.99 -19.10
CA ASP C 974 16.56 16.81 -19.03
C ASP C 974 16.73 17.67 -20.29
N LYS C 975 15.87 17.52 -21.31
CA LYS C 975 15.63 18.46 -22.45
C LYS C 975 14.18 18.96 -22.43
N PRO C 976 13.75 19.70 -21.37
CA PRO C 976 12.33 19.80 -21.04
C PRO C 976 11.48 20.40 -22.19
N ASP C 977 12.03 21.35 -22.96
CA ASP C 977 11.32 22.00 -24.10
C ASP C 977 10.95 20.94 -25.17
N GLU C 978 11.86 20.03 -25.47
CA GLU C 978 11.69 18.99 -26.52
C GLU C 978 10.65 17.97 -26.06
N ALA C 979 10.59 17.68 -24.75
CA ALA C 979 9.64 16.72 -24.14
C ALA C 979 8.23 17.33 -24.16
N ILE C 980 8.09 18.59 -23.76
CA ILE C 980 6.82 19.36 -23.81
C ILE C 980 6.38 19.42 -25.28
N GLU C 981 7.16 19.99 -26.19
CA GLU C 981 6.80 20.01 -27.64
C GLU C 981 6.28 18.64 -28.08
N LYS C 982 7.00 17.56 -27.74
CA LYS C 982 6.70 16.18 -28.19
C LYS C 982 5.32 15.74 -27.69
N VAL C 983 5.04 15.90 -26.39
CA VAL C 983 3.77 15.48 -25.72
C VAL C 983 2.62 16.31 -26.29
N PHE C 984 2.75 17.64 -26.27
CA PHE C 984 1.69 18.57 -26.72
C PHE C 984 1.63 18.64 -28.25
N ASN C 985 2.46 17.91 -29.00
CA ASN C 985 2.23 17.74 -30.46
C ASN C 985 1.34 16.54 -30.68
N ALA C 986 1.53 15.47 -29.91
CA ALA C 986 0.74 14.23 -30.04
C ALA C 986 -0.68 14.43 -29.51
N TYR C 987 -0.87 15.41 -28.62
CA TYR C 987 -2.15 15.74 -27.94
C TYR C 987 -2.36 17.24 -27.96
N PRO C 988 -2.57 17.86 -29.14
CA PRO C 988 -2.67 19.31 -29.25
C PRO C 988 -3.93 19.90 -28.62
N ALA C 989 -4.96 19.08 -28.37
CA ALA C 989 -6.21 19.43 -27.65
C ALA C 989 -5.87 19.99 -26.28
N ALA C 990 -4.82 19.44 -25.65
CA ALA C 990 -4.32 19.81 -24.31
C ALA C 990 -3.62 21.17 -24.34
N ARG C 991 -3.38 21.77 -25.51
CA ARG C 991 -2.89 23.18 -25.59
C ARG C 991 -4.05 24.14 -25.38
N GLU C 992 -5.29 23.70 -25.60
CA GLU C 992 -6.48 24.60 -25.69
C GLU C 992 -7.41 24.40 -24.49
N GLN C 993 -7.45 23.21 -23.92
CA GLN C 993 -8.37 22.94 -22.80
C GLN C 993 -7.78 23.35 -21.45
N PHE C 994 -8.58 23.98 -20.60
CA PHE C 994 -8.30 24.14 -19.15
C PHE C 994 -8.18 22.79 -18.47
N LEU C 995 -7.58 22.78 -17.30
CA LEU C 995 -7.41 21.52 -16.52
C LEU C 995 -8.78 20.97 -16.19
N ASN C 996 -8.95 19.68 -16.43
CA ASN C 996 -10.07 18.87 -15.88
C ASN C 996 -10.03 19.01 -14.36
N ALA C 997 -11.18 19.14 -13.71
CA ALA C 997 -11.32 19.25 -12.25
C ALA C 997 -10.66 18.06 -11.54
N GLN C 998 -10.68 16.87 -12.16
CA GLN C 998 -10.03 15.65 -11.62
C GLN C 998 -8.52 15.83 -11.62
N ASP C 999 -7.98 16.48 -12.65
CA ASP C 999 -6.52 16.68 -12.83
C ASP C 999 -6.02 17.82 -11.95
N ILE C 1000 -6.88 18.78 -11.59
CA ILE C 1000 -6.53 19.82 -10.60
C ILE C 1000 -6.33 19.12 -9.26
N ASP C 1001 -7.24 18.22 -8.93
CA ASP C 1001 -7.30 17.49 -7.64
C ASP C 1001 -6.08 16.58 -7.51
N HIS C 1002 -5.73 15.90 -8.60
CA HIS C 1002 -4.46 15.15 -8.75
C HIS C 1002 -3.29 16.10 -8.51
N PHE C 1003 -3.16 17.18 -9.26
CA PHE C 1003 -1.99 18.09 -9.18
C PHE C 1003 -1.75 18.52 -7.73
N LEU C 1004 -2.79 18.85 -6.98
CA LEU C 1004 -2.67 19.34 -5.59
C LEU C 1004 -2.36 18.16 -4.67
N SER C 1005 -2.71 16.94 -5.08
CA SER C 1005 -2.39 15.69 -4.37
C SER C 1005 -0.89 15.43 -4.47
N MET C 1006 -0.30 15.78 -5.61
CA MET C 1006 1.14 15.55 -5.89
C MET C 1006 1.96 16.62 -5.16
N CYS C 1007 1.41 17.82 -5.00
CA CYS C 1007 2.04 18.96 -4.30
C CYS C 1007 2.19 18.65 -2.80
N GLN C 1008 1.51 17.63 -2.30
CA GLN C 1008 1.43 17.27 -0.86
C GLN C 1008 2.15 15.95 -0.62
N ASN C 1009 2.80 15.41 -1.65
CA ASN C 1009 3.59 14.16 -1.56
C ASN C 1009 4.70 14.38 -0.54
N PRO C 1010 4.78 13.58 0.55
CA PRO C 1010 5.86 13.73 1.53
C PRO C 1010 7.21 13.16 1.06
N MET C 1011 7.23 12.26 0.07
CA MET C 1011 8.48 11.64 -0.50
C MET C 1011 9.07 12.50 -1.63
N GLN C 1012 8.87 13.82 -1.60
CA GLN C 1012 9.52 14.74 -2.57
C GLN C 1012 9.85 16.06 -1.90
N LYS C 1013 10.69 16.85 -2.55
CA LYS C 1013 11.02 18.22 -2.06
C LYS C 1013 9.79 19.10 -2.21
N PRO C 1014 9.40 19.83 -1.17
CA PRO C 1014 8.28 20.77 -1.28
C PRO C 1014 8.37 21.64 -2.53
N VAL C 1015 7.26 21.73 -3.24
CA VAL C 1015 7.15 22.45 -4.54
C VAL C 1015 7.41 23.93 -4.30
N PRO C 1016 8.22 24.55 -5.17
CA PRO C 1016 8.69 25.92 -4.96
C PRO C 1016 7.69 26.94 -5.50
N PHE C 1017 6.47 26.86 -4.97
CA PHE C 1017 5.30 27.68 -5.36
C PHE C 1017 4.10 27.34 -4.48
N VAL C 1018 3.13 28.24 -4.45
CA VAL C 1018 1.82 28.08 -3.77
C VAL C 1018 0.80 27.80 -4.87
N PRO C 1019 0.20 26.60 -4.94
CA PRO C 1019 -0.76 26.27 -5.98
C PRO C 1019 -2.24 26.56 -5.64
N VAL C 1020 -2.56 26.81 -4.38
CA VAL C 1020 -3.97 27.05 -3.94
C VAL C 1020 -3.95 27.79 -2.61
N LEU C 1021 -4.91 28.71 -2.43
CA LEU C 1021 -5.26 29.34 -1.13
C LEU C 1021 -6.38 28.51 -0.48
N ASP C 1022 -6.11 27.95 0.69
CA ASP C 1022 -7.00 27.01 1.41
C ASP C 1022 -6.51 26.91 2.87
N ARG C 1023 -6.99 25.95 3.63
CA ARG C 1023 -6.57 25.72 5.04
C ARG C 1023 -5.06 25.44 5.11
N ARG C 1024 -4.53 24.85 4.04
CA ARG C 1024 -3.13 24.35 3.90
C ARG C 1024 -2.19 25.51 3.45
N PHE C 1025 -2.65 26.77 3.44
CA PHE C 1025 -1.88 27.91 2.85
C PHE C 1025 -0.66 28.23 3.69
N GLU C 1026 -0.77 28.16 5.02
CA GLU C 1026 0.36 28.50 5.94
C GLU C 1026 1.50 27.50 5.73
N ILE C 1027 1.20 26.23 5.50
CA ILE C 1027 2.23 25.18 5.24
C ILE C 1027 2.86 25.39 3.85
N PHE C 1028 2.08 25.73 2.83
CA PHE C 1028 2.63 25.96 1.47
C PHE C 1028 3.55 27.17 1.50
N PHE C 1029 3.20 28.19 2.29
CA PHE C 1029 3.97 29.45 2.42
C PHE C 1029 5.29 29.21 3.16
N LYS C 1030 5.27 28.49 4.28
CA LYS C 1030 6.37 28.45 5.27
C LYS C 1030 7.24 27.22 5.11
N LYS C 1031 6.74 26.12 4.53
CA LYS C 1031 7.53 24.87 4.42
C LYS C 1031 8.77 25.15 3.55
N ASP C 1032 9.92 24.65 4.00
CA ASP C 1032 11.18 24.52 3.24
C ASP C 1032 11.66 25.92 2.84
N SER C 1033 11.94 26.79 3.80
CA SER C 1033 12.19 28.24 3.54
C SER C 1033 13.69 28.57 3.49
N LEU C 1034 14.56 27.63 3.82
CA LEU C 1034 15.95 27.96 4.22
C LEU C 1034 16.93 27.76 3.07
N TRP C 1035 16.71 26.78 2.19
CA TRP C 1035 17.63 26.44 1.08
C TRP C 1035 17.79 27.60 0.09
N GLN C 1036 16.73 28.34 -0.21
CA GLN C 1036 16.72 29.34 -1.32
C GLN C 1036 17.93 30.27 -1.22
N SER C 1037 18.21 30.82 -0.03
CA SER C 1037 19.31 31.80 0.24
C SER C 1037 20.65 31.32 -0.33
N GLU C 1038 20.87 30.00 -0.40
CA GLU C 1038 22.09 29.32 -0.89
C GLU C 1038 21.96 28.85 -2.33
N HIS C 1039 20.84 29.10 -2.99
CA HIS C 1039 20.58 28.59 -4.36
C HIS C 1039 19.73 29.60 -5.13
N LEU C 1040 20.15 30.87 -5.16
CA LEU C 1040 19.38 31.97 -5.80
C LEU C 1040 19.15 31.69 -7.29
N GLU C 1041 19.96 30.84 -7.94
CA GLU C 1041 19.73 30.41 -9.34
C GLU C 1041 18.33 29.76 -9.50
N ALA C 1042 17.77 29.16 -8.46
CA ALA C 1042 16.49 28.41 -8.46
C ALA C 1042 15.35 29.24 -7.84
N VAL C 1043 15.60 30.51 -7.57
CA VAL C 1043 14.56 31.48 -7.10
C VAL C 1043 14.13 32.31 -8.31
N VAL C 1044 12.92 32.86 -8.26
CA VAL C 1044 12.14 33.34 -9.44
C VAL C 1044 13.03 34.23 -10.33
N ASP C 1045 13.48 35.40 -9.84
CA ASP C 1045 14.28 36.34 -10.68
C ASP C 1045 15.74 36.35 -10.20
N GLN C 1046 16.19 35.25 -9.58
CA GLN C 1046 17.45 35.15 -8.80
C GLN C 1046 17.46 36.24 -7.73
N ASP C 1047 16.28 36.68 -7.28
CA ASP C 1047 16.12 37.88 -6.41
C ASP C 1047 16.40 37.42 -4.99
N VAL C 1048 17.45 37.93 -4.37
CA VAL C 1048 17.75 37.66 -2.93
C VAL C 1048 16.59 38.17 -2.08
N GLN C 1049 15.95 39.25 -2.53
CA GLN C 1049 14.93 39.95 -1.72
C GLN C 1049 13.69 39.07 -1.55
N ARG C 1050 13.58 37.98 -2.31
CA ARG C 1050 12.47 37.01 -2.16
C ARG C 1050 12.71 36.10 -0.96
N THR C 1051 13.96 35.89 -0.57
CA THR C 1051 14.42 34.75 0.26
C THR C 1051 14.44 35.07 1.77
N CYS C 1052 14.35 34.00 2.56
CA CYS C 1052 14.56 33.99 4.04
C CYS C 1052 16.03 33.70 4.34
N ILE C 1053 16.75 34.70 4.84
CA ILE C 1053 18.14 34.56 5.37
C ILE C 1053 18.07 34.74 6.89
N LEU C 1054 18.60 33.76 7.63
CA LEU C 1054 18.62 33.76 9.11
C LEU C 1054 19.86 34.51 9.54
N HIS C 1055 19.77 35.40 10.53
CA HIS C 1055 20.89 36.27 10.97
C HIS C 1055 20.55 36.92 12.31
N GLY C 1056 21.54 37.26 13.12
CA GLY C 1056 21.31 37.86 14.44
C GLY C 1056 21.22 39.38 14.32
N PRO C 1057 20.38 40.06 15.12
CA PRO C 1057 20.40 41.52 15.16
C PRO C 1057 21.75 42.07 15.61
N VAL C 1058 22.40 41.39 16.54
CA VAL C 1058 23.59 41.91 17.28
C VAL C 1058 24.85 41.49 16.55
N ALA C 1059 24.88 40.24 16.06
CA ALA C 1059 26.05 39.68 15.33
C ALA C 1059 26.25 40.43 14.01
N ALA C 1060 25.19 41.02 13.46
CA ALA C 1060 25.15 41.78 12.19
C ALA C 1060 26.10 42.99 12.22
N GLN C 1061 26.40 43.51 13.41
CA GLN C 1061 27.28 44.68 13.62
C GLN C 1061 28.70 44.37 13.12
N PHE C 1062 29.09 43.09 13.07
CA PHE C 1062 30.49 42.64 12.82
C PHE C 1062 30.61 41.86 11.50
N THR C 1063 29.50 41.42 10.90
CA THR C 1063 29.46 40.83 9.51
C THR C 1063 29.59 41.96 8.48
N LYS C 1064 30.84 42.29 8.10
CA LYS C 1064 31.21 43.38 7.15
C LYS C 1064 31.94 42.78 5.93
N VAL C 1065 33.10 42.19 6.14
CA VAL C 1065 34.06 41.78 5.07
C VAL C 1065 33.56 40.49 4.43
N ILE C 1066 33.16 40.55 3.16
CA ILE C 1066 32.55 39.41 2.41
C ILE C 1066 33.67 38.49 1.90
N ASP C 1067 33.41 37.18 1.90
CA ASP C 1067 34.28 36.12 1.33
C ASP C 1067 35.64 36.13 2.04
N GLU C 1068 35.66 36.43 3.35
CA GLU C 1068 36.87 36.27 4.21
C GLU C 1068 37.02 34.79 4.49
N PRO C 1069 38.21 34.16 4.34
CA PRO C 1069 38.37 32.73 4.64
C PRO C 1069 38.02 32.40 6.08
N ILE C 1070 37.31 31.28 6.33
CA ILE C 1070 36.82 30.91 7.69
C ILE C 1070 38.02 30.89 8.63
N LYS C 1071 39.15 30.35 8.18
CA LYS C 1071 40.40 30.31 8.97
C LYS C 1071 40.74 31.72 9.44
N SER C 1072 40.77 32.67 8.52
CA SER C 1072 41.16 34.08 8.76
C SER C 1072 40.24 34.72 9.82
N ILE C 1073 38.95 34.40 9.83
CA ILE C 1073 37.95 34.94 10.81
C ILE C 1073 38.29 34.42 12.20
N MET C 1074 38.32 33.09 12.32
CA MET C 1074 38.52 32.31 13.58
C MET C 1074 39.91 32.63 14.15
N ASP C 1075 40.96 32.54 13.35
CA ASP C 1075 42.33 32.94 13.79
C ASP C 1075 42.24 34.39 14.28
N GLY C 1076 41.70 35.30 13.47
CA GLY C 1076 41.54 36.73 13.84
C GLY C 1076 40.96 36.93 15.24
N ILE C 1077 40.04 36.06 15.66
CA ILE C 1077 39.40 36.12 17.00
C ILE C 1077 40.36 35.52 18.05
N HIS C 1078 40.86 34.31 17.79
CA HIS C 1078 41.82 33.60 18.67
C HIS C 1078 43.07 34.47 18.90
N ASP C 1079 43.71 34.94 17.83
CA ASP C 1079 44.95 35.76 17.89
C ASP C 1079 44.65 37.03 18.68
N GLY C 1080 43.48 37.61 18.48
CA GLY C 1080 43.00 38.77 19.26
C GLY C 1080 43.06 38.46 20.73
N HIS C 1081 42.38 37.39 21.16
CA HIS C 1081 42.38 36.91 22.57
C HIS C 1081 43.82 36.68 23.03
N ILE C 1082 44.63 35.96 22.26
CA ILE C 1082 46.03 35.63 22.66
C ILE C 1082 46.81 36.93 22.91
N LYS C 1083 46.64 37.94 22.05
CA LYS C 1083 47.34 39.24 22.16
C LYS C 1083 46.89 40.00 23.42
N LYS C 1084 45.60 39.99 23.74
CA LYS C 1084 45.03 40.72 24.91
C LYS C 1084 45.39 40.01 26.20
N LEU C 1085 45.33 38.67 26.22
CA LEU C 1085 45.78 37.85 27.37
C LEU C 1085 47.25 38.21 27.62
N LEU C 1086 48.07 38.14 26.57
CA LEU C 1086 49.55 38.30 26.69
C LEU C 1086 49.83 39.62 27.40
N HIS C 1087 49.16 40.70 26.98
CA HIS C 1087 49.33 42.07 27.52
C HIS C 1087 48.97 42.10 29.01
N GLN C 1088 47.81 41.55 29.36
CA GLN C 1088 47.15 41.73 30.68
C GLN C 1088 47.82 40.83 31.74
N TYR C 1089 48.29 39.64 31.37
CA TYR C 1089 48.63 38.55 32.33
C TYR C 1089 50.05 38.00 32.18
N TYR C 1090 50.74 38.23 31.05
CA TYR C 1090 52.12 37.75 30.78
C TYR C 1090 53.06 38.93 30.49
N GLY C 1091 52.62 40.17 30.78
CA GLY C 1091 53.38 41.42 30.55
C GLY C 1091 54.05 41.50 29.18
N ASP C 1092 53.34 41.06 28.12
CA ASP C 1092 53.75 41.10 26.68
C ASP C 1092 55.10 40.39 26.50
N ASP C 1093 55.19 39.14 26.96
CA ASP C 1093 56.40 38.29 26.83
C ASP C 1093 56.00 36.83 26.58
N GLU C 1094 56.22 36.32 25.36
CA GLU C 1094 55.87 34.93 24.95
C GLU C 1094 56.73 33.90 25.70
N SER C 1095 57.93 34.29 26.17
CA SER C 1095 58.85 33.44 26.98
C SER C 1095 58.18 32.96 28.26
N LYS C 1096 57.17 33.68 28.78
CA LYS C 1096 56.51 33.37 30.07
C LYS C 1096 55.34 32.42 29.88
N ILE C 1097 55.00 32.06 28.63
CA ILE C 1097 53.91 31.08 28.35
C ILE C 1097 54.44 29.70 28.69
N PRO C 1098 53.77 28.94 29.58
CA PRO C 1098 54.11 27.54 29.82
C PRO C 1098 54.00 26.72 28.54
N ALA C 1099 54.97 25.83 28.30
CA ALA C 1099 54.97 24.88 27.17
C ALA C 1099 54.60 23.47 27.70
N VAL C 1100 54.03 22.66 26.79
CA VAL C 1100 53.76 21.21 26.97
C VAL C 1100 54.11 20.54 25.64
N GLU C 1101 54.17 19.21 25.59
CA GLU C 1101 54.40 18.46 24.32
C GLU C 1101 53.19 18.69 23.41
N TYR C 1102 52.01 18.32 23.92
CA TYR C 1102 50.71 18.43 23.20
C TYR C 1102 49.66 19.02 24.14
N PHE C 1103 48.78 19.85 23.59
CA PHE C 1103 47.68 20.52 24.32
C PHE C 1103 46.38 19.83 23.93
N GLY C 1104 45.70 19.20 24.89
CA GLY C 1104 44.42 18.51 24.64
C GLY C 1104 44.26 17.25 25.46
N GLY C 1105 43.04 16.69 25.41
CA GLY C 1105 42.65 15.41 26.04
C GLY C 1105 42.63 15.48 27.55
N GLU C 1106 42.55 16.68 28.12
CA GLU C 1106 42.45 16.91 29.58
C GLU C 1106 40.96 16.91 29.93
N SER C 1107 40.52 15.95 30.74
CA SER C 1107 39.13 15.82 31.26
C SER C 1107 38.81 17.03 32.14
N PRO C 1108 37.62 17.65 31.99
CA PRO C 1108 37.26 18.84 32.78
C PRO C 1108 36.97 18.54 34.26
N VAL C 1109 36.89 17.26 34.65
CA VAL C 1109 36.64 16.81 36.06
C VAL C 1109 37.87 17.11 36.93
N ASP C 1110 39.09 16.87 36.41
CA ASP C 1110 40.38 17.39 36.96
C ASP C 1110 41.45 17.29 35.87
N SER C 1121 57.89 11.12 39.71
CA SER C 1121 59.28 11.62 39.53
C SER C 1121 60.34 10.52 39.74
N GLU C 1122 59.95 9.32 40.23
CA GLU C 1122 60.86 8.16 40.42
C GLU C 1122 61.35 7.68 39.04
N ASP C 1123 62.67 7.57 38.85
CA ASP C 1123 63.35 7.19 37.58
C ASP C 1123 63.12 5.71 37.27
N SER C 1124 63.11 4.85 38.30
CA SER C 1124 62.96 3.37 38.18
C SER C 1124 61.86 2.88 39.13
N ALA C 1125 60.58 3.06 38.74
CA ALA C 1125 59.38 2.68 39.51
C ALA C 1125 58.99 1.23 39.18
N VAL C 1126 58.21 0.61 40.07
CA VAL C 1126 57.57 -0.72 39.89
C VAL C 1126 56.15 -0.63 40.47
N PHE C 1127 55.16 -1.09 39.71
CA PHE C 1127 53.73 -1.11 40.10
C PHE C 1127 53.22 -2.54 40.00
N LYS C 1128 52.69 -3.09 41.11
CA LYS C 1128 52.12 -4.46 41.18
C LYS C 1128 50.61 -4.30 41.31
N ALA C 1129 49.85 -4.73 40.31
CA ALA C 1129 48.37 -4.67 40.31
C ALA C 1129 47.84 -5.74 41.25
N THR C 1130 46.66 -5.48 41.83
CA THR C 1130 45.86 -6.44 42.62
C THR C 1130 44.42 -6.40 42.07
N SER C 1131 43.54 -7.24 42.59
CA SER C 1131 42.08 -7.23 42.28
C SER C 1131 41.48 -5.85 42.59
N SER C 1132 41.85 -5.28 43.73
CA SER C 1132 41.31 -4.02 44.31
C SER C 1132 41.87 -2.76 43.60
N THR C 1133 42.88 -2.90 42.72
CA THR C 1133 43.54 -1.77 42.01
C THR C 1133 42.50 -1.03 41.14
N ASP C 1134 42.36 0.28 41.36
CA ASP C 1134 41.44 1.18 40.62
C ASP C 1134 42.06 1.51 39.26
N GLU C 1135 41.26 1.44 38.19
CA GLU C 1135 41.66 1.72 36.77
C GLU C 1135 42.38 3.06 36.68
N GLU C 1136 41.75 4.12 37.18
CA GLU C 1136 42.15 5.53 36.95
C GLU C 1136 43.51 5.79 37.60
N SER C 1137 43.68 5.44 38.88
CA SER C 1137 44.93 5.62 39.66
C SER C 1137 46.07 4.80 39.03
N TRP C 1138 45.75 3.60 38.53
CA TRP C 1138 46.67 2.72 37.75
C TRP C 1138 47.26 3.52 36.58
N PHE C 1139 46.41 3.91 35.61
CA PHE C 1139 46.82 4.63 34.38
C PHE C 1139 47.43 6.00 34.71
N LYS C 1140 46.93 6.71 35.73
CA LYS C 1140 47.55 7.99 36.19
C LYS C 1140 49.02 7.73 36.57
N ALA C 1141 49.27 6.65 37.31
CA ALA C 1141 50.60 6.25 37.81
C ALA C 1141 51.53 5.91 36.64
N LEU C 1142 51.06 5.07 35.70
CA LEU C 1142 51.81 4.58 34.52
C LEU C 1142 52.18 5.78 33.64
N ALA C 1143 51.19 6.62 33.34
CA ALA C 1143 51.33 7.83 32.49
C ALA C 1143 52.41 8.77 33.04
N GLY C 1144 52.47 8.91 34.36
CA GLY C 1144 53.29 9.93 35.06
C GLY C 1144 52.68 11.32 34.94
N SER C 1145 53.40 12.31 35.47
CA SER C 1145 52.92 13.71 35.60
C SER C 1145 53.17 14.47 34.28
N GLU C 1146 54.38 14.36 33.73
CA GLU C 1146 54.81 15.09 32.50
C GLU C 1146 53.84 14.78 31.33
N ILE C 1147 53.56 15.79 30.49
CA ILE C 1147 52.82 15.64 29.20
C ILE C 1147 53.85 15.21 28.14
N ASN C 1148 53.78 13.96 27.68
CA ASN C 1148 54.68 13.37 26.65
C ASN C 1148 54.01 12.13 26.04
N TRP C 1149 54.71 11.41 25.16
CA TRP C 1149 54.21 10.19 24.49
C TRP C 1149 53.61 9.24 25.52
N ARG C 1150 54.27 9.06 26.67
CA ARG C 1150 53.83 8.08 27.70
C ARG C 1150 52.49 8.51 28.29
N HIS C 1151 52.32 9.79 28.55
CA HIS C 1151 51.07 10.37 29.12
C HIS C 1151 49.92 10.07 28.17
N ALA C 1152 50.11 10.35 26.87
CA ALA C 1152 49.12 10.14 25.79
C ALA C 1152 48.79 8.65 25.70
N SER C 1153 49.81 7.80 25.70
CA SER C 1153 49.69 6.32 25.58
C SER C 1153 48.70 5.83 26.62
N PHE C 1154 48.77 6.31 27.85
CA PHE C 1154 48.04 5.72 28.99
C PHE C 1154 46.79 6.52 29.37
N LEU C 1155 46.52 7.64 28.72
CA LEU C 1155 45.37 8.48 29.14
C LEU C 1155 44.43 8.80 27.99
N CYS C 1156 44.93 9.00 26.77
CA CYS C 1156 44.06 9.14 25.57
C CYS C 1156 43.10 7.95 25.55
N SER C 1157 41.80 8.22 25.52
CA SER C 1157 40.75 7.18 25.53
C SER C 1157 40.65 6.58 24.12
N PHE C 1158 41.14 7.30 23.10
CA PHE C 1158 41.07 6.92 21.67
C PHE C 1158 42.45 7.02 21.01
N ILE C 1159 42.67 6.17 20.02
CA ILE C 1159 43.72 6.37 18.99
C ILE C 1159 43.04 6.35 17.62
N THR C 1160 43.74 6.89 16.64
CA THR C 1160 43.29 7.00 15.24
C THR C 1160 43.84 5.77 14.50
N GLN C 1161 43.01 5.12 13.67
CA GLN C 1161 43.41 4.23 12.57
C GLN C 1161 42.90 4.87 11.28
N ASP C 1162 43.83 5.33 10.44
CA ASP C 1162 43.56 6.16 9.23
C ASP C 1162 42.76 7.39 9.66
N LYS C 1163 41.44 7.40 9.48
CA LYS C 1163 40.58 8.55 9.84
C LYS C 1163 39.59 8.18 10.96
N MET C 1164 39.46 6.89 11.25
CA MET C 1164 38.57 6.33 12.29
C MET C 1164 39.18 6.54 13.69
N PHE C 1165 38.39 6.33 14.74
CA PHE C 1165 38.73 6.59 16.18
C PHE C 1165 38.34 5.38 17.03
N VAL C 1166 39.28 4.46 17.19
CA VAL C 1166 39.07 3.17 17.91
C VAL C 1166 39.55 3.35 19.35
N SER C 1167 39.17 2.45 20.26
CA SER C 1167 39.56 2.55 21.69
C SER C 1167 41.07 2.31 21.81
N ASN C 1168 41.69 2.99 22.77
CA ASN C 1168 43.15 2.93 23.04
C ASN C 1168 43.53 1.50 23.37
N PRO C 1169 44.27 0.80 22.49
CA PRO C 1169 44.70 -0.58 22.74
C PRO C 1169 45.66 -0.69 23.93
N ILE C 1170 46.52 0.32 24.10
CA ILE C 1170 47.55 0.34 25.19
C ILE C 1170 46.81 0.32 26.54
N ARG C 1171 45.70 1.02 26.69
CA ARG C 1171 44.90 0.95 27.95
C ARG C 1171 44.14 -0.38 28.05
N LYS C 1172 43.79 -1.04 26.95
CA LYS C 1172 43.20 -2.41 27.00
C LYS C 1172 44.25 -3.39 27.50
N VAL C 1173 45.43 -3.36 26.88
CA VAL C 1173 46.56 -4.30 27.15
C VAL C 1173 47.01 -4.16 28.60
N PHE C 1174 47.05 -2.94 29.12
CA PHE C 1174 47.64 -2.62 30.45
C PHE C 1174 46.55 -2.59 31.52
N LYS C 1175 45.27 -2.68 31.16
CA LYS C 1175 44.14 -2.76 32.13
C LYS C 1175 44.52 -3.74 33.25
N PRO C 1176 44.52 -3.31 34.53
CA PRO C 1176 45.15 -4.05 35.61
C PRO C 1176 44.30 -5.19 36.19
N SER C 1177 44.96 -6.32 36.42
CA SER C 1177 44.37 -7.55 37.04
C SER C 1177 45.47 -8.29 37.81
N GLN C 1178 45.09 -8.94 38.92
CA GLN C 1178 46.00 -9.64 39.86
C GLN C 1178 47.07 -10.40 39.06
N GLY C 1179 48.34 -10.17 39.38
CA GLY C 1179 49.50 -10.92 38.84
C GLY C 1179 50.39 -10.03 38.00
N MET C 1180 49.79 -9.00 37.38
CA MET C 1180 50.48 -8.01 36.50
C MET C 1180 51.49 -7.20 37.32
N VAL C 1181 52.69 -7.03 36.77
CA VAL C 1181 53.81 -6.23 37.34
C VAL C 1181 54.38 -5.31 36.26
N VAL C 1182 54.15 -4.01 36.38
CA VAL C 1182 54.63 -2.98 35.41
C VAL C 1182 55.92 -2.38 35.97
N GLU C 1183 57.01 -2.41 35.22
CA GLU C 1183 58.28 -1.75 35.61
C GLU C 1183 58.51 -0.61 34.62
N ILE C 1184 58.59 0.63 35.11
CA ILE C 1184 59.01 1.81 34.31
C ILE C 1184 60.49 2.13 34.58
N SER C 1185 61.32 2.12 33.54
CA SER C 1185 62.76 2.49 33.59
C SER C 1185 62.94 3.81 32.86
N ASN C 1186 63.87 4.66 33.34
CA ASN C 1186 64.15 6.02 32.80
C ASN C 1186 62.86 6.85 32.75
N GLY C 1187 62.08 6.82 33.84
CA GLY C 1187 60.77 7.51 33.94
C GLY C 1187 60.84 9.01 33.67
N ASN C 1188 62.00 9.63 33.91
CA ASN C 1188 62.21 11.12 33.87
C ASN C 1188 62.56 11.59 32.46
N THR C 1189 63.44 10.90 31.76
CA THR C 1189 63.80 11.19 30.34
C THR C 1189 62.79 10.53 29.40
N SER C 1190 61.91 11.29 28.74
CA SER C 1190 60.84 10.77 27.84
C SER C 1190 61.47 9.88 26.75
N SER C 1191 62.49 10.36 26.05
CA SER C 1191 63.11 9.68 24.87
C SER C 1191 63.61 8.25 25.22
N LYS C 1192 64.05 8.01 26.46
CA LYS C 1192 64.66 6.72 26.93
C LYS C 1192 63.63 5.83 27.65
N THR C 1193 62.50 6.39 28.09
CA THR C 1193 61.53 5.68 28.97
C THR C 1193 61.14 4.35 28.32
N VAL C 1194 60.99 3.31 29.14
CA VAL C 1194 60.61 1.93 28.68
C VAL C 1194 59.70 1.29 29.73
N VAL C 1195 58.41 1.14 29.40
CA VAL C 1195 57.41 0.46 30.26
C VAL C 1195 57.42 -1.02 29.89
N THR C 1196 57.80 -1.87 30.84
CA THR C 1196 57.76 -3.34 30.74
C THR C 1196 56.58 -3.82 31.60
N LEU C 1197 55.67 -4.58 31.00
CA LEU C 1197 54.61 -5.33 31.72
C LEU C 1197 55.08 -6.77 31.75
N SER C 1198 55.01 -7.40 32.92
CA SER C 1198 55.36 -8.81 33.14
C SER C 1198 54.18 -9.51 33.81
N GLU C 1199 53.82 -10.70 33.33
CA GLU C 1199 52.69 -11.52 33.85
C GLU C 1199 53.24 -12.89 34.24
N PRO C 1200 52.58 -13.63 35.15
CA PRO C 1200 52.91 -15.03 35.39
C PRO C 1200 52.58 -15.84 34.14
N VAL C 1201 53.58 -16.53 33.60
CA VAL C 1201 53.49 -17.44 32.43
C VAL C 1201 54.13 -18.77 32.83
N GLN C 1202 53.36 -19.87 32.78
CA GLN C 1202 53.83 -21.24 33.12
C GLN C 1202 54.39 -21.23 34.55
N GLY C 1203 53.68 -20.60 35.49
CA GLY C 1203 54.11 -20.42 36.89
C GLY C 1203 54.91 -19.15 37.11
N GLU C 1204 56.11 -19.07 36.51
CA GLU C 1204 57.14 -18.00 36.72
C GLU C 1204 56.74 -16.70 35.98
N LEU C 1205 57.42 -15.59 36.29
CA LEU C 1205 57.10 -14.22 35.82
C LEU C 1205 58.01 -13.82 34.66
N LYS C 1206 57.43 -13.63 33.47
CA LYS C 1206 58.15 -13.25 32.22
C LYS C 1206 57.64 -11.89 31.73
N PRO C 1207 58.44 -11.16 30.91
CA PRO C 1207 57.99 -9.93 30.25
C PRO C 1207 57.05 -10.22 29.08
N THR C 1208 55.84 -9.65 29.10
CA THR C 1208 54.80 -9.84 28.05
C THR C 1208 54.72 -8.64 27.11
N VAL C 1209 54.77 -7.42 27.63
CA VAL C 1209 54.68 -6.18 26.81
C VAL C 1209 55.92 -5.34 27.09
N ILE C 1210 56.41 -4.63 26.08
CA ILE C 1210 57.51 -3.64 26.20
C ILE C 1210 57.07 -2.45 25.36
N LEU C 1211 56.66 -1.38 26.02
CA LEU C 1211 56.27 -0.11 25.37
C LEU C 1211 57.47 0.83 25.42
N LYS C 1212 57.91 1.36 24.28
CA LYS C 1212 58.98 2.37 24.23
C LYS C 1212 58.88 3.22 22.97
N LEU C 1213 59.61 4.33 22.96
CA LEU C 1213 59.70 5.30 21.85
C LEU C 1213 60.86 4.85 20.97
N LEU C 1214 60.54 4.23 19.83
CA LEU C 1214 61.51 3.58 18.92
C LEU C 1214 62.26 4.67 18.14
N LYS C 1215 61.52 5.68 17.69
CA LYS C 1215 61.99 6.91 17.00
C LYS C 1215 61.31 8.09 17.71
N GLU C 1216 61.68 9.34 17.40
CA GLU C 1216 61.12 10.54 18.09
C GLU C 1216 59.58 10.58 17.99
N ASN C 1217 58.99 9.97 16.95
CA ASN C 1217 57.52 10.03 16.70
C ASN C 1217 57.01 8.64 16.33
N ILE C 1218 57.48 7.59 17.00
CA ILE C 1218 57.02 6.19 16.80
C ILE C 1218 56.99 5.53 18.17
N ILE C 1219 55.80 5.29 18.70
CA ILE C 1219 55.60 4.39 19.87
C ILE C 1219 55.56 2.96 19.32
N GLN C 1220 56.46 2.10 19.79
CA GLN C 1220 56.42 0.64 19.58
C GLN C 1220 55.87 -0.01 20.84
N MET C 1221 54.84 -0.82 20.70
CA MET C 1221 54.33 -1.70 21.78
C MET C 1221 54.65 -3.12 21.34
N GLU C 1222 55.77 -3.65 21.81
CA GLU C 1222 56.19 -5.04 21.53
C GLU C 1222 55.32 -5.96 22.38
N MET C 1223 54.42 -6.73 21.76
CA MET C 1223 53.61 -7.78 22.45
C MET C 1223 54.33 -9.12 22.34
N ILE C 1224 54.60 -9.78 23.46
CA ILE C 1224 55.46 -11.00 23.51
C ILE C 1224 54.57 -12.18 23.90
N GLU C 1225 54.50 -13.17 23.02
CA GLU C 1225 54.09 -14.55 23.36
C GLU C 1225 55.34 -15.32 23.78
N ASN C 1226 55.31 -15.94 24.97
CA ASN C 1226 56.43 -16.71 25.57
C ASN C 1226 56.21 -18.22 25.42
N ARG C 1227 55.05 -18.64 24.91
CA ARG C 1227 54.69 -20.06 24.65
C ARG C 1227 54.76 -20.34 23.14
N THR C 1228 55.92 -20.80 22.67
CA THR C 1228 56.32 -20.85 21.24
C THR C 1228 56.74 -22.28 20.89
N MET C 1229 57.08 -22.52 19.63
CA MET C 1229 57.41 -23.88 19.12
C MET C 1229 58.73 -24.32 19.78
N ASP C 1230 59.77 -23.50 19.65
CA ASP C 1230 61.18 -23.84 20.00
C ASP C 1230 61.53 -23.36 21.42
N GLY C 1231 60.73 -22.49 22.04
CA GLY C 1231 60.93 -22.03 23.43
C GLY C 1231 61.30 -20.55 23.52
N LYS C 1232 62.15 -20.08 22.60
CA LYS C 1232 62.48 -18.63 22.43
C LYS C 1232 61.18 -17.82 22.25
N PRO C 1233 61.03 -16.68 22.95
CA PRO C 1233 59.81 -15.87 22.85
C PRO C 1233 59.72 -15.13 21.51
N VAL C 1234 58.50 -14.93 21.03
CA VAL C 1234 58.17 -14.29 19.72
C VAL C 1234 57.41 -13.01 20.01
N SER C 1235 57.95 -11.91 19.47
CA SER C 1235 57.47 -10.51 19.60
C SER C 1235 56.57 -10.17 18.40
N LEU C 1236 55.68 -9.21 18.59
CA LEU C 1236 54.88 -8.56 17.53
C LEU C 1236 54.95 -7.06 17.74
N PRO C 1237 55.72 -6.31 16.94
CA PRO C 1237 55.81 -4.86 17.10
C PRO C 1237 54.61 -4.10 16.54
N LEU C 1238 53.75 -3.61 17.44
CA LEU C 1238 52.62 -2.72 17.07
C LEU C 1238 53.13 -1.28 17.08
N LEU C 1239 53.24 -0.66 15.91
CA LEU C 1239 53.82 0.71 15.77
C LEU C 1239 52.67 1.71 15.77
N TYR C 1240 52.90 2.85 16.41
CA TYR C 1240 51.97 4.00 16.46
C TYR C 1240 52.76 5.28 16.20
N ASN C 1241 52.26 6.16 15.32
CA ASN C 1241 52.76 7.55 15.18
C ASN C 1241 52.24 8.34 16.36
N PHE C 1242 53.13 9.05 17.05
CA PHE C 1242 52.78 10.07 18.07
C PHE C 1242 52.98 11.43 17.41
N ASN C 1243 51.91 12.21 17.25
CA ASN C 1243 51.89 13.53 16.57
C ASN C 1243 51.33 14.54 17.56
N PRO C 1244 52.21 15.21 18.34
CA PRO C 1244 51.74 16.11 19.39
C PRO C 1244 51.06 17.41 18.90
N ASP C 1245 50.99 17.63 17.59
CA ASP C 1245 50.29 18.81 17.00
C ASP C 1245 48.78 18.56 17.01
N ASN C 1246 48.36 17.31 16.95
CA ASN C 1246 46.92 16.91 17.11
C ASN C 1246 46.71 16.51 18.58
N GLY C 1247 46.53 17.48 19.46
CA GLY C 1247 46.50 17.25 20.92
C GLY C 1247 45.35 16.38 21.40
N PHE C 1248 44.23 16.35 20.69
CA PHE C 1248 43.04 15.57 21.12
C PHE C 1248 43.31 14.09 20.95
N ALA C 1249 43.89 13.73 19.80
CA ALA C 1249 44.27 12.36 19.36
C ALA C 1249 45.70 12.43 18.87
N PRO C 1250 46.67 12.40 19.78
CA PRO C 1250 48.09 12.45 19.39
C PRO C 1250 48.59 11.12 18.81
N ILE C 1251 47.96 10.01 19.17
CA ILE C 1251 48.45 8.64 18.80
C ILE C 1251 47.54 8.08 17.71
N SER C 1252 48.16 7.62 16.63
CA SER C 1252 47.53 7.03 15.43
C SER C 1252 48.29 5.76 15.10
N GLU C 1253 47.58 4.66 14.86
CA GLU C 1253 48.24 3.38 14.49
C GLU C 1253 48.77 3.49 13.06
N VAL C 1254 50.00 3.05 12.84
CA VAL C 1254 50.63 2.81 11.51
C VAL C 1254 49.98 1.59 10.85
N MET C 1255 49.12 1.80 9.86
CA MET C 1255 48.39 0.73 9.12
C MET C 1255 49.31 -0.03 8.15
N GLU C 1256 50.35 0.62 7.64
CA GLU C 1256 51.23 0.05 6.58
C GLU C 1256 51.90 -1.20 7.14
N ASP C 1257 51.69 -2.35 6.50
CA ASP C 1257 52.36 -3.64 6.79
C ASP C 1257 51.85 -4.28 8.09
N ARG C 1258 50.88 -3.67 8.78
CA ARG C 1258 50.37 -4.15 10.09
C ARG C 1258 49.99 -5.62 9.95
N ASN C 1259 49.33 -5.99 8.85
CA ASN C 1259 48.88 -7.39 8.56
C ASN C 1259 50.08 -8.29 8.23
N GLN C 1260 51.13 -7.78 7.57
CA GLN C 1260 52.38 -8.55 7.33
C GLN C 1260 53.11 -8.79 8.65
N ARG C 1261 53.14 -7.80 9.54
CA ARG C 1261 53.83 -7.89 10.86
C ARG C 1261 53.10 -8.91 11.72
N ILE C 1262 51.76 -8.92 11.66
CA ILE C 1262 50.93 -9.86 12.45
C ILE C 1262 51.17 -11.28 11.91
N LYS C 1263 51.12 -11.46 10.59
CA LYS C 1263 51.39 -12.75 9.91
C LYS C 1263 52.80 -13.24 10.26
N GLU C 1264 53.79 -12.36 10.31
CA GLU C 1264 55.20 -12.75 10.64
C GLU C 1264 55.25 -13.44 12.01
N MET C 1265 54.42 -13.00 12.96
CA MET C 1265 54.37 -13.57 14.33
C MET C 1265 53.75 -14.95 14.21
N TYR C 1266 52.50 -14.98 13.76
CA TYR C 1266 51.70 -16.22 13.64
C TYR C 1266 52.50 -17.29 12.91
N TRP C 1267 53.24 -16.94 11.86
CA TRP C 1267 54.07 -17.90 11.11
C TRP C 1267 55.08 -18.58 12.05
N LYS C 1268 55.86 -17.81 12.83
CA LYS C 1268 56.85 -18.36 13.80
C LYS C 1268 56.17 -19.26 14.83
N LEU C 1269 54.92 -18.97 15.19
CA LEU C 1269 54.12 -19.78 16.17
C LEU C 1269 53.56 -21.04 15.51
N TRP C 1270 53.20 -21.01 14.23
CA TRP C 1270 52.36 -22.05 13.57
C TRP C 1270 53.14 -22.87 12.54
N ILE C 1271 53.95 -22.23 11.69
CA ILE C 1271 54.62 -22.85 10.50
C ILE C 1271 56.11 -22.96 10.78
N ASP C 1272 56.67 -24.17 10.68
CA ASP C 1272 58.12 -24.44 10.80
C ASP C 1272 58.76 -24.41 9.40
N GLU C 1273 58.75 -23.24 8.74
CA GLU C 1273 59.35 -23.00 7.40
C GLU C 1273 60.05 -21.65 7.42
N PRO C 1274 60.75 -21.24 6.35
CA PRO C 1274 61.13 -19.84 6.14
C PRO C 1274 59.92 -18.94 5.84
N PHE C 1275 59.84 -17.76 6.46
CA PHE C 1275 58.70 -16.82 6.36
C PHE C 1275 58.62 -16.20 4.95
N ASN C 1276 57.68 -16.69 4.14
CA ASN C 1276 57.48 -16.26 2.74
C ASN C 1276 55.98 -16.22 2.45
N LEU C 1277 55.39 -15.04 2.33
CA LEU C 1277 53.94 -14.85 2.04
C LEU C 1277 53.68 -14.83 0.53
N ASP C 1278 54.74 -14.90 -0.29
CA ASP C 1278 54.66 -14.73 -1.76
C ASP C 1278 54.49 -16.12 -2.40
N PHE C 1279 53.29 -16.69 -2.29
CA PHE C 1279 52.88 -17.95 -2.97
C PHE C 1279 51.39 -17.83 -3.34
N ASP C 1280 50.96 -18.70 -4.27
CA ASP C 1280 49.65 -18.57 -4.96
C ASP C 1280 48.61 -19.33 -4.14
N PRO C 1281 47.48 -18.69 -3.73
CA PRO C 1281 46.40 -19.38 -3.04
C PRO C 1281 45.64 -20.42 -3.87
N ARG C 1282 45.85 -20.42 -5.19
CA ARG C 1282 45.37 -21.46 -6.13
C ARG C 1282 46.23 -22.72 -6.01
N ASP C 1283 47.53 -22.57 -5.72
CA ASP C 1283 48.48 -23.72 -5.67
C ASP C 1283 48.13 -24.64 -4.51
N VAL C 1284 48.73 -25.83 -4.52
CA VAL C 1284 48.50 -26.93 -3.55
C VAL C 1284 49.57 -26.85 -2.47
N ILE C 1285 49.16 -26.81 -1.21
CA ILE C 1285 50.06 -26.70 -0.02
C ILE C 1285 50.41 -28.11 0.49
N LYS C 1286 51.71 -28.40 0.55
CA LYS C 1286 52.26 -29.72 0.93
C LYS C 1286 52.75 -29.64 2.37
N GLY C 1287 52.12 -30.37 3.28
CA GLY C 1287 52.62 -30.55 4.66
C GLY C 1287 53.58 -31.72 4.74
N LYS C 1288 54.53 -31.67 5.66
CA LYS C 1288 55.56 -32.74 5.88
C LYS C 1288 54.87 -33.96 6.47
N ASP C 1289 55.53 -35.12 6.39
CA ASP C 1289 54.98 -36.43 6.83
C ASP C 1289 55.02 -36.49 8.35
N PHE C 1290 53.89 -36.84 8.96
CA PHE C 1290 53.65 -36.87 10.41
C PHE C 1290 53.53 -38.35 10.80
N GLU C 1291 54.49 -38.87 11.57
CA GLU C 1291 54.41 -40.24 12.14
C GLU C 1291 53.55 -40.15 13.40
N ILE C 1292 52.50 -40.95 13.48
CA ILE C 1292 51.62 -41.02 14.68
C ILE C 1292 52.30 -41.93 15.70
N THR C 1293 52.55 -41.43 16.91
CA THR C 1293 53.25 -42.14 17.99
C THR C 1293 52.33 -42.26 19.21
N ALA C 1294 52.51 -43.32 19.99
CA ALA C 1294 51.73 -43.60 21.20
C ALA C 1294 51.70 -42.39 22.14
N LYS C 1295 52.83 -41.70 22.30
CA LYS C 1295 52.92 -40.52 23.18
C LYS C 1295 51.98 -39.43 22.67
N GLU C 1296 52.02 -39.12 21.38
CA GLU C 1296 51.22 -38.01 20.78
C GLU C 1296 49.73 -38.30 20.94
N VAL C 1297 49.30 -39.55 20.77
CA VAL C 1297 47.86 -39.98 20.87
C VAL C 1297 47.43 -39.91 22.34
N TYR C 1298 48.29 -40.36 23.26
CA TYR C 1298 48.08 -40.33 24.73
C TYR C 1298 47.85 -38.87 25.14
N ASP C 1299 48.83 -38.02 24.85
CA ASP C 1299 48.78 -36.56 25.16
C ASP C 1299 47.49 -35.96 24.59
N PHE C 1300 47.18 -36.26 23.32
CA PHE C 1300 46.06 -35.66 22.56
C PHE C 1300 44.73 -36.03 23.20
N THR C 1301 44.58 -37.29 23.60
CA THR C 1301 43.31 -37.86 24.12
C THR C 1301 43.05 -37.32 25.53
N HIS C 1302 44.09 -37.13 26.34
CA HIS C 1302 43.97 -36.58 27.73
C HIS C 1302 43.63 -35.10 27.64
N ALA C 1303 44.27 -34.38 26.72
CA ALA C 1303 44.06 -32.93 26.49
C ALA C 1303 42.62 -32.63 26.04
N VAL C 1304 41.91 -33.59 25.44
CA VAL C 1304 40.50 -33.37 24.92
C VAL C 1304 39.49 -34.17 25.75
N GLY C 1305 39.94 -35.05 26.66
CA GLY C 1305 39.06 -35.83 27.54
C GLY C 1305 38.33 -36.95 26.80
N ASN C 1306 39.00 -37.58 25.83
CA ASN C 1306 38.51 -38.70 24.98
C ASN C 1306 39.04 -40.02 25.55
N ASN C 1307 38.26 -40.63 26.43
CA ASN C 1307 38.69 -41.80 27.25
C ASN C 1307 38.15 -43.10 26.62
N CYS C 1308 38.05 -43.14 25.29
CA CYS C 1308 37.63 -44.33 24.51
C CYS C 1308 38.78 -45.34 24.56
N GLU C 1309 38.46 -46.62 24.70
CA GLU C 1309 39.46 -47.69 24.85
C GLU C 1309 40.30 -47.84 23.56
N ASP C 1310 39.75 -47.48 22.39
CA ASP C 1310 40.40 -47.71 21.07
C ASP C 1310 41.76 -47.00 21.04
N PHE C 1311 41.87 -45.86 21.71
CA PHE C 1311 43.04 -44.94 21.69
C PHE C 1311 44.02 -45.20 22.84
N VAL C 1312 43.67 -46.12 23.73
CA VAL C 1312 44.49 -46.49 24.92
C VAL C 1312 45.32 -47.71 24.53
N SER C 1313 46.57 -47.77 25.01
CA SER C 1313 47.48 -48.94 24.81
C SER C 1313 46.98 -50.10 25.66
N ARG C 1314 46.58 -51.19 25.01
CA ARG C 1314 46.20 -52.47 25.67
C ARG C 1314 47.13 -53.56 25.15
N PRO C 1315 47.29 -54.66 25.90
CA PRO C 1315 48.05 -55.80 25.40
C PRO C 1315 47.33 -56.47 24.21
N ASP C 1316 48.09 -56.85 23.18
CA ASP C 1316 47.61 -57.68 22.04
C ASP C 1316 46.48 -56.93 21.31
N ARG C 1317 46.73 -55.68 20.93
CA ARG C 1317 45.73 -54.79 20.29
C ARG C 1317 46.45 -53.55 19.76
N THR C 1318 46.28 -53.26 18.47
CA THR C 1318 46.81 -52.04 17.82
C THR C 1318 46.05 -50.82 18.34
N MET C 1319 46.78 -49.75 18.67
CA MET C 1319 46.21 -48.51 19.24
C MET C 1319 45.86 -47.58 18.07
N LEU C 1320 44.61 -47.15 17.98
CA LEU C 1320 44.14 -46.19 16.94
C LEU C 1320 44.39 -44.77 17.43
N ALA C 1321 44.30 -43.79 16.53
CA ALA C 1321 44.25 -42.34 16.85
C ALA C 1321 42.84 -41.87 16.55
N PRO C 1322 42.31 -40.90 17.31
CA PRO C 1322 40.98 -40.34 17.03
C PRO C 1322 40.98 -39.57 15.70
N MET C 1323 39.84 -39.45 15.02
CA MET C 1323 39.79 -38.69 13.74
C MET C 1323 39.96 -37.18 14.02
N ASP C 1324 39.83 -36.73 15.27
CA ASP C 1324 40.17 -35.35 15.73
C ASP C 1324 41.67 -35.10 15.58
N PHE C 1325 42.49 -36.15 15.64
CA PHE C 1325 43.96 -36.11 15.45
C PHE C 1325 44.32 -35.73 14.02
N ALA C 1326 43.35 -35.68 13.11
CA ALA C 1326 43.59 -35.28 11.72
C ALA C 1326 43.92 -33.79 11.64
N ILE C 1327 43.37 -32.97 12.53
CA ILE C 1327 43.66 -31.50 12.61
C ILE C 1327 45.05 -31.29 13.24
N VAL C 1328 45.56 -32.25 14.02
CA VAL C 1328 46.95 -32.20 14.53
C VAL C 1328 47.90 -32.38 13.35
N VAL C 1329 47.66 -33.38 12.52
CA VAL C 1329 48.52 -33.70 11.35
C VAL C 1329 48.41 -32.56 10.34
N GLY C 1330 47.16 -32.17 10.04
CA GLY C 1330 46.82 -31.30 8.92
C GLY C 1330 47.15 -29.86 9.19
N TRP C 1331 47.12 -29.44 10.45
CA TRP C 1331 47.08 -28.01 10.85
C TRP C 1331 48.10 -27.21 10.04
N ARG C 1332 49.36 -27.60 10.11
CA ARG C 1332 50.51 -26.84 9.58
C ARG C 1332 50.32 -26.56 8.08
N ALA C 1333 49.65 -27.44 7.32
CA ALA C 1333 49.29 -27.23 5.89
C ALA C 1333 48.01 -26.42 5.76
N ILE C 1334 46.95 -26.81 6.46
CA ILE C 1334 45.60 -26.16 6.38
C ILE C 1334 45.70 -24.67 6.73
N ILE C 1335 46.36 -24.30 7.83
CA ILE C 1335 46.37 -22.88 8.29
C ILE C 1335 47.24 -22.06 7.34
N LYS C 1336 48.27 -22.67 6.75
CA LYS C 1336 49.15 -22.03 5.73
C LYS C 1336 48.31 -21.49 4.56
N ALA C 1337 47.09 -21.98 4.36
CA ALA C 1337 46.15 -21.49 3.33
C ALA C 1337 45.73 -20.04 3.55
N ILE C 1338 45.61 -19.55 4.77
CA ILE C 1338 45.12 -18.16 5.03
C ILE C 1338 46.28 -17.15 5.08
N PHE C 1339 47.52 -17.57 4.81
CA PHE C 1339 48.72 -16.70 4.94
C PHE C 1339 48.98 -15.88 3.68
N PRO C 1340 48.89 -16.41 2.44
CA PRO C 1340 49.44 -15.73 1.27
C PRO C 1340 48.97 -14.29 1.05
N ASN C 1341 49.84 -13.42 0.50
CA ASN C 1341 49.63 -11.95 0.34
C ASN C 1341 48.22 -11.61 -0.16
N THR C 1342 47.70 -12.41 -1.12
CA THR C 1342 46.43 -12.18 -1.86
C THR C 1342 45.20 -12.54 -1.00
N VAL C 1343 45.41 -13.22 0.14
CA VAL C 1343 44.39 -13.45 1.20
C VAL C 1343 44.67 -12.49 2.38
N ASP C 1344 45.04 -11.23 2.08
CA ASP C 1344 45.54 -10.23 3.05
C ASP C 1344 44.42 -9.88 4.03
N GLY C 1345 44.57 -10.29 5.29
CA GLY C 1345 43.63 -10.02 6.38
C GLY C 1345 44.33 -9.91 7.73
N ASP C 1346 43.59 -9.41 8.72
CA ASP C 1346 44.05 -9.19 10.12
C ASP C 1346 43.86 -10.51 10.87
N LEU C 1347 44.96 -11.17 11.21
CA LEU C 1347 44.96 -12.56 11.73
C LEU C 1347 44.62 -12.59 13.22
N LEU C 1348 44.56 -11.43 13.87
CA LEU C 1348 44.01 -11.26 15.25
C LEU C 1348 42.48 -11.27 15.18
N LYS C 1349 41.90 -10.82 14.06
CA LYS C 1349 40.43 -10.77 13.83
C LYS C 1349 39.95 -12.01 13.07
N LEU C 1350 40.76 -13.07 12.99
CA LEU C 1350 40.39 -14.36 12.35
C LEU C 1350 39.36 -15.08 13.22
N VAL C 1351 38.44 -15.78 12.58
CA VAL C 1351 37.35 -16.56 13.24
C VAL C 1351 37.34 -17.92 12.55
N HIS C 1352 37.40 -19.00 13.33
CA HIS C 1352 37.19 -20.37 12.81
C HIS C 1352 35.68 -20.58 12.76
N LEU C 1353 35.09 -20.60 11.56
CA LEU C 1353 33.63 -20.72 11.38
C LEU C 1353 33.23 -22.19 11.58
N SER C 1354 33.94 -23.10 10.94
CA SER C 1354 33.48 -24.50 10.82
C SER C 1354 34.66 -25.42 10.55
N ASN C 1355 34.61 -26.60 11.13
CA ASN C 1355 35.61 -27.64 10.84
C ASN C 1355 34.86 -28.94 10.61
N GLY C 1356 35.25 -29.68 9.58
CA GLY C 1356 34.64 -30.98 9.26
C GLY C 1356 35.69 -32.03 8.98
N TYR C 1357 35.40 -33.29 9.30
CA TYR C 1357 36.19 -34.46 8.86
C TYR C 1357 35.28 -35.41 8.08
N LYS C 1358 35.83 -36.07 7.06
CA LYS C 1358 35.11 -37.11 6.31
C LYS C 1358 36.09 -38.21 5.96
N MET C 1359 35.79 -39.43 6.41
CA MET C 1359 36.59 -40.65 6.12
C MET C 1359 36.28 -41.10 4.69
N ILE C 1360 37.32 -41.37 3.91
CA ILE C 1360 37.16 -41.84 2.51
C ILE C 1360 36.69 -43.28 2.56
N PRO C 1361 35.58 -43.65 1.87
CA PRO C 1361 34.98 -44.98 2.03
C PRO C 1361 36.00 -46.11 1.80
N GLY C 1362 35.95 -47.13 2.66
CA GLY C 1362 36.88 -48.26 2.65
C GLY C 1362 38.31 -47.84 2.93
N ALA C 1363 38.50 -46.83 3.78
CA ALA C 1363 39.81 -46.45 4.34
C ALA C 1363 39.74 -46.62 5.85
N LYS C 1364 40.63 -47.46 6.38
CA LYS C 1364 40.72 -47.80 7.81
C LYS C 1364 41.12 -46.55 8.60
N PRO C 1365 40.67 -46.41 9.86
CA PRO C 1365 41.04 -45.24 10.67
C PRO C 1365 42.54 -45.22 11.00
N LEU C 1366 43.05 -44.02 11.32
CA LEU C 1366 44.50 -43.76 11.61
C LEU C 1366 44.94 -44.64 12.76
N GLN C 1367 46.08 -45.32 12.61
CA GLN C 1367 46.67 -46.20 13.65
C GLN C 1367 47.82 -45.46 14.30
N VAL C 1368 48.57 -46.14 15.17
CA VAL C 1368 49.92 -45.71 15.65
C VAL C 1368 50.97 -46.31 14.70
N GLY C 1369 52.06 -45.58 14.49
CA GLY C 1369 53.15 -45.96 13.57
C GLY C 1369 52.84 -45.66 12.12
N ASP C 1370 51.65 -45.15 11.82
CA ASP C 1370 51.27 -44.71 10.45
C ASP C 1370 52.06 -43.46 10.08
N VAL C 1371 52.51 -43.38 8.83
CA VAL C 1371 53.23 -42.21 8.26
C VAL C 1371 52.25 -41.48 7.32
N VAL C 1372 51.68 -40.37 7.79
CA VAL C 1372 50.55 -39.66 7.13
C VAL C 1372 51.06 -38.41 6.43
N SER C 1373 50.77 -38.27 5.15
CA SER C 1373 51.13 -37.08 4.32
C SER C 1373 49.89 -36.23 4.13
N THR C 1374 49.91 -34.99 4.61
CA THR C 1374 48.80 -34.03 4.39
C THR C 1374 49.10 -33.20 3.14
N THR C 1375 48.03 -32.85 2.45
CA THR C 1375 47.96 -31.85 1.36
C THR C 1375 46.80 -30.93 1.71
N ALA C 1376 46.79 -29.72 1.19
CA ALA C 1376 45.70 -28.76 1.40
C ALA C 1376 45.58 -27.90 0.16
N VAL C 1377 44.36 -27.47 -0.14
CA VAL C 1377 44.04 -26.57 -1.28
C VAL C 1377 42.91 -25.68 -0.79
N ILE C 1378 42.86 -24.44 -1.26
CA ILE C 1378 41.74 -23.49 -0.99
C ILE C 1378 40.66 -23.71 -2.05
N GLU C 1379 39.49 -24.16 -1.64
CA GLU C 1379 38.33 -24.33 -2.53
C GLU C 1379 37.81 -22.95 -2.94
N SER C 1380 37.52 -22.10 -1.98
CA SER C 1380 36.91 -20.78 -2.23
C SER C 1380 37.45 -19.78 -1.23
N VAL C 1381 37.78 -18.59 -1.71
CA VAL C 1381 38.07 -17.39 -0.88
C VAL C 1381 37.22 -16.26 -1.45
N VAL C 1382 36.22 -15.81 -0.69
CA VAL C 1382 35.10 -14.97 -1.17
C VAL C 1382 34.94 -13.78 -0.24
N ASN C 1383 34.99 -12.56 -0.78
CA ASN C 1383 34.65 -11.36 0.02
C ASN C 1383 33.14 -11.41 0.24
N GLN C 1384 32.71 -11.58 1.48
CA GLN C 1384 31.32 -11.26 1.91
C GLN C 1384 31.25 -9.76 2.20
N PRO C 1385 30.05 -9.18 2.39
CA PRO C 1385 29.92 -7.82 2.90
C PRO C 1385 30.58 -7.59 4.27
N THR C 1386 30.57 -8.59 5.14
CA THR C 1386 31.04 -8.47 6.54
C THR C 1386 32.50 -8.96 6.71
N GLY C 1387 33.14 -9.52 5.68
CA GLY C 1387 34.51 -10.04 5.77
C GLY C 1387 34.88 -10.99 4.64
N LYS C 1388 35.97 -11.73 4.78
CA LYS C 1388 36.51 -12.62 3.71
C LYS C 1388 36.53 -14.08 4.18
N ILE C 1389 35.66 -14.91 3.62
CA ILE C 1389 35.57 -16.36 3.96
C ILE C 1389 36.61 -17.12 3.13
N VAL C 1390 37.44 -17.93 3.80
CA VAL C 1390 38.40 -18.89 3.19
C VAL C 1390 37.91 -20.31 3.53
N ASP C 1391 37.89 -21.20 2.53
CA ASP C 1391 37.39 -22.58 2.65
C ASP C 1391 38.52 -23.52 2.25
N VAL C 1392 39.16 -24.13 3.23
CA VAL C 1392 40.37 -24.96 3.00
C VAL C 1392 39.93 -26.41 3.11
N VAL C 1393 40.41 -27.23 2.20
CA VAL C 1393 40.09 -28.67 2.09
C VAL C 1393 41.43 -29.38 2.05
N GLY C 1394 41.73 -30.11 3.12
CA GLY C 1394 43.00 -30.80 3.31
C GLY C 1394 42.80 -32.29 3.34
N THR C 1395 43.53 -33.00 2.48
CA THR C 1395 43.47 -34.47 2.34
C THR C 1395 44.66 -35.07 3.08
N LEU C 1396 44.39 -35.91 4.07
CA LEU C 1396 45.39 -36.80 4.71
C LEU C 1396 45.46 -38.08 3.88
N SER C 1397 46.67 -38.49 3.50
CA SER C 1397 46.96 -39.74 2.75
C SER C 1397 47.95 -40.57 3.54
N ARG C 1398 47.91 -41.89 3.37
CA ARG C 1398 48.81 -42.88 4.01
C ARG C 1398 49.10 -44.03 3.03
N ASN C 1399 50.37 -44.35 2.80
CA ASN C 1399 50.80 -45.33 1.77
C ASN C 1399 50.24 -44.88 0.41
N GLY C 1400 50.30 -43.57 0.11
CA GLY C 1400 49.84 -42.98 -1.16
C GLY C 1400 48.33 -42.86 -1.22
N LYS C 1401 47.61 -43.92 -0.84
CA LYS C 1401 46.12 -44.01 -0.81
C LYS C 1401 45.54 -42.99 0.17
N PRO C 1402 44.61 -42.12 -0.26
CA PRO C 1402 44.02 -41.12 0.64
C PRO C 1402 43.04 -41.70 1.69
N VAL C 1403 43.23 -41.27 2.95
CA VAL C 1403 42.55 -41.78 4.16
C VAL C 1403 41.33 -40.91 4.49
N MET C 1404 41.54 -39.62 4.73
CA MET C 1404 40.43 -38.74 5.14
C MET C 1404 40.63 -37.30 4.69
N GLU C 1405 39.54 -36.55 4.80
CA GLU C 1405 39.34 -35.19 4.24
C GLU C 1405 39.00 -34.26 5.40
N VAL C 1406 39.71 -33.15 5.53
CA VAL C 1406 39.49 -32.12 6.59
C VAL C 1406 39.08 -30.84 5.87
N THR C 1407 37.83 -30.42 6.04
CA THR C 1407 37.32 -29.11 5.57
C THR C 1407 37.35 -28.15 6.76
N SER C 1408 37.87 -26.94 6.53
CA SER C 1408 37.96 -25.84 7.52
C SER C 1408 37.50 -24.55 6.85
N SER C 1409 36.62 -23.82 7.48
CA SER C 1409 36.14 -22.52 6.97
C SER C 1409 36.63 -21.43 7.94
N PHE C 1410 37.49 -20.54 7.45
CA PHE C 1410 38.01 -19.37 8.19
C PHE C 1410 37.34 -18.11 7.68
N PHE C 1411 37.28 -17.10 8.54
CA PHE C 1411 36.61 -15.80 8.28
C PHE C 1411 37.53 -14.71 8.80
N TYR C 1412 38.01 -13.85 7.92
CA TYR C 1412 38.70 -12.58 8.26
C TYR C 1412 37.63 -11.50 8.42
N ARG C 1413 37.27 -11.14 9.65
CA ARG C 1413 36.36 -10.00 9.85
C ARG C 1413 37.05 -8.77 9.26
N GLY C 1414 36.30 -7.93 8.55
CA GLY C 1414 36.82 -6.70 7.92
C GLY C 1414 36.02 -6.33 6.70
N ASN C 1415 36.54 -5.40 5.90
CA ASN C 1415 35.89 -4.93 4.64
C ASN C 1415 36.92 -5.00 3.50
N TYR C 1416 36.68 -5.91 2.55
CA TYR C 1416 37.62 -6.32 1.48
C TYR C 1416 36.98 -6.04 0.12
N THR C 1417 37.78 -5.48 -0.79
CA THR C 1417 37.38 -5.05 -2.15
C THR C 1417 38.11 -5.86 -3.22
N ASP C 1418 39.29 -6.39 -2.92
CA ASP C 1418 40.18 -7.14 -3.87
C ASP C 1418 39.45 -8.38 -4.40
N PHE C 1419 38.59 -8.22 -5.41
CA PHE C 1419 37.78 -9.32 -6.00
C PHE C 1419 38.60 -10.08 -7.05
N GLU C 1420 39.72 -9.53 -7.51
CA GLU C 1420 40.61 -10.20 -8.49
C GLU C 1420 41.32 -11.42 -7.86
N ASN C 1421 41.43 -11.47 -6.52
CA ASN C 1421 42.08 -12.57 -5.76
C ASN C 1421 41.03 -13.54 -5.23
N THR C 1422 39.77 -13.14 -5.33
CA THR C 1422 38.57 -13.88 -4.87
C THR C 1422 38.19 -14.87 -5.97
N PHE C 1423 38.00 -16.13 -5.60
CA PHE C 1423 37.38 -17.18 -6.45
C PHE C 1423 36.49 -18.06 -5.57
N GLN C 1424 35.88 -19.11 -6.16
CA GLN C 1424 34.94 -20.01 -5.46
C GLN C 1424 34.67 -21.26 -6.30
N LYS C 1425 34.77 -22.44 -5.69
CA LYS C 1425 34.43 -23.73 -6.34
C LYS C 1425 33.34 -24.44 -5.54
N THR C 1426 32.10 -24.38 -6.04
CA THR C 1426 30.89 -24.99 -5.45
C THR C 1426 30.63 -26.33 -6.15
N VAL C 1427 30.56 -27.41 -5.37
CA VAL C 1427 30.01 -28.71 -5.86
C VAL C 1427 28.49 -28.60 -5.75
N GLU C 1428 27.83 -28.81 -6.86
CA GLU C 1428 26.40 -28.55 -7.01
C GLU C 1428 25.71 -29.81 -6.51
N PRO C 1429 24.45 -29.70 -6.07
CA PRO C 1429 23.67 -30.89 -5.74
C PRO C 1429 23.39 -31.65 -7.04
N VAL C 1430 23.30 -32.98 -6.97
CA VAL C 1430 23.03 -33.84 -8.16
C VAL C 1430 21.57 -33.58 -8.59
N TYR C 1431 21.38 -33.26 -9.86
CA TYR C 1431 20.08 -32.94 -10.48
C TYR C 1431 19.66 -34.12 -11.37
N GLN C 1432 18.37 -34.43 -11.35
CA GLN C 1432 17.80 -35.58 -12.09
C GLN C 1432 16.64 -35.10 -12.96
N MET C 1433 16.70 -35.36 -14.26
CA MET C 1433 15.60 -35.07 -15.21
C MET C 1433 15.06 -36.39 -15.77
N HIS C 1434 13.74 -36.59 -15.69
CA HIS C 1434 13.01 -37.67 -16.40
C HIS C 1434 12.61 -37.09 -17.75
N ILE C 1435 13.26 -37.54 -18.83
CA ILE C 1435 13.00 -37.05 -20.22
C ILE C 1435 11.80 -37.84 -20.77
N LYS C 1436 10.59 -37.29 -20.66
CA LYS C 1436 9.31 -37.96 -21.02
C LYS C 1436 9.03 -37.77 -22.51
N THR C 1437 9.19 -36.54 -23.04
CA THR C 1437 8.67 -36.10 -24.37
C THR C 1437 9.83 -35.69 -25.29
N SER C 1438 9.53 -35.47 -26.56
CA SER C 1438 10.49 -34.97 -27.59
C SER C 1438 10.60 -33.43 -27.50
N LYS C 1439 9.74 -32.79 -26.70
CA LYS C 1439 9.86 -31.36 -26.31
C LYS C 1439 11.03 -31.19 -25.35
N ASP C 1440 11.10 -32.02 -24.30
CA ASP C 1440 12.19 -32.05 -23.28
C ASP C 1440 13.54 -32.35 -23.95
N ILE C 1441 13.57 -33.18 -24.99
CA ILE C 1441 14.82 -33.51 -25.75
C ILE C 1441 15.21 -32.27 -26.56
N ALA C 1442 14.24 -31.58 -27.16
CA ALA C 1442 14.50 -30.43 -28.05
C ALA C 1442 15.09 -29.31 -27.21
N VAL C 1443 14.51 -29.04 -26.05
CA VAL C 1443 15.03 -28.02 -25.08
C VAL C 1443 16.51 -28.34 -24.81
N LEU C 1444 16.82 -29.52 -24.28
CA LEU C 1444 18.20 -29.95 -23.89
C LEU C 1444 19.18 -29.80 -25.06
N ARG C 1445 18.84 -30.28 -26.26
CA ARG C 1445 19.69 -30.12 -27.48
C ARG C 1445 19.88 -28.64 -27.85
N SER C 1446 18.97 -27.76 -27.41
CA SER C 1446 19.05 -26.28 -27.59
C SER C 1446 20.26 -25.72 -26.84
N LYS C 1447 20.54 -26.27 -25.66
CA LYS C 1447 21.59 -25.78 -24.73
C LYS C 1447 22.97 -26.26 -25.22
N GLU C 1448 23.88 -25.32 -25.47
CA GLU C 1448 25.24 -25.57 -26.02
C GLU C 1448 26.05 -26.45 -25.06
N TRP C 1449 25.79 -26.30 -23.76
CA TRP C 1449 26.53 -26.99 -22.68
C TRP C 1449 26.13 -28.46 -22.50
N PHE C 1450 24.98 -28.88 -23.05
CA PHE C 1450 24.51 -30.28 -22.96
C PHE C 1450 25.11 -31.05 -24.13
N GLN C 1451 26.31 -31.57 -23.92
CA GLN C 1451 27.16 -32.16 -24.97
C GLN C 1451 27.23 -33.66 -24.74
N LEU C 1452 26.67 -34.45 -25.66
CA LEU C 1452 26.65 -35.93 -25.60
C LEU C 1452 27.86 -36.53 -26.34
N ASP C 1453 28.37 -37.64 -25.84
CA ASP C 1453 29.46 -38.47 -26.43
C ASP C 1453 29.01 -39.06 -27.78
N ASP C 1454 27.71 -39.39 -27.89
CA ASP C 1454 27.03 -39.93 -29.11
C ASP C 1454 25.77 -39.07 -29.37
N GLU C 1455 25.83 -38.18 -30.38
CA GLU C 1455 24.90 -37.04 -30.62
C GLU C 1455 23.46 -37.54 -30.82
N ASP C 1456 23.29 -38.74 -31.37
CA ASP C 1456 21.97 -39.39 -31.66
C ASP C 1456 21.68 -40.50 -30.63
N PHE C 1457 22.18 -40.38 -29.40
CA PHE C 1457 21.74 -41.17 -28.22
C PHE C 1457 20.25 -40.94 -28.00
N ASP C 1458 19.48 -42.02 -27.80
CA ASP C 1458 18.01 -41.99 -27.63
C ASP C 1458 17.70 -41.58 -26.19
N LEU C 1459 17.31 -40.31 -25.97
CA LEU C 1459 17.07 -39.74 -24.62
C LEU C 1459 15.65 -40.00 -24.16
N LEU C 1460 14.76 -40.50 -25.03
CA LEU C 1460 13.32 -40.59 -24.72
C LEU C 1460 13.09 -41.66 -23.63
N ASN C 1461 12.31 -41.30 -22.60
CA ASN C 1461 11.95 -42.17 -21.45
C ASN C 1461 13.20 -42.57 -20.65
N LYS C 1462 14.28 -41.79 -20.73
CA LYS C 1462 15.50 -41.97 -19.90
C LYS C 1462 15.43 -41.05 -18.67
N THR C 1463 16.22 -41.39 -17.65
CA THR C 1463 16.42 -40.56 -16.43
C THR C 1463 17.89 -40.14 -16.39
N LEU C 1464 18.17 -38.90 -16.78
CA LEU C 1464 19.52 -38.27 -16.75
C LEU C 1464 19.82 -37.74 -15.34
N THR C 1465 21.07 -37.81 -14.91
CA THR C 1465 21.59 -37.20 -13.66
C THR C 1465 22.76 -36.31 -14.00
N PHE C 1466 22.76 -35.06 -13.51
CA PHE C 1466 23.80 -34.04 -13.77
C PHE C 1466 24.59 -33.78 -12.48
N GLU C 1467 25.82 -34.28 -12.45
CA GLU C 1467 26.77 -34.12 -11.32
C GLU C 1467 27.75 -33.03 -11.76
N THR C 1468 27.52 -31.81 -11.27
CA THR C 1468 28.14 -30.57 -11.77
C THR C 1468 29.01 -29.98 -10.66
N GLU C 1469 30.07 -29.26 -11.05
CA GLU C 1469 30.89 -28.36 -10.18
C GLU C 1469 30.97 -26.99 -10.85
N THR C 1470 30.73 -25.91 -10.11
CA THR C 1470 30.80 -24.52 -10.60
C THR C 1470 32.07 -23.82 -10.09
N GLU C 1471 33.08 -23.60 -10.93
CA GLU C 1471 34.18 -22.61 -10.68
C GLU C 1471 33.72 -21.20 -11.08
N VAL C 1472 33.87 -20.23 -10.19
CA VAL C 1472 33.46 -18.81 -10.38
C VAL C 1472 34.59 -17.91 -9.87
N THR C 1473 35.04 -16.95 -10.67
CA THR C 1473 35.84 -15.77 -10.25
C THR C 1473 34.86 -14.59 -10.16
N PHE C 1474 35.24 -13.53 -9.47
CA PHE C 1474 34.38 -12.36 -9.17
C PHE C 1474 34.98 -11.11 -9.83
N LYS C 1475 34.12 -10.20 -10.28
CA LYS C 1475 34.50 -8.85 -10.77
C LYS C 1475 34.09 -7.82 -9.71
N ASN C 1476 32.84 -7.90 -9.26
CA ASN C 1476 32.27 -7.19 -8.09
C ASN C 1476 31.74 -8.25 -7.13
N ALA C 1477 31.00 -7.83 -6.10
CA ALA C 1477 30.34 -8.71 -5.12
C ALA C 1477 29.34 -9.63 -5.84
N ASN C 1478 28.47 -9.04 -6.67
CA ASN C 1478 27.29 -9.70 -7.29
C ASN C 1478 27.72 -10.34 -8.62
N ILE C 1479 28.22 -9.52 -9.53
CA ILE C 1479 28.58 -9.92 -10.92
C ILE C 1479 29.86 -10.75 -10.84
N PHE C 1480 29.84 -11.93 -11.47
CA PHE C 1480 31.04 -12.80 -11.67
C PHE C 1480 31.79 -12.29 -12.89
N SER C 1481 33.06 -12.68 -13.00
CA SER C 1481 33.99 -12.31 -14.10
C SER C 1481 34.23 -13.52 -15.00
N SER C 1482 33.81 -14.69 -14.54
CA SER C 1482 34.06 -16.00 -15.20
C SER C 1482 33.24 -17.03 -14.46
N VAL C 1483 32.38 -17.75 -15.17
CA VAL C 1483 31.63 -18.92 -14.64
C VAL C 1483 32.10 -20.12 -15.43
N LYS C 1484 32.07 -21.29 -14.83
CA LYS C 1484 32.53 -22.55 -15.46
C LYS C 1484 31.91 -23.71 -14.69
N CYS C 1485 30.68 -24.06 -15.07
CA CYS C 1485 29.93 -25.26 -14.61
C CYS C 1485 30.24 -26.42 -15.55
N PHE C 1486 30.73 -27.54 -15.03
CA PHE C 1486 31.13 -28.73 -15.83
C PHE C 1486 30.85 -29.98 -14.98
N GLY C 1487 31.20 -31.15 -15.51
CA GLY C 1487 30.96 -32.44 -14.86
C GLY C 1487 30.07 -33.35 -15.70
N PRO C 1488 30.04 -34.65 -15.39
CA PRO C 1488 29.37 -35.66 -16.20
C PRO C 1488 27.83 -35.64 -16.15
N ILE C 1489 27.24 -36.16 -17.24
CA ILE C 1489 25.78 -36.43 -17.44
C ILE C 1489 25.64 -37.95 -17.53
N LYS C 1490 24.90 -38.53 -16.61
CA LYS C 1490 24.75 -40.00 -16.53
C LYS C 1490 23.31 -40.37 -16.83
N VAL C 1491 23.12 -41.40 -17.66
CA VAL C 1491 21.81 -42.08 -17.85
C VAL C 1491 21.65 -43.18 -16.81
N GLU C 1492 20.44 -43.39 -16.32
CA GLU C 1492 20.05 -44.53 -15.46
C GLU C 1492 19.77 -45.71 -16.38
N LEU C 1493 20.48 -46.81 -16.18
CA LEU C 1493 20.22 -48.10 -16.87
C LEU C 1493 19.05 -48.81 -16.19
N PRO C 1494 18.51 -49.89 -16.80
CA PRO C 1494 17.50 -50.72 -16.15
C PRO C 1494 17.86 -51.32 -14.78
N THR C 1495 19.15 -51.56 -14.53
CA THR C 1495 19.69 -52.10 -13.24
C THR C 1495 19.80 -51.00 -12.19
N LYS C 1496 19.49 -49.75 -12.55
CA LYS C 1496 19.55 -48.53 -11.69
C LYS C 1496 21.00 -48.03 -11.52
N GLU C 1497 21.98 -48.72 -12.10
CA GLU C 1497 23.35 -48.18 -12.27
C GLU C 1497 23.26 -46.95 -13.18
N THR C 1498 24.20 -46.01 -13.06
CA THR C 1498 24.34 -44.81 -13.93
C THR C 1498 25.63 -44.96 -14.75
N VAL C 1499 25.57 -44.63 -16.04
CA VAL C 1499 26.72 -44.66 -16.98
C VAL C 1499 26.83 -43.26 -17.61
N GLU C 1500 28.05 -42.75 -17.71
CA GLU C 1500 28.37 -41.41 -18.27
C GLU C 1500 28.15 -41.46 -19.79
N ILE C 1501 27.23 -40.63 -20.29
CA ILE C 1501 26.85 -40.50 -21.73
C ILE C 1501 27.14 -39.09 -22.24
N GLY C 1502 27.69 -38.20 -21.40
CA GLY C 1502 27.86 -36.78 -21.75
C GLY C 1502 28.48 -35.94 -20.65
N ILE C 1503 28.78 -34.70 -20.97
CA ILE C 1503 29.39 -33.69 -20.05
C ILE C 1503 28.57 -32.40 -20.16
N VAL C 1504 28.47 -31.69 -19.04
CA VAL C 1504 28.24 -30.24 -19.04
C VAL C 1504 29.59 -29.59 -19.33
N ASP C 1505 29.64 -28.57 -20.18
CA ASP C 1505 30.88 -27.83 -20.55
C ASP C 1505 30.53 -26.35 -20.78
N TYR C 1506 29.68 -25.78 -19.92
CA TYR C 1506 29.41 -24.32 -19.83
C TYR C 1506 30.68 -23.59 -19.43
N GLU C 1507 30.76 -22.31 -19.82
CA GLU C 1507 31.95 -21.44 -19.66
C GLU C 1507 31.61 -20.06 -20.24
N ALA C 1508 31.27 -19.12 -19.37
CA ALA C 1508 30.93 -17.72 -19.70
C ALA C 1508 32.02 -16.78 -19.17
N GLY C 1509 32.14 -15.59 -19.75
CA GLY C 1509 32.83 -14.43 -19.14
C GLY C 1509 31.92 -13.77 -18.11
N ALA C 1510 31.85 -12.45 -18.08
CA ALA C 1510 31.02 -11.70 -17.09
C ALA C 1510 29.59 -12.25 -17.14
N SER C 1511 28.94 -12.39 -15.98
CA SER C 1511 27.63 -13.10 -15.79
C SER C 1511 27.06 -12.71 -14.44
N HIS C 1512 25.74 -12.78 -14.26
CA HIS C 1512 25.05 -12.40 -12.99
C HIS C 1512 24.61 -13.68 -12.26
N GLY C 1513 24.88 -14.85 -12.83
CA GLY C 1513 24.30 -16.13 -12.39
C GLY C 1513 24.80 -17.28 -13.23
N ASN C 1514 24.43 -18.50 -12.81
CA ASN C 1514 24.78 -19.77 -13.49
C ASN C 1514 23.51 -20.29 -14.15
N PRO C 1515 23.38 -20.19 -15.51
CA PRO C 1515 22.17 -20.63 -16.20
C PRO C 1515 21.97 -22.14 -16.16
N VAL C 1516 23.08 -22.89 -16.05
CA VAL C 1516 23.03 -24.37 -16.04
C VAL C 1516 22.23 -24.80 -14.81
N VAL C 1517 22.65 -24.37 -13.63
CA VAL C 1517 21.98 -24.75 -12.35
C VAL C 1517 20.56 -24.16 -12.33
N ASP C 1518 20.35 -22.97 -12.89
CA ASP C 1518 19.01 -22.34 -12.92
C ASP C 1518 18.08 -23.22 -13.77
N PHE C 1519 18.59 -23.73 -14.90
CA PHE C 1519 17.87 -24.69 -15.78
C PHE C 1519 17.55 -25.96 -14.99
N LEU C 1520 18.60 -26.67 -14.55
CA LEU C 1520 18.47 -27.98 -13.88
C LEU C 1520 17.57 -27.89 -12.64
N LYS C 1521 17.49 -26.75 -11.94
CA LYS C 1521 16.57 -26.61 -10.76
C LYS C 1521 15.12 -26.61 -11.25
N ARG C 1522 14.78 -25.67 -12.14
CA ARG C 1522 13.42 -25.49 -12.71
C ARG C 1522 12.94 -26.84 -13.25
N ASN C 1523 13.70 -27.44 -14.16
CA ASN C 1523 13.28 -28.62 -14.95
C ASN C 1523 13.48 -29.93 -14.17
N GLY C 1524 14.64 -30.10 -13.55
CA GLY C 1524 14.98 -31.34 -12.82
C GLY C 1524 14.40 -31.39 -11.42
N SER C 1525 14.97 -32.29 -10.61
CA SER C 1525 14.75 -32.43 -9.15
C SER C 1525 16.10 -32.75 -8.48
N THR C 1526 16.28 -32.33 -7.23
CA THR C 1526 17.53 -32.58 -6.44
C THR C 1526 17.50 -34.03 -5.93
N LEU C 1527 18.60 -34.75 -6.09
CA LEU C 1527 18.83 -36.07 -5.47
C LEU C 1527 19.52 -35.84 -4.14
N GLU C 1528 18.73 -35.72 -3.07
CA GLU C 1528 19.23 -35.51 -1.70
C GLU C 1528 19.68 -36.88 -1.15
N GLN C 1529 20.88 -36.94 -0.59
CA GLN C 1529 21.48 -38.18 -0.01
C GLN C 1529 21.00 -38.38 1.43
N LYS C 1530 20.84 -37.29 2.18
CA LYS C 1530 20.36 -37.33 3.59
C LYS C 1530 18.84 -37.42 3.60
N VAL C 1531 18.31 -38.51 4.13
CA VAL C 1531 16.85 -38.67 4.36
C VAL C 1531 16.58 -38.52 5.85
N ASN C 1532 15.72 -37.57 6.22
CA ASN C 1532 15.27 -37.33 7.62
C ASN C 1532 14.30 -38.41 8.05
N LEU C 1533 14.46 -38.92 9.27
CA LEU C 1533 13.48 -39.83 9.93
C LEU C 1533 12.18 -39.06 10.12
N GLU C 1534 11.06 -39.76 10.31
CA GLU C 1534 9.75 -39.09 10.52
C GLU C 1534 9.86 -38.21 11.78
N ASN C 1535 10.49 -38.72 12.84
CA ASN C 1535 10.77 -37.97 14.09
C ASN C 1535 12.22 -38.16 14.50
N PRO C 1536 12.88 -37.11 15.04
CA PRO C 1536 14.19 -37.30 15.66
C PRO C 1536 14.09 -38.24 16.86
N ILE C 1537 15.16 -38.99 17.11
CA ILE C 1537 15.29 -39.93 18.25
C ILE C 1537 16.31 -39.34 19.22
N PRO C 1538 15.90 -38.79 20.38
CA PRO C 1538 16.87 -38.29 21.37
C PRO C 1538 17.78 -39.43 21.83
N ILE C 1539 19.08 -39.14 21.93
CA ILE C 1539 20.13 -40.12 22.31
C ILE C 1539 20.57 -39.82 23.75
N ALA C 1540 20.89 -38.56 24.04
CA ALA C 1540 21.49 -38.17 25.34
C ALA C 1540 21.54 -36.66 25.42
N VAL C 1541 21.58 -36.13 26.65
CA VAL C 1541 21.91 -34.70 26.94
C VAL C 1541 23.00 -34.67 28.01
N LEU C 1542 24.21 -34.31 27.60
CA LEU C 1542 25.47 -34.60 28.31
C LEU C 1542 26.14 -33.30 28.71
N ASP C 1543 26.80 -33.29 29.87
CA ASP C 1543 27.53 -32.12 30.42
C ASP C 1543 29.04 -32.35 30.22
N SER C 1544 29.70 -31.36 29.61
CA SER C 1544 31.15 -31.32 29.37
C SER C 1544 31.67 -30.02 29.98
N TYR C 1545 32.94 -29.99 30.36
CA TYR C 1545 33.61 -28.83 30.99
C TYR C 1545 34.82 -28.44 30.14
N THR C 1546 34.94 -27.17 29.77
CA THR C 1546 36.17 -26.61 29.17
C THR C 1546 37.25 -26.51 30.24
N PRO C 1547 38.52 -26.78 29.92
CA PRO C 1547 39.56 -26.92 30.94
C PRO C 1547 39.94 -25.54 31.49
N SER C 1548 40.65 -25.48 32.62
CA SER C 1548 41.07 -24.22 33.30
C SER C 1548 42.03 -23.43 32.39
N THR C 1549 42.94 -24.12 31.72
CA THR C 1549 43.96 -23.53 30.82
C THR C 1549 43.84 -24.13 29.42
N ASN C 1550 44.25 -23.38 28.41
CA ASN C 1550 44.26 -23.83 27.01
C ASN C 1550 45.70 -24.21 26.61
N GLU C 1551 46.64 -24.27 27.54
CA GLU C 1551 48.04 -24.64 27.21
C GLU C 1551 48.19 -26.15 26.96
N PRO C 1552 47.45 -27.07 27.64
CA PRO C 1552 47.59 -28.50 27.39
C PRO C 1552 47.13 -28.90 25.98
N TYR C 1553 46.03 -28.32 25.50
CA TYR C 1553 45.52 -28.54 24.12
C TYR C 1553 46.47 -27.87 23.13
N ALA C 1554 46.91 -26.64 23.40
CA ALA C 1554 47.88 -25.92 22.52
C ALA C 1554 49.11 -26.80 22.27
N ARG C 1555 49.64 -27.47 23.28
CA ARG C 1555 50.92 -28.23 23.16
C ARG C 1555 50.75 -29.36 22.14
N VAL C 1556 49.65 -30.11 22.24
CA VAL C 1556 49.39 -31.33 21.42
C VAL C 1556 49.00 -30.93 19.99
N SER C 1557 48.03 -30.03 19.85
CA SER C 1557 47.43 -29.59 18.57
C SER C 1557 48.44 -28.80 17.71
N GLY C 1558 49.32 -28.03 18.36
CA GLY C 1558 50.28 -27.14 17.67
C GLY C 1558 49.70 -25.77 17.40
N ASP C 1559 48.43 -25.55 17.73
CA ASP C 1559 47.74 -24.23 17.63
C ASP C 1559 48.19 -23.36 18.80
N LEU C 1560 49.30 -22.64 18.60
CA LEU C 1560 49.92 -21.74 19.62
C LEU C 1560 49.35 -20.33 19.49
N ASN C 1561 48.14 -20.17 18.94
CA ASN C 1561 47.47 -18.86 18.81
C ASN C 1561 47.50 -18.20 20.18
N PRO C 1562 48.16 -17.04 20.32
CA PRO C 1562 48.25 -16.37 21.61
C PRO C 1562 46.90 -16.11 22.28
N ILE C 1563 45.83 -15.84 21.52
CA ILE C 1563 44.54 -15.40 22.12
C ILE C 1563 44.04 -16.46 23.12
N HIS C 1564 44.45 -17.72 22.99
CA HIS C 1564 43.99 -18.84 23.86
C HIS C 1564 44.80 -18.93 25.16
N VAL C 1565 45.93 -18.25 25.26
CA VAL C 1565 46.90 -18.47 26.37
C VAL C 1565 47.27 -17.13 27.03
N SER C 1566 47.65 -16.13 26.24
CA SER C 1566 48.06 -14.79 26.73
C SER C 1566 46.82 -13.90 26.94
N ARG C 1567 46.66 -13.38 28.15
CA ARG C 1567 45.60 -12.41 28.53
C ARG C 1567 45.76 -11.12 27.72
N HIS C 1568 46.99 -10.71 27.39
CA HIS C 1568 47.22 -9.38 26.71
C HIS C 1568 46.70 -9.45 25.28
N PHE C 1569 47.09 -10.48 24.53
CA PHE C 1569 46.63 -10.75 23.14
C PHE C 1569 45.11 -10.92 23.09
N ALA C 1570 44.49 -11.50 24.11
CA ALA C 1570 43.02 -11.70 24.12
C ALA C 1570 42.36 -10.33 24.29
N SER C 1571 42.86 -9.51 25.22
CA SER C 1571 42.37 -8.14 25.49
C SER C 1571 42.54 -7.28 24.24
N TYR C 1572 43.68 -7.43 23.55
CA TYR C 1572 44.02 -6.63 22.34
C TYR C 1572 43.04 -6.94 21.20
N ALA C 1573 42.62 -8.19 21.06
CA ALA C 1573 41.68 -8.67 20.03
C ALA C 1573 40.20 -8.50 20.47
N ASN C 1574 39.92 -7.81 21.58
CA ASN C 1574 38.55 -7.49 22.07
C ASN C 1574 37.79 -8.76 22.51
N LEU C 1575 38.50 -9.86 22.78
CA LEU C 1575 37.87 -11.12 23.21
C LEU C 1575 37.53 -11.01 24.69
N PRO C 1576 36.52 -11.76 25.18
CA PRO C 1576 36.12 -11.69 26.59
C PRO C 1576 37.08 -12.34 27.61
N GLY C 1577 38.26 -12.79 27.18
CA GLY C 1577 39.28 -13.45 28.01
C GLY C 1577 39.96 -14.52 27.17
N THR C 1578 40.90 -15.28 27.75
CA THR C 1578 41.68 -16.29 27.01
C THR C 1578 40.73 -17.43 26.61
N ILE C 1579 40.05 -17.30 25.46
CA ILE C 1579 38.93 -18.20 25.03
C ILE C 1579 39.42 -19.63 24.81
N THR C 1580 38.54 -20.60 24.99
CA THR C 1580 38.82 -22.04 24.72
C THR C 1580 38.94 -22.21 23.20
N HIS C 1581 40.04 -22.81 22.74
CA HIS C 1581 40.18 -23.29 21.35
C HIS C 1581 38.85 -23.90 20.88
N GLY C 1582 38.30 -23.40 19.78
CA GLY C 1582 37.12 -24.01 19.14
C GLY C 1582 37.38 -25.49 18.93
N MET C 1583 38.54 -25.81 18.35
CA MET C 1583 38.92 -27.21 17.96
C MET C 1583 38.94 -28.14 19.18
N PHE C 1584 39.10 -27.61 20.40
CA PHE C 1584 39.00 -28.41 21.64
C PHE C 1584 37.53 -28.75 21.90
N SER C 1585 36.65 -27.76 21.77
CA SER C 1585 35.19 -27.97 21.95
C SER C 1585 34.75 -29.04 20.95
N SER C 1586 35.15 -28.90 19.68
CA SER C 1586 34.88 -29.87 18.58
C SER C 1586 35.27 -31.26 19.06
N ALA C 1587 36.55 -31.48 19.37
CA ALA C 1587 37.13 -32.78 19.77
C ALA C 1587 36.42 -33.35 21.00
N SER C 1588 36.11 -32.51 21.98
CA SER C 1588 35.50 -32.93 23.26
C SER C 1588 34.08 -33.43 22.98
N VAL C 1589 33.33 -32.70 22.16
CA VAL C 1589 31.94 -33.05 21.77
C VAL C 1589 32.01 -34.35 20.95
N ARG C 1590 32.94 -34.45 20.01
CA ARG C 1590 33.01 -35.66 19.15
C ARG C 1590 33.29 -36.90 19.99
N ALA C 1591 33.99 -36.75 21.11
CA ALA C 1591 34.28 -37.84 22.07
C ALA C 1591 32.99 -38.30 22.79
N LEU C 1592 32.02 -37.41 22.98
CA LEU C 1592 30.68 -37.79 23.55
C LEU C 1592 29.86 -38.50 22.48
N ILE C 1593 29.82 -37.95 21.27
CA ILE C 1593 29.14 -38.54 20.07
C ILE C 1593 29.67 -39.95 19.87
N GLU C 1594 30.98 -40.11 19.94
CA GLU C 1594 31.69 -41.40 19.75
C GLU C 1594 31.32 -42.36 20.89
N ASN C 1595 31.12 -41.84 22.11
CA ASN C 1595 30.78 -42.69 23.28
C ASN C 1595 29.33 -43.17 23.19
N TRP C 1596 28.40 -42.33 22.73
CA TRP C 1596 26.93 -42.47 22.97
C TRP C 1596 26.16 -42.88 21.71
N ALA C 1597 26.52 -42.34 20.55
CA ALA C 1597 25.89 -42.65 19.25
C ALA C 1597 26.61 -43.85 18.61
N ALA C 1598 27.92 -43.96 18.79
CA ALA C 1598 28.72 -45.07 18.23
C ALA C 1598 28.96 -46.19 19.27
N ASP C 1599 28.32 -46.13 20.45
CA ASP C 1599 28.52 -47.08 21.57
C ASP C 1599 30.02 -47.37 21.71
N SER C 1600 30.84 -46.31 21.79
CA SER C 1600 32.29 -46.32 22.10
C SER C 1600 33.05 -47.23 21.12
N VAL C 1601 32.64 -47.22 19.86
CA VAL C 1601 33.37 -47.86 18.72
C VAL C 1601 33.82 -46.72 17.80
N SER C 1602 35.08 -46.34 17.84
CA SER C 1602 35.63 -45.19 17.08
C SER C 1602 35.41 -45.40 15.57
N SER C 1603 35.64 -46.61 15.08
CA SER C 1603 35.54 -47.01 13.66
C SER C 1603 34.19 -46.60 13.05
N ARG C 1604 33.11 -46.70 13.82
CA ARG C 1604 31.74 -46.38 13.38
C ARG C 1604 31.61 -44.91 13.01
N VAL C 1605 32.44 -44.02 13.53
CA VAL C 1605 32.33 -42.56 13.23
C VAL C 1605 33.07 -42.30 11.93
N ARG C 1606 32.36 -41.76 10.95
CA ARG C 1606 32.86 -41.66 9.55
C ARG C 1606 32.91 -40.22 9.08
N GLY C 1607 31.99 -39.40 9.54
CA GLY C 1607 32.00 -37.96 9.30
C GLY C 1607 31.66 -37.22 10.57
N TYR C 1608 32.17 -36.01 10.68
CA TYR C 1608 31.88 -35.10 11.80
C TYR C 1608 32.11 -33.70 11.31
N THR C 1609 31.09 -32.84 11.31
CA THR C 1609 31.22 -31.39 11.00
C THR C 1609 30.66 -30.65 12.19
N CYS C 1610 31.38 -29.65 12.71
CA CYS C 1610 30.84 -28.70 13.69
C CYS C 1610 31.01 -27.27 13.17
N GLN C 1611 29.99 -26.45 13.36
CA GLN C 1611 30.01 -24.98 13.24
C GLN C 1611 30.32 -24.44 14.63
N PHE C 1612 31.29 -23.52 14.71
CA PHE C 1612 31.63 -22.73 15.92
C PHE C 1612 30.75 -21.49 15.95
N VAL C 1613 29.60 -21.62 16.60
CA VAL C 1613 28.54 -20.57 16.64
C VAL C 1613 29.01 -19.40 17.48
N ASP C 1614 29.58 -19.66 18.65
CA ASP C 1614 29.95 -18.63 19.66
C ASP C 1614 31.20 -19.06 20.43
N MET C 1615 31.83 -18.12 21.13
CA MET C 1615 33.11 -18.32 21.85
C MET C 1615 32.81 -18.82 23.26
N VAL C 1616 33.73 -19.62 23.80
CA VAL C 1616 33.65 -20.20 25.16
C VAL C 1616 34.88 -19.79 25.96
N LEU C 1617 34.68 -19.46 27.24
CA LEU C 1617 35.76 -19.16 28.22
C LEU C 1617 36.13 -20.44 28.97
N PRO C 1618 37.37 -20.53 29.51
CA PRO C 1618 37.76 -21.70 30.31
C PRO C 1618 36.89 -21.83 31.57
N ASN C 1619 36.72 -23.06 32.06
CA ASN C 1619 35.85 -23.43 33.22
C ASN C 1619 34.42 -23.02 32.88
N THR C 1620 33.89 -23.52 31.76
CA THR C 1620 32.49 -23.30 31.33
C THR C 1620 31.80 -24.66 31.22
N ALA C 1621 30.62 -24.77 31.81
CA ALA C 1621 29.75 -25.96 31.81
C ALA C 1621 28.94 -25.95 30.52
N LEU C 1622 29.28 -26.85 29.60
CA LEU C 1622 28.58 -27.06 28.31
C LEU C 1622 27.58 -28.20 28.46
N LYS C 1623 26.48 -28.13 27.71
CA LYS C 1623 25.35 -29.09 27.72
C LYS C 1623 25.02 -29.44 26.27
N THR C 1624 25.39 -30.65 25.86
CA THR C 1624 25.35 -31.15 24.47
C THR C 1624 24.15 -32.09 24.29
N SER C 1625 23.09 -31.64 23.63
CA SER C 1625 21.92 -32.48 23.25
C SER C 1625 22.28 -33.19 21.94
N ILE C 1626 22.15 -34.52 21.91
CA ILE C 1626 22.49 -35.37 20.73
C ILE C 1626 21.20 -36.06 20.27
N GLN C 1627 20.88 -35.98 18.99
CA GLN C 1627 19.65 -36.54 18.37
C GLN C 1627 20.05 -37.32 17.14
N HIS C 1628 19.42 -38.48 16.90
CA HIS C 1628 19.48 -39.23 15.62
C HIS C 1628 18.36 -38.71 14.75
N VAL C 1629 18.71 -38.01 13.69
CA VAL C 1629 17.77 -37.14 12.93
C VAL C 1629 17.36 -37.81 11.63
N GLY C 1630 18.31 -38.46 10.96
CA GLY C 1630 18.15 -38.96 9.59
C GLY C 1630 19.15 -40.02 9.28
N MET C 1631 19.16 -40.47 8.03
CA MET C 1631 20.10 -41.49 7.52
C MET C 1631 20.80 -40.93 6.29
N ILE C 1632 21.88 -41.58 5.87
CA ILE C 1632 22.63 -41.27 4.62
C ILE C 1632 23.49 -42.47 4.27
N ASN C 1633 23.14 -43.22 3.23
CA ASN C 1633 23.95 -44.36 2.72
C ASN C 1633 24.20 -45.36 3.85
N GLY C 1634 23.14 -45.64 4.60
CA GLY C 1634 23.18 -46.62 5.71
C GLY C 1634 24.09 -46.16 6.83
N ARG C 1635 24.20 -44.84 7.01
CA ARG C 1635 24.91 -44.21 8.13
C ARG C 1635 23.87 -43.38 8.88
N LYS C 1636 23.83 -43.55 10.20
CA LYS C 1636 22.99 -42.70 11.08
C LYS C 1636 23.53 -41.28 10.98
N LEU C 1637 22.62 -40.30 10.98
CA LEU C 1637 22.97 -38.87 10.88
C LEU C 1637 22.62 -38.19 12.21
N ILE C 1638 23.61 -37.99 13.07
CA ILE C 1638 23.37 -37.49 14.45
C ILE C 1638 23.64 -35.99 14.47
N LYS C 1639 22.62 -35.14 14.64
CA LYS C 1639 22.80 -33.69 14.86
C LYS C 1639 22.97 -33.46 16.35
N PHE C 1640 23.93 -32.62 16.72
CA PHE C 1640 24.12 -32.15 18.12
C PHE C 1640 24.01 -30.62 18.18
N GLU C 1641 23.98 -30.15 19.41
CA GLU C 1641 23.82 -28.72 19.77
C GLU C 1641 24.32 -28.59 21.22
N THR C 1642 25.33 -27.76 21.41
CA THR C 1642 25.96 -27.50 22.72
C THR C 1642 25.56 -26.10 23.17
N ARG C 1643 25.23 -25.93 24.43
CA ARG C 1643 24.86 -24.61 25.00
C ARG C 1643 25.61 -24.45 26.32
N ASN C 1644 25.96 -23.21 26.66
CA ASN C 1644 26.65 -22.85 27.92
C ASN C 1644 25.56 -22.55 28.97
N GLU C 1645 25.95 -22.08 30.17
CA GLU C 1645 25.06 -21.88 31.35
C GLU C 1645 23.92 -20.91 31.02
N ASP C 1646 24.13 -20.00 30.05
CA ASP C 1646 23.12 -18.98 29.63
C ASP C 1646 22.18 -19.53 28.54
N ASP C 1647 22.14 -20.85 28.32
CA ASP C 1647 21.37 -21.53 27.23
C ASP C 1647 21.60 -20.81 25.89
N VAL C 1648 22.84 -20.40 25.63
CA VAL C 1648 23.29 -19.79 24.34
C VAL C 1648 23.96 -20.92 23.54
N VAL C 1649 23.61 -21.08 22.27
CA VAL C 1649 24.21 -22.14 21.40
C VAL C 1649 25.65 -21.75 21.09
N VAL C 1650 26.57 -22.72 21.19
CA VAL C 1650 28.04 -22.54 21.10
C VAL C 1650 28.62 -23.40 20.00
N LEU C 1651 28.23 -24.67 19.95
CA LEU C 1651 28.48 -25.59 18.82
C LEU C 1651 27.16 -26.11 18.30
N THR C 1652 27.06 -26.22 16.99
CA THR C 1652 26.14 -27.13 16.29
C THR C 1652 27.03 -28.10 15.52
N GLY C 1653 26.45 -29.17 15.02
CA GLY C 1653 27.13 -30.01 14.03
C GLY C 1653 26.29 -31.21 13.70
N GLU C 1654 26.82 -32.07 12.84
CA GLU C 1654 26.31 -33.45 12.68
C GLU C 1654 27.48 -34.40 12.56
N ALA C 1655 27.21 -35.66 12.84
CA ALA C 1655 28.13 -36.78 12.65
C ALA C 1655 27.42 -37.85 11.83
N GLU C 1656 28.19 -38.71 11.19
CA GLU C 1656 27.70 -39.84 10.38
C GLU C 1656 28.28 -41.10 11.03
N ILE C 1657 27.43 -41.85 11.71
CA ILE C 1657 27.83 -43.10 12.42
C ILE C 1657 27.36 -44.24 11.53
N GLU C 1658 28.24 -45.18 11.19
CA GLU C 1658 27.85 -46.46 10.58
C GLU C 1658 26.88 -47.18 11.52
N GLN C 1659 25.95 -47.94 10.95
CA GLN C 1659 25.09 -48.88 11.70
C GLN C 1659 25.94 -50.05 12.15
N PRO C 1660 25.48 -50.84 13.15
CA PRO C 1660 26.16 -52.07 13.54
C PRO C 1660 26.28 -53.06 12.37
N VAL C 1661 27.34 -53.86 12.36
CA VAL C 1661 27.61 -54.83 11.26
C VAL C 1661 26.30 -55.55 10.95
N THR C 1662 25.78 -55.35 9.74
CA THR C 1662 24.43 -55.80 9.31
C THR C 1662 24.59 -56.90 8.27
N THR C 1663 23.69 -57.89 8.28
CA THR C 1663 23.50 -58.83 7.14
C THR C 1663 22.02 -58.86 6.76
N PHE C 1664 21.73 -58.99 5.47
CA PHE C 1664 20.36 -59.15 4.92
C PHE C 1664 20.16 -60.62 4.55
N VAL C 1665 19.04 -61.20 4.99
CA VAL C 1665 18.68 -62.60 4.64
C VAL C 1665 17.30 -62.61 3.99
N PHE C 1666 17.24 -63.12 2.76
CA PHE C 1666 16.07 -63.08 1.87
C PHE C 1666 15.39 -64.44 1.90
N THR C 1667 14.10 -64.45 2.22
CA THR C 1667 13.28 -65.66 2.47
C THR C 1667 13.03 -66.39 1.15
N GLY C 1668 13.01 -67.72 1.19
CA GLY C 1668 12.61 -68.59 0.06
C GLY C 1668 11.11 -68.77 -0.01
N GLN C 1669 10.65 -69.85 -0.66
CA GLN C 1669 9.22 -70.15 -0.89
C GLN C 1669 8.56 -70.60 0.41
N GLY C 1670 7.25 -70.88 0.38
CA GLY C 1670 6.44 -71.38 1.51
C GLY C 1670 5.77 -70.24 2.23
N SER C 1671 6.52 -69.16 2.43
CA SER C 1671 6.15 -67.95 3.19
C SER C 1671 5.10 -67.08 2.47
N GLN C 1672 5.01 -67.17 1.14
CA GLN C 1672 4.11 -66.34 0.30
C GLN C 1672 2.67 -66.46 0.80
N GLU C 1673 1.98 -65.33 0.95
CA GLU C 1673 0.56 -65.25 1.40
C GLU C 1673 -0.16 -64.17 0.59
N GLN C 1674 -1.46 -64.35 0.37
CA GLN C 1674 -2.27 -63.39 -0.43
C GLN C 1674 -2.13 -62.01 0.18
N GLY C 1675 -2.02 -60.99 -0.67
CA GLY C 1675 -1.96 -59.57 -0.28
C GLY C 1675 -0.59 -59.20 0.28
N MET C 1676 0.45 -60.01 0.07
CA MET C 1676 1.79 -59.73 0.65
C MET C 1676 2.40 -58.51 -0.04
N GLY C 1677 3.07 -57.66 0.73
CA GLY C 1677 3.81 -56.49 0.23
C GLY C 1677 2.91 -55.43 -0.36
N MET C 1678 1.59 -55.52 -0.15
CA MET C 1678 0.60 -54.60 -0.77
C MET C 1678 0.43 -53.34 0.08
N ASP C 1679 0.55 -53.44 1.41
CA ASP C 1679 0.52 -52.29 2.34
C ASP C 1679 1.63 -51.32 1.98
N LEU C 1680 2.81 -51.86 1.68
CA LEU C 1680 4.00 -51.07 1.24
C LEU C 1680 3.73 -50.47 -0.14
N TYR C 1681 3.14 -51.24 -1.05
CA TYR C 1681 2.80 -50.80 -2.43
C TYR C 1681 1.86 -49.59 -2.42
N LYS C 1682 0.96 -49.47 -1.43
CA LYS C 1682 0.03 -48.33 -1.26
C LYS C 1682 0.81 -47.03 -0.97
N THR C 1683 1.87 -47.11 -0.16
CA THR C 1683 2.58 -45.94 0.45
C THR C 1683 3.87 -45.61 -0.31
N SER C 1684 4.81 -46.56 -0.36
CA SER C 1684 6.19 -46.41 -0.88
C SER C 1684 6.19 -46.15 -2.39
N LYS C 1685 6.84 -45.08 -2.80
CA LYS C 1685 7.11 -44.78 -4.23
C LYS C 1685 8.06 -45.82 -4.83
N ALA C 1686 9.04 -46.29 -4.06
CA ALA C 1686 10.13 -47.17 -4.54
C ALA C 1686 9.62 -48.60 -4.69
N ALA C 1687 8.67 -49.01 -3.85
CA ALA C 1687 7.94 -50.29 -3.99
C ALA C 1687 7.03 -50.21 -5.21
N GLN C 1688 6.24 -49.13 -5.33
CA GLN C 1688 5.37 -48.88 -6.50
C GLN C 1688 6.17 -49.05 -7.79
N ASP C 1689 7.35 -48.45 -7.86
CA ASP C 1689 8.19 -48.49 -9.08
C ASP C 1689 8.57 -49.94 -9.39
N VAL C 1690 8.84 -50.76 -8.38
CA VAL C 1690 9.28 -52.18 -8.57
C VAL C 1690 8.11 -53.01 -9.07
N TRP C 1691 6.98 -52.97 -8.35
CA TRP C 1691 5.74 -53.70 -8.71
C TRP C 1691 5.28 -53.29 -10.10
N ASN C 1692 5.12 -51.99 -10.33
CA ASN C 1692 4.56 -51.45 -11.60
C ASN C 1692 5.46 -51.85 -12.78
N ARG C 1693 6.77 -51.88 -12.62
CA ARG C 1693 7.66 -52.22 -13.74
C ARG C 1693 7.55 -53.70 -14.08
N ALA C 1694 7.42 -54.52 -13.06
CA ALA C 1694 7.25 -55.98 -13.19
C ALA C 1694 5.89 -56.26 -13.81
N ASP C 1695 4.85 -55.67 -13.24
CA ASP C 1695 3.45 -55.93 -13.65
C ASP C 1695 3.28 -55.54 -15.11
N ASN C 1696 3.82 -54.40 -15.53
CA ASN C 1696 3.72 -53.89 -16.94
C ASN C 1696 4.50 -54.83 -17.87
N HIS C 1697 5.57 -55.45 -17.40
CA HIS C 1697 6.33 -56.46 -18.18
C HIS C 1697 5.57 -57.79 -18.26
N PHE C 1698 4.85 -58.17 -17.22
CA PHE C 1698 4.08 -59.45 -17.25
C PHE C 1698 2.83 -59.29 -18.10
N LYS C 1699 2.13 -58.16 -17.98
CA LYS C 1699 0.92 -57.83 -18.79
C LYS C 1699 1.29 -57.80 -20.27
N ASP C 1700 2.38 -57.12 -20.61
CA ASP C 1700 2.78 -56.91 -22.03
C ASP C 1700 3.37 -58.19 -22.61
N THR C 1701 4.03 -59.01 -21.80
CA THR C 1701 4.77 -60.18 -22.33
C THR C 1701 3.94 -61.46 -22.24
N TYR C 1702 3.14 -61.66 -21.19
CA TYR C 1702 2.39 -62.93 -20.97
C TYR C 1702 0.91 -62.68 -20.69
N GLY C 1703 0.43 -61.45 -20.86
CA GLY C 1703 -0.98 -61.08 -20.61
C GLY C 1703 -1.54 -61.59 -19.29
N PHE C 1704 -0.79 -61.46 -18.21
CA PHE C 1704 -1.32 -61.52 -16.83
C PHE C 1704 -0.64 -60.45 -15.99
N SER C 1705 -1.24 -60.13 -14.86
CA SER C 1705 -0.77 -59.14 -13.85
C SER C 1705 -0.32 -59.92 -12.62
N ILE C 1706 0.95 -59.79 -12.27
CA ILE C 1706 1.48 -60.43 -11.04
C ILE C 1706 0.84 -59.73 -9.84
N LEU C 1707 0.57 -58.43 -9.93
CA LEU C 1707 -0.18 -57.68 -8.89
C LEU C 1707 -1.53 -58.37 -8.65
N ASP C 1708 -2.33 -58.56 -9.70
CA ASP C 1708 -3.63 -59.26 -9.60
C ASP C 1708 -3.44 -60.52 -8.72
N ILE C 1709 -2.54 -61.41 -9.13
CA ILE C 1709 -2.36 -62.76 -8.50
C ILE C 1709 -1.94 -62.62 -7.04
N VAL C 1710 -1.22 -61.57 -6.67
CA VAL C 1710 -0.86 -61.32 -5.25
C VAL C 1710 -2.13 -60.87 -4.51
N ILE C 1711 -2.95 -60.03 -5.12
CA ILE C 1711 -4.01 -59.26 -4.39
C ILE C 1711 -5.20 -60.17 -4.15
N ASN C 1712 -5.76 -60.71 -5.23
CA ASN C 1712 -7.05 -61.44 -5.25
C ASN C 1712 -6.84 -62.95 -5.51
N ASN C 1713 -5.58 -63.42 -5.62
CA ASN C 1713 -5.19 -64.86 -5.65
C ASN C 1713 -6.26 -65.72 -6.33
N PRO C 1714 -6.36 -65.69 -7.68
CA PRO C 1714 -7.37 -66.46 -8.39
C PRO C 1714 -6.97 -67.94 -8.40
N VAL C 1715 -7.97 -68.82 -8.44
CA VAL C 1715 -7.76 -70.30 -8.51
C VAL C 1715 -7.30 -70.68 -9.92
N ASN C 1716 -8.00 -70.20 -10.95
CA ASN C 1716 -7.62 -70.36 -12.38
C ASN C 1716 -7.45 -69.00 -13.03
N LEU C 1717 -6.53 -68.94 -13.98
CA LEU C 1717 -6.22 -67.74 -14.79
C LEU C 1717 -6.15 -68.15 -16.25
N THR C 1718 -6.99 -67.56 -17.08
CA THR C 1718 -7.13 -67.89 -18.52
C THR C 1718 -6.52 -66.75 -19.33
N ILE C 1719 -5.45 -67.02 -20.04
CA ILE C 1719 -4.82 -66.02 -20.94
C ILE C 1719 -5.50 -66.19 -22.29
N HIS C 1720 -5.93 -65.09 -22.91
CA HIS C 1720 -6.63 -65.10 -24.21
C HIS C 1720 -5.69 -64.52 -25.27
N PHE C 1721 -5.53 -65.21 -26.41
CA PHE C 1721 -4.61 -64.80 -27.51
C PHE C 1721 -5.40 -64.17 -28.67
N GLY C 1722 -6.51 -63.49 -28.36
CA GLY C 1722 -7.33 -62.76 -29.34
C GLY C 1722 -6.71 -61.45 -29.73
N GLY C 1723 -6.67 -61.15 -31.03
CA GLY C 1723 -6.27 -59.84 -31.57
C GLY C 1723 -4.81 -59.83 -31.91
N GLU C 1724 -4.28 -58.68 -32.34
CA GLU C 1724 -2.83 -58.47 -32.58
C GLU C 1724 -2.07 -58.68 -31.27
N LYS C 1725 -2.54 -58.06 -30.18
CA LYS C 1725 -1.90 -58.10 -28.84
C LYS C 1725 -1.77 -59.57 -28.40
N GLY C 1726 -2.88 -60.29 -28.39
CA GLY C 1726 -2.97 -61.70 -28.00
C GLY C 1726 -2.04 -62.60 -28.81
N LYS C 1727 -1.89 -62.37 -30.11
CA LYS C 1727 -1.02 -63.19 -30.99
C LYS C 1727 0.44 -63.01 -30.57
N ARG C 1728 0.85 -61.78 -30.23
CA ARG C 1728 2.24 -61.48 -29.76
C ARG C 1728 2.45 -62.23 -28.44
N ILE C 1729 1.51 -62.12 -27.51
CA ILE C 1729 1.57 -62.79 -26.18
C ILE C 1729 1.70 -64.29 -26.40
N ARG C 1730 0.99 -64.84 -27.37
CA ARG C 1730 1.08 -66.30 -27.66
C ARG C 1730 2.45 -66.66 -28.25
N GLU C 1731 3.06 -65.81 -29.10
CA GLU C 1731 4.42 -66.05 -29.66
C GLU C 1731 5.43 -66.17 -28.50
N ASN C 1732 5.33 -65.23 -27.54
CA ASN C 1732 6.14 -65.20 -26.29
C ASN C 1732 5.96 -66.49 -25.50
N TYR C 1733 4.75 -67.06 -25.43
CA TYR C 1733 4.47 -68.32 -24.68
C TYR C 1733 5.00 -69.53 -25.44
N SER C 1734 5.11 -69.43 -26.76
CA SER C 1734 5.62 -70.50 -27.65
C SER C 1734 7.15 -70.45 -27.68
N ALA C 1735 7.72 -69.23 -27.65
CA ALA C 1735 9.18 -68.96 -27.60
C ALA C 1735 9.83 -69.51 -26.32
N MET C 1736 9.07 -69.79 -25.25
CA MET C 1736 9.63 -70.30 -23.96
C MET C 1736 10.01 -71.78 -24.14
N ILE C 1737 11.29 -71.99 -24.46
CA ILE C 1737 11.90 -73.30 -24.89
C ILE C 1737 13.10 -73.61 -24.01
N PHE C 1738 13.38 -74.89 -23.79
CA PHE C 1738 14.63 -75.41 -23.17
C PHE C 1738 15.71 -75.56 -24.24
N GLU C 1739 16.73 -74.69 -24.23
CA GLU C 1739 17.91 -74.78 -25.14
C GLU C 1739 18.93 -75.75 -24.52
N THR C 1740 18.60 -77.05 -24.49
CA THR C 1740 19.49 -78.15 -24.04
C THR C 1740 20.53 -78.40 -25.14
N ILE C 1741 21.69 -78.95 -24.77
CA ILE C 1741 22.76 -79.40 -25.73
C ILE C 1741 22.92 -80.92 -25.57
N VAL C 1742 22.39 -81.70 -26.53
CA VAL C 1742 22.42 -83.20 -26.56
C VAL C 1742 23.24 -83.65 -27.79
N ASP C 1743 24.47 -84.14 -27.55
CA ASP C 1743 25.40 -84.72 -28.57
C ASP C 1743 25.89 -83.61 -29.51
N GLY C 1744 26.36 -82.48 -28.93
CA GLY C 1744 26.95 -81.33 -29.64
C GLY C 1744 25.99 -80.61 -30.57
N LYS C 1745 24.68 -80.74 -30.36
CA LYS C 1745 23.60 -80.10 -31.17
C LYS C 1745 22.54 -79.51 -30.22
N LEU C 1746 21.95 -78.36 -30.57
CA LEU C 1746 20.89 -77.67 -29.78
C LEU C 1746 19.53 -78.32 -30.06
N LYS C 1747 19.06 -79.17 -29.13
CA LYS C 1747 17.72 -79.83 -29.15
C LYS C 1747 16.75 -78.96 -28.32
N THR C 1748 16.06 -78.02 -28.98
CA THR C 1748 15.11 -77.06 -28.35
C THR C 1748 13.75 -77.74 -28.11
N GLU C 1749 13.35 -77.89 -26.84
CA GLU C 1749 12.05 -78.47 -26.43
C GLU C 1749 11.12 -77.35 -25.97
N LYS C 1750 9.82 -77.47 -26.30
CA LYS C 1750 8.75 -76.48 -25.95
C LYS C 1750 8.22 -76.79 -24.55
N ILE C 1751 8.07 -75.73 -23.73
CA ILE C 1751 7.18 -75.64 -22.52
C ILE C 1751 5.80 -75.29 -23.06
N PHE C 1752 4.72 -75.62 -22.34
CA PHE C 1752 3.32 -75.40 -22.82
C PHE C 1752 3.18 -76.11 -24.17
N LYS C 1753 2.93 -77.42 -24.13
CA LYS C 1753 2.72 -78.24 -25.35
C LYS C 1753 1.37 -77.87 -25.99
N GLU C 1754 0.37 -77.54 -25.16
CA GLU C 1754 -1.02 -77.21 -25.58
C GLU C 1754 -1.02 -75.96 -26.47
N ILE C 1755 -0.15 -74.99 -26.20
CA ILE C 1755 -0.11 -73.69 -26.94
C ILE C 1755 0.60 -73.89 -28.29
N ASN C 1756 -0.20 -74.02 -29.35
CA ASN C 1756 0.22 -74.02 -30.78
C ASN C 1756 -0.31 -72.74 -31.43
N GLU C 1757 -0.06 -72.58 -32.75
CA GLU C 1757 -0.49 -71.41 -33.57
C GLU C 1757 -2.02 -71.30 -33.69
N HIS C 1758 -2.80 -72.36 -33.40
CA HIS C 1758 -4.29 -72.36 -33.44
C HIS C 1758 -4.90 -72.09 -32.06
N SER C 1759 -4.15 -72.25 -30.98
CA SER C 1759 -4.63 -72.04 -29.59
C SER C 1759 -5.15 -70.61 -29.43
N THR C 1760 -6.38 -70.48 -28.96
CA THR C 1760 -7.06 -69.16 -28.78
C THR C 1760 -6.89 -68.71 -27.33
N SER C 1761 -6.61 -69.67 -26.46
CA SER C 1761 -6.56 -69.50 -24.99
C SER C 1761 -5.53 -70.47 -24.42
N TYR C 1762 -5.13 -70.21 -23.19
CA TYR C 1762 -4.41 -71.16 -22.31
C TYR C 1762 -4.79 -70.83 -20.87
N THR C 1763 -5.07 -71.85 -20.07
CA THR C 1763 -5.49 -71.71 -18.66
C THR C 1763 -4.38 -72.29 -17.78
N PHE C 1764 -4.00 -71.52 -16.74
CA PHE C 1764 -3.23 -71.98 -15.56
C PHE C 1764 -4.26 -72.46 -14.53
N ARG C 1765 -3.95 -73.55 -13.83
CA ARG C 1765 -4.87 -74.19 -12.85
C ARG C 1765 -4.16 -74.39 -11.51
N SER C 1766 -4.95 -74.30 -10.44
CA SER C 1766 -4.58 -74.65 -9.05
C SER C 1766 -5.83 -75.15 -8.33
N GLU C 1767 -5.70 -75.54 -7.06
CA GLU C 1767 -6.84 -76.06 -6.24
C GLU C 1767 -7.31 -74.99 -5.25
N LYS C 1768 -6.40 -74.19 -4.69
CA LYS C 1768 -6.71 -73.18 -3.63
C LYS C 1768 -6.39 -71.75 -4.09
N GLY C 1769 -5.52 -71.58 -5.08
CA GLY C 1769 -4.99 -70.27 -5.51
C GLY C 1769 -3.68 -70.41 -6.26
N LEU C 1770 -3.46 -69.59 -7.28
CA LEU C 1770 -2.25 -69.64 -8.15
C LEU C 1770 -1.05 -69.05 -7.42
N LEU C 1771 -1.27 -68.33 -6.31
CA LEU C 1771 -0.15 -67.76 -5.54
C LEU C 1771 0.70 -68.88 -4.90
N SER C 1772 0.17 -70.11 -4.79
CA SER C 1772 0.89 -71.34 -4.36
C SER C 1772 1.67 -71.99 -5.51
N ALA C 1773 1.31 -71.75 -6.77
CA ALA C 1773 1.93 -72.38 -7.96
C ALA C 1773 3.31 -71.77 -8.21
N THR C 1774 4.38 -72.56 -8.26
CA THR C 1774 5.76 -72.03 -8.14
C THR C 1774 6.02 -70.91 -9.16
N GLN C 1775 5.57 -71.07 -10.41
CA GLN C 1775 5.83 -70.09 -11.50
C GLN C 1775 5.28 -68.70 -11.14
N PHE C 1776 4.27 -68.59 -10.27
CA PHE C 1776 3.72 -67.29 -9.82
C PHE C 1776 4.28 -66.93 -8.45
N THR C 1777 4.37 -67.89 -7.53
CA THR C 1777 4.96 -67.71 -6.17
C THR C 1777 6.32 -67.03 -6.33
N GLN C 1778 7.18 -67.57 -7.19
CA GLN C 1778 8.59 -67.14 -7.34
C GLN C 1778 8.73 -65.68 -7.77
N PRO C 1779 8.11 -65.19 -8.86
CA PRO C 1779 8.09 -63.75 -9.12
C PRO C 1779 7.48 -63.02 -7.93
N ALA C 1780 6.25 -63.37 -7.55
CA ALA C 1780 5.48 -62.60 -6.53
C ALA C 1780 6.36 -62.33 -5.32
N LEU C 1781 7.10 -63.35 -4.90
CA LEU C 1781 7.85 -63.36 -3.62
C LEU C 1781 9.14 -62.59 -3.78
N THR C 1782 9.81 -62.81 -4.89
CA THR C 1782 11.05 -62.10 -5.28
C THR C 1782 10.78 -60.60 -5.38
N LEU C 1783 9.65 -60.22 -5.99
CA LEU C 1783 9.27 -58.80 -6.17
C LEU C 1783 9.00 -58.16 -4.82
N MET C 1784 8.24 -58.81 -3.94
CA MET C 1784 7.84 -58.17 -2.67
C MET C 1784 9.11 -57.94 -1.83
N GLU C 1785 10.06 -58.88 -1.92
CA GLU C 1785 11.35 -58.78 -1.19
C GLU C 1785 12.16 -57.66 -1.82
N LYS C 1786 12.18 -57.58 -3.14
CA LYS C 1786 12.91 -56.53 -3.88
C LYS C 1786 12.27 -55.16 -3.61
N ALA C 1787 10.96 -55.08 -3.38
CA ALA C 1787 10.24 -53.80 -3.17
C ALA C 1787 10.46 -53.31 -1.74
N ALA C 1788 10.38 -54.23 -0.77
CA ALA C 1788 10.83 -53.97 0.62
C ALA C 1788 12.22 -53.35 0.55
N PHE C 1789 13.17 -54.06 -0.02
CA PHE C 1789 14.57 -53.61 -0.02
C PHE C 1789 14.70 -52.22 -0.67
N GLU C 1790 13.96 -51.90 -1.71
CA GLU C 1790 14.14 -50.62 -2.44
C GLU C 1790 13.50 -49.52 -1.61
N ASP C 1791 12.55 -49.85 -0.74
CA ASP C 1791 11.99 -48.87 0.21
C ASP C 1791 13.05 -48.51 1.25
N LEU C 1792 13.70 -49.52 1.85
CA LEU C 1792 14.84 -49.33 2.77
C LEU C 1792 15.88 -48.44 2.10
N LYS C 1793 16.36 -48.81 0.91
CA LYS C 1793 17.40 -48.04 0.18
C LYS C 1793 16.95 -46.57 -0.01
N SER C 1794 15.69 -46.34 -0.39
CA SER C 1794 15.14 -44.98 -0.59
C SER C 1794 15.24 -44.17 0.72
N LYS C 1795 15.00 -44.81 1.87
CA LYS C 1795 15.04 -44.16 3.22
C LYS C 1795 16.48 -44.04 3.73
N GLY C 1796 17.45 -44.65 3.05
CA GLY C 1796 18.88 -44.47 3.33
C GLY C 1796 19.43 -45.51 4.28
N LEU C 1797 18.76 -46.65 4.44
CA LEU C 1797 18.95 -47.60 5.57
C LEU C 1797 19.88 -48.76 5.25
N ILE C 1798 20.54 -48.75 4.09
CA ILE C 1798 21.33 -49.93 3.62
C ILE C 1798 22.81 -49.65 3.80
N PRO C 1799 23.46 -50.29 4.80
CA PRO C 1799 24.91 -50.19 4.97
C PRO C 1799 25.67 -50.58 3.71
N ALA C 1800 26.68 -49.78 3.37
CA ALA C 1800 27.45 -49.88 2.13
C ALA C 1800 28.27 -51.17 2.10
N ASP C 1801 28.56 -51.77 3.26
CA ASP C 1801 29.46 -52.95 3.40
C ASP C 1801 28.71 -54.12 4.05
N ALA C 1802 27.38 -54.15 3.92
CA ALA C 1802 26.50 -55.18 4.49
C ALA C 1802 26.64 -56.49 3.72
N THR C 1803 26.82 -57.60 4.43
CA THR C 1803 26.82 -58.95 3.85
C THR C 1803 25.37 -59.33 3.62
N PHE C 1804 25.13 -60.34 2.80
CA PHE C 1804 23.76 -60.76 2.42
C PHE C 1804 23.78 -62.18 1.88
N ALA C 1805 22.64 -62.83 2.04
CA ALA C 1805 22.41 -64.22 1.63
C ALA C 1805 20.92 -64.43 1.46
N GLY C 1806 20.57 -65.37 0.58
CA GLY C 1806 19.18 -65.72 0.31
C GLY C 1806 18.97 -67.19 0.50
N HIS C 1807 17.91 -67.56 1.18
CA HIS C 1807 17.49 -68.97 1.28
C HIS C 1807 16.82 -69.33 -0.05
N SER C 1808 17.39 -70.29 -0.77
CA SER C 1808 16.79 -70.95 -1.95
C SER C 1808 16.42 -69.93 -3.02
N LEU C 1809 15.16 -69.52 -3.15
CA LEU C 1809 14.69 -68.51 -4.15
C LEU C 1809 15.19 -67.14 -3.71
N GLY C 1810 15.13 -66.86 -2.41
CA GLY C 1810 15.61 -65.59 -1.82
C GLY C 1810 16.97 -65.21 -2.37
N GLU C 1811 17.77 -66.18 -2.80
CA GLU C 1811 19.07 -65.99 -3.47
C GLU C 1811 18.93 -64.95 -4.58
N TYR C 1812 17.88 -65.07 -5.40
CA TYR C 1812 17.71 -64.27 -6.65
C TYR C 1812 17.29 -62.86 -6.25
N ALA C 1813 16.37 -62.76 -5.29
CA ALA C 1813 15.92 -61.48 -4.72
C ALA C 1813 17.08 -60.73 -4.07
N ALA C 1814 18.03 -61.47 -3.47
CA ALA C 1814 19.19 -60.93 -2.74
C ALA C 1814 20.15 -60.26 -3.73
N LEU C 1815 20.53 -60.98 -4.78
CA LEU C 1815 21.52 -60.49 -5.79
C LEU C 1815 20.94 -59.26 -6.50
N ALA C 1816 19.67 -59.30 -6.90
CA ALA C 1816 18.99 -58.16 -7.55
C ALA C 1816 18.99 -56.93 -6.62
N SER C 1817 18.82 -57.13 -5.32
CA SER C 1817 18.73 -56.06 -4.29
C SER C 1817 20.11 -55.45 -4.00
N LEU C 1818 21.02 -56.26 -3.47
CA LEU C 1818 22.33 -55.79 -2.92
C LEU C 1818 23.35 -55.54 -4.05
N ALA C 1819 23.39 -56.38 -5.08
CA ALA C 1819 24.41 -56.29 -6.15
C ALA C 1819 23.87 -55.67 -7.46
N ASP C 1820 22.54 -55.59 -7.66
CA ASP C 1820 21.88 -55.08 -8.89
C ASP C 1820 22.41 -55.85 -10.11
N VAL C 1821 22.35 -57.16 -10.06
CA VAL C 1821 22.89 -58.06 -11.12
C VAL C 1821 21.90 -58.06 -12.30
N MET C 1822 20.60 -58.03 -11.99
CA MET C 1822 19.50 -58.04 -12.97
C MET C 1822 18.64 -56.80 -12.77
N SER C 1823 17.99 -56.32 -13.84
CA SER C 1823 16.86 -55.37 -13.73
C SER C 1823 15.62 -56.09 -13.20
N ILE C 1824 14.65 -55.33 -12.69
CA ILE C 1824 13.31 -55.87 -12.27
C ILE C 1824 12.76 -56.75 -13.38
N GLU C 1825 12.84 -56.33 -14.64
CA GLU C 1825 12.26 -57.07 -15.78
C GLU C 1825 13.06 -58.37 -15.98
N SER C 1826 14.37 -58.32 -16.01
CA SER C 1826 15.23 -59.53 -16.18
C SER C 1826 15.00 -60.49 -15.01
N LEU C 1827 14.86 -59.94 -13.79
CA LEU C 1827 14.72 -60.71 -12.53
C LEU C 1827 13.43 -61.53 -12.57
N VAL C 1828 12.31 -60.88 -12.83
CA VAL C 1828 10.96 -61.53 -12.81
C VAL C 1828 10.85 -62.46 -14.00
N GLU C 1829 11.57 -62.20 -15.09
CA GLU C 1829 11.56 -63.09 -16.28
C GLU C 1829 12.30 -64.37 -15.92
N VAL C 1830 13.41 -64.27 -15.19
CA VAL C 1830 14.27 -65.42 -14.79
C VAL C 1830 13.48 -66.31 -13.83
N VAL C 1831 13.03 -65.77 -12.71
CA VAL C 1831 12.28 -66.54 -11.68
C VAL C 1831 10.96 -67.06 -12.27
N PHE C 1832 10.33 -66.41 -13.25
CA PHE C 1832 9.14 -66.96 -13.93
C PHE C 1832 9.54 -68.19 -14.75
N TYR C 1833 10.62 -68.07 -15.53
CA TYR C 1833 11.19 -69.18 -16.34
C TYR C 1833 11.63 -70.33 -15.45
N ARG C 1834 12.28 -70.00 -14.32
CA ARG C 1834 12.74 -70.95 -13.27
C ARG C 1834 11.54 -71.72 -12.73
N GLY C 1835 10.48 -71.02 -12.33
CA GLY C 1835 9.22 -71.59 -11.88
C GLY C 1835 8.65 -72.57 -12.89
N MET C 1836 8.62 -72.17 -14.17
CA MET C 1836 8.08 -73.05 -15.24
C MET C 1836 8.97 -74.28 -15.37
N THR C 1837 10.27 -74.07 -15.56
CA THR C 1837 11.29 -75.15 -15.66
C THR C 1837 11.03 -76.24 -14.61
N MET C 1838 10.39 -75.90 -13.49
CA MET C 1838 10.18 -76.83 -12.36
C MET C 1838 8.76 -77.38 -12.33
N GLN C 1839 7.75 -76.65 -12.81
CA GLN C 1839 6.36 -77.18 -12.95
C GLN C 1839 6.29 -78.31 -13.98
N VAL C 1840 7.03 -78.19 -15.09
CA VAL C 1840 7.03 -79.22 -16.18
C VAL C 1840 7.81 -80.45 -15.74
N ALA C 1841 8.81 -80.31 -14.86
CA ALA C 1841 9.72 -81.39 -14.43
C ALA C 1841 8.95 -82.44 -13.60
N VAL C 1842 7.79 -82.05 -13.05
CA VAL C 1842 6.95 -82.91 -12.17
C VAL C 1842 5.60 -83.16 -12.86
N PRO C 1843 5.15 -84.44 -12.99
CA PRO C 1843 3.79 -84.74 -13.46
C PRO C 1843 2.70 -84.16 -12.55
N ARG C 1844 1.74 -83.45 -13.14
CA ARG C 1844 0.64 -82.76 -12.43
C ARG C 1844 -0.70 -83.32 -12.93
N ASP C 1845 -1.68 -83.46 -12.03
CA ASP C 1845 -3.07 -83.86 -12.37
C ASP C 1845 -3.84 -82.61 -12.85
N GLU C 1846 -5.11 -82.81 -13.20
CA GLU C 1846 -6.03 -81.78 -13.77
C GLU C 1846 -6.11 -80.52 -12.88
N LEU C 1847 -6.02 -80.67 -11.55
CA LEU C 1847 -6.17 -79.56 -10.55
C LEU C 1847 -4.80 -78.93 -10.21
N GLY C 1848 -3.71 -79.42 -10.80
CA GLY C 1848 -2.34 -78.89 -10.63
C GLY C 1848 -1.60 -79.48 -9.43
N ARG C 1849 -2.15 -80.51 -8.77
CA ARG C 1849 -1.53 -81.20 -7.60
C ARG C 1849 -0.52 -82.23 -8.14
N SER C 1850 0.65 -82.31 -7.52
CA SER C 1850 1.69 -83.34 -7.81
C SER C 1850 1.85 -84.25 -6.60
N ASN C 1851 2.58 -85.35 -6.78
CA ASN C 1851 2.86 -86.36 -5.72
C ASN C 1851 4.29 -86.13 -5.19
N TYR C 1852 4.64 -84.88 -4.92
CA TYR C 1852 5.95 -84.48 -4.31
C TYR C 1852 5.72 -83.32 -3.35
N GLY C 1853 6.64 -83.18 -2.38
CA GLY C 1853 6.55 -82.15 -1.33
C GLY C 1853 7.77 -82.14 -0.45
N MET C 1854 7.67 -81.48 0.69
CA MET C 1854 8.79 -81.20 1.62
C MET C 1854 8.30 -81.29 3.05
N ILE C 1855 9.08 -81.97 3.90
CA ILE C 1855 8.86 -82.07 5.37
C ILE C 1855 10.08 -81.48 6.06
N ALA C 1856 9.83 -80.66 7.08
CA ALA C 1856 10.85 -80.11 8.01
C ALA C 1856 10.96 -81.06 9.19
N ILE C 1857 12.10 -81.73 9.32
CA ILE C 1857 12.36 -82.76 10.38
C ILE C 1857 13.21 -82.13 11.48
N ASN C 1858 12.90 -82.44 12.74
CA ASN C 1858 13.63 -82.00 13.95
C ASN C 1858 14.19 -83.23 14.64
N PRO C 1859 15.45 -83.65 14.34
CA PRO C 1859 16.00 -84.88 14.91
C PRO C 1859 15.96 -84.91 16.45
N GLY C 1860 15.96 -83.74 17.11
CA GLY C 1860 15.85 -83.60 18.56
C GLY C 1860 14.50 -84.09 19.08
N ARG C 1861 13.41 -83.68 18.41
CA ARG C 1861 12.00 -83.95 18.84
C ARG C 1861 11.75 -85.46 18.95
N VAL C 1862 12.24 -86.24 18.00
CA VAL C 1862 12.01 -87.72 17.92
C VAL C 1862 12.77 -88.42 19.06
N ALA C 1863 14.00 -88.02 19.32
CA ALA C 1863 14.87 -88.62 20.36
C ALA C 1863 16.12 -87.76 20.56
N ALA C 1864 16.53 -87.55 21.81
CA ALA C 1864 17.74 -86.76 22.18
C ALA C 1864 19.02 -87.43 21.65
N SER C 1865 19.03 -88.76 21.55
CA SER C 1865 20.18 -89.55 21.04
C SER C 1865 20.26 -89.48 19.51
N PHE C 1866 19.14 -89.17 18.83
CA PHE C 1866 19.00 -89.22 17.34
C PHE C 1866 19.70 -88.01 16.73
N SER C 1867 20.93 -88.22 16.26
CA SER C 1867 21.80 -87.19 15.62
C SER C 1867 21.26 -86.89 14.22
N GLN C 1868 21.84 -85.88 13.56
CA GLN C 1868 21.52 -85.54 12.14
C GLN C 1868 22.21 -86.53 11.19
N GLU C 1869 23.27 -87.22 11.63
CA GLU C 1869 23.92 -88.31 10.84
C GLU C 1869 22.97 -89.51 10.81
N ALA C 1870 22.36 -89.85 11.94
CA ALA C 1870 21.37 -90.94 12.09
C ALA C 1870 20.11 -90.64 11.27
N LEU C 1871 19.72 -89.36 11.13
CA LEU C 1871 18.58 -88.95 10.25
C LEU C 1871 18.96 -89.21 8.80
N GLN C 1872 20.15 -88.80 8.37
CA GLN C 1872 20.66 -89.01 6.98
C GLN C 1872 20.74 -90.52 6.69
N TYR C 1873 21.00 -91.35 7.70
CA TYR C 1873 21.05 -92.84 7.58
C TYR C 1873 19.64 -93.40 7.36
N VAL C 1874 18.64 -92.95 8.12
CA VAL C 1874 17.21 -93.42 8.02
C VAL C 1874 16.62 -93.03 6.65
N VAL C 1875 16.79 -91.78 6.19
CA VAL C 1875 16.19 -91.29 4.91
C VAL C 1875 16.89 -92.00 3.73
N GLU C 1876 18.21 -92.21 3.79
CA GLU C 1876 18.96 -92.98 2.77
C GLU C 1876 18.36 -94.39 2.64
N ARG C 1877 18.02 -95.02 3.77
CA ARG C 1877 17.45 -96.41 3.80
C ARG C 1877 16.03 -96.38 3.23
N VAL C 1878 15.20 -95.39 3.59
CA VAL C 1878 13.79 -95.26 3.11
C VAL C 1878 13.81 -95.14 1.58
N GLY C 1879 14.72 -94.32 1.04
CA GLY C 1879 14.90 -94.12 -0.42
C GLY C 1879 15.32 -95.40 -1.13
N LYS C 1880 16.25 -96.16 -0.54
CA LYS C 1880 16.80 -97.42 -1.10
C LYS C 1880 15.74 -98.52 -1.09
N ARG C 1881 15.01 -98.64 0.02
CA ARG C 1881 14.02 -99.74 0.24
C ARG C 1881 12.87 -99.59 -0.75
N THR C 1882 12.14 -98.47 -0.69
CA THR C 1882 10.89 -98.23 -1.45
C THR C 1882 11.22 -97.94 -2.93
N GLY C 1883 12.45 -97.53 -3.23
CA GLY C 1883 12.85 -97.08 -4.57
C GLY C 1883 12.19 -95.77 -4.97
N TRP C 1884 11.45 -95.13 -4.05
CA TRP C 1884 10.88 -93.77 -4.22
C TRP C 1884 11.98 -92.74 -3.97
N LEU C 1885 11.72 -91.48 -4.31
CA LEU C 1885 12.65 -90.36 -4.10
C LEU C 1885 12.41 -89.77 -2.70
N VAL C 1886 13.48 -89.65 -1.92
CA VAL C 1886 13.54 -88.82 -0.68
C VAL C 1886 15.01 -88.54 -0.38
N GLU C 1887 15.34 -87.26 -0.13
CA GLU C 1887 16.70 -86.79 0.20
C GLU C 1887 16.60 -85.60 1.16
N ILE C 1888 17.68 -85.34 1.90
CA ILE C 1888 17.85 -84.10 2.71
C ILE C 1888 18.35 -83.03 1.74
N VAL C 1889 17.70 -81.86 1.76
CA VAL C 1889 18.00 -80.75 0.80
C VAL C 1889 18.36 -79.48 1.59
N ASN C 1890 17.53 -79.03 2.53
CA ASN C 1890 17.75 -77.75 3.25
C ASN C 1890 18.25 -78.02 4.68
N TYR C 1891 19.56 -77.89 4.87
CA TYR C 1891 20.22 -77.93 6.20
C TYR C 1891 19.93 -76.57 6.87
N ASN C 1892 18.84 -76.49 7.61
CA ASN C 1892 18.31 -75.19 8.08
C ASN C 1892 18.94 -74.80 9.42
N VAL C 1893 18.75 -75.60 10.47
CA VAL C 1893 19.14 -75.27 11.87
C VAL C 1893 19.78 -76.50 12.49
N GLU C 1894 21.03 -76.39 12.95
CA GLU C 1894 21.85 -77.54 13.42
C GLU C 1894 21.02 -78.33 14.44
N ASN C 1895 20.80 -79.61 14.15
CA ASN C 1895 20.11 -80.62 15.00
C ASN C 1895 18.74 -80.10 15.47
N GLN C 1896 18.02 -79.38 14.60
CA GLN C 1896 16.70 -78.80 14.97
C GLN C 1896 15.78 -78.60 13.75
N GLN C 1897 16.30 -78.42 12.52
CA GLN C 1897 15.47 -78.34 11.29
C GLN C 1897 16.27 -78.79 10.06
N TYR C 1898 15.94 -79.95 9.52
CA TYR C 1898 16.42 -80.42 8.19
C TYR C 1898 15.17 -80.64 7.32
N VAL C 1899 15.17 -80.09 6.12
CA VAL C 1899 14.02 -80.25 5.18
C VAL C 1899 14.40 -81.38 4.21
N ALA C 1900 13.52 -82.36 4.11
CA ALA C 1900 13.63 -83.52 3.22
C ALA C 1900 12.53 -83.45 2.15
N ALA C 1901 12.92 -83.39 0.89
CA ALA C 1901 12.02 -83.25 -0.29
C ALA C 1901 12.01 -84.57 -1.05
N GLY C 1902 10.83 -84.95 -1.55
CA GLY C 1902 10.69 -86.06 -2.50
C GLY C 1902 9.25 -86.50 -2.68
N ASP C 1903 9.08 -87.78 -3.05
CA ASP C 1903 7.79 -88.46 -3.33
C ASP C 1903 6.92 -88.46 -2.07
N LEU C 1904 5.70 -87.91 -2.12
CA LEU C 1904 4.85 -87.69 -0.92
C LEU C 1904 4.66 -89.00 -0.16
N ARG C 1905 4.71 -90.14 -0.85
CA ARG C 1905 4.67 -91.50 -0.24
C ARG C 1905 5.91 -91.67 0.63
N ALA C 1906 7.12 -91.53 0.05
CA ALA C 1906 8.44 -91.62 0.73
C ALA C 1906 8.51 -90.64 1.91
N LEU C 1907 7.96 -89.43 1.78
CA LEU C 1907 7.91 -88.42 2.89
C LEU C 1907 6.98 -88.91 4.00
N ASP C 1908 5.91 -89.64 3.65
CA ASP C 1908 4.92 -90.19 4.62
C ASP C 1908 5.49 -91.46 5.28
N THR C 1909 6.38 -92.20 4.61
CA THR C 1909 7.06 -93.40 5.20
C THR C 1909 8.08 -92.94 6.24
N VAL C 1910 8.93 -91.98 5.87
CA VAL C 1910 9.88 -91.31 6.80
C VAL C 1910 9.09 -90.85 8.04
N THR C 1911 8.06 -90.02 7.87
CA THR C 1911 7.23 -89.44 8.97
C THR C 1911 6.74 -90.56 9.90
N ASN C 1912 6.24 -91.67 9.35
CA ASN C 1912 5.70 -92.82 10.12
C ASN C 1912 6.86 -93.57 10.78
N VAL C 1913 7.97 -93.79 10.06
CA VAL C 1913 9.20 -94.48 10.57
C VAL C 1913 9.75 -93.72 11.79
N LEU C 1914 9.80 -92.38 11.72
CA LEU C 1914 10.29 -91.52 12.82
C LEU C 1914 9.27 -91.50 13.96
N ASN C 1915 7.97 -91.50 13.65
CA ASN C 1915 6.90 -91.55 14.69
C ASN C 1915 7.00 -92.87 15.44
N PHE C 1916 7.16 -93.99 14.73
CA PHE C 1916 7.34 -95.35 15.30
C PHE C 1916 8.57 -95.36 16.23
N ILE C 1917 9.72 -94.83 15.79
CA ILE C 1917 11.00 -94.82 16.55
C ILE C 1917 10.83 -94.03 17.86
N LYS C 1918 10.20 -92.85 17.82
CA LYS C 1918 9.95 -91.99 19.01
C LYS C 1918 9.11 -92.73 20.06
N LEU C 1919 8.05 -93.44 19.64
CA LEU C 1919 7.11 -94.17 20.54
C LEU C 1919 7.82 -95.39 21.14
N GLN C 1920 8.57 -96.13 20.32
CA GLN C 1920 9.29 -97.39 20.71
C GLN C 1920 10.66 -97.07 21.36
N LYS C 1921 11.17 -95.83 21.20
CA LYS C 1921 12.35 -95.30 21.94
C LYS C 1921 13.59 -96.15 21.65
N ILE C 1922 13.85 -96.43 20.36
CA ILE C 1922 14.98 -97.27 19.88
C ILE C 1922 16.02 -96.35 19.22
N ASP C 1923 17.31 -96.52 19.57
CA ASP C 1923 18.43 -95.65 19.13
C ASP C 1923 19.29 -96.41 18.10
N ILE C 1924 19.34 -95.91 16.85
CA ILE C 1924 20.00 -96.59 15.69
C ILE C 1924 21.53 -96.59 15.90
N ILE C 1925 22.11 -95.45 16.32
CA ILE C 1925 23.60 -95.26 16.45
C ILE C 1925 24.16 -96.25 17.50
N GLU C 1926 23.49 -96.45 18.63
CA GLU C 1926 23.91 -97.39 19.72
C GLU C 1926 23.92 -98.83 19.17
N LEU C 1927 22.84 -99.24 18.48
CA LEU C 1927 22.63 -100.64 18.00
C LEU C 1927 23.58 -100.96 16.83
N GLN C 1928 23.98 -99.99 16.01
CA GLN C 1928 24.71 -100.23 14.71
C GLN C 1928 26.22 -100.32 14.92
N LYS C 1929 26.74 -99.87 16.07
CA LYS C 1929 28.19 -99.84 16.39
C LYS C 1929 28.50 -100.70 17.63
N SER C 1930 27.66 -100.65 18.68
CA SER C 1930 27.89 -101.31 19.99
C SER C 1930 27.23 -102.69 20.05
N LEU C 1931 26.15 -102.95 19.30
CA LEU C 1931 25.42 -104.24 19.29
C LEU C 1931 25.82 -105.08 18.07
N SER C 1932 25.43 -104.67 16.85
CA SER C 1932 25.52 -105.48 15.60
C SER C 1932 25.74 -104.60 14.37
N LEU C 1933 26.63 -105.03 13.45
CA LEU C 1933 26.93 -104.35 12.15
C LEU C 1933 26.01 -104.93 11.07
N GLU C 1934 25.24 -104.07 10.39
CA GLU C 1934 24.40 -104.40 9.19
C GLU C 1934 23.10 -105.13 9.58
N GLU C 1935 22.93 -105.54 10.84
CA GLU C 1935 21.67 -106.14 11.37
C GLU C 1935 20.62 -105.03 11.48
N VAL C 1936 21.05 -103.82 11.84
CA VAL C 1936 20.20 -102.58 11.94
C VAL C 1936 19.56 -102.26 10.59
N GLU C 1937 20.31 -102.44 9.49
CA GLU C 1937 19.82 -102.23 8.09
C GLU C 1937 18.61 -103.15 7.85
N GLY C 1938 18.79 -104.46 8.08
CA GLY C 1938 17.74 -105.50 7.98
C GLY C 1938 16.61 -105.29 8.98
N HIS C 1939 16.91 -104.75 10.16
CA HIS C 1939 15.92 -104.38 11.21
C HIS C 1939 15.10 -103.16 10.76
N LEU C 1940 15.76 -102.14 10.20
CA LEU C 1940 15.11 -100.88 9.74
C LEU C 1940 14.32 -101.16 8.45
N PHE C 1941 14.72 -102.15 7.65
CA PHE C 1941 14.08 -102.51 6.36
C PHE C 1941 12.63 -102.97 6.60
N GLU C 1942 12.37 -103.74 7.67
CA GLU C 1942 11.00 -104.24 8.02
C GLU C 1942 10.22 -103.18 8.82
N ILE C 1943 10.92 -102.19 9.41
CA ILE C 1943 10.31 -100.97 10.02
C ILE C 1943 9.76 -100.08 8.90
N ILE C 1944 10.55 -99.87 7.84
CA ILE C 1944 10.17 -99.04 6.64
C ILE C 1944 8.97 -99.71 5.95
N ASP C 1945 9.06 -101.03 5.71
CA ASP C 1945 8.10 -101.81 4.89
C ASP C 1945 6.68 -101.63 5.40
N GLU C 1946 6.45 -101.70 6.72
CA GLU C 1946 5.09 -101.61 7.33
C GLU C 1946 4.48 -100.23 7.00
N ALA C 1947 5.25 -99.13 7.08
CA ALA C 1947 4.79 -97.76 6.75
C ALA C 1947 4.71 -97.57 5.23
N SER C 1948 5.55 -98.26 4.44
CA SER C 1948 5.58 -98.20 2.95
C SER C 1948 4.27 -98.74 2.37
N LYS C 1949 3.74 -99.84 2.93
CA LYS C 1949 2.47 -100.48 2.48
C LYS C 1949 1.31 -99.50 2.73
N LYS C 1950 1.20 -98.97 3.96
CA LYS C 1950 0.11 -98.04 4.36
C LYS C 1950 0.10 -96.80 3.45
N SER C 1951 1.28 -96.25 3.11
CA SER C 1951 1.44 -95.03 2.28
C SER C 1951 1.14 -95.29 0.80
N ALA C 1952 1.40 -96.52 0.31
CA ALA C 1952 1.04 -96.98 -1.06
C ALA C 1952 -0.49 -97.17 -1.19
N VAL C 1953 -1.17 -97.63 -0.12
CA VAL C 1953 -2.64 -97.87 -0.06
C VAL C 1953 -3.39 -96.53 -0.14
N LYS C 1954 -2.86 -95.46 0.45
CA LYS C 1954 -3.48 -94.10 0.42
C LYS C 1954 -3.71 -93.68 -1.04
N PRO C 1955 -4.69 -92.79 -1.34
CA PRO C 1955 -4.88 -92.27 -2.70
C PRO C 1955 -3.75 -91.31 -3.13
N ARG C 1956 -3.50 -91.19 -4.45
CA ARG C 1956 -2.27 -90.58 -5.04
C ARG C 1956 -2.07 -89.11 -4.63
N PRO C 1957 -3.11 -88.26 -4.54
CA PRO C 1957 -2.92 -86.89 -4.03
C PRO C 1957 -2.91 -86.81 -2.49
N LEU C 1958 -2.13 -87.68 -1.82
CA LEU C 1958 -2.30 -87.99 -0.37
C LEU C 1958 -2.03 -86.73 0.46
N LYS C 1959 -2.98 -86.38 1.33
CA LYS C 1959 -2.82 -85.32 2.35
C LYS C 1959 -1.71 -85.79 3.30
N LEU C 1960 -0.68 -84.95 3.47
CA LEU C 1960 0.53 -85.24 4.29
C LEU C 1960 0.23 -84.86 5.75
N GLU C 1961 0.67 -85.70 6.69
CA GLU C 1961 0.25 -85.66 8.12
C GLU C 1961 1.37 -85.06 8.98
N ARG C 1962 1.01 -84.10 9.85
CA ARG C 1962 1.92 -83.50 10.85
C ARG C 1962 2.33 -84.56 11.87
N GLY C 1963 3.50 -85.17 11.68
CA GLY C 1963 4.09 -86.17 12.58
C GLY C 1963 4.53 -85.55 13.91
N PHE C 1964 5.30 -86.31 14.69
CA PHE C 1964 5.86 -85.90 16.00
C PHE C 1964 7.04 -84.94 15.75
N ALA C 1965 7.98 -85.38 14.92
CA ALA C 1965 9.26 -84.68 14.63
C ALA C 1965 9.33 -84.22 13.16
N CYS C 1966 8.23 -84.31 12.41
CA CYS C 1966 8.16 -83.96 10.96
C CYS C 1966 6.90 -83.14 10.72
N ILE C 1967 7.04 -81.93 10.18
CA ILE C 1967 5.90 -81.04 9.78
C ILE C 1967 5.95 -80.89 8.27
N PRO C 1968 4.82 -81.00 7.54
CA PRO C 1968 4.81 -80.75 6.10
C PRO C 1968 4.83 -79.25 5.80
N LEU C 1969 5.65 -78.84 4.84
CA LEU C 1969 5.75 -77.43 4.36
C LEU C 1969 4.56 -77.16 3.45
N VAL C 1970 3.58 -76.39 3.93
CA VAL C 1970 2.33 -76.07 3.16
C VAL C 1970 2.71 -75.20 1.97
N GLY C 1971 2.00 -75.39 0.85
CA GLY C 1971 2.22 -74.64 -0.41
C GLY C 1971 3.62 -74.88 -0.96
N ILE C 1972 4.09 -76.13 -0.88
CA ILE C 1972 5.27 -76.68 -1.61
C ILE C 1972 4.79 -77.97 -2.29
N SER C 1973 5.08 -78.10 -3.59
CA SER C 1973 4.62 -79.22 -4.44
C SER C 1973 5.75 -79.77 -5.33
N VAL C 1974 6.87 -79.08 -5.45
CA VAL C 1974 8.08 -79.53 -6.21
C VAL C 1974 9.07 -80.08 -5.20
N PRO C 1975 9.90 -81.09 -5.56
CA PRO C 1975 10.98 -81.56 -4.70
C PRO C 1975 12.28 -80.74 -4.85
N PHE C 1976 12.27 -79.48 -4.41
CA PHE C 1976 13.32 -78.46 -4.74
C PHE C 1976 14.69 -78.90 -4.23
N HIS C 1977 15.74 -78.64 -5.01
CA HIS C 1977 17.17 -78.88 -4.64
C HIS C 1977 17.53 -80.37 -4.57
N SER C 1978 16.62 -81.27 -4.92
CA SER C 1978 16.87 -82.73 -4.91
C SER C 1978 17.69 -83.12 -6.15
N THR C 1979 18.22 -84.34 -6.20
CA THR C 1979 18.89 -84.89 -7.40
C THR C 1979 17.87 -85.04 -8.54
N TYR C 1980 16.59 -85.24 -8.21
CA TYR C 1980 15.48 -85.43 -9.19
C TYR C 1980 15.67 -84.47 -10.36
N LEU C 1981 15.91 -83.18 -10.09
CA LEU C 1981 15.86 -82.12 -11.14
C LEU C 1981 17.27 -81.60 -11.48
N MET C 1982 18.26 -82.49 -11.52
CA MET C 1982 19.59 -82.30 -12.18
C MET C 1982 19.40 -81.83 -13.62
N ASN C 1983 18.46 -82.45 -14.35
CA ASN C 1983 18.27 -82.31 -15.82
C ASN C 1983 18.03 -80.84 -16.16
N GLY C 1984 17.28 -80.14 -15.30
CA GLY C 1984 16.88 -78.73 -15.49
C GLY C 1984 18.06 -77.76 -15.48
N VAL C 1985 19.22 -78.15 -14.94
CA VAL C 1985 20.43 -77.27 -14.83
C VAL C 1985 20.83 -76.78 -16.24
N LYS C 1986 21.18 -77.69 -17.15
CA LYS C 1986 21.70 -77.38 -18.52
C LYS C 1986 20.83 -76.30 -19.18
N PRO C 1987 19.50 -76.54 -19.39
CA PRO C 1987 18.66 -75.56 -20.06
C PRO C 1987 18.46 -74.26 -19.27
N PHE C 1988 18.57 -74.32 -17.94
CA PHE C 1988 18.47 -73.14 -17.05
C PHE C 1988 19.76 -72.33 -17.12
N LYS C 1989 20.92 -72.99 -17.05
CA LYS C 1989 22.25 -72.32 -17.13
C LYS C 1989 22.36 -71.50 -18.41
N SER C 1990 22.04 -72.10 -19.55
CA SER C 1990 22.08 -71.46 -20.89
C SER C 1990 21.14 -70.26 -20.89
N PHE C 1991 19.97 -70.39 -20.25
CA PHE C 1991 18.97 -69.30 -20.10
C PHE C 1991 19.55 -68.15 -19.26
N LEU C 1992 20.28 -68.46 -18.19
CA LEU C 1992 20.87 -67.46 -17.26
C LEU C 1992 21.92 -66.61 -17.98
N LYS C 1993 22.82 -67.22 -18.76
CA LYS C 1993 23.86 -66.50 -19.54
C LYS C 1993 23.22 -65.43 -20.44
N LYS C 1994 22.00 -65.67 -20.93
CA LYS C 1994 21.28 -64.74 -21.86
C LYS C 1994 20.68 -63.56 -21.09
N ASN C 1995 20.48 -63.68 -19.77
CA ASN C 1995 19.75 -62.68 -18.92
C ASN C 1995 20.64 -62.02 -17.87
N ILE C 1996 21.65 -62.72 -17.35
CA ILE C 1996 22.74 -62.14 -16.48
C ILE C 1996 23.85 -61.64 -17.43
N ILE C 1997 23.76 -60.38 -17.82
CA ILE C 1997 24.78 -59.70 -18.68
C ILE C 1997 26.04 -59.48 -17.82
N LYS C 1998 27.22 -59.79 -18.35
CA LYS C 1998 28.52 -59.69 -17.63
C LYS C 1998 28.81 -58.24 -17.25
N GLU C 1999 28.36 -57.26 -18.05
CA GLU C 1999 28.53 -55.80 -17.78
C GLU C 1999 27.79 -55.36 -16.52
N ASN C 2000 26.77 -56.13 -16.09
CA ASN C 2000 25.96 -55.81 -14.88
C ASN C 2000 26.59 -56.42 -13.62
N VAL C 2001 27.54 -57.35 -13.75
CA VAL C 2001 28.11 -58.07 -12.58
C VAL C 2001 29.27 -57.23 -12.02
N LYS C 2002 29.00 -56.45 -10.97
CA LYS C 2002 30.03 -55.71 -10.21
C LYS C 2002 30.60 -56.63 -9.14
N VAL C 2003 31.90 -56.89 -9.19
CA VAL C 2003 32.58 -57.83 -8.26
C VAL C 2003 32.65 -57.19 -6.87
N ALA C 2004 32.90 -55.88 -6.79
CA ALA C 2004 32.97 -55.14 -5.52
C ALA C 2004 31.67 -55.28 -4.73
N ARG C 2005 30.54 -55.53 -5.39
CA ARG C 2005 29.22 -55.58 -4.73
C ARG C 2005 28.92 -57.01 -4.24
N LEU C 2006 29.65 -57.99 -4.77
CA LEU C 2006 29.52 -59.44 -4.45
C LEU C 2006 30.64 -59.90 -3.51
N ALA C 2007 31.90 -59.61 -3.88
CA ALA C 2007 33.13 -60.15 -3.24
C ALA C 2007 33.05 -59.93 -1.72
N GLY C 2008 32.93 -61.05 -0.98
CA GLY C 2008 33.05 -61.11 0.48
C GLY C 2008 31.74 -60.76 1.16
N LYS C 2009 30.71 -60.44 0.38
CA LYS C 2009 29.42 -59.94 0.89
C LYS C 2009 28.32 -60.97 0.63
N TYR C 2010 28.27 -61.50 -0.59
CA TYR C 2010 27.28 -62.51 -1.04
C TYR C 2010 27.73 -63.91 -0.59
N ILE C 2011 26.85 -64.63 0.12
CA ILE C 2011 27.09 -66.05 0.53
C ILE C 2011 26.16 -66.95 -0.27
N PRO C 2012 26.67 -67.65 -1.31
CA PRO C 2012 25.88 -68.63 -2.03
C PRO C 2012 25.36 -69.75 -1.12
N ASN C 2013 24.28 -70.40 -1.53
CA ASN C 2013 23.72 -71.58 -0.82
C ASN C 2013 24.51 -72.81 -1.25
N LEU C 2014 24.91 -72.87 -2.51
CA LEU C 2014 25.63 -74.05 -3.04
C LEU C 2014 26.89 -74.26 -2.19
N THR C 2015 27.76 -73.26 -2.15
CA THR C 2015 29.02 -73.24 -1.35
C THR C 2015 28.93 -72.15 -0.30
N ALA C 2016 28.62 -72.48 0.95
CA ALA C 2016 28.18 -71.49 1.95
C ALA C 2016 29.36 -70.65 2.46
N LYS C 2017 30.12 -70.04 1.57
CA LYS C 2017 31.31 -69.21 1.87
C LYS C 2017 31.25 -67.91 1.09
N PRO C 2018 31.69 -66.77 1.66
CA PRO C 2018 31.62 -65.50 0.94
C PRO C 2018 32.23 -65.64 -0.46
N PHE C 2019 31.49 -65.15 -1.45
CA PHE C 2019 31.81 -65.12 -2.90
C PHE C 2019 33.17 -64.44 -3.07
N GLN C 2020 34.12 -65.12 -3.72
CA GLN C 2020 35.47 -64.56 -4.00
C GLN C 2020 35.89 -65.08 -5.36
N VAL C 2021 36.47 -64.23 -6.20
CA VAL C 2021 37.01 -64.65 -7.53
C VAL C 2021 38.46 -65.12 -7.33
N THR C 2022 38.63 -66.37 -6.89
CA THR C 2022 39.94 -66.99 -6.55
C THR C 2022 39.89 -68.49 -6.88
N LYS C 2023 40.99 -69.05 -7.37
CA LYS C 2023 41.09 -70.45 -7.87
C LYS C 2023 40.62 -71.42 -6.77
N GLU C 2024 40.88 -71.10 -5.50
CA GLU C 2024 40.41 -71.90 -4.34
C GLU C 2024 38.87 -72.02 -4.36
N TYR C 2025 38.18 -70.91 -4.66
CA TYR C 2025 36.69 -70.82 -4.67
C TYR C 2025 36.15 -71.60 -5.86
N PHE C 2026 36.70 -71.34 -7.05
CA PHE C 2026 36.35 -72.08 -8.29
C PHE C 2026 36.49 -73.58 -8.00
N GLN C 2027 37.66 -74.00 -7.48
CA GLN C 2027 37.98 -75.41 -7.17
C GLN C 2027 36.93 -76.01 -6.24
N ASP C 2028 36.40 -75.22 -5.31
CA ASP C 2028 35.37 -75.68 -4.35
C ASP C 2028 34.03 -75.85 -5.08
N VAL C 2029 33.67 -74.89 -5.94
CA VAL C 2029 32.42 -74.95 -6.76
C VAL C 2029 32.47 -76.20 -7.64
N TYR C 2030 33.62 -76.47 -8.28
CA TYR C 2030 33.82 -77.65 -9.17
C TYR C 2030 33.59 -78.94 -8.38
N ASP C 2031 34.18 -79.07 -7.21
CA ASP C 2031 34.07 -80.28 -6.34
C ASP C 2031 32.60 -80.54 -5.98
N LEU C 2032 31.85 -79.48 -5.65
CA LEU C 2032 30.40 -79.55 -5.33
C LEU C 2032 29.58 -79.87 -6.58
N THR C 2033 29.97 -79.34 -7.75
CA THR C 2033 29.18 -79.43 -9.01
C THR C 2033 30.09 -79.55 -10.23
N GLY C 2034 30.56 -80.77 -10.53
CA GLY C 2034 31.41 -81.06 -11.69
C GLY C 2034 30.83 -80.45 -12.95
N SER C 2035 31.54 -79.49 -13.55
CA SER C 2035 31.05 -78.64 -14.68
C SER C 2035 32.21 -78.19 -15.55
N GLU C 2036 32.07 -78.36 -16.86
CA GLU C 2036 33.14 -78.15 -17.87
C GLU C 2036 33.65 -76.71 -17.79
N PRO C 2037 32.79 -75.66 -17.77
CA PRO C 2037 33.26 -74.28 -17.83
C PRO C 2037 34.13 -73.88 -16.63
N ILE C 2038 33.81 -74.37 -15.43
CA ILE C 2038 34.61 -74.12 -14.18
C ILE C 2038 35.95 -74.85 -14.32
N LYS C 2039 35.93 -76.14 -14.68
CA LYS C 2039 37.15 -76.96 -14.82
C LYS C 2039 38.12 -76.28 -15.81
N GLU C 2040 37.58 -75.75 -16.91
CA GLU C 2040 38.36 -75.02 -17.95
C GLU C 2040 38.99 -73.77 -17.34
N ILE C 2041 38.27 -73.03 -16.48
CA ILE C 2041 38.78 -71.78 -15.81
C ILE C 2041 39.89 -72.16 -14.82
N ILE C 2042 39.72 -73.25 -14.06
CA ILE C 2042 40.75 -73.76 -13.09
C ILE C 2042 42.03 -74.14 -13.87
N ASP C 2043 41.88 -74.90 -14.96
CA ASP C 2043 43.01 -75.40 -15.80
C ASP C 2043 43.78 -74.21 -16.38
N ASN C 2044 43.08 -73.19 -16.89
CA ASN C 2044 43.68 -72.01 -17.58
C ASN C 2044 43.69 -70.79 -16.66
N TRP C 2045 43.75 -70.97 -15.34
CA TRP C 2045 43.73 -69.85 -14.35
C TRP C 2045 44.88 -68.88 -14.64
N GLU C 2046 46.07 -69.43 -14.91
CA GLU C 2046 47.34 -68.70 -15.16
C GLU C 2046 47.23 -67.81 -16.41
N LYS C 2047 46.49 -68.26 -17.43
CA LYS C 2047 46.26 -67.49 -18.69
C LYS C 2047 45.42 -66.23 -18.36
N TYR C 2048 44.37 -66.39 -17.54
CA TYR C 2048 43.44 -65.31 -17.09
C TYR C 2048 44.13 -64.35 -16.12
N GLU C 2049 45.15 -64.84 -15.41
CA GLU C 2049 45.98 -64.01 -14.49
C GLU C 2049 46.79 -62.96 -15.28
N GLN C 2050 47.08 -63.21 -16.57
CA GLN C 2050 47.77 -62.26 -17.50
C GLN C 2050 47.02 -62.21 -18.84
#